data_3RIF
#
_entry.id   3RIF
#
_cell.length_a   155.442
_cell.length_b   155.442
_cell.length_c   575.354
_cell.angle_alpha   90.00
_cell.angle_beta   90.00
_cell.angle_gamma   90.00
#
_symmetry.space_group_name_H-M   'P 43 21 2'
#
loop_
_entity.id
_entity.type
_entity.pdbx_description
1 polymer 'Avermectin-sensitive glutamate-gated chloride channel GluCl alpha'
2 polymer 'Mouse monoclonal Fab fragment, heavy chain'
3 polymer 'Mouse monoclonal Fab fragment, light chain'
4 non-polymer 'GLUTAMIC ACID'
5 non-polymer "(2aE,4E,5'S,6S,6'R,7S,8E,11R,13R,15S,17aR,20R,20aR,20bS)-6'-[(2S)-butan-2-yl]-20,20b-dihydroxy-5',6,8,19-tetramethyl-17 -oxo-3',4',5',6,6',10,11,14,15,17,17a,20,20a,20b-tetradecahydro-2H,7H-spiro[11,15-methanofuro[4,3,2-pq][2,6]benzodioxacy clooctadecine-13,2'-pyran]-7-yl 2,6-dideoxy-4-O-(2,6-dideoxy-3-O-methyl-alpha-L-arabino-hexopyranosyl)-3-O-methyl-alpha-L-arabino-hexopyranoside"
6 non-polymer DODECYL-BETA-D-MALTOSIDE
7 non-polymer 'CHLORIDE ION'
8 non-polymer 2-acetamido-2-deoxy-beta-D-glucopyranose
9 non-polymer N-OCTANE
10 non-polymer UNDECANE
#
loop_
_entity_poly.entity_id
_entity_poly.type
_entity_poly.pdbx_seq_one_letter_code
_entity_poly.pdbx_strand_id
1 'polypeptide(L)'
;SDSKILAHLFTSGYDFRVRPPTDNGGPVVVSVNMLLRTISKIDVVNMEYSAQLTLRESWIDKRLSYGVKGDGQPDFVILT
VGHQIWMPDTFFPNEKQAYKHTIDKPNVLIRIHNDGTVLYSVRISLVLSCPMYLQYYPMDVQQCSIDLASYAYTTKDIEY
LWKEHSPLQLKVGLSSSLPSFQLTNTSTTYCTSVTNTGIYSCLRTTIQLKREFSFYLLQLYIPSCMLVIVSWVSFWFDRT
AIPARVTLGVTTLLTMTAQSAGINSQLPPVSYIKAIDVWIGACMTFIFCALLEFALVNHIANAGTTEWNDISKRVDLISR
ALFPVLFFVFNILYWSRFGHHHHHHHH
;
A,B,C,D,E
2 'polypeptide(L)'
;EVQLQQSGPELVRPGASMKISCKASGYSFTGYTMNWVKQSHGKNLEWIGLINPYNGGTSYNQKFKGKATLTVDKSSSTAY
MELLSLTSEDSAVYYCARDGDYYRYGRYFDYWGQGTTLTVSSAKTTPPSVYPLAPGSAAQTNSMVTLGCLVKGYFPEPVT
VTWNSGSLSSGVHTFPAVLQSDLYTLSSSVTVPSSTWPSETVTCNVAHPASSTKVDKKIVP
;
F,G,H,I,J
3 'polypeptide(L)'
;QAVVTQESALTTSPGETVTLTCRSSTGAVTTINFANWVQEKPDHLFTGLIGGINNRAPGVPARFSGSLIGDKAALTITGA
QTEDEAIYFCALWYSNHWVFGGGTKLTVLGQPKSSPSVTLFPPSSEELETNKATLVCTITDFYPGVVTVDWKVDGTPVTQ
GMETTQPSKQSNNKYMASSYLTLTARAWERHSSYSCQVTHEGHTVEKSLS
;
K,L,M,N,O
#
# COMPACT_ATOMS: atom_id res chain seq x y z
N SER A 1 23.67 16.82 -29.68
CA SER A 1 23.05 16.05 -30.76
C SER A 1 21.64 15.59 -30.39
N ASP A 2 21.55 14.62 -29.47
CA ASP A 2 20.26 14.08 -29.06
C ASP A 2 19.43 15.12 -28.31
N SER A 3 20.06 15.83 -27.39
CA SER A 3 19.38 16.89 -26.64
C SER A 3 18.97 18.04 -27.56
N LYS A 4 19.75 18.23 -28.63
CA LYS A 4 19.44 19.25 -29.62
C LYS A 4 18.25 18.82 -30.48
N ILE A 5 18.22 17.55 -30.86
CA ILE A 5 17.11 16.99 -31.63
C ILE A 5 15.80 17.09 -30.86
N LEU A 6 15.88 16.87 -29.55
CA LEU A 6 14.71 16.98 -28.68
C LEU A 6 14.28 18.43 -28.57
N ALA A 7 15.26 19.33 -28.50
CA ALA A 7 14.98 20.76 -28.44
C ALA A 7 14.20 21.21 -29.67
N HIS A 8 14.65 20.77 -30.85
CA HIS A 8 14.03 21.16 -32.11
C HIS A 8 12.58 20.70 -32.22
N LEU A 9 12.24 19.60 -31.53
CA LEU A 9 10.90 19.03 -31.60
C LEU A 9 9.89 19.75 -30.71
N PHE A 10 10.37 20.30 -29.60
CA PHE A 10 9.48 20.94 -28.63
C PHE A 10 9.64 22.46 -28.60
N THR A 11 10.58 22.97 -29.40
CA THR A 11 10.76 24.41 -29.56
C THR A 11 9.61 24.99 -30.38
N SER A 12 9.06 24.17 -31.28
CA SER A 12 7.91 24.57 -32.08
C SER A 12 6.62 24.47 -31.25
N GLY A 13 5.49 24.64 -31.92
CA GLY A 13 4.21 24.55 -31.24
C GLY A 13 3.70 23.12 -31.17
N TYR A 14 4.17 22.38 -30.17
CA TYR A 14 3.74 21.00 -29.98
C TYR A 14 2.86 20.84 -28.75
N ASP A 15 1.70 20.23 -28.94
CA ASP A 15 0.76 20.02 -27.85
C ASP A 15 0.55 18.52 -27.60
N PHE A 16 0.97 18.06 -26.42
CA PHE A 16 0.90 16.64 -26.08
C PHE A 16 -0.52 16.20 -25.75
N ARG A 17 -1.46 17.14 -25.81
CA ARG A 17 -2.86 16.84 -25.51
C ARG A 17 -3.61 16.56 -26.80
N VAL A 18 -3.04 17.03 -27.91
CA VAL A 18 -3.64 16.85 -29.22
C VAL A 18 -3.24 15.50 -29.82
N ARG A 19 -4.24 14.75 -30.24
CA ARG A 19 -4.03 13.48 -30.94
C ARG A 19 -3.21 13.72 -32.21
N PRO A 20 -2.22 12.87 -32.48
CA PRO A 20 -1.41 12.99 -33.70
C PRO A 20 -2.28 13.03 -34.95
N PRO A 21 -1.95 13.91 -35.90
CA PRO A 21 -2.67 14.05 -37.18
C PRO A 21 -2.50 12.81 -38.08
N THR A 22 -3.33 12.72 -39.11
CA THR A 22 -3.27 11.59 -40.03
C THR A 22 -3.46 12.06 -41.48
N ASP A 23 -2.90 11.30 -42.42
CA ASP A 23 -2.96 11.67 -43.83
C ASP A 23 -4.39 11.76 -44.35
N ASN A 24 -5.19 10.73 -44.07
CA ASN A 24 -6.58 10.69 -44.52
C ASN A 24 -7.58 11.05 -43.41
N GLY A 25 -7.06 11.55 -42.30
CA GLY A 25 -7.89 11.91 -41.17
C GLY A 25 -8.31 10.71 -40.33
N GLY A 26 -7.83 9.53 -40.73
CA GLY A 26 -8.15 8.30 -40.02
C GLY A 26 -7.70 8.35 -38.57
N PRO A 27 -7.90 7.25 -37.84
CA PRO A 27 -7.53 7.17 -36.42
C PRO A 27 -6.04 6.89 -36.26
N VAL A 28 -5.53 7.04 -35.05
CA VAL A 28 -4.15 6.68 -34.75
C VAL A 28 -4.07 5.18 -34.54
N VAL A 29 -3.22 4.51 -35.32
CA VAL A 29 -3.07 3.07 -35.18
C VAL A 29 -1.96 2.75 -34.18
N VAL A 30 -2.33 2.06 -33.11
CA VAL A 30 -1.40 1.71 -32.05
C VAL A 30 -1.10 0.22 -32.05
N SER A 31 0.09 -0.15 -32.52
CA SER A 31 0.50 -1.55 -32.52
C SER A 31 0.97 -1.95 -31.13
N VAL A 32 0.51 -3.12 -30.68
CA VAL A 32 0.77 -3.55 -29.31
C VAL A 32 1.53 -4.86 -29.23
N ASN A 33 2.67 -4.84 -28.53
CA ASN A 33 3.36 -6.06 -28.16
C ASN A 33 3.26 -6.26 -26.66
N MET A 34 3.24 -7.51 -26.23
CA MET A 34 3.06 -7.80 -24.82
C MET A 34 4.00 -8.93 -24.37
N LEU A 35 4.81 -8.64 -23.37
CA LEU A 35 5.76 -9.61 -22.83
C LEU A 35 5.38 -10.03 -21.42
N LEU A 36 4.84 -11.23 -21.28
CA LEU A 36 4.49 -11.77 -19.97
C LEU A 36 5.74 -12.19 -19.22
N ARG A 37 5.95 -11.61 -18.04
CA ARG A 37 7.12 -11.94 -17.22
C ARG A 37 6.82 -13.05 -16.22
N THR A 38 5.76 -12.86 -15.43
CA THR A 38 5.37 -13.84 -14.43
C THR A 38 3.86 -13.93 -14.30
N ILE A 39 3.36 -15.16 -14.14
CA ILE A 39 1.95 -15.39 -13.88
C ILE A 39 1.83 -16.16 -12.58
N SER A 40 1.29 -15.51 -11.55
CA SER A 40 1.29 -16.07 -10.20
C SER A 40 -0.06 -15.92 -9.50
N LYS A 41 -0.09 -16.29 -8.22
CA LYS A 41 -1.27 -16.19 -7.38
C LYS A 41 -2.58 -16.38 -8.14
N ILE A 42 -2.81 -17.60 -8.62
CA ILE A 42 -4.04 -17.94 -9.32
C ILE A 42 -5.13 -18.30 -8.32
N ASP A 43 -5.86 -17.29 -7.86
CA ASP A 43 -6.88 -17.45 -6.82
C ASP A 43 -8.16 -18.04 -7.40
N VAL A 44 -8.56 -19.21 -6.89
CA VAL A 44 -9.75 -19.88 -7.38
C VAL A 44 -10.99 -19.44 -6.64
N VAL A 45 -10.81 -18.98 -5.40
CA VAL A 45 -11.91 -18.51 -4.59
C VAL A 45 -12.45 -17.17 -5.08
N ASN A 46 -11.55 -16.22 -5.28
CA ASN A 46 -11.93 -14.90 -5.77
C ASN A 46 -11.85 -14.83 -7.29
N MET A 47 -11.57 -15.97 -7.91
CA MET A 47 -11.48 -16.08 -9.36
C MET A 47 -10.74 -14.89 -9.97
N GLU A 48 -9.43 -14.86 -9.75
CA GLU A 48 -8.57 -13.85 -10.31
C GLU A 48 -7.15 -14.39 -10.31
N TYR A 49 -6.24 -13.69 -10.98
CA TYR A 49 -4.84 -14.10 -11.00
C TYR A 49 -3.95 -12.87 -11.12
N SER A 50 -2.70 -12.99 -10.68
CA SER A 50 -1.75 -11.91 -10.80
C SER A 50 -0.77 -12.18 -11.92
N ALA A 51 -0.33 -11.12 -12.59
CA ALA A 51 0.58 -11.26 -13.70
C ALA A 51 1.37 -9.97 -13.93
N GLN A 52 2.69 -10.10 -14.06
CA GLN A 52 3.54 -8.96 -14.37
C GLN A 52 3.97 -9.05 -15.82
N LEU A 53 3.84 -7.93 -16.54
CA LEU A 53 4.15 -7.92 -17.96
C LEU A 53 4.79 -6.61 -18.40
N THR A 54 5.48 -6.66 -19.53
CA THR A 54 5.99 -5.45 -20.14
C THR A 54 5.10 -5.08 -21.33
N LEU A 55 4.41 -3.96 -21.21
CA LEU A 55 3.57 -3.47 -22.29
C LEU A 55 4.39 -2.66 -23.28
N ARG A 56 4.19 -2.90 -24.57
CA ARG A 56 4.93 -2.20 -25.61
C ARG A 56 3.97 -1.64 -26.65
N GLU A 57 3.92 -0.31 -26.75
CA GLU A 57 3.02 0.35 -27.68
C GLU A 57 3.83 1.13 -28.71
N SER A 58 3.32 1.15 -29.95
CA SER A 58 4.02 1.83 -31.04
C SER A 58 3.03 2.50 -31.99
N TRP A 59 3.15 3.81 -32.11
CA TRP A 59 2.30 4.58 -33.02
C TRP A 59 3.13 5.62 -33.75
N ILE A 60 2.57 6.18 -34.81
CA ILE A 60 3.26 7.21 -35.57
C ILE A 60 2.77 8.60 -35.20
N ASP A 61 3.71 9.51 -34.99
CA ASP A 61 3.39 10.90 -34.65
C ASP A 61 4.25 11.81 -35.51
N LYS A 62 3.77 12.15 -36.70
CA LYS A 62 4.55 12.92 -37.66
C LYS A 62 5.09 14.22 -37.08
N ARG A 63 4.46 14.69 -36.00
CA ARG A 63 4.91 15.92 -35.34
C ARG A 63 6.25 15.75 -34.65
N LEU A 64 6.64 14.50 -34.42
CA LEU A 64 7.87 14.20 -33.69
C LEU A 64 9.00 13.77 -34.62
N SER A 65 8.73 13.70 -35.91
CA SER A 65 9.76 13.36 -36.88
C SER A 65 10.81 14.47 -36.91
N TYR A 66 12.08 14.09 -36.95
CA TYR A 66 13.16 15.05 -36.89
C TYR A 66 14.20 14.78 -37.98
N GLY A 67 14.34 13.50 -38.34
CA GLY A 67 15.32 13.10 -39.33
C GLY A 67 14.70 12.66 -40.64
N VAL A 68 13.41 12.34 -40.59
CA VAL A 68 12.66 11.87 -41.76
C VAL A 68 13.35 10.66 -42.41
N LYS A 69 14.05 10.90 -43.52
CA LYS A 69 14.84 9.85 -44.15
C LYS A 69 16.05 9.54 -43.28
N GLY A 70 16.51 10.55 -42.55
CA GLY A 70 17.66 10.42 -41.68
C GLY A 70 18.91 10.09 -42.49
N ASP A 71 19.42 8.88 -42.29
CA ASP A 71 20.60 8.41 -43.01
C ASP A 71 21.81 9.33 -42.78
N GLY A 72 21.61 10.34 -41.95
CA GLY A 72 22.67 11.23 -41.53
C GLY A 72 22.56 11.46 -40.02
N GLN A 73 21.35 11.27 -39.51
CA GLN A 73 21.07 11.44 -38.09
C GLN A 73 20.83 10.10 -37.38
N PRO A 74 20.80 10.10 -36.03
CA PRO A 74 20.55 8.87 -35.29
C PRO A 74 19.19 8.27 -35.64
N ASP A 75 19.12 6.95 -35.76
CA ASP A 75 17.89 6.28 -36.16
C ASP A 75 16.71 6.72 -35.27
N PHE A 76 16.95 6.73 -33.95
CA PHE A 76 15.93 7.16 -33.01
C PHE A 76 16.56 7.91 -31.83
N VAL A 77 15.73 8.58 -31.05
CA VAL A 77 16.21 9.33 -29.91
C VAL A 77 15.44 8.95 -28.65
N ILE A 78 16.15 8.54 -27.61
CA ILE A 78 15.51 8.23 -26.34
C ILE A 78 14.90 9.49 -25.74
N LEU A 79 13.60 9.45 -25.48
CA LEU A 79 12.90 10.60 -24.89
C LEU A 79 13.29 10.77 -23.43
N THR A 80 13.94 11.89 -23.14
CA THR A 80 14.34 12.21 -21.78
C THR A 80 13.17 12.79 -21.00
N VAL A 81 13.35 12.96 -19.69
CA VAL A 81 12.31 13.51 -18.83
C VAL A 81 12.08 15.00 -19.11
N GLY A 82 10.85 15.46 -18.90
CA GLY A 82 10.54 16.86 -19.08
C GLY A 82 9.99 17.16 -20.46
N HIS A 83 9.88 16.13 -21.30
CA HIS A 83 9.30 16.26 -22.62
C HIS A 83 8.00 15.47 -22.71
N GLN A 84 6.90 16.18 -22.92
CA GLN A 84 5.58 15.54 -22.96
C GLN A 84 5.22 15.03 -24.35
N ILE A 85 4.68 13.82 -24.39
CA ILE A 85 4.26 13.21 -25.64
C ILE A 85 2.88 12.61 -25.49
N TRP A 86 2.00 12.86 -26.46
CA TRP A 86 0.69 12.22 -26.46
C TRP A 86 0.90 10.72 -26.44
N MET A 87 0.22 10.05 -25.51
CA MET A 87 0.27 8.59 -25.45
C MET A 87 -1.14 8.01 -25.41
N PRO A 88 -1.32 6.82 -25.98
CA PRO A 88 -2.62 6.16 -25.90
C PRO A 88 -3.01 5.96 -24.45
N ASP A 89 -4.16 6.50 -24.05
CA ASP A 89 -4.63 6.39 -22.67
C ASP A 89 -5.16 4.99 -22.38
N THR A 90 -4.39 3.97 -22.75
CA THR A 90 -4.83 2.60 -22.64
C THR A 90 -4.98 2.14 -21.18
N PHE A 91 -5.96 1.28 -20.94
CA PHE A 91 -6.19 0.69 -19.63
C PHE A 91 -6.55 -0.78 -19.78
N PHE A 92 -6.62 -1.50 -18.67
CA PHE A 92 -6.96 -2.91 -18.70
C PHE A 92 -8.34 -3.16 -18.11
N PRO A 93 -9.36 -3.28 -18.98
CA PRO A 93 -10.77 -3.43 -18.61
C PRO A 93 -11.03 -4.43 -17.49
N ASN A 94 -10.31 -5.54 -17.48
CA ASN A 94 -10.53 -6.57 -16.45
C ASN A 94 -9.50 -6.53 -15.33
N GLU A 95 -8.75 -5.45 -15.23
CA GLU A 95 -7.79 -5.27 -14.15
C GLU A 95 -8.51 -4.83 -12.88
N LYS A 96 -8.21 -5.49 -11.77
CA LYS A 96 -8.80 -5.13 -10.48
C LYS A 96 -7.78 -4.36 -9.65
N GLN A 97 -6.50 -4.60 -9.92
CA GLN A 97 -5.40 -3.89 -9.27
C GLN A 97 -4.23 -3.78 -10.23
N ALA A 98 -3.52 -2.66 -10.18
CA ALA A 98 -2.40 -2.44 -11.10
C ALA A 98 -1.32 -1.56 -10.49
N TYR A 99 -0.07 -1.85 -10.82
CA TYR A 99 1.06 -1.08 -10.30
C TYR A 99 2.11 -0.86 -11.38
N LYS A 100 2.54 0.37 -11.54
CA LYS A 100 3.73 0.66 -12.32
C LYS A 100 4.93 0.48 -11.41
N HIS A 101 6.05 0.06 -11.98
CA HIS A 101 7.27 -0.12 -11.20
C HIS A 101 8.17 1.10 -11.31
N THR A 102 8.28 1.85 -10.23
CA THR A 102 9.11 3.04 -10.22
C THR A 102 10.07 3.04 -9.04
N ILE A 103 11.06 2.15 -9.11
CA ILE A 103 12.07 2.08 -8.07
C ILE A 103 13.36 2.75 -8.52
N ASP A 104 13.78 3.76 -7.75
CA ASP A 104 14.97 4.52 -8.08
C ASP A 104 14.67 5.41 -9.28
N LYS A 105 14.10 4.78 -10.30
CA LYS A 105 13.75 5.43 -11.54
C LYS A 105 12.54 4.69 -12.12
N PRO A 106 11.60 5.43 -12.71
CA PRO A 106 10.43 4.84 -13.33
C PRO A 106 10.85 3.81 -14.37
N ASN A 107 10.14 2.69 -14.43
CA ASN A 107 10.46 1.63 -15.39
C ASN A 107 9.79 1.85 -16.73
N VAL A 108 10.20 2.88 -17.44
CA VAL A 108 9.64 3.16 -18.76
C VAL A 108 10.73 3.35 -19.81
N LEU A 109 10.35 3.20 -21.06
CA LEU A 109 11.26 3.42 -22.18
C LEU A 109 10.49 4.07 -23.31
N ILE A 110 10.92 5.26 -23.72
CA ILE A 110 10.29 5.93 -24.84
C ILE A 110 11.33 6.27 -25.90
N ARG A 111 11.04 5.88 -27.14
CA ARG A 111 11.92 6.19 -28.25
C ARG A 111 11.17 6.94 -29.34
N ILE A 112 11.83 7.93 -29.93
CA ILE A 112 11.24 8.71 -31.01
C ILE A 112 12.06 8.53 -32.27
N HIS A 113 11.65 7.62 -33.14
CA HIS A 113 12.34 7.39 -34.39
C HIS A 113 12.27 8.62 -35.30
N ASN A 114 13.24 8.73 -36.21
CA ASN A 114 13.31 9.85 -37.13
C ASN A 114 12.02 10.08 -37.92
N ASP A 115 11.36 8.98 -38.30
CA ASP A 115 10.14 9.08 -39.11
C ASP A 115 8.91 9.46 -38.27
N GLY A 116 9.11 9.63 -36.97
CA GLY A 116 8.03 10.02 -36.08
C GLY A 116 7.44 8.85 -35.30
N THR A 117 7.85 7.64 -35.66
CA THR A 117 7.39 6.44 -34.97
C THR A 117 7.83 6.44 -33.51
N VAL A 118 6.90 6.14 -32.61
CA VAL A 118 7.18 6.16 -31.18
C VAL A 118 7.08 4.77 -30.57
N LEU A 119 8.12 4.37 -29.84
CA LEU A 119 8.06 3.14 -29.05
C LEU A 119 7.87 3.47 -27.59
N TYR A 120 6.94 2.78 -26.95
CA TYR A 120 6.66 2.98 -25.54
C TYR A 120 6.65 1.65 -24.80
N SER A 121 7.55 1.50 -23.83
CA SER A 121 7.63 0.28 -23.04
C SER A 121 7.51 0.61 -21.55
N VAL A 122 6.81 -0.24 -20.82
CA VAL A 122 6.59 -0.01 -19.39
C VAL A 122 6.26 -1.30 -18.67
N ARG A 123 6.82 -1.48 -17.47
CA ARG A 123 6.51 -2.63 -16.64
C ARG A 123 5.27 -2.38 -15.82
N ILE A 124 4.38 -3.36 -15.81
CA ILE A 124 3.12 -3.26 -15.10
C ILE A 124 2.79 -4.57 -14.41
N SER A 125 2.41 -4.48 -13.14
CA SER A 125 1.93 -5.66 -12.42
C SER A 125 0.43 -5.55 -12.28
N LEU A 126 -0.28 -6.60 -12.67
CA LEU A 126 -1.74 -6.57 -12.68
C LEU A 126 -2.34 -7.65 -11.81
N VAL A 127 -3.58 -7.41 -11.38
CA VAL A 127 -4.40 -8.45 -10.77
C VAL A 127 -5.72 -8.46 -11.51
N LEU A 128 -5.85 -9.42 -12.43
CA LEU A 128 -6.98 -9.46 -13.34
C LEU A 128 -8.02 -10.46 -12.87
N SER A 129 -9.28 -10.21 -13.19
CA SER A 129 -10.35 -11.15 -12.88
C SER A 129 -10.41 -12.22 -13.96
N CYS A 130 -10.49 -13.47 -13.53
CA CYS A 130 -10.56 -14.59 -14.46
C CYS A 130 -11.63 -15.58 -14.02
N PRO A 131 -12.84 -15.44 -14.57
CA PRO A 131 -13.93 -16.34 -14.23
C PRO A 131 -13.52 -17.78 -14.52
N MET A 132 -13.60 -18.64 -13.51
CA MET A 132 -13.17 -20.01 -13.64
C MET A 132 -14.33 -20.98 -13.52
N TYR A 133 -14.23 -22.11 -14.20
CA TYR A 133 -15.30 -23.08 -14.24
C TYR A 133 -14.79 -24.44 -13.76
N LEU A 134 -15.26 -24.85 -12.59
CA LEU A 134 -14.70 -25.99 -11.89
C LEU A 134 -15.49 -27.28 -12.08
N GLN A 135 -16.23 -27.38 -13.18
CA GLN A 135 -17.02 -28.57 -13.46
C GLN A 135 -16.18 -29.84 -13.32
N TYR A 136 -14.95 -29.78 -13.80
CA TYR A 136 -14.05 -30.93 -13.73
C TYR A 136 -12.96 -30.69 -12.70
N TYR A 137 -13.22 -29.77 -11.77
CA TYR A 137 -12.20 -29.21 -10.87
C TYR A 137 -10.82 -29.87 -10.88
N PRO A 138 -10.70 -31.05 -10.27
CA PRO A 138 -9.36 -31.64 -10.09
C PRO A 138 -8.58 -31.64 -11.39
N MET A 139 -9.22 -32.09 -12.48
CA MET A 139 -8.60 -32.10 -13.79
C MET A 139 -9.28 -31.08 -14.72
N ASP A 140 -9.11 -29.80 -14.42
CA ASP A 140 -9.73 -28.75 -15.22
C ASP A 140 -8.70 -27.93 -15.99
N VAL A 141 -9.16 -27.15 -16.95
CA VAL A 141 -8.34 -26.14 -17.61
C VAL A 141 -9.08 -24.82 -17.61
N GLN A 142 -8.37 -23.76 -17.25
CA GLN A 142 -8.95 -22.44 -17.20
C GLN A 142 -8.35 -21.55 -18.28
N GLN A 143 -9.12 -20.57 -18.73
CA GLN A 143 -8.62 -19.60 -19.70
C GLN A 143 -8.72 -18.19 -19.14
N CYS A 144 -7.58 -17.60 -18.85
CA CYS A 144 -7.53 -16.26 -18.29
C CYS A 144 -7.03 -15.27 -19.33
N SER A 145 -7.47 -14.03 -19.22
CA SER A 145 -7.20 -13.06 -20.26
C SER A 145 -6.75 -11.71 -19.71
N ILE A 146 -6.08 -10.95 -20.56
CA ILE A 146 -5.74 -9.57 -20.28
C ILE A 146 -6.35 -8.71 -21.38
N ASP A 147 -7.30 -7.85 -21.00
CA ASP A 147 -7.91 -6.95 -21.98
C ASP A 147 -7.19 -5.60 -21.98
N LEU A 148 -7.15 -4.97 -23.14
CA LEU A 148 -6.41 -3.73 -23.31
C LEU A 148 -7.15 -2.84 -24.29
N ALA A 149 -7.54 -1.65 -23.84
CA ALA A 149 -8.32 -0.75 -24.68
C ALA A 149 -8.12 0.70 -24.26
N SER A 150 -8.52 1.63 -25.12
CA SER A 150 -8.50 3.04 -24.78
C SER A 150 -9.74 3.37 -23.96
N TYR A 151 -9.63 4.35 -23.08
CA TYR A 151 -10.76 4.69 -22.21
C TYR A 151 -11.59 5.84 -22.78
N ALA A 152 -10.92 6.88 -23.25
CA ALA A 152 -11.61 8.08 -23.70
C ALA A 152 -11.73 8.15 -25.21
N TYR A 153 -10.70 7.68 -25.91
CA TYR A 153 -10.68 7.75 -27.36
C TYR A 153 -11.47 6.62 -28.00
N THR A 154 -12.34 6.99 -28.93
CA THR A 154 -13.24 6.04 -29.58
C THR A 154 -12.56 5.41 -30.81
N THR A 155 -13.36 4.85 -31.70
CA THR A 155 -12.84 4.14 -32.86
C THR A 155 -12.33 5.07 -33.95
N LYS A 156 -12.70 6.35 -33.86
CA LYS A 156 -12.34 7.33 -34.87
C LYS A 156 -10.97 7.94 -34.58
N ASP A 157 -10.50 7.77 -33.36
CA ASP A 157 -9.28 8.43 -32.91
C ASP A 157 -8.13 7.46 -32.65
N ILE A 158 -8.46 6.28 -32.13
CA ILE A 158 -7.43 5.33 -31.73
C ILE A 158 -7.86 3.90 -32.02
N GLU A 159 -6.98 3.13 -32.65
CA GLU A 159 -7.29 1.76 -33.02
C GLU A 159 -6.12 0.86 -32.66
N TYR A 160 -6.40 -0.20 -31.90
CA TYR A 160 -5.34 -1.11 -31.48
C TYR A 160 -5.24 -2.31 -32.41
N LEU A 161 -4.00 -2.68 -32.72
CA LEU A 161 -3.72 -3.86 -33.53
C LEU A 161 -2.55 -4.60 -32.94
N TRP A 162 -2.65 -5.92 -32.86
CA TRP A 162 -1.55 -6.72 -32.36
C TRP A 162 -0.38 -6.67 -33.34
N LYS A 163 0.83 -6.53 -32.80
CA LYS A 163 2.03 -6.55 -33.63
C LYS A 163 1.91 -7.73 -34.59
N GLU A 164 2.41 -7.55 -35.81
CA GLU A 164 2.25 -8.58 -36.83
C GLU A 164 2.98 -9.87 -36.48
N HIS A 165 4.22 -9.72 -36.01
CA HIS A 165 5.04 -10.88 -35.67
C HIS A 165 5.24 -11.02 -34.16
N SER A 166 4.88 -12.19 -33.64
CA SER A 166 4.95 -12.49 -32.21
C SER A 166 4.43 -11.33 -31.34
N PRO A 167 3.11 -11.17 -31.31
CA PRO A 167 2.45 -10.12 -30.51
C PRO A 167 2.59 -10.41 -29.03
N LEU A 168 2.46 -11.68 -28.66
CA LEU A 168 2.62 -12.08 -27.27
C LEU A 168 3.89 -12.90 -27.10
N GLN A 169 4.69 -12.53 -26.11
CA GLN A 169 5.92 -13.25 -25.81
C GLN A 169 5.95 -13.61 -24.34
N LEU A 170 6.63 -14.71 -24.02
CA LEU A 170 6.78 -15.13 -22.63
C LEU A 170 8.24 -15.11 -22.23
N LYS A 171 8.54 -14.61 -21.04
CA LYS A 171 9.90 -14.69 -20.52
C LYS A 171 10.23 -16.13 -20.23
N VAL A 172 11.51 -16.48 -20.32
CA VAL A 172 11.92 -17.86 -20.17
C VAL A 172 11.56 -18.43 -18.80
N GLY A 173 11.77 -17.63 -17.76
CA GLY A 173 11.50 -18.06 -16.40
C GLY A 173 10.07 -17.80 -15.96
N LEU A 174 9.11 -18.19 -16.78
CA LEU A 174 7.70 -17.98 -16.45
C LEU A 174 7.07 -19.27 -15.94
N SER A 175 7.25 -20.35 -16.69
CA SER A 175 6.69 -21.64 -16.31
C SER A 175 7.32 -22.20 -15.05
N SER A 176 8.53 -21.71 -14.73
CA SER A 176 9.24 -22.18 -13.54
C SER A 176 8.80 -21.40 -12.30
N SER A 177 8.10 -20.29 -12.50
CA SER A 177 7.55 -19.51 -11.41
C SER A 177 6.06 -19.82 -11.28
N LEU A 178 5.61 -20.78 -12.09
CA LEU A 178 4.22 -21.21 -12.06
C LEU A 178 4.17 -22.72 -11.83
N PRO A 179 4.30 -23.14 -10.56
CA PRO A 179 4.47 -24.54 -10.18
C PRO A 179 3.18 -25.34 -10.24
N SER A 180 2.06 -24.70 -9.92
CA SER A 180 0.79 -25.39 -9.75
C SER A 180 0.10 -25.69 -11.08
N PHE A 181 0.43 -24.90 -12.11
CA PHE A 181 -0.20 -25.07 -13.41
C PHE A 181 0.82 -25.24 -14.53
N GLN A 182 0.31 -25.42 -15.74
CA GLN A 182 1.12 -25.55 -16.95
C GLN A 182 0.51 -24.70 -18.04
N LEU A 183 1.23 -23.67 -18.48
CA LEU A 183 0.72 -22.77 -19.50
C LEU A 183 0.76 -23.46 -20.87
N THR A 184 -0.31 -24.14 -21.23
CA THR A 184 -0.34 -24.96 -22.44
C THR A 184 -0.43 -24.15 -23.73
N ASN A 185 -1.34 -23.18 -23.77
CA ASN A 185 -1.59 -22.43 -25.00
C ASN A 185 -1.82 -20.94 -24.75
N THR A 186 -1.46 -20.11 -25.71
CA THR A 186 -1.77 -18.69 -25.67
C THR A 186 -2.42 -18.24 -26.98
N SER A 187 -3.22 -17.19 -26.91
CA SER A 187 -3.87 -16.65 -28.10
C SER A 187 -3.87 -15.14 -28.08
N THR A 188 -3.99 -14.54 -29.25
CA THR A 188 -4.03 -13.09 -29.38
C THR A 188 -5.24 -12.67 -30.22
N THR A 189 -6.19 -12.00 -29.59
CA THR A 189 -7.48 -11.69 -30.22
C THR A 189 -7.89 -10.24 -30.06
N TYR A 190 -9.06 -9.90 -30.61
CA TYR A 190 -9.63 -8.57 -30.45
C TYR A 190 -10.95 -8.64 -29.72
N CYS A 191 -11.26 -7.60 -28.94
CA CYS A 191 -12.48 -7.57 -28.14
C CYS A 191 -13.19 -6.22 -28.25
N THR A 192 -12.94 -5.51 -29.35
CA THR A 192 -13.59 -4.24 -29.62
C THR A 192 -15.08 -4.36 -29.32
N SER A 193 -15.60 -3.43 -28.54
CA SER A 193 -17.01 -3.49 -28.14
C SER A 193 -17.73 -2.17 -28.38
N VAL A 194 -19.04 -2.24 -28.56
CA VAL A 194 -19.86 -1.05 -28.73
C VAL A 194 -20.58 -0.70 -27.43
N THR A 195 -20.24 0.44 -26.85
CA THR A 195 -20.79 0.86 -25.58
C THR A 195 -21.75 2.04 -25.76
N ASN A 196 -22.25 2.58 -24.65
CA ASN A 196 -23.18 3.70 -24.70
C ASN A 196 -22.49 5.02 -24.99
N THR A 197 -21.18 5.05 -24.81
CA THR A 197 -20.41 6.27 -25.07
C THR A 197 -19.69 6.17 -26.41
N GLY A 198 -19.81 5.03 -27.08
CA GLY A 198 -19.21 4.85 -28.39
C GLY A 198 -18.59 3.48 -28.59
N ILE A 199 -17.89 3.31 -29.70
CA ILE A 199 -17.25 2.03 -30.01
C ILE A 199 -15.75 2.10 -29.73
N TYR A 200 -15.28 1.29 -28.79
CA TYR A 200 -13.89 1.34 -28.34
C TYR A 200 -13.07 0.14 -28.79
N SER A 201 -11.93 0.40 -29.43
CA SER A 201 -11.03 -0.66 -29.87
C SER A 201 -10.45 -1.39 -28.67
N CYS A 202 -10.24 -2.69 -28.81
CA CYS A 202 -9.78 -3.49 -27.68
C CYS A 202 -9.02 -4.76 -28.11
N LEU A 203 -7.90 -5.02 -27.45
CA LEU A 203 -7.14 -6.23 -27.68
C LEU A 203 -7.32 -7.20 -26.51
N ARG A 204 -7.13 -8.48 -26.77
CA ARG A 204 -7.26 -9.48 -25.71
C ARG A 204 -6.26 -10.61 -25.87
N THR A 205 -5.31 -10.70 -24.96
CA THR A 205 -4.39 -11.82 -24.91
C THR A 205 -4.94 -12.86 -23.95
N THR A 206 -4.83 -14.13 -24.31
CA THR A 206 -5.41 -15.20 -23.51
C THR A 206 -4.41 -16.31 -23.26
N ILE A 207 -4.30 -16.73 -22.00
CA ILE A 207 -3.45 -17.85 -21.63
C ILE A 207 -4.31 -19.01 -21.16
N GLN A 208 -3.88 -20.23 -21.45
CA GLN A 208 -4.61 -21.41 -21.05
C GLN A 208 -3.85 -22.18 -19.98
N LEU A 209 -4.48 -22.35 -18.82
CA LEU A 209 -3.84 -22.96 -17.67
C LEU A 209 -4.36 -24.36 -17.40
N LYS A 210 -3.46 -25.33 -17.41
CA LYS A 210 -3.80 -26.72 -17.14
C LYS A 210 -3.35 -27.08 -15.74
N ARG A 211 -4.28 -27.51 -14.90
CA ARG A 211 -3.97 -27.77 -13.50
C ARG A 211 -3.12 -29.04 -13.33
N GLU A 212 -2.02 -28.91 -12.60
CA GLU A 212 -1.13 -30.03 -12.34
C GLU A 212 -1.83 -31.12 -11.52
N PHE A 213 -1.67 -32.36 -11.94
CA PHE A 213 -2.42 -33.48 -11.38
C PHE A 213 -1.70 -34.19 -10.23
N SER A 214 -0.38 -34.20 -10.27
CA SER A 214 0.44 -34.93 -9.28
C SER A 214 -0.01 -34.67 -7.85
N PHE A 215 -0.34 -33.42 -7.53
CA PHE A 215 -0.77 -33.06 -6.20
C PHE A 215 -2.07 -33.75 -5.82
N TYR A 216 -3.06 -33.69 -6.70
CA TYR A 216 -4.37 -34.25 -6.42
C TYR A 216 -4.33 -35.78 -6.42
N LEU A 217 -3.42 -36.35 -7.20
CA LEU A 217 -3.20 -37.79 -7.17
C LEU A 217 -2.75 -38.20 -5.77
N LEU A 218 -1.75 -37.50 -5.25
CA LEU A 218 -1.15 -37.87 -3.98
C LEU A 218 -1.95 -37.43 -2.76
N GLN A 219 -2.68 -36.33 -2.89
CA GLN A 219 -3.35 -35.73 -1.74
C GLN A 219 -4.86 -35.98 -1.69
N LEU A 220 -5.38 -36.63 -2.73
CA LEU A 220 -6.82 -36.89 -2.79
C LEU A 220 -7.15 -38.32 -3.19
N TYR A 221 -6.76 -38.71 -4.40
CA TYR A 221 -7.12 -40.01 -4.94
C TYR A 221 -6.43 -41.17 -4.22
N ILE A 222 -5.10 -41.16 -4.20
CA ILE A 222 -4.35 -42.19 -3.51
C ILE A 222 -4.87 -42.42 -2.09
N PRO A 223 -4.89 -41.36 -1.27
CA PRO A 223 -5.29 -41.53 0.13
C PRO A 223 -6.75 -41.95 0.31
N SER A 224 -7.58 -41.71 -0.69
CA SER A 224 -8.98 -42.13 -0.60
C SER A 224 -9.15 -43.60 -0.96
N CYS A 225 -8.39 -44.06 -1.95
CA CYS A 225 -8.39 -45.47 -2.29
C CYS A 225 -7.84 -46.25 -1.10
N MET A 226 -6.76 -45.73 -0.55
CA MET A 226 -6.14 -46.33 0.62
C MET A 226 -7.12 -46.37 1.78
N LEU A 227 -8.02 -45.39 1.82
CA LEU A 227 -9.01 -45.31 2.87
C LEU A 227 -10.16 -46.29 2.62
N VAL A 228 -10.59 -46.37 1.37
CA VAL A 228 -11.65 -47.29 0.98
C VAL A 228 -11.20 -48.75 1.11
N ILE A 229 -9.94 -49.00 0.76
CA ILE A 229 -9.37 -50.34 0.85
C ILE A 229 -9.31 -50.81 2.31
N VAL A 230 -9.03 -49.89 3.22
CA VAL A 230 -9.01 -50.22 4.64
C VAL A 230 -10.38 -50.65 5.13
N SER A 231 -11.43 -50.06 4.57
CA SER A 231 -12.79 -50.41 4.96
C SER A 231 -13.12 -51.84 4.55
N TRP A 232 -12.30 -52.41 3.67
CA TRP A 232 -12.53 -53.76 3.17
C TRP A 232 -11.89 -54.83 4.05
N VAL A 233 -10.80 -54.49 4.71
CA VAL A 233 -10.08 -55.46 5.53
C VAL A 233 -10.92 -55.92 6.71
N SER A 234 -12.11 -55.35 6.86
CA SER A 234 -13.02 -55.76 7.92
C SER A 234 -13.94 -56.89 7.45
N PHE A 235 -13.90 -57.19 6.15
CA PHE A 235 -14.64 -58.30 5.59
C PHE A 235 -13.97 -59.63 5.94
N TRP A 236 -12.77 -59.54 6.51
CA TRP A 236 -11.97 -60.72 6.80
C TRP A 236 -11.89 -61.00 8.30
N PHE A 237 -12.53 -60.14 9.08
CA PHE A 237 -12.67 -60.39 10.51
C PHE A 237 -13.92 -61.23 10.77
N ASP A 238 -13.81 -62.17 11.69
CA ASP A 238 -14.96 -63.00 12.06
C ASP A 238 -16.18 -62.13 12.39
N ARG A 239 -17.35 -62.59 11.95
CA ARG A 239 -18.59 -61.83 12.11
C ARG A 239 -18.95 -61.62 13.58
N THR A 240 -18.28 -62.34 14.47
CA THR A 240 -18.54 -62.24 15.90
C THR A 240 -17.89 -61.00 16.50
N ALA A 241 -16.69 -60.67 16.01
CA ALA A 241 -15.97 -59.48 16.47
C ALA A 241 -16.38 -58.26 15.66
N ILE A 242 -17.60 -57.77 15.90
CA ILE A 242 -18.11 -56.61 15.21
C ILE A 242 -17.52 -55.27 15.67
N PRO A 243 -17.05 -55.20 16.94
CA PRO A 243 -16.40 -53.96 17.37
C PRO A 243 -15.24 -53.58 16.46
N ALA A 244 -14.50 -54.57 15.98
CA ALA A 244 -13.39 -54.32 15.07
C ALA A 244 -13.88 -53.78 13.72
N ARG A 245 -14.95 -54.37 13.21
CA ARG A 245 -15.51 -53.95 11.92
C ARG A 245 -16.01 -52.52 11.97
N VAL A 246 -16.80 -52.20 13.00
CA VAL A 246 -17.35 -50.86 13.16
C VAL A 246 -16.24 -49.84 13.27
N THR A 247 -15.26 -50.11 14.13
CA THR A 247 -14.13 -49.21 14.32
C THR A 247 -13.46 -48.87 12.99
N LEU A 248 -13.32 -49.87 12.12
CA LEU A 248 -12.75 -49.65 10.80
C LEU A 248 -13.67 -48.80 9.93
N GLY A 249 -14.85 -49.32 9.63
CA GLY A 249 -15.80 -48.62 8.79
C GLY A 249 -16.08 -47.19 9.22
N VAL A 250 -16.30 -47.00 10.52
CA VAL A 250 -16.61 -45.68 11.05
C VAL A 250 -15.42 -44.73 10.94
N THR A 251 -14.24 -45.21 11.32
CA THR A 251 -13.04 -44.38 11.26
C THR A 251 -12.76 -43.92 9.83
N THR A 252 -12.69 -44.86 8.89
CA THR A 252 -12.43 -44.52 7.50
C THR A 252 -13.48 -43.54 6.98
N LEU A 253 -14.72 -43.72 7.41
CA LEU A 253 -15.81 -42.85 6.98
C LEU A 253 -15.61 -41.43 7.50
N LEU A 254 -15.35 -41.32 8.79
CA LEU A 254 -15.09 -40.03 9.42
C LEU A 254 -13.91 -39.35 8.73
N THR A 255 -12.82 -40.08 8.60
CA THR A 255 -11.61 -39.56 7.95
C THR A 255 -11.92 -39.07 6.55
N MET A 256 -12.73 -39.83 5.82
CA MET A 256 -13.13 -39.46 4.48
C MET A 256 -13.76 -38.07 4.48
N THR A 257 -14.61 -37.83 5.48
CA THR A 257 -15.26 -36.53 5.65
C THR A 257 -14.23 -35.42 5.79
N ALA A 258 -13.33 -35.58 6.77
CA ALA A 258 -12.30 -34.60 7.03
C ALA A 258 -11.53 -34.26 5.76
N GLN A 259 -11.05 -35.28 5.07
CA GLN A 259 -10.28 -35.08 3.85
C GLN A 259 -11.04 -34.22 2.85
N SER A 260 -12.33 -34.49 2.72
CA SER A 260 -13.18 -33.74 1.80
C SER A 260 -13.29 -32.29 2.23
N ALA A 261 -13.47 -32.08 3.53
CA ALA A 261 -13.55 -30.73 4.08
C ALA A 261 -12.28 -29.96 3.77
N GLY A 262 -11.16 -30.69 3.72
CA GLY A 262 -9.88 -30.10 3.40
C GLY A 262 -9.86 -29.54 2.00
N ILE A 263 -10.16 -30.39 1.02
CA ILE A 263 -10.19 -29.97 -0.38
C ILE A 263 -11.27 -28.90 -0.61
N ASN A 264 -12.46 -29.16 -0.10
CA ASN A 264 -13.61 -28.28 -0.33
C ASN A 264 -13.49 -26.91 0.32
N SER A 265 -12.50 -26.75 1.20
CA SER A 265 -12.32 -25.47 1.89
C SER A 265 -11.55 -24.47 1.04
N GLN A 266 -10.69 -24.97 0.16
CA GLN A 266 -9.91 -24.10 -0.72
C GLN A 266 -10.67 -23.78 -1.99
N LEU A 267 -11.97 -24.04 -1.97
CA LEU A 267 -12.82 -23.80 -3.13
C LEU A 267 -13.96 -22.85 -2.82
N PRO A 268 -14.38 -22.06 -3.82
CA PRO A 268 -15.50 -21.15 -3.66
C PRO A 268 -16.82 -21.90 -3.84
N PRO A 269 -17.82 -21.61 -3.02
CA PRO A 269 -19.12 -22.24 -3.21
C PRO A 269 -19.66 -21.94 -4.61
N VAL A 270 -20.01 -23.00 -5.35
CA VAL A 270 -20.53 -22.84 -6.70
C VAL A 270 -21.96 -23.36 -6.79
N SER A 271 -22.51 -23.38 -8.00
CA SER A 271 -23.89 -23.79 -8.22
C SER A 271 -23.99 -25.14 -8.94
N TYR A 272 -22.85 -25.71 -9.29
CA TYR A 272 -22.82 -26.95 -10.04
C TYR A 272 -22.08 -28.07 -9.30
N ILE A 273 -22.27 -29.30 -9.76
CA ILE A 273 -21.59 -30.44 -9.16
C ILE A 273 -20.24 -30.67 -9.84
N LYS A 274 -19.17 -30.61 -9.06
CA LYS A 274 -17.82 -30.78 -9.59
C LYS A 274 -17.46 -32.26 -9.67
N ALA A 275 -16.54 -32.60 -10.57
CA ALA A 275 -16.09 -33.97 -10.73
C ALA A 275 -15.47 -34.47 -9.43
N ILE A 276 -14.94 -33.55 -8.65
CA ILE A 276 -14.37 -33.88 -7.34
C ILE A 276 -15.45 -34.38 -6.39
N ASP A 277 -16.65 -33.80 -6.50
CA ASP A 277 -17.78 -34.18 -5.66
C ASP A 277 -18.24 -35.60 -5.97
N VAL A 278 -18.31 -35.92 -7.25
CA VAL A 278 -18.71 -37.26 -7.67
C VAL A 278 -17.79 -38.31 -7.09
N TRP A 279 -16.50 -38.00 -7.02
CA TRP A 279 -15.51 -38.97 -6.58
C TRP A 279 -15.47 -39.10 -5.06
N ILE A 280 -15.64 -37.99 -4.35
CA ILE A 280 -15.72 -38.02 -2.90
C ILE A 280 -16.99 -38.75 -2.47
N GLY A 281 -18.11 -38.36 -3.07
CA GLY A 281 -19.40 -38.94 -2.74
C GLY A 281 -19.47 -40.43 -3.02
N ALA A 282 -18.76 -40.88 -4.05
CA ALA A 282 -18.77 -42.29 -4.40
C ALA A 282 -18.01 -43.11 -3.37
N CYS A 283 -16.76 -42.73 -3.11
CA CYS A 283 -15.95 -43.42 -2.11
C CYS A 283 -16.70 -43.44 -0.79
N MET A 284 -17.36 -42.34 -0.48
CA MET A 284 -18.15 -42.21 0.73
C MET A 284 -19.20 -43.32 0.80
N THR A 285 -19.83 -43.59 -0.34
CA THR A 285 -20.86 -44.62 -0.43
C THR A 285 -20.29 -46.02 -0.18
N PHE A 286 -19.15 -46.32 -0.81
CA PHE A 286 -18.49 -47.61 -0.65
C PHE A 286 -18.22 -47.93 0.82
N ILE A 287 -17.85 -46.90 1.59
CA ILE A 287 -17.57 -47.09 3.00
C ILE A 287 -18.86 -47.15 3.80
N PHE A 288 -19.87 -46.40 3.35
CA PHE A 288 -21.19 -46.43 4.00
C PHE A 288 -21.83 -47.80 3.83
N CYS A 289 -21.68 -48.37 2.63
CA CYS A 289 -22.23 -49.69 2.35
C CYS A 289 -21.48 -50.78 3.09
N ALA A 290 -20.20 -50.52 3.38
CA ALA A 290 -19.41 -51.44 4.19
C ALA A 290 -20.06 -51.57 5.57
N LEU A 291 -20.31 -50.43 6.21
CA LEU A 291 -21.01 -50.42 7.50
C LEU A 291 -22.33 -51.17 7.40
N LEU A 292 -23.15 -50.81 6.42
CA LEU A 292 -24.43 -51.48 6.21
C LEU A 292 -24.23 -52.99 6.14
N GLU A 293 -23.17 -53.41 5.45
CA GLU A 293 -22.88 -54.83 5.32
C GLU A 293 -22.63 -55.47 6.67
N PHE A 294 -21.84 -54.80 7.50
CA PHE A 294 -21.57 -55.28 8.86
C PHE A 294 -22.87 -55.52 9.60
N ALA A 295 -23.74 -54.51 9.61
CA ALA A 295 -25.02 -54.60 10.28
C ALA A 295 -25.85 -55.77 9.73
N LEU A 296 -25.96 -55.85 8.41
CA LEU A 296 -26.69 -56.94 7.78
C LEU A 296 -26.16 -58.29 8.23
N VAL A 297 -24.86 -58.48 8.06
CA VAL A 297 -24.21 -59.73 8.43
C VAL A 297 -24.44 -60.08 9.90
N ASN A 298 -24.15 -59.13 10.79
CA ASN A 298 -24.26 -59.36 12.22
C ASN A 298 -25.69 -59.60 12.69
N HIS A 299 -26.66 -59.03 11.99
CA HIS A 299 -28.06 -59.16 12.37
C HIS A 299 -28.63 -60.53 12.03
N ILE A 300 -28.32 -61.04 10.84
CA ILE A 300 -28.81 -62.34 10.42
C ILE A 300 -27.91 -63.47 10.93
N ALA A 301 -26.85 -63.10 11.63
CA ALA A 301 -25.90 -64.07 12.17
C ALA A 301 -26.38 -64.61 13.51
N ASN A 302 -26.83 -63.70 14.37
CA ASN A 302 -27.30 -64.08 15.70
C ASN A 302 -28.70 -64.71 15.69
N ALA A 303 -29.34 -64.70 14.52
CA ALA A 303 -30.62 -65.38 14.35
C ALA A 303 -30.47 -66.85 14.68
N GLY A 304 -31.37 -67.38 15.51
CA GLY A 304 -31.28 -68.74 16.00
C GLY A 304 -30.98 -69.81 14.96
N THR A 305 -31.78 -69.83 13.89
CA THR A 305 -31.65 -70.84 12.85
C THR A 305 -30.30 -70.77 12.12
N THR A 306 -29.79 -71.94 11.74
CA THR A 306 -28.55 -72.00 10.97
C THR A 306 -28.84 -71.63 9.52
N GLU A 307 -30.13 -71.49 9.20
CA GLU A 307 -30.55 -71.10 7.87
C GLU A 307 -30.01 -69.71 7.53
N TRP A 308 -30.14 -68.78 8.47
CA TRP A 308 -29.65 -67.43 8.29
C TRP A 308 -28.14 -67.35 8.52
N ASN A 309 -27.65 -68.16 9.45
CA ASN A 309 -26.25 -68.12 9.85
C ASN A 309 -25.27 -68.32 8.69
N ASP A 310 -25.53 -69.33 7.86
CA ASP A 310 -24.67 -69.59 6.71
C ASP A 310 -24.92 -68.60 5.57
N ILE A 311 -26.08 -67.95 5.59
CA ILE A 311 -26.34 -66.84 4.69
C ILE A 311 -25.46 -65.65 5.07
N SER A 312 -25.33 -65.44 6.38
CA SER A 312 -24.44 -64.42 6.92
C SER A 312 -23.03 -64.63 6.40
N LYS A 313 -22.55 -65.87 6.49
CA LYS A 313 -21.23 -66.23 5.99
C LYS A 313 -21.12 -65.92 4.51
N ARG A 314 -22.16 -66.25 3.76
CA ARG A 314 -22.19 -66.06 2.31
C ARG A 314 -22.05 -64.58 1.94
N VAL A 315 -22.71 -63.73 2.71
CA VAL A 315 -22.66 -62.28 2.45
C VAL A 315 -21.24 -61.74 2.47
N ASP A 316 -20.44 -62.20 3.43
CA ASP A 316 -19.04 -61.79 3.52
C ASP A 316 -18.26 -62.24 2.30
N LEU A 317 -18.37 -63.53 1.97
CA LEU A 317 -17.67 -64.08 0.81
C LEU A 317 -17.94 -63.26 -0.43
N ILE A 318 -19.20 -62.93 -0.66
CA ILE A 318 -19.58 -62.12 -1.82
C ILE A 318 -19.01 -60.71 -1.73
N SER A 319 -19.05 -60.12 -0.53
CA SER A 319 -18.56 -58.76 -0.33
C SER A 319 -17.06 -58.66 -0.60
N ARG A 320 -16.30 -59.62 -0.08
CA ARG A 320 -14.85 -59.62 -0.23
C ARG A 320 -14.41 -59.46 -1.68
N ALA A 321 -15.30 -59.81 -2.61
CA ALA A 321 -14.99 -59.72 -4.03
C ALA A 321 -15.81 -58.63 -4.71
N LEU A 322 -17.10 -58.58 -4.39
CA LEU A 322 -18.02 -57.62 -5.02
C LEU A 322 -17.56 -56.18 -4.82
N PHE A 323 -17.19 -55.83 -3.59
CA PHE A 323 -16.75 -54.47 -3.29
C PHE A 323 -15.56 -54.04 -4.16
N PRO A 324 -14.44 -54.78 -4.10
CA PRO A 324 -13.30 -54.42 -4.95
C PRO A 324 -13.70 -54.33 -6.42
N VAL A 325 -14.35 -55.35 -6.94
CA VAL A 325 -14.77 -55.36 -8.34
C VAL A 325 -15.60 -54.13 -8.69
N LEU A 326 -16.58 -53.81 -7.85
CA LEU A 326 -17.44 -52.66 -8.09
C LEU A 326 -16.67 -51.34 -8.02
N PHE A 327 -15.77 -51.23 -7.04
CA PHE A 327 -14.96 -50.02 -6.90
C PHE A 327 -14.05 -49.84 -8.11
N PHE A 328 -13.54 -50.95 -8.62
CA PHE A 328 -12.71 -50.93 -9.82
C PHE A 328 -13.55 -50.48 -11.02
N VAL A 329 -14.75 -51.04 -11.14
CA VAL A 329 -15.67 -50.65 -12.19
C VAL A 329 -15.94 -49.15 -12.10
N PHE A 330 -16.13 -48.66 -10.87
CA PHE A 330 -16.37 -47.24 -10.67
C PHE A 330 -15.20 -46.41 -11.18
N ASN A 331 -14.00 -46.75 -10.73
CA ASN A 331 -12.80 -46.05 -11.19
C ASN A 331 -12.77 -45.95 -12.71
N ILE A 332 -12.99 -47.07 -13.38
CA ILE A 332 -12.97 -47.09 -14.84
C ILE A 332 -13.97 -46.10 -15.44
N LEU A 333 -15.20 -46.14 -14.95
CA LEU A 333 -16.23 -45.22 -15.41
C LEU A 333 -15.87 -43.78 -15.08
N TYR A 334 -15.40 -43.56 -13.86
CA TYR A 334 -15.05 -42.22 -13.40
C TYR A 334 -13.97 -41.58 -14.26
N TRP A 335 -12.86 -42.29 -14.42
CA TRP A 335 -11.70 -41.73 -15.11
C TRP A 335 -11.94 -41.53 -16.61
N SER A 336 -12.72 -42.40 -17.22
CA SER A 336 -13.03 -42.24 -18.64
C SER A 336 -13.95 -41.04 -18.83
N ARG A 337 -14.70 -40.71 -17.80
CA ARG A 337 -15.68 -39.62 -17.87
C ARG A 337 -15.07 -38.24 -17.59
N PHE A 338 -14.05 -38.21 -16.72
CA PHE A 338 -13.49 -36.94 -16.29
C PHE A 338 -12.01 -36.76 -16.61
N GLY A 339 -11.31 -37.85 -16.92
CA GLY A 339 -9.91 -37.78 -17.28
C GLY A 339 -9.71 -37.42 -18.74
N HIS A 340 -10.84 -37.34 -19.47
CA HIS A 340 -10.83 -37.06 -20.90
C HIS A 340 -10.07 -35.78 -21.23
N SER B 1 -8.63 22.93 -34.46
CA SER B 1 -10.08 22.87 -34.33
C SER B 1 -10.50 22.59 -32.89
N ASP B 2 -10.27 21.37 -32.42
CA ASP B 2 -10.65 20.98 -31.06
C ASP B 2 -9.84 21.73 -30.01
N SER B 3 -8.53 21.82 -30.23
CA SER B 3 -7.65 22.55 -29.32
C SER B 3 -7.97 24.04 -29.33
N LYS B 4 -8.46 24.52 -30.48
CA LYS B 4 -8.87 25.91 -30.62
C LYS B 4 -10.17 26.17 -29.86
N ILE B 5 -11.10 25.23 -29.97
CA ILE B 5 -12.37 25.32 -29.27
C ILE B 5 -12.17 25.34 -27.76
N LEU B 6 -11.21 24.55 -27.30
CA LEU B 6 -10.86 24.51 -25.88
C LEU B 6 -10.20 25.83 -25.46
N ALA B 7 -9.37 26.37 -26.34
CA ALA B 7 -8.72 27.65 -26.09
C ALA B 7 -9.76 28.75 -25.88
N HIS B 8 -10.76 28.80 -26.76
CA HIS B 8 -11.79 29.83 -26.71
C HIS B 8 -12.61 29.77 -25.42
N LEU B 9 -12.69 28.59 -24.82
CA LEU B 9 -13.51 28.40 -23.62
C LEU B 9 -12.79 28.85 -22.34
N PHE B 10 -11.47 28.73 -22.33
CA PHE B 10 -10.70 29.05 -21.13
C PHE B 10 -9.87 30.33 -21.30
N THR B 11 -9.95 30.93 -22.49
CA THR B 11 -9.29 32.21 -22.73
C THR B 11 -10.07 33.33 -22.03
N SER B 12 -11.37 33.12 -21.88
CA SER B 12 -12.22 34.07 -21.16
C SER B 12 -12.06 33.89 -19.66
N GLY B 13 -12.90 34.58 -18.89
CA GLY B 13 -12.85 34.47 -17.44
C GLY B 13 -13.66 33.29 -16.92
N TYR B 14 -13.06 32.10 -16.94
CA TYR B 14 -13.74 30.90 -16.46
C TYR B 14 -13.14 30.41 -15.14
N ASP B 15 -14.00 30.20 -14.15
CA ASP B 15 -13.55 29.74 -12.84
C ASP B 15 -14.15 28.36 -12.54
N PHE B 16 -13.29 27.36 -12.42
CA PHE B 16 -13.73 25.99 -12.19
C PHE B 16 -14.19 25.75 -10.75
N ARG B 17 -14.11 26.79 -9.94
CA ARG B 17 -14.49 26.69 -8.54
C ARG B 17 -15.92 27.18 -8.38
N VAL B 18 -16.38 27.96 -9.35
CA VAL B 18 -17.72 28.49 -9.33
C VAL B 18 -18.72 27.50 -9.92
N ARG B 19 -19.78 27.24 -9.17
CA ARG B 19 -20.88 26.41 -9.62
C ARG B 19 -21.50 27.01 -10.89
N PRO B 20 -21.79 26.17 -11.89
CA PRO B 20 -22.42 26.65 -13.12
C PRO B 20 -23.71 27.42 -12.85
N PRO B 21 -23.92 28.54 -13.56
CA PRO B 21 -25.13 29.36 -13.42
C PRO B 21 -26.39 28.66 -13.90
N THR B 22 -27.56 29.20 -13.56
CA THR B 22 -28.82 28.62 -13.97
C THR B 22 -29.81 29.70 -14.39
N ASP B 23 -30.73 29.34 -15.28
CA ASP B 23 -31.72 30.29 -15.81
C ASP B 23 -32.58 30.90 -14.71
N ASN B 24 -33.16 30.05 -13.86
CA ASN B 24 -34.01 30.51 -12.76
C ASN B 24 -33.29 30.54 -11.42
N GLY B 25 -31.97 30.38 -11.44
CA GLY B 25 -31.17 30.37 -10.22
C GLY B 25 -31.23 29.04 -9.49
N GLY B 26 -31.97 28.08 -10.06
CA GLY B 26 -32.10 26.77 -9.46
C GLY B 26 -30.78 26.07 -9.28
N PRO B 27 -30.80 24.84 -8.78
CA PRO B 27 -29.57 24.06 -8.56
C PRO B 27 -29.07 23.44 -9.86
N VAL B 28 -27.85 22.93 -9.83
CA VAL B 28 -27.30 22.19 -10.95
C VAL B 28 -27.84 20.77 -10.92
N VAL B 29 -28.50 20.36 -12.00
CA VAL B 29 -29.02 19.00 -12.07
C VAL B 29 -28.00 18.04 -12.67
N VAL B 30 -27.62 17.04 -11.88
CA VAL B 30 -26.61 16.07 -12.30
C VAL B 30 -27.25 14.71 -12.54
N SER B 31 -27.38 14.34 -13.81
CA SER B 31 -27.92 13.05 -14.17
C SER B 31 -26.84 11.98 -14.03
N VAL B 32 -27.20 10.86 -13.42
CA VAL B 32 -26.23 9.83 -13.10
C VAL B 32 -26.55 8.48 -13.73
N ASN B 33 -25.59 7.96 -14.49
CA ASN B 33 -25.65 6.59 -14.96
C ASN B 33 -24.57 5.77 -14.26
N MET B 34 -24.84 4.49 -14.05
CA MET B 34 -23.92 3.65 -13.30
C MET B 34 -23.79 2.28 -13.95
N LEU B 35 -22.56 1.91 -14.29
CA LEU B 35 -22.31 0.62 -14.93
C LEU B 35 -21.50 -0.29 -14.00
N LEU B 36 -22.17 -1.28 -13.42
CA LEU B 36 -21.50 -2.25 -12.57
C LEU B 36 -20.67 -3.21 -13.40
N ARG B 37 -19.37 -3.28 -13.11
CA ARG B 37 -18.48 -4.17 -13.85
C ARG B 37 -18.32 -5.52 -13.15
N THR B 38 -17.98 -5.47 -11.87
CA THR B 38 -17.79 -6.69 -11.09
C THR B 38 -18.25 -6.52 -9.66
N ILE B 39 -18.89 -7.55 -9.13
CA ILE B 39 -19.27 -7.57 -7.71
C ILE B 39 -18.65 -8.80 -7.07
N SER B 40 -17.71 -8.57 -6.16
CA SER B 40 -16.90 -9.65 -5.61
C SER B 40 -16.73 -9.54 -4.09
N LYS B 41 -15.90 -10.42 -3.55
CA LYS B 41 -15.59 -10.44 -2.12
C LYS B 41 -16.75 -10.00 -1.24
N ILE B 42 -17.81 -10.80 -1.21
CA ILE B 42 -18.95 -10.53 -0.35
C ILE B 42 -18.70 -11.07 1.05
N ASP B 43 -18.10 -10.23 1.89
CA ASP B 43 -17.70 -10.61 3.25
C ASP B 43 -18.91 -10.61 4.19
N VAL B 44 -19.21 -11.76 4.77
CA VAL B 44 -20.35 -11.89 5.67
C VAL B 44 -19.95 -11.56 7.11
N VAL B 45 -18.69 -11.75 7.43
CA VAL B 45 -18.18 -11.47 8.77
C VAL B 45 -18.11 -9.97 9.03
N ASN B 46 -17.47 -9.25 8.11
CA ASN B 46 -17.36 -7.79 8.23
C ASN B 46 -18.52 -7.07 7.55
N MET B 47 -19.49 -7.87 7.06
CA MET B 47 -20.66 -7.33 6.40
C MET B 47 -20.32 -6.18 5.45
N GLU B 48 -19.68 -6.53 4.35
CA GLU B 48 -19.33 -5.58 3.31
C GLU B 48 -19.10 -6.36 2.02
N TYR B 49 -18.97 -5.64 0.91
CA TYR B 49 -18.69 -6.28 -0.37
C TYR B 49 -17.89 -5.35 -1.25
N SER B 50 -17.16 -5.93 -2.21
CA SER B 50 -16.39 -5.13 -3.15
C SER B 50 -17.08 -5.06 -4.50
N ALA B 51 -16.94 -3.95 -5.18
CA ALA B 51 -17.59 -3.75 -6.47
C ALA B 51 -16.87 -2.70 -7.30
N GLN B 52 -16.57 -3.03 -8.55
CA GLN B 52 -15.98 -2.08 -9.47
C GLN B 52 -17.02 -1.60 -10.45
N LEU B 53 -17.10 -0.28 -10.65
CA LEU B 53 -18.13 0.30 -11.49
C LEU B 53 -17.61 1.49 -12.27
N THR B 54 -18.30 1.81 -13.37
CA THR B 54 -18.03 3.03 -14.11
C THR B 54 -19.10 4.06 -13.78
N LEU B 55 -18.71 5.13 -13.11
CA LEU B 55 -19.62 6.21 -12.79
C LEU B 55 -19.71 7.18 -13.97
N ARG B 56 -20.94 7.57 -14.31
CA ARG B 56 -21.19 8.49 -15.41
C ARG B 56 -22.06 9.65 -14.97
N GLU B 57 -21.50 10.85 -14.97
CA GLU B 57 -22.25 12.02 -14.55
C GLU B 57 -22.42 13.00 -15.71
N SER B 58 -23.57 13.66 -15.76
CA SER B 58 -23.87 14.59 -16.83
C SER B 58 -24.65 15.80 -16.34
N TRP B 59 -24.07 16.98 -16.52
CA TRP B 59 -24.71 18.23 -16.11
C TRP B 59 -24.50 19.29 -17.19
N ILE B 60 -25.26 20.36 -17.11
CA ILE B 60 -25.12 21.45 -18.06
C ILE B 60 -24.32 22.61 -17.48
N ASP B 61 -23.38 23.12 -18.27
CA ASP B 61 -22.54 24.24 -17.86
C ASP B 61 -22.48 25.24 -19.01
N LYS B 62 -23.44 26.15 -19.07
CA LYS B 62 -23.56 27.08 -20.18
C LYS B 62 -22.27 27.84 -20.46
N ARG B 63 -21.40 27.91 -19.46
CA ARG B 63 -20.11 28.59 -19.61
C ARG B 63 -19.17 27.86 -20.55
N LEU B 64 -19.46 26.59 -20.80
CA LEU B 64 -18.60 25.75 -21.63
C LEU B 64 -19.15 25.55 -23.02
N SER B 65 -20.33 26.10 -23.29
CA SER B 65 -20.90 26.02 -24.64
C SER B 65 -20.02 26.79 -25.62
N TYR B 66 -19.80 26.20 -26.80
CA TYR B 66 -18.91 26.78 -27.78
C TYR B 66 -19.56 26.81 -29.15
N GLY B 67 -20.43 25.84 -29.41
CA GLY B 67 -21.07 25.72 -30.71
C GLY B 67 -22.55 26.05 -30.66
N VAL B 68 -23.12 26.01 -29.45
CA VAL B 68 -24.54 26.27 -29.24
C VAL B 68 -25.40 25.36 -30.12
N LYS B 69 -25.93 25.90 -31.21
CA LYS B 69 -26.68 25.10 -32.17
C LYS B 69 -25.72 24.19 -32.92
N GLY B 70 -24.48 24.64 -33.06
CA GLY B 70 -23.45 23.91 -33.77
C GLY B 70 -23.83 23.72 -35.22
N ASP B 71 -24.07 22.47 -35.60
CA ASP B 71 -24.47 22.12 -36.96
C ASP B 71 -23.43 22.56 -37.99
N GLY B 72 -22.33 23.13 -37.48
CA GLY B 72 -21.18 23.48 -38.29
C GLY B 72 -19.90 23.06 -37.58
N GLN B 73 -20.01 22.93 -36.25
CA GLN B 73 -18.89 22.49 -35.42
C GLN B 73 -19.07 21.07 -34.89
N PRO B 74 -18.00 20.48 -34.32
CA PRO B 74 -18.09 19.11 -33.78
C PRO B 74 -19.12 19.04 -32.66
N ASP B 75 -19.90 17.96 -32.63
CA ASP B 75 -20.97 17.81 -31.66
C ASP B 75 -20.45 18.05 -30.23
N PHE B 76 -19.32 17.43 -29.90
CA PHE B 76 -18.70 17.60 -28.60
C PHE B 76 -17.17 17.60 -28.72
N VAL B 77 -16.50 18.02 -27.65
CA VAL B 77 -15.05 18.06 -27.64
C VAL B 77 -14.51 17.35 -26.41
N ILE B 78 -13.62 16.38 -26.63
CA ILE B 78 -12.98 15.68 -25.53
C ILE B 78 -12.10 16.65 -24.75
N LEU B 79 -12.36 16.77 -23.45
CA LEU B 79 -11.58 17.65 -22.60
C LEU B 79 -10.18 17.07 -22.37
N THR B 80 -9.18 17.80 -22.85
CA THR B 80 -7.80 17.38 -22.67
C THR B 80 -7.31 17.80 -21.29
N VAL B 81 -6.11 17.33 -20.93
CA VAL B 81 -5.51 17.64 -19.64
C VAL B 81 -5.09 19.11 -19.57
N GLY B 82 -5.12 19.68 -18.37
CA GLY B 82 -4.70 21.05 -18.17
C GLY B 82 -5.84 22.04 -18.24
N HIS B 83 -7.04 21.52 -18.47
CA HIS B 83 -8.24 22.36 -18.47
C HIS B 83 -9.16 21.98 -17.32
N GLN B 84 -9.36 22.92 -16.39
CA GLN B 84 -10.16 22.67 -15.20
C GLN B 84 -11.64 22.90 -15.43
N ILE B 85 -12.46 21.98 -14.93
CA ILE B 85 -13.90 22.09 -15.05
C ILE B 85 -14.55 21.78 -13.70
N TRP B 86 -15.51 22.62 -13.30
CA TRP B 86 -16.27 22.33 -12.10
C TRP B 86 -16.93 20.97 -12.26
N MET B 87 -16.75 20.12 -11.26
CA MET B 87 -17.39 18.81 -11.25
C MET B 87 -18.14 18.59 -9.94
N PRO B 88 -19.23 17.84 -9.99
CA PRO B 88 -19.95 17.49 -8.76
C PRO B 88 -19.02 16.77 -7.81
N ASP B 89 -18.83 17.29 -6.60
CA ASP B 89 -17.94 16.69 -5.62
C ASP B 89 -18.57 15.46 -4.98
N THR B 90 -19.10 14.58 -5.82
CA THR B 90 -19.84 13.42 -5.35
C THR B 90 -18.95 12.41 -4.62
N PHE B 91 -19.53 11.76 -3.61
CA PHE B 91 -18.84 10.71 -2.86
C PHE B 91 -19.81 9.58 -2.57
N PHE B 92 -19.29 8.48 -2.04
CA PHE B 92 -20.12 7.32 -1.73
C PHE B 92 -20.27 7.14 -0.21
N PRO B 93 -21.37 7.63 0.35
CA PRO B 93 -21.63 7.63 1.80
C PRO B 93 -21.31 6.32 2.50
N ASN B 94 -21.61 5.19 1.87
CA ASN B 94 -21.36 3.90 2.52
C ASN B 94 -20.08 3.22 2.03
N GLU B 95 -19.22 3.97 1.36
CA GLU B 95 -17.93 3.44 0.92
C GLU B 95 -16.96 3.40 2.08
N LYS B 96 -16.28 2.27 2.27
CA LYS B 96 -15.28 2.15 3.32
C LYS B 96 -13.88 2.23 2.71
N GLN B 97 -13.77 1.88 1.43
CA GLN B 97 -12.52 1.97 0.69
C GLN B 97 -12.82 2.25 -0.76
N ALA B 98 -11.98 3.05 -1.42
CA ALA B 98 -12.23 3.41 -2.81
C ALA B 98 -10.94 3.68 -3.56
N TYR B 99 -10.90 3.31 -4.84
CA TYR B 99 -9.73 3.51 -5.67
C TYR B 99 -10.12 3.96 -7.07
N LYS B 100 -9.49 5.03 -7.55
CA LYS B 100 -9.57 5.37 -8.96
C LYS B 100 -8.51 4.55 -9.68
N HIS B 101 -8.78 4.20 -10.93
CA HIS B 101 -7.82 3.45 -11.72
C HIS B 101 -7.00 4.38 -12.61
N THR B 102 -5.71 4.53 -12.28
CA THR B 102 -4.85 5.40 -13.05
C THR B 102 -3.57 4.67 -13.45
N ILE B 103 -3.71 3.72 -14.36
CA ILE B 103 -2.55 2.97 -14.85
C ILE B 103 -2.14 3.50 -16.23
N ASP B 104 -0.89 3.94 -16.33
CA ASP B 104 -0.36 4.51 -17.55
C ASP B 104 -1.00 5.87 -17.78
N LYS B 105 -2.33 5.88 -17.68
CA LYS B 105 -3.12 7.07 -17.87
C LYS B 105 -4.35 6.94 -16.98
N PRO B 106 -4.79 8.05 -16.38
CA PRO B 106 -6.00 8.05 -15.56
C PRO B 106 -7.18 7.52 -16.35
N ASN B 107 -8.03 6.72 -15.70
CA ASN B 107 -9.20 6.15 -16.35
C ASN B 107 -10.40 7.07 -16.29
N VAL B 108 -10.33 8.21 -16.99
CA VAL B 108 -11.42 9.14 -17.02
C VAL B 108 -11.79 9.54 -18.44
N LEU B 109 -13.00 10.06 -18.60
CA LEU B 109 -13.48 10.54 -19.88
C LEU B 109 -14.33 11.77 -19.65
N ILE B 110 -13.92 12.90 -20.22
CA ILE B 110 -14.71 14.12 -20.12
C ILE B 110 -15.05 14.66 -21.51
N ARG B 111 -16.33 14.93 -21.74
CA ARG B 111 -16.77 15.50 -23.00
C ARG B 111 -17.53 16.80 -22.76
N ILE B 112 -17.29 17.78 -23.62
CA ILE B 112 -17.97 19.05 -23.53
C ILE B 112 -18.78 19.30 -24.79
N HIS B 113 -20.07 18.99 -24.74
CA HIS B 113 -20.95 19.17 -25.89
C HIS B 113 -21.09 20.65 -26.21
N ASN B 114 -21.43 20.95 -27.47
CA ASN B 114 -21.59 22.33 -27.92
C ASN B 114 -22.56 23.14 -27.07
N ASP B 115 -23.63 22.50 -26.61
CA ASP B 115 -24.65 23.20 -25.81
C ASP B 115 -24.23 23.41 -24.36
N GLY B 116 -23.03 22.94 -24.02
CA GLY B 116 -22.51 23.11 -22.68
C GLY B 116 -22.66 21.88 -21.81
N THR B 117 -23.40 20.89 -22.31
CA THR B 117 -23.58 19.65 -21.58
C THR B 117 -22.26 18.92 -21.40
N VAL B 118 -22.01 18.44 -20.18
CA VAL B 118 -20.76 17.77 -19.86
C VAL B 118 -21.00 16.30 -19.50
N LEU B 119 -20.24 15.42 -20.14
CA LEU B 119 -20.23 14.01 -19.75
C LEU B 119 -18.97 13.70 -18.98
N TYR B 120 -19.12 13.00 -17.86
CA TYR B 120 -17.99 12.61 -17.04
C TYR B 120 -18.06 11.13 -16.72
N SER B 121 -17.04 10.39 -17.13
CA SER B 121 -16.96 8.96 -16.87
C SER B 121 -15.67 8.61 -16.16
N VAL B 122 -15.73 7.69 -15.21
CA VAL B 122 -14.56 7.30 -14.44
C VAL B 122 -14.72 5.92 -13.83
N ARG B 123 -13.65 5.13 -13.84
CA ARG B 123 -13.66 3.82 -13.21
C ARG B 123 -13.31 3.93 -11.74
N ILE B 124 -14.10 3.27 -10.91
CA ILE B 124 -13.92 3.31 -9.47
C ILE B 124 -14.12 1.93 -8.87
N SER B 125 -13.19 1.52 -8.00
CA SER B 125 -13.35 0.29 -7.25
C SER B 125 -13.71 0.64 -5.83
N LEU B 126 -14.78 0.04 -5.33
CA LEU B 126 -15.29 0.37 -4.00
C LEU B 126 -15.34 -0.82 -3.08
N VAL B 127 -15.32 -0.55 -1.78
CA VAL B 127 -15.59 -1.55 -0.76
C VAL B 127 -16.67 -0.96 0.14
N LEU B 128 -17.91 -1.36 -0.09
CA LEU B 128 -19.05 -0.75 0.57
C LEU B 128 -19.53 -1.61 1.71
N SER B 129 -20.10 -0.98 2.73
CA SER B 129 -20.68 -1.72 3.85
C SER B 129 -22.08 -2.16 3.49
N CYS B 130 -22.38 -3.43 3.76
CA CYS B 130 -23.69 -3.97 3.46
C CYS B 130 -24.19 -4.80 4.62
N PRO B 131 -25.00 -4.18 5.51
CA PRO B 131 -25.54 -4.89 6.67
C PRO B 131 -26.33 -6.10 6.19
N MET B 132 -25.97 -7.28 6.69
CA MET B 132 -26.60 -8.52 6.27
C MET B 132 -27.37 -9.17 7.40
N TYR B 133 -28.44 -9.87 7.03
CA TYR B 133 -29.33 -10.48 8.01
C TYR B 133 -29.42 -11.98 7.76
N LEU B 134 -28.85 -12.76 8.67
CA LEU B 134 -28.65 -14.18 8.46
C LEU B 134 -29.71 -15.05 9.13
N GLN B 135 -30.89 -14.49 9.36
CA GLN B 135 -31.97 -15.26 9.98
C GLN B 135 -32.19 -16.60 9.30
N TYR B 136 -32.13 -16.60 7.97
CA TYR B 136 -32.32 -17.81 7.19
C TYR B 136 -30.99 -18.29 6.62
N TYR B 137 -29.89 -17.85 7.23
CA TYR B 137 -28.55 -17.96 6.65
C TYR B 137 -28.39 -18.83 5.40
N PRO B 138 -28.44 -20.17 5.55
CA PRO B 138 -28.12 -21.02 4.40
C PRO B 138 -28.90 -20.61 3.15
N MET B 139 -30.20 -20.39 3.32
CA MET B 139 -31.05 -19.94 2.22
C MET B 139 -31.53 -18.51 2.43
N ASP B 140 -30.60 -17.56 2.38
CA ASP B 140 -30.93 -16.17 2.61
C ASP B 140 -30.79 -15.33 1.34
N VAL B 141 -31.34 -14.13 1.37
CA VAL B 141 -31.10 -13.13 0.33
C VAL B 141 -30.71 -11.82 0.98
N GLN B 142 -29.65 -11.19 0.46
CA GLN B 142 -29.17 -9.94 1.00
C GLN B 142 -29.39 -8.82 0.00
N GLN B 143 -29.53 -7.60 0.50
CA GLN B 143 -29.66 -6.44 -0.36
C GLN B 143 -28.57 -5.43 -0.07
N CYS B 144 -27.64 -5.29 -1.01
CA CYS B 144 -26.52 -4.38 -0.84
C CYS B 144 -26.70 -3.17 -1.72
N SER B 145 -26.16 -2.04 -1.30
CA SER B 145 -26.41 -0.78 -1.97
C SER B 145 -25.16 0.05 -2.20
N ILE B 146 -25.24 0.95 -3.16
CA ILE B 146 -24.21 1.95 -3.38
C ILE B 146 -24.87 3.32 -3.28
N ASP B 147 -24.49 4.10 -2.28
CA ASP B 147 -25.04 5.45 -2.13
C ASP B 147 -24.15 6.47 -2.82
N LEU B 148 -24.76 7.53 -3.32
CA LEU B 148 -24.04 8.53 -4.09
C LEU B 148 -24.64 9.89 -3.83
N ALA B 149 -23.83 10.82 -3.31
CA ALA B 149 -24.32 12.14 -2.95
C ALA B 149 -23.21 13.17 -2.99
N SER B 150 -23.59 14.45 -2.98
CA SER B 150 -22.62 15.52 -2.88
C SER B 150 -22.23 15.72 -1.42
N TYR B 151 -21.00 16.16 -1.18
CA TYR B 151 -20.54 16.32 0.19
C TYR B 151 -20.70 17.73 0.71
N ALA B 152 -20.35 18.71 -0.11
CA ALA B 152 -20.37 20.10 0.33
C ALA B 152 -21.59 20.85 -0.18
N TYR B 153 -22.02 20.53 -1.39
CA TYR B 153 -23.14 21.24 -2.01
C TYR B 153 -24.48 20.70 -1.54
N THR B 154 -25.34 21.61 -1.12
CA THR B 154 -26.63 21.25 -0.55
C THR B 154 -27.69 21.11 -1.64
N THR B 155 -28.96 21.17 -1.26
CA THR B 155 -30.06 20.97 -2.21
C THR B 155 -30.29 22.16 -3.13
N LYS B 156 -29.73 23.31 -2.77
CA LYS B 156 -29.93 24.53 -3.54
C LYS B 156 -28.93 24.63 -4.68
N ASP B 157 -27.86 23.85 -4.60
CA ASP B 157 -26.76 23.97 -5.55
C ASP B 157 -26.64 22.77 -6.47
N ILE B 158 -26.90 21.59 -5.95
CA ILE B 158 -26.69 20.37 -6.71
C ILE B 158 -27.78 19.34 -6.41
N GLU B 159 -28.35 18.77 -7.46
CA GLU B 159 -29.42 17.79 -7.30
C GLU B 159 -29.17 16.59 -8.21
N TYR B 160 -29.17 15.40 -7.64
CA TYR B 160 -28.92 14.19 -8.41
C TYR B 160 -30.20 13.55 -8.88
N LEU B 161 -30.20 13.08 -10.12
CA LEU B 161 -31.33 12.37 -10.70
C LEU B 161 -30.80 11.21 -11.52
N TRP B 162 -31.42 10.05 -11.37
CA TRP B 162 -31.04 8.89 -12.15
C TRP B 162 -31.39 9.12 -13.62
N LYS B 163 -30.47 8.76 -14.51
CA LYS B 163 -30.73 8.85 -15.94
C LYS B 163 -32.11 8.28 -16.21
N GLU B 164 -32.82 8.86 -17.17
CA GLU B 164 -34.20 8.46 -17.41
C GLU B 164 -34.30 7.02 -17.93
N HIS B 165 -33.43 6.68 -18.87
CA HIS B 165 -33.43 5.35 -19.46
C HIS B 165 -32.22 4.51 -19.03
N SER B 166 -32.51 3.33 -18.47
CA SER B 166 -31.48 2.43 -17.95
C SER B 166 -30.40 3.16 -17.15
N PRO B 167 -30.76 3.58 -15.92
CA PRO B 167 -29.83 4.27 -15.02
C PRO B 167 -28.74 3.32 -14.54
N LEU B 168 -29.11 2.09 -14.25
CA LEU B 168 -28.15 1.08 -13.82
C LEU B 168 -27.97 0.02 -14.90
N GLN B 169 -26.71 -0.26 -15.24
CA GLN B 169 -26.40 -1.28 -16.23
C GLN B 169 -25.40 -2.24 -15.65
N LEU B 170 -25.43 -3.49 -16.12
CA LEU B 170 -24.47 -4.49 -15.69
C LEU B 170 -23.64 -4.96 -16.87
N LYS B 171 -22.34 -5.11 -16.66
CA LYS B 171 -21.49 -5.68 -17.69
C LYS B 171 -21.85 -7.15 -17.85
N VAL B 172 -21.65 -7.68 -19.06
CA VAL B 172 -22.06 -9.05 -19.34
C VAL B 172 -21.35 -10.07 -18.45
N GLY B 173 -20.06 -9.87 -18.24
CA GLY B 173 -19.28 -10.79 -17.43
C GLY B 173 -19.29 -10.45 -15.94
N LEU B 174 -20.48 -10.22 -15.40
CA LEU B 174 -20.61 -9.90 -13.98
C LEU B 174 -21.05 -11.12 -13.18
N SER B 175 -22.12 -11.76 -13.63
CA SER B 175 -22.64 -12.94 -12.94
C SER B 175 -21.67 -14.12 -13.00
N SER B 176 -20.77 -14.09 -13.98
CA SER B 176 -19.79 -15.17 -14.14
C SER B 176 -18.58 -14.96 -13.24
N SER B 177 -18.44 -13.74 -12.71
CA SER B 177 -17.37 -13.43 -11.77
C SER B 177 -17.94 -13.45 -10.35
N LEU B 178 -19.20 -13.84 -10.24
CA LEU B 178 -19.89 -13.93 -8.96
C LEU B 178 -20.45 -15.34 -8.81
N PRO B 179 -19.60 -16.29 -8.40
CA PRO B 179 -19.92 -17.72 -8.39
C PRO B 179 -20.81 -18.11 -7.21
N SER B 180 -20.62 -17.46 -6.08
CA SER B 180 -21.27 -17.87 -4.84
C SER B 180 -22.72 -17.40 -4.74
N PHE B 181 -23.04 -16.33 -5.46
CA PHE B 181 -24.38 -15.76 -5.42
C PHE B 181 -25.01 -15.63 -6.80
N GLN B 182 -26.25 -15.14 -6.82
CA GLN B 182 -26.99 -14.90 -8.05
C GLN B 182 -27.67 -13.54 -7.95
N LEU B 183 -27.26 -12.60 -8.80
CA LEU B 183 -27.82 -11.26 -8.77
C LEU B 183 -29.22 -11.26 -9.35
N THR B 184 -30.22 -11.48 -8.50
CA THR B 184 -31.60 -11.65 -8.96
C THR B 184 -32.27 -10.36 -9.42
N ASN B 185 -32.14 -9.30 -8.62
CA ASN B 185 -32.85 -8.06 -8.89
C ASN B 185 -32.01 -6.81 -8.60
N THR B 186 -32.25 -5.73 -9.34
CA THR B 186 -31.63 -4.45 -9.06
C THR B 186 -32.68 -3.35 -9.01
N SER B 187 -32.38 -2.29 -8.26
CA SER B 187 -33.30 -1.16 -8.16
C SER B 187 -32.54 0.15 -8.18
N THR B 188 -33.23 1.22 -8.56
CA THR B 188 -32.64 2.54 -8.59
C THR B 188 -33.53 3.54 -7.84
N THR B 189 -33.02 4.06 -6.72
CA THR B 189 -33.82 4.86 -5.80
C THR B 189 -33.12 6.15 -5.37
N TYR B 190 -33.80 6.92 -4.54
CA TYR B 190 -33.23 8.14 -3.98
C TYR B 190 -33.13 8.04 -2.45
N CYS B 191 -32.12 8.66 -1.88
CA CYS B 191 -31.88 8.60 -0.45
C CYS B 191 -31.55 9.97 0.13
N THR B 192 -32.00 11.02 -0.56
CA THR B 192 -31.82 12.39 -0.08
C THR B 192 -32.16 12.46 1.40
N SER B 193 -31.27 13.04 2.19
CA SER B 193 -31.46 13.11 3.63
C SER B 193 -31.25 14.52 4.17
N VAL B 194 -31.89 14.81 5.29
CA VAL B 194 -31.72 16.10 5.95
C VAL B 194 -30.77 15.98 7.14
N THR B 195 -29.61 16.64 7.03
CA THR B 195 -28.58 16.57 8.06
C THR B 195 -28.47 17.88 8.84
N ASN B 196 -27.50 17.96 9.74
CA ASN B 196 -27.32 19.16 10.56
C ASN B 196 -26.67 20.30 9.78
N THR B 197 -26.05 19.96 8.65
CA THR B 197 -25.40 20.98 7.83
C THR B 197 -26.26 21.34 6.63
N GLY B 198 -27.42 20.68 6.50
CA GLY B 198 -28.34 20.96 5.41
C GLY B 198 -28.95 19.72 4.79
N ILE B 199 -29.68 19.92 3.70
CA ILE B 199 -30.33 18.81 3.00
C ILE B 199 -29.56 18.42 1.74
N TYR B 200 -29.04 17.19 1.72
CA TYR B 200 -28.18 16.76 0.62
C TYR B 200 -28.83 15.72 -0.29
N SER B 201 -28.83 15.99 -1.59
CA SER B 201 -29.38 15.07 -2.57
C SER B 201 -28.58 13.78 -2.61
N CYS B 202 -29.25 12.67 -2.83
CA CYS B 202 -28.58 11.37 -2.78
C CYS B 202 -29.27 10.30 -3.63
N LEU B 203 -28.47 9.55 -4.38
CA LEU B 203 -28.98 8.43 -5.17
C LEU B 203 -28.59 7.11 -4.50
N ARG B 204 -29.37 6.06 -4.75
CA ARG B 204 -29.05 4.76 -4.21
C ARG B 204 -29.39 3.63 -5.17
N THR B 205 -28.38 2.95 -5.66
CA THR B 205 -28.58 1.75 -6.46
C THR B 205 -28.50 0.54 -5.55
N THR B 206 -29.37 -0.43 -5.78
CA THR B 206 -29.46 -1.60 -4.91
C THR B 206 -29.45 -2.89 -5.70
N ILE B 207 -28.60 -3.83 -5.28
CA ILE B 207 -28.56 -5.14 -5.90
C ILE B 207 -29.05 -6.19 -4.91
N GLN B 208 -29.73 -7.21 -5.41
CA GLN B 208 -30.24 -8.27 -4.55
C GLN B 208 -29.50 -9.57 -4.80
N LEU B 209 -28.87 -10.10 -3.75
CA LEU B 209 -28.02 -11.28 -3.86
C LEU B 209 -28.69 -12.51 -3.25
N LYS B 210 -28.86 -13.54 -4.06
CA LYS B 210 -29.43 -14.79 -3.63
C LYS B 210 -28.33 -15.82 -3.46
N ARG B 211 -28.20 -16.38 -2.26
CA ARG B 211 -27.09 -17.30 -1.97
C ARG B 211 -27.27 -18.64 -2.65
N GLU B 212 -26.25 -19.09 -3.36
CA GLU B 212 -26.28 -20.37 -4.06
C GLU B 212 -26.39 -21.52 -3.07
N PHE B 213 -27.27 -22.46 -3.37
CA PHE B 213 -27.63 -23.53 -2.44
C PHE B 213 -26.81 -24.81 -2.62
N SER B 214 -26.38 -25.07 -3.85
CA SER B 214 -25.68 -26.32 -4.17
C SER B 214 -24.56 -26.63 -3.19
N PHE B 215 -23.81 -25.61 -2.79
CA PHE B 215 -22.71 -25.79 -1.84
C PHE B 215 -23.21 -26.29 -0.49
N TYR B 216 -24.23 -25.63 0.05
CA TYR B 216 -24.73 -25.98 1.38
C TYR B 216 -25.47 -27.31 1.36
N LEU B 217 -26.05 -27.66 0.22
CA LEU B 217 -26.65 -28.97 0.06
C LEU B 217 -25.58 -30.05 0.21
N LEU B 218 -24.48 -29.88 -0.50
CA LEU B 218 -23.43 -30.90 -0.52
C LEU B 218 -22.51 -30.88 0.70
N GLN B 219 -22.33 -29.71 1.30
CA GLN B 219 -21.35 -29.55 2.37
C GLN B 219 -21.96 -29.48 3.77
N LEU B 220 -23.29 -29.48 3.83
CA LEU B 220 -23.96 -29.37 5.13
C LEU B 220 -25.10 -30.36 5.29
N TYR B 221 -26.12 -30.25 4.44
CA TYR B 221 -27.32 -31.08 4.58
C TYR B 221 -27.07 -32.55 4.25
N ILE B 222 -26.60 -32.82 3.05
CA ILE B 222 -26.28 -34.20 2.66
C ILE B 222 -25.42 -34.91 3.71
N PRO B 223 -24.26 -34.34 4.05
CA PRO B 223 -23.36 -35.02 4.98
C PRO B 223 -23.94 -35.16 6.39
N SER B 224 -24.91 -34.33 6.75
CA SER B 224 -25.53 -34.43 8.06
C SER B 224 -26.59 -35.52 8.09
N CYS B 225 -27.35 -35.65 7.02
CA CYS B 225 -28.30 -36.75 6.90
C CYS B 225 -27.54 -38.05 6.88
N MET B 226 -26.46 -38.09 6.10
CA MET B 226 -25.60 -39.25 6.02
C MET B 226 -25.05 -39.59 7.39
N LEU B 227 -24.85 -38.56 8.22
CA LEU B 227 -24.31 -38.75 9.55
C LEU B 227 -25.38 -39.24 10.52
N VAL B 228 -26.58 -38.68 10.41
CA VAL B 228 -27.71 -39.09 11.24
C VAL B 228 -28.17 -40.50 10.88
N ILE B 229 -28.12 -40.83 9.60
CA ILE B 229 -28.50 -42.16 9.14
C ILE B 229 -27.56 -43.23 9.68
N VAL B 230 -26.28 -42.89 9.79
CA VAL B 230 -25.30 -43.80 10.34
C VAL B 230 -25.60 -44.11 11.81
N SER B 231 -26.12 -43.13 12.53
CA SER B 231 -26.45 -43.33 13.94
C SER B 231 -27.59 -44.32 14.10
N TRP B 232 -28.28 -44.60 12.99
CA TRP B 232 -29.43 -45.51 13.02
C TRP B 232 -29.02 -46.96 12.81
N VAL B 233 -27.95 -47.19 12.07
CA VAL B 233 -27.52 -48.55 11.76
C VAL B 233 -27.09 -49.31 13.02
N SER B 234 -27.10 -48.61 14.16
CA SER B 234 -26.77 -49.25 15.43
C SER B 234 -28.02 -49.83 16.10
N PHE B 235 -29.19 -49.53 15.53
CA PHE B 235 -30.44 -50.09 16.01
C PHE B 235 -30.57 -51.54 15.55
N TRP B 236 -29.66 -51.97 14.69
CA TRP B 236 -29.73 -53.30 14.09
C TRP B 236 -28.64 -54.22 14.63
N PHE B 237 -27.82 -53.69 15.53
CA PHE B 237 -26.83 -54.49 16.22
C PHE B 237 -27.46 -55.07 17.49
N ASP B 238 -27.15 -56.33 17.78
CA ASP B 238 -27.65 -56.98 18.99
C ASP B 238 -27.39 -56.12 20.23
N ARG B 239 -28.38 -56.08 21.12
CA ARG B 239 -28.32 -55.22 22.30
C ARG B 239 -27.16 -55.61 23.23
N THR B 240 -26.58 -56.77 22.98
CA THR B 240 -25.48 -57.26 23.79
C THR B 240 -24.16 -56.58 23.42
N ALA B 241 -23.96 -56.33 22.13
CA ALA B 241 -22.77 -55.65 21.65
C ALA B 241 -22.96 -54.13 21.67
N ILE B 242 -22.96 -53.56 22.87
CA ILE B 242 -23.12 -52.12 23.05
C ILE B 242 -21.88 -51.30 22.68
N PRO B 243 -20.68 -51.89 22.76
CA PRO B 243 -19.51 -51.13 22.33
C PRO B 243 -19.65 -50.63 20.89
N ALA B 244 -20.24 -51.45 20.03
CA ALA B 244 -20.46 -51.07 18.64
C ALA B 244 -21.45 -49.90 18.53
N ARG B 245 -22.53 -49.96 19.31
CA ARG B 245 -23.55 -48.92 19.30
C ARG B 245 -22.99 -47.58 19.77
N VAL B 246 -22.29 -47.59 20.90
CA VAL B 246 -21.69 -46.38 21.43
C VAL B 246 -20.71 -45.75 20.45
N THR B 247 -19.81 -46.58 19.91
CA THR B 247 -18.83 -46.11 18.93
C THR B 247 -19.49 -45.38 17.77
N LEU B 248 -20.62 -45.89 17.31
CA LEU B 248 -21.38 -45.23 16.24
C LEU B 248 -21.98 -43.92 16.72
N GLY B 249 -22.88 -43.99 17.69
CA GLY B 249 -23.55 -42.81 18.21
C GLY B 249 -22.61 -41.70 18.62
N VAL B 250 -21.55 -42.06 19.34
CA VAL B 250 -20.59 -41.08 19.82
C VAL B 250 -19.80 -40.45 18.67
N THR B 251 -19.31 -41.28 17.76
CA THR B 251 -18.55 -40.79 16.62
C THR B 251 -19.37 -39.81 15.78
N THR B 252 -20.54 -40.24 15.35
CA THR B 252 -21.40 -39.39 14.55
C THR B 252 -21.71 -38.08 15.28
N LEU B 253 -21.88 -38.17 16.59
CA LEU B 253 -22.17 -36.98 17.39
C LEU B 253 -21.01 -36.02 17.40
N LEU B 254 -19.82 -36.54 17.70
CA LEU B 254 -18.60 -35.74 17.69
C LEU B 254 -18.41 -35.10 16.32
N THR B 255 -18.48 -35.92 15.27
CA THR B 255 -18.34 -35.43 13.90
C THR B 255 -19.33 -34.31 13.60
N MET B 256 -20.56 -34.49 14.05
CA MET B 256 -21.59 -33.48 13.88
C MET B 256 -21.13 -32.15 14.44
N THR B 257 -20.51 -32.19 15.61
CA THR B 257 -19.97 -31.00 16.25
C THR B 257 -18.95 -30.32 15.34
N ALA B 258 -17.95 -31.07 14.92
CA ALA B 258 -16.89 -30.56 14.06
C ALA B 258 -17.46 -29.85 12.84
N GLN B 259 -18.33 -30.55 12.13
CA GLN B 259 -18.96 -30.00 10.95
C GLN B 259 -19.60 -28.64 11.23
N SER B 260 -20.29 -28.55 12.35
CA SER B 260 -20.96 -27.31 12.74
C SER B 260 -19.94 -26.21 13.00
N ALA B 261 -18.87 -26.56 13.69
CA ALA B 261 -17.80 -25.60 13.96
C ALA B 261 -17.21 -25.07 12.66
N GLY B 262 -17.23 -25.92 11.64
CA GLY B 262 -16.75 -25.52 10.33
C GLY B 262 -17.60 -24.41 9.73
N ILE B 263 -18.90 -24.67 9.62
CA ILE B 263 -19.81 -23.67 9.07
C ILE B 263 -19.85 -22.43 9.94
N ASN B 264 -20.00 -22.63 11.25
CA ASN B 264 -20.14 -21.51 12.19
C ASN B 264 -18.92 -20.63 12.32
N SER B 265 -17.79 -21.08 11.78
CA SER B 265 -16.55 -20.32 11.88
C SER B 265 -16.47 -19.22 10.82
N GLN B 266 -17.12 -19.45 9.67
CA GLN B 266 -17.13 -18.48 8.58
C GLN B 266 -18.26 -17.47 8.76
N LEU B 267 -18.82 -17.43 9.96
CA LEU B 267 -19.92 -16.54 10.26
C LEU B 267 -19.60 -15.60 11.42
N PRO B 268 -20.16 -14.38 11.38
CA PRO B 268 -19.98 -13.42 12.46
C PRO B 268 -20.96 -13.72 13.59
N PRO B 269 -20.50 -13.60 14.85
CA PRO B 269 -21.41 -13.81 15.97
C PRO B 269 -22.57 -12.82 15.89
N VAL B 270 -23.80 -13.34 15.92
CA VAL B 270 -24.99 -12.50 15.85
C VAL B 270 -25.82 -12.61 17.13
N SER B 271 -26.98 -11.97 17.12
CA SER B 271 -27.84 -11.95 18.31
C SER B 271 -29.10 -12.78 18.13
N TYR B 272 -29.27 -13.36 16.94
CA TYR B 272 -30.47 -14.13 16.64
C TYR B 272 -30.16 -15.58 16.29
N ILE B 273 -31.19 -16.42 16.29
CA ILE B 273 -31.03 -17.81 15.92
C ILE B 273 -31.22 -17.99 14.43
N LYS B 274 -30.19 -18.51 13.76
CA LYS B 274 -30.23 -18.72 12.32
C LYS B 274 -30.89 -20.05 11.98
N ALA B 275 -31.47 -20.14 10.78
CA ALA B 275 -32.10 -21.36 10.33
C ALA B 275 -31.10 -22.50 10.30
N ILE B 276 -29.83 -22.16 10.11
CA ILE B 276 -28.75 -23.14 10.13
C ILE B 276 -28.62 -23.77 11.52
N ASP B 277 -28.84 -22.96 12.55
CA ASP B 277 -28.74 -23.42 13.93
C ASP B 277 -29.84 -24.42 14.24
N VAL B 278 -31.06 -24.13 13.79
CA VAL B 278 -32.18 -25.02 14.01
C VAL B 278 -31.90 -26.39 13.43
N TRP B 279 -31.26 -26.42 12.27
CA TRP B 279 -31.02 -27.68 11.56
C TRP B 279 -29.86 -28.47 12.14
N ILE B 280 -28.82 -27.77 12.56
CA ILE B 280 -27.70 -28.43 13.23
C ILE B 280 -28.15 -28.99 14.57
N GLY B 281 -28.83 -28.15 15.34
CA GLY B 281 -29.30 -28.53 16.67
C GLY B 281 -30.27 -29.69 16.64
N ALA B 282 -31.06 -29.77 15.58
CA ALA B 282 -32.04 -30.84 15.46
C ALA B 282 -31.35 -32.17 15.21
N CYS B 283 -30.53 -32.23 14.16
CA CYS B 283 -29.78 -33.44 13.84
C CYS B 283 -28.99 -33.89 15.06
N MET B 284 -28.45 -32.92 15.78
CA MET B 284 -27.69 -33.18 16.99
C MET B 284 -28.54 -33.96 17.99
N THR B 285 -29.80 -33.55 18.10
CA THR B 285 -30.73 -34.20 19.03
C THR B 285 -31.00 -35.64 18.62
N PHE B 286 -31.27 -35.85 17.33
CA PHE B 286 -31.54 -37.20 16.82
C PHE B 286 -30.43 -38.18 17.16
N ILE B 287 -29.19 -37.70 17.13
CA ILE B 287 -28.04 -38.54 17.45
C ILE B 287 -27.89 -38.67 18.97
N PHE B 288 -28.24 -37.62 19.69
CA PHE B 288 -28.18 -37.66 21.15
C PHE B 288 -29.21 -38.65 21.67
N CYS B 289 -30.39 -38.64 21.08
CA CYS B 289 -31.46 -39.55 21.49
C CYS B 289 -31.13 -40.98 21.10
N ALA B 290 -30.33 -41.16 20.06
CA ALA B 290 -29.85 -42.47 19.69
C ALA B 290 -29.06 -43.06 20.84
N LEU B 291 -28.07 -42.30 21.31
CA LEU B 291 -27.28 -42.71 22.47
C LEU B 291 -28.17 -43.06 23.66
N LEU B 292 -29.07 -42.13 24.01
CA LEU B 292 -30.01 -42.35 25.09
C LEU B 292 -30.73 -43.69 24.90
N GLU B 293 -31.13 -43.96 23.67
CA GLU B 293 -31.82 -45.20 23.36
C GLU B 293 -30.95 -46.41 23.69
N PHE B 294 -29.69 -46.36 23.30
CA PHE B 294 -28.75 -47.43 23.61
C PHE B 294 -28.73 -47.69 25.11
N ALA B 295 -28.54 -46.63 25.88
CA ALA B 295 -28.50 -46.73 27.33
C ALA B 295 -29.79 -47.34 27.88
N LEU B 296 -30.92 -46.80 27.46
CA LEU B 296 -32.22 -47.32 27.89
C LEU B 296 -32.32 -48.81 27.60
N VAL B 297 -32.10 -49.18 26.34
CA VAL B 297 -32.19 -50.58 25.92
C VAL B 297 -31.26 -51.47 26.72
N ASN B 298 -30.00 -51.10 26.81
CA ASN B 298 -28.99 -51.91 27.50
C ASN B 298 -29.23 -52.03 29.00
N HIS B 299 -29.86 -51.01 29.59
CA HIS B 299 -30.10 -50.99 31.02
C HIS B 299 -31.24 -51.93 31.43
N ILE B 300 -32.33 -51.90 30.67
CA ILE B 300 -33.47 -52.75 30.97
C ILE B 300 -33.31 -54.15 30.36
N ALA B 301 -32.19 -54.36 29.68
CA ALA B 301 -31.91 -55.65 29.05
C ALA B 301 -31.26 -56.61 30.03
N ASN B 302 -30.28 -56.10 30.79
CA ASN B 302 -29.57 -56.92 31.76
C ASN B 302 -30.38 -57.16 33.05
N ALA B 303 -31.53 -56.51 33.15
CA ALA B 303 -32.44 -56.76 34.27
C ALA B 303 -32.86 -58.23 34.28
N GLY B 304 -32.77 -58.85 35.44
CA GLY B 304 -33.00 -60.28 35.59
C GLY B 304 -34.25 -60.82 34.92
N THR B 305 -35.39 -60.20 35.20
CA THR B 305 -36.68 -60.65 34.68
C THR B 305 -36.76 -60.56 33.15
N THR B 306 -37.44 -61.51 32.54
CA THR B 306 -37.67 -61.49 31.10
C THR B 306 -38.73 -60.45 30.77
N GLU B 307 -39.38 -59.93 31.81
CA GLU B 307 -40.40 -58.90 31.65
C GLU B 307 -39.80 -57.66 31.00
N TRP B 308 -38.64 -57.24 31.49
CA TRP B 308 -37.96 -56.08 30.95
C TRP B 308 -37.21 -56.43 29.66
N ASN B 309 -36.69 -57.67 29.61
CA ASN B 309 -35.87 -58.08 28.49
C ASN B 309 -36.56 -57.96 27.12
N ASP B 310 -37.80 -58.43 27.04
CA ASP B 310 -38.55 -58.32 25.78
C ASP B 310 -39.06 -56.90 25.54
N ILE B 311 -39.12 -56.10 26.59
CA ILE B 311 -39.40 -54.67 26.46
C ILE B 311 -38.21 -54.00 25.78
N SER B 312 -37.01 -54.41 26.21
CA SER B 312 -35.76 -53.95 25.59
C SER B 312 -35.80 -54.20 24.08
N LYS B 313 -36.16 -55.43 23.70
CA LYS B 313 -36.27 -55.79 22.29
C LYS B 313 -37.28 -54.89 21.58
N ARG B 314 -38.40 -54.64 22.25
CA ARG B 314 -39.47 -53.82 21.69
C ARG B 314 -39.01 -52.40 21.38
N VAL B 315 -38.19 -51.85 22.28
CA VAL B 315 -37.68 -50.49 22.12
C VAL B 315 -36.90 -50.33 20.82
N ASP B 316 -36.08 -51.32 20.49
CA ASP B 316 -35.33 -51.30 19.24
C ASP B 316 -36.26 -51.31 18.03
N LEU B 317 -37.18 -52.26 18.01
CA LEU B 317 -38.14 -52.39 16.92
C LEU B 317 -38.82 -51.06 16.63
N ILE B 318 -39.28 -50.40 17.70
CA ILE B 318 -39.94 -49.11 17.56
C ILE B 318 -38.98 -48.04 17.05
N SER B 319 -37.76 -48.04 17.57
CA SER B 319 -36.76 -47.05 17.18
C SER B 319 -36.42 -47.16 15.70
N ARG B 320 -36.20 -48.39 15.24
CA ARG B 320 -35.81 -48.62 13.84
C ARG B 320 -36.75 -47.93 12.86
N ALA B 321 -37.97 -47.65 13.29
CA ALA B 321 -38.95 -47.00 12.43
C ALA B 321 -39.25 -45.58 12.89
N LEU B 322 -39.42 -45.41 14.19
CA LEU B 322 -39.77 -44.12 14.76
C LEU B 322 -38.75 -43.04 14.39
N PHE B 323 -37.47 -43.34 14.57
CA PHE B 323 -36.41 -42.39 14.26
C PHE B 323 -36.48 -41.87 12.82
N PRO B 324 -36.41 -42.78 11.83
CA PRO B 324 -36.51 -42.33 10.44
C PRO B 324 -37.78 -41.52 10.21
N VAL B 325 -38.92 -42.05 10.62
CA VAL B 325 -40.19 -41.36 10.42
C VAL B 325 -40.15 -39.96 11.01
N LEU B 326 -39.67 -39.84 12.25
CA LEU B 326 -39.60 -38.54 12.91
C LEU B 326 -38.64 -37.59 12.22
N PHE B 327 -37.48 -38.10 11.79
CA PHE B 327 -36.49 -37.29 11.09
C PHE B 327 -37.05 -36.79 9.77
N PHE B 328 -37.84 -37.63 9.11
CA PHE B 328 -38.50 -37.27 7.87
C PHE B 328 -39.53 -36.18 8.14
N VAL B 329 -40.32 -36.35 9.20
CA VAL B 329 -41.28 -35.34 9.61
C VAL B 329 -40.57 -34.02 9.87
N PHE B 330 -39.42 -34.11 10.53
CA PHE B 330 -38.64 -32.90 10.81
C PHE B 330 -38.25 -32.20 9.52
N ASN B 331 -37.63 -32.95 8.61
CA ASN B 331 -37.25 -32.39 7.32
C ASN B 331 -38.39 -31.64 6.65
N ILE B 332 -39.56 -32.26 6.61
CA ILE B 332 -40.73 -31.64 5.99
C ILE B 332 -41.06 -30.31 6.66
N LEU B 333 -41.13 -30.30 7.98
CA LEU B 333 -41.40 -29.08 8.72
C LEU B 333 -40.31 -28.04 8.51
N TYR B 334 -39.06 -28.48 8.57
CA TYR B 334 -37.92 -27.59 8.42
C TYR B 334 -37.93 -26.88 7.07
N TRP B 335 -38.02 -27.67 6.00
CA TRP B 335 -37.89 -27.12 4.66
C TRP B 335 -39.05 -26.23 4.27
N SER B 336 -40.25 -26.55 4.74
CA SER B 336 -41.41 -25.73 4.45
C SER B 336 -41.29 -24.39 5.18
N ARG B 337 -40.56 -24.41 6.29
CA ARG B 337 -40.43 -23.22 7.13
C ARG B 337 -39.33 -22.28 6.67
N PHE B 338 -38.27 -22.84 6.09
CA PHE B 338 -37.09 -22.04 5.74
C PHE B 338 -36.76 -22.05 4.25
N GLY B 339 -37.30 -23.02 3.52
CA GLY B 339 -37.07 -23.10 2.08
C GLY B 339 -38.00 -22.18 1.31
N HIS B 340 -38.93 -21.56 2.03
CA HIS B 340 -39.94 -20.68 1.44
C HIS B 340 -39.31 -19.58 0.59
N SER C 1 -20.43 37.11 -7.26
CA SER C 1 -20.85 37.31 -5.88
C SER C 1 -19.98 36.52 -4.91
N ASP C 2 -20.14 35.20 -4.90
CA ASP C 2 -19.37 34.33 -4.00
C ASP C 2 -17.89 34.34 -4.35
N SER C 3 -17.57 34.22 -5.63
CA SER C 3 -16.19 34.26 -6.09
C SER C 3 -15.56 35.63 -5.85
N LYS C 4 -16.41 36.67 -5.86
CA LYS C 4 -15.97 38.03 -5.58
C LYS C 4 -15.67 38.20 -4.08
N ILE C 5 -16.53 37.64 -3.25
CA ILE C 5 -16.36 37.68 -1.81
C ILE C 5 -15.07 36.96 -1.39
N LEU C 6 -14.76 35.86 -2.07
CA LEU C 6 -13.53 35.12 -1.82
C LEU C 6 -12.33 35.92 -2.28
N ALA C 7 -12.48 36.62 -3.40
CA ALA C 7 -11.42 37.47 -3.92
C ALA C 7 -11.05 38.55 -2.92
N HIS C 8 -12.07 39.20 -2.35
CA HIS C 8 -11.87 40.30 -1.42
C HIS C 8 -11.13 39.86 -0.15
N LEU C 9 -11.28 38.58 0.21
CA LEU C 9 -10.69 38.05 1.44
C LEU C 9 -9.21 37.71 1.28
N PHE C 10 -8.82 37.31 0.08
CA PHE C 10 -7.44 36.89 -0.17
C PHE C 10 -6.66 37.89 -1.01
N THR C 11 -7.33 38.96 -1.43
CA THR C 11 -6.67 40.04 -2.16
C THR C 11 -5.81 40.87 -1.20
N SER C 12 -6.23 40.90 0.06
CA SER C 12 -5.47 41.58 1.11
C SER C 12 -4.30 40.71 1.57
N GLY C 13 -3.62 41.14 2.63
CA GLY C 13 -2.51 40.39 3.16
C GLY C 13 -2.95 39.32 4.15
N TYR C 14 -3.35 38.16 3.62
CA TYR C 14 -3.79 37.06 4.46
C TYR C 14 -2.79 35.91 4.44
N ASP C 15 -2.38 35.47 5.63
CA ASP C 15 -1.43 34.39 5.76
C ASP C 15 -2.06 33.18 6.46
N PHE C 16 -2.18 32.07 5.74
CA PHE C 16 -2.84 30.88 6.26
C PHE C 16 -1.96 30.13 7.26
N ARG C 17 -0.76 30.65 7.49
CA ARG C 17 0.18 30.01 8.41
C ARG C 17 0.07 30.67 9.78
N VAL C 18 -0.47 31.88 9.79
CA VAL C 18 -0.64 32.64 11.01
C VAL C 18 -1.95 32.26 11.71
N ARG C 19 -1.83 31.93 12.99
CA ARG C 19 -2.99 31.66 13.84
C ARG C 19 -3.89 32.88 13.88
N PRO C 20 -5.21 32.66 13.76
CA PRO C 20 -6.17 33.76 13.84
C PRO C 20 -6.00 34.58 15.12
N PRO C 21 -6.07 35.91 15.00
CA PRO C 21 -5.95 36.83 16.14
C PRO C 21 -7.13 36.70 17.11
N THR C 22 -6.98 37.28 18.30
CA THR C 22 -8.03 37.24 19.31
C THR C 22 -8.17 38.59 20.03
N ASP C 23 -9.37 38.87 20.53
CA ASP C 23 -9.64 40.14 21.19
C ASP C 23 -8.75 40.36 22.42
N ASN C 24 -8.68 39.37 23.29
CA ASN C 24 -7.87 39.47 24.50
C ASN C 24 -6.53 38.73 24.38
N GLY C 25 -6.19 38.31 23.18
CA GLY C 25 -4.96 37.59 22.92
C GLY C 25 -5.06 36.12 23.30
N GLY C 26 -6.23 35.71 23.77
CA GLY C 26 -6.45 34.33 24.16
C GLY C 26 -6.20 33.35 23.03
N PRO C 27 -6.42 32.06 23.29
CA PRO C 27 -6.22 31.03 22.28
C PRO C 27 -7.39 30.96 21.30
N VAL C 28 -7.22 30.24 20.21
CA VAL C 28 -8.31 29.98 19.27
C VAL C 28 -9.17 28.86 19.80
N VAL C 29 -10.46 29.12 19.99
CA VAL C 29 -11.38 28.10 20.48
C VAL C 29 -11.99 27.31 19.32
N VAL C 30 -11.72 26.01 19.31
CA VAL C 30 -12.20 25.14 18.25
C VAL C 30 -13.29 24.20 18.75
N SER C 31 -14.53 24.49 18.39
CA SER C 31 -15.65 23.63 18.76
C SER C 31 -15.70 22.42 17.85
N VAL C 32 -15.89 21.25 18.46
CA VAL C 32 -15.82 20.00 17.72
C VAL C 32 -17.12 19.20 17.78
N ASN C 33 -17.65 18.87 16.62
CA ASN C 33 -18.73 17.90 16.52
C ASN C 33 -18.21 16.64 15.83
N MET C 34 -18.77 15.49 16.19
CA MET C 34 -18.29 14.23 15.67
C MET C 34 -19.45 13.31 15.31
N LEU C 35 -19.50 12.87 14.06
CA LEU C 35 -20.55 11.99 13.59
C LEU C 35 -19.99 10.61 13.25
N LEU C 36 -20.26 9.63 14.11
CA LEU C 36 -19.83 8.26 13.87
C LEU C 36 -20.70 7.62 12.79
N ARG C 37 -20.06 7.15 11.72
CA ARG C 37 -20.79 6.53 10.63
C ARG C 37 -20.84 5.01 10.80
N THR C 38 -19.69 4.40 10.99
CA THR C 38 -19.60 2.95 11.15
C THR C 38 -18.52 2.56 12.16
N ILE C 39 -18.82 1.56 12.98
CA ILE C 39 -17.85 1.00 13.89
C ILE C 39 -17.73 -0.50 13.61
N SER C 40 -16.58 -0.91 13.10
CA SER C 40 -16.40 -2.27 12.60
C SER C 40 -15.09 -2.90 13.05
N LYS C 41 -14.81 -4.09 12.53
CA LYS C 41 -13.57 -4.83 12.82
C LYS C 41 -13.04 -4.58 14.23
N ILE C 42 -13.77 -5.06 15.23
CA ILE C 42 -13.34 -4.95 16.61
C ILE C 42 -12.40 -6.11 16.96
N ASP C 43 -11.10 -5.89 16.73
CA ASP C 43 -10.08 -6.91 16.91
C ASP C 43 -9.73 -7.07 18.39
N VAL C 44 -9.94 -8.26 18.92
CA VAL C 44 -9.66 -8.52 20.34
C VAL C 44 -8.22 -8.98 20.55
N VAL C 45 -7.63 -9.56 19.52
CA VAL C 45 -6.26 -10.03 19.58
C VAL C 45 -5.28 -8.84 19.59
N ASN C 46 -5.43 -7.94 18.63
CA ASN C 46 -4.57 -6.77 18.54
C ASN C 46 -5.16 -5.60 19.30
N MET C 47 -6.25 -5.85 20.00
CA MET C 47 -6.92 -4.83 20.80
C MET C 47 -6.98 -3.49 20.09
N GLU C 48 -7.83 -3.44 19.07
CA GLU C 48 -8.07 -2.22 18.31
C GLU C 48 -9.41 -2.36 17.60
N TYR C 49 -9.89 -1.28 17.01
CA TYR C 49 -11.14 -1.32 16.27
C TYR C 49 -11.11 -0.29 15.16
N SER C 50 -11.91 -0.51 14.13
CA SER C 50 -12.00 0.43 13.02
C SER C 50 -13.29 1.24 13.12
N ALA C 51 -13.23 2.50 12.69
CA ALA C 51 -14.39 3.38 12.77
C ALA C 51 -14.28 4.50 11.75
N GLN C 52 -15.34 4.71 10.98
CA GLN C 52 -15.40 5.82 10.04
C GLN C 52 -16.30 6.91 10.60
N LEU C 53 -15.83 8.14 10.56
CA LEU C 53 -16.56 9.25 11.15
C LEU C 53 -16.42 10.53 10.33
N THR C 54 -17.36 11.45 10.53
CA THR C 54 -17.26 12.78 9.95
C THR C 54 -16.86 13.76 11.04
N LEU C 55 -15.65 14.30 10.93
CA LEU C 55 -15.16 15.29 11.87
C LEU C 55 -15.65 16.67 11.47
N ARG C 56 -16.13 17.43 12.44
CA ARG C 56 -16.64 18.78 12.19
C ARG C 56 -16.00 19.78 13.14
N GLU C 57 -15.22 20.70 12.60
CA GLU C 57 -14.54 21.69 13.43
C GLU C 57 -15.05 23.09 13.10
N SER C 58 -15.16 23.93 14.12
CA SER C 58 -15.65 25.29 13.95
C SER C 58 -14.90 26.28 14.83
N TRP C 59 -14.26 27.26 14.20
CA TRP C 59 -13.52 28.31 14.92
C TRP C 59 -13.78 29.65 14.27
N ILE C 60 -13.45 30.73 14.98
CA ILE C 60 -13.62 32.06 14.45
C ILE C 60 -12.31 32.62 13.92
N ASP C 61 -12.37 33.22 12.73
CA ASP C 61 -11.21 33.83 12.10
C ASP C 61 -11.61 35.19 11.55
N LYS C 62 -11.52 36.21 12.40
CA LYS C 62 -11.99 37.55 12.04
C LYS C 62 -11.39 38.06 10.72
N ARG C 63 -10.26 37.48 10.32
CA ARG C 63 -9.61 37.85 9.08
C ARG C 63 -10.42 37.43 7.87
N LEU C 64 -11.35 36.51 8.06
CA LEU C 64 -12.13 35.97 6.95
C LEU C 64 -13.54 36.54 6.90
N SER C 65 -13.87 37.41 7.86
CA SER C 65 -15.18 38.05 7.85
C SER C 65 -15.28 38.97 6.63
N TYR C 66 -16.44 38.94 5.98
CA TYR C 66 -16.63 39.69 4.75
C TYR C 66 -17.94 40.47 4.79
N GLY C 67 -18.92 39.93 5.51
CA GLY C 67 -20.24 40.55 5.58
C GLY C 67 -20.54 41.12 6.94
N VAL C 68 -19.78 40.67 7.95
CA VAL C 68 -19.97 41.12 9.32
C VAL C 68 -21.41 40.91 9.79
N LYS C 69 -22.19 42.00 9.82
CA LYS C 69 -23.61 41.90 10.14
C LYS C 69 -24.33 41.23 8.99
N GLY C 70 -23.80 41.43 7.79
CA GLY C 70 -24.38 40.89 6.58
C GLY C 70 -25.76 41.45 6.34
N ASP C 71 -26.77 40.58 6.44
CA ASP C 71 -28.17 40.98 6.27
C ASP C 71 -28.41 41.60 4.89
N GLY C 72 -27.36 41.61 4.08
CA GLY C 72 -27.44 42.04 2.69
C GLY C 72 -26.66 41.07 1.82
N GLN C 73 -25.71 40.38 2.44
CA GLN C 73 -24.88 39.40 1.76
C GLN C 73 -25.23 37.96 2.16
N PRO C 74 -24.70 36.97 1.43
CA PRO C 74 -24.96 35.56 1.77
C PRO C 74 -24.46 35.22 3.17
N ASP C 75 -25.24 34.44 3.92
CA ASP C 75 -24.89 34.10 5.29
C ASP C 75 -23.46 33.55 5.38
N PHE C 76 -23.14 32.63 4.48
CA PHE C 76 -21.79 32.05 4.42
C PHE C 76 -21.38 31.78 2.99
N VAL C 77 -20.09 31.50 2.79
CA VAL C 77 -19.56 31.23 1.47
C VAL C 77 -18.76 29.94 1.47
N ILE C 78 -19.13 29.00 0.60
CA ILE C 78 -18.37 27.77 0.47
C ILE C 78 -16.97 28.06 -0.05
N LEU C 79 -15.97 27.64 0.70
CA LEU C 79 -14.59 27.86 0.30
C LEU C 79 -14.22 26.95 -0.85
N THR C 80 -13.90 27.57 -1.98
CA THR C 80 -13.49 26.84 -3.18
C THR C 80 -12.01 26.46 -3.09
N VAL C 81 -11.56 25.65 -4.02
CA VAL C 81 -10.17 25.20 -4.07
C VAL C 81 -9.25 26.35 -4.45
N GLY C 82 -8.01 26.31 -3.95
CA GLY C 82 -7.02 27.31 -4.30
C GLY C 82 -6.97 28.45 -3.29
N HIS C 83 -7.81 28.38 -2.27
CA HIS C 83 -7.81 29.37 -1.20
C HIS C 83 -7.38 28.71 0.11
N GLN C 84 -6.25 29.16 0.65
CA GLN C 84 -5.69 28.58 1.86
C GLN C 84 -6.26 29.21 3.13
N ILE C 85 -6.58 28.36 4.09
CA ILE C 85 -7.11 28.81 5.37
C ILE C 85 -6.42 28.10 6.50
N TRP C 86 -6.00 28.85 7.52
CA TRP C 86 -5.44 28.22 8.71
C TRP C 86 -6.47 27.26 9.27
N MET C 87 -6.03 26.03 9.54
CA MET C 87 -6.88 25.04 10.15
C MET C 87 -6.21 24.42 11.36
N PRO C 88 -7.00 24.02 12.36
CA PRO C 88 -6.42 23.33 13.52
C PRO C 88 -5.71 22.06 13.07
N ASP C 89 -4.42 21.94 13.38
CA ASP C 89 -3.63 20.79 12.96
C ASP C 89 -3.95 19.58 13.82
N THR C 90 -5.23 19.30 13.99
CA THR C 90 -5.70 18.24 14.88
C THR C 90 -5.31 16.85 14.37
N PHE C 91 -5.02 15.95 15.32
CA PHE C 91 -4.71 14.56 15.02
C PHE C 91 -5.38 13.66 16.05
N PHE C 92 -5.32 12.35 15.81
CA PHE C 92 -5.93 11.39 16.73
C PHE C 92 -4.86 10.59 17.46
N PRO C 93 -4.53 11.00 18.70
CA PRO C 93 -3.46 10.42 19.52
C PRO C 93 -3.45 8.89 19.54
N ASN C 94 -4.61 8.26 19.58
CA ASN C 94 -4.66 6.80 19.64
C ASN C 94 -4.98 6.14 18.29
N GLU C 95 -4.83 6.90 17.22
CA GLU C 95 -5.00 6.36 15.88
C GLU C 95 -3.75 5.60 15.45
N LYS C 96 -3.95 4.40 14.93
CA LYS C 96 -2.84 3.60 14.43
C LYS C 96 -2.81 3.63 12.90
N GLN C 97 -3.97 3.87 12.30
CA GLN C 97 -4.10 4.01 10.86
C GLN C 97 -5.23 4.99 10.55
N ALA C 98 -5.08 5.78 9.49
CA ALA C 98 -6.09 6.78 9.15
C ALA C 98 -6.12 7.06 7.66
N TYR C 99 -7.31 7.31 7.14
CA TYR C 99 -7.49 7.60 5.72
C TYR C 99 -8.51 8.70 5.51
N LYS C 100 -8.15 9.71 4.71
CA LYS C 100 -9.13 10.66 4.22
C LYS C 100 -9.76 10.04 2.97
N HIS C 101 -11.02 10.36 2.74
CA HIS C 101 -11.70 9.85 1.54
C HIS C 101 -11.67 10.87 0.42
N THR C 102 -10.90 10.57 -0.62
CA THR C 102 -10.80 11.49 -1.75
C THR C 102 -11.04 10.75 -3.06
N ILE C 103 -12.29 10.36 -3.29
CA ILE C 103 -12.66 9.69 -4.52
C ILE C 103 -13.36 10.67 -5.46
N ASP C 104 -12.80 10.83 -6.65
CA ASP C 104 -13.33 11.77 -7.64
C ASP C 104 -13.03 13.18 -7.18
N LYS C 105 -13.40 13.44 -5.93
CA LYS C 105 -13.22 14.73 -5.30
C LYS C 105 -13.00 14.47 -3.81
N PRO C 106 -12.11 15.26 -3.19
CA PRO C 106 -11.87 15.17 -1.75
C PRO C 106 -13.16 15.30 -0.97
N ASN C 107 -13.32 14.50 0.07
CA ASN C 107 -14.53 14.57 0.88
C ASN C 107 -14.43 15.60 2.00
N VAL C 108 -14.39 16.88 1.62
CA VAL C 108 -14.32 17.94 2.61
C VAL C 108 -15.38 19.01 2.36
N LEU C 109 -15.66 19.78 3.39
CA LEU C 109 -16.60 20.89 3.30
C LEU C 109 -16.09 22.04 4.15
N ILE C 110 -15.85 23.18 3.53
CA ILE C 110 -15.42 24.36 4.25
C ILE C 110 -16.37 25.52 3.99
N ARG C 111 -16.84 26.14 5.06
CA ARG C 111 -17.72 27.31 4.95
C ARG C 111 -17.14 28.48 5.71
N ILE C 112 -17.24 29.67 5.12
CA ILE C 112 -16.77 30.88 5.76
C ILE C 112 -17.94 31.83 6.00
N HIS C 113 -18.50 31.81 7.20
CA HIS C 113 -19.61 32.69 7.54
C HIS C 113 -19.17 34.15 7.51
N ASN C 114 -20.14 35.04 7.31
CA ASN C 114 -19.87 36.48 7.25
C ASN C 114 -19.11 37.01 8.47
N ASP C 115 -19.42 36.49 9.63
CA ASP C 115 -18.78 36.95 10.87
C ASP C 115 -17.37 36.40 11.06
N GLY C 116 -16.93 35.57 10.11
CA GLY C 116 -15.60 35.00 10.16
C GLY C 116 -15.57 33.58 10.68
N THR C 117 -16.71 33.10 11.18
CA THR C 117 -16.81 31.74 11.68
C THR C 117 -16.58 30.75 10.55
N VAL C 118 -15.77 29.73 10.82
CA VAL C 118 -15.42 28.73 9.82
C VAL C 118 -15.94 27.35 10.20
N LEU C 119 -16.65 26.70 9.28
CA LEU C 119 -17.04 25.32 9.46
C LEU C 119 -16.16 24.40 8.61
N TYR C 120 -15.65 23.34 9.22
CA TYR C 120 -14.81 22.39 8.53
C TYR C 120 -15.31 20.97 8.75
N SER C 121 -15.67 20.29 7.67
CA SER C 121 -16.14 18.92 7.74
C SER C 121 -15.32 18.02 6.83
N VAL C 122 -15.04 16.81 7.30
CA VAL C 122 -14.21 15.87 6.54
C VAL C 122 -14.48 14.44 6.97
N ARG C 123 -14.52 13.53 6.00
CA ARG C 123 -14.67 12.11 6.30
C ARG C 123 -13.32 11.48 6.56
N ILE C 124 -13.26 10.70 7.63
CA ILE C 124 -12.02 10.04 8.05
C ILE C 124 -12.31 8.62 8.49
N SER C 125 -11.50 7.68 8.00
CA SER C 125 -11.57 6.30 8.47
C SER C 125 -10.37 6.04 9.37
N LEU C 126 -10.63 5.53 10.56
CA LEU C 126 -9.57 5.34 11.55
C LEU C 126 -9.45 3.90 11.99
N VAL C 127 -8.27 3.54 12.48
CA VAL C 127 -8.05 2.28 13.17
C VAL C 127 -7.39 2.62 14.50
N LEU C 128 -8.20 2.65 15.55
CA LEU C 128 -7.76 3.14 16.85
C LEU C 128 -7.43 1.97 17.77
N SER C 129 -6.50 2.20 18.68
CA SER C 129 -6.16 1.18 19.67
C SER C 129 -7.14 1.27 20.84
N CYS C 130 -7.66 0.12 21.25
CA CYS C 130 -8.61 0.06 22.34
C CYS C 130 -8.26 -1.07 23.28
N PRO C 131 -7.52 -0.77 24.35
CA PRO C 131 -7.14 -1.78 25.33
C PRO C 131 -8.38 -2.44 25.90
N MET C 132 -8.44 -3.77 25.79
CA MET C 132 -9.62 -4.51 26.22
C MET C 132 -9.30 -5.41 27.41
N TYR C 133 -10.30 -5.62 28.25
CA TYR C 133 -10.12 -6.41 29.46
C TYR C 133 -11.10 -7.57 29.49
N LEU C 134 -10.57 -8.78 29.34
CA LEU C 134 -11.38 -9.97 29.11
C LEU C 134 -11.63 -10.78 30.36
N GLN C 135 -11.57 -10.15 31.53
CA GLN C 135 -11.82 -10.84 32.79
C GLN C 135 -13.11 -11.66 32.74
N TYR C 136 -14.15 -11.07 32.16
CA TYR C 136 -15.43 -11.74 32.04
C TYR C 136 -15.68 -12.19 30.61
N TYR C 137 -14.61 -12.31 29.84
CA TYR C 137 -14.68 -12.45 28.37
C TYR C 137 -16.06 -12.68 27.74
N PRO C 138 -16.62 -13.89 27.88
CA PRO C 138 -17.85 -14.18 27.15
C PRO C 138 -18.90 -13.10 27.35
N MET C 139 -19.10 -12.69 28.61
CA MET C 139 -20.04 -11.63 28.94
C MET C 139 -19.31 -10.39 29.43
N ASP C 140 -18.56 -9.74 28.55
CA ASP C 140 -17.80 -8.56 28.91
C ASP C 140 -18.36 -7.29 28.25
N VAL C 141 -17.91 -6.15 28.74
CA VAL C 141 -18.17 -4.87 28.07
C VAL C 141 -16.86 -4.11 27.94
N GLN C 142 -16.62 -3.56 26.76
CA GLN C 142 -15.40 -2.82 26.51
C GLN C 142 -15.71 -1.36 26.29
N GLN C 143 -14.75 -0.50 26.58
CA GLN C 143 -14.91 0.93 26.33
C GLN C 143 -13.80 1.43 25.43
N CYS C 144 -14.17 1.78 24.20
CA CYS C 144 -13.20 2.25 23.22
C CYS C 144 -13.38 3.74 22.98
N SER C 145 -12.28 4.40 22.65
CA SER C 145 -12.28 5.85 22.57
C SER C 145 -11.61 6.40 21.33
N ILE C 146 -11.97 7.64 20.99
CA ILE C 146 -11.30 8.38 19.94
C ILE C 146 -10.77 9.66 20.56
N ASP C 147 -9.45 9.81 20.59
CA ASP C 147 -8.85 11.02 21.12
C ASP C 147 -8.58 12.02 20.00
N LEU C 148 -8.66 13.30 20.33
CA LEU C 148 -8.53 14.35 19.34
C LEU C 148 -7.84 15.55 19.97
N ALA C 149 -6.69 15.94 19.42
CA ALA C 149 -5.92 17.04 19.97
C ALA C 149 -5.06 17.71 18.93
N SER C 150 -4.54 18.89 19.24
CA SER C 150 -3.60 19.56 18.36
C SER C 150 -2.22 19.00 18.59
N TYR C 151 -1.38 19.00 17.55
CA TYR C 151 -0.05 18.42 17.68
C TYR C 151 1.02 19.45 18.01
N ALA C 152 0.97 20.59 17.33
CA ALA C 152 2.00 21.60 17.48
C ALA C 152 1.56 22.75 18.38
N TYR C 153 0.28 23.11 18.30
CA TYR C 153 -0.23 24.23 19.07
C TYR C 153 -0.57 23.84 20.50
N THR C 154 -0.08 24.63 21.44
CA THR C 154 -0.24 24.36 22.85
C THR C 154 -1.54 24.96 23.37
N THR C 155 -1.64 25.12 24.69
CA THR C 155 -2.86 25.60 25.32
C THR C 155 -3.09 27.10 25.15
N LYS C 156 -2.04 27.81 24.75
CA LYS C 156 -2.11 29.26 24.60
C LYS C 156 -2.62 29.65 23.23
N ASP C 157 -2.59 28.70 22.30
CA ASP C 157 -2.92 28.99 20.90
C ASP C 157 -4.22 28.34 20.44
N ILE C 158 -4.47 27.13 20.93
CA ILE C 158 -5.61 26.36 20.45
C ILE C 158 -6.26 25.57 21.58
N GLU C 159 -7.57 25.67 21.71
CA GLU C 159 -8.29 24.99 22.77
C GLU C 159 -9.53 24.31 22.20
N TYR C 160 -9.68 23.02 22.47
CA TYR C 160 -10.81 22.27 21.95
C TYR C 160 -11.94 22.19 22.96
N LEU C 161 -13.16 22.36 22.47
CA LEU C 161 -14.36 22.23 23.29
C LEU C 161 -15.42 21.48 22.51
N TRP C 162 -16.08 20.54 23.17
CA TRP C 162 -17.16 19.81 22.52
C TRP C 162 -18.33 20.74 22.25
N LYS C 163 -18.91 20.65 21.05
CA LYS C 163 -20.09 21.41 20.72
C LYS C 163 -21.07 21.33 21.89
N GLU C 164 -21.78 22.42 22.16
CA GLU C 164 -22.64 22.48 23.34
C GLU C 164 -23.80 21.49 23.24
N HIS C 165 -24.43 21.43 22.07
CA HIS C 165 -25.58 20.53 21.86
C HIS C 165 -25.24 19.35 20.95
N SER C 166 -25.47 18.14 21.46
CA SER C 166 -25.16 16.91 20.75
C SER C 166 -23.78 16.95 20.07
N PRO C 167 -22.72 16.83 20.87
CA PRO C 167 -21.34 16.83 20.37
C PRO C 167 -21.06 15.56 19.58
N LEU C 168 -21.56 14.43 20.07
CA LEU C 168 -21.41 13.17 19.38
C LEU C 168 -22.74 12.70 18.81
N GLN C 169 -22.73 12.33 17.52
CA GLN C 169 -23.92 11.83 16.87
C GLN C 169 -23.60 10.50 16.18
N LEU C 170 -24.60 9.65 16.07
CA LEU C 170 -24.44 8.37 15.39
C LEU C 170 -25.34 8.31 14.17
N LYS C 171 -24.81 7.82 13.06
CA LYS C 171 -25.63 7.58 11.88
C LYS C 171 -26.61 6.47 12.18
N VAL C 172 -27.77 6.50 11.53
CA VAL C 172 -28.82 5.54 11.83
C VAL C 172 -28.37 4.10 11.57
N GLY C 173 -27.67 3.89 10.46
CA GLY C 173 -27.22 2.55 10.09
C GLY C 173 -25.87 2.19 10.68
N LEU C 174 -25.71 2.40 11.98
CA LEU C 174 -24.46 2.08 12.66
C LEU C 174 -24.58 0.75 13.41
N SER C 175 -25.62 0.63 14.21
CA SER C 175 -25.85 -0.58 15.00
C SER C 175 -26.14 -1.79 14.12
N SER C 176 -26.61 -1.53 12.90
CA SER C 176 -26.94 -2.59 11.96
C SER C 176 -25.71 -3.07 11.20
N SER C 177 -24.64 -2.29 11.26
CA SER C 177 -23.37 -2.69 10.66
C SER C 177 -22.43 -3.21 11.74
N LEU C 178 -22.96 -3.32 12.96
CA LEU C 178 -22.22 -3.83 14.10
C LEU C 178 -22.99 -5.00 14.71
N PRO C 179 -22.85 -6.18 14.10
CA PRO C 179 -23.65 -7.36 14.44
C PRO C 179 -23.21 -8.04 15.73
N SER C 180 -21.92 -8.02 16.00
CA SER C 180 -21.35 -8.80 17.10
C SER C 180 -21.53 -8.10 18.46
N PHE C 181 -21.69 -6.80 18.43
CA PHE C 181 -21.82 -6.03 19.67
C PHE C 181 -23.07 -5.16 19.69
N GLN C 182 -23.26 -4.46 20.81
CA GLN C 182 -24.36 -3.53 20.99
C GLN C 182 -23.84 -2.25 21.63
N LEU C 183 -23.92 -1.16 20.89
CA LEU C 183 -23.41 0.12 21.39
C LEU C 183 -24.36 0.68 22.44
N THR C 184 -24.12 0.33 23.69
CA THR C 184 -25.03 0.69 24.78
C THR C 184 -24.97 2.16 25.17
N ASN C 185 -23.77 2.69 25.35
CA ASN C 185 -23.60 4.05 25.86
C ASN C 185 -22.46 4.81 25.19
N THR C 186 -22.60 6.13 25.08
CA THR C 186 -21.52 6.98 24.60
C THR C 186 -21.30 8.15 25.55
N SER C 187 -20.07 8.67 25.56
CA SER C 187 -19.73 9.80 26.42
C SER C 187 -18.83 10.78 25.69
N THR C 188 -18.84 12.02 26.15
CA THR C 188 -18.01 13.06 25.54
C THR C 188 -17.21 13.76 26.64
N THR C 189 -15.89 13.60 26.62
CA THR C 189 -15.02 14.06 27.70
C THR C 189 -13.80 14.83 27.20
N TYR C 190 -12.98 15.30 28.13
CA TYR C 190 -11.73 15.97 27.81
C TYR C 190 -10.54 15.17 28.33
N CYS C 191 -9.43 15.23 27.61
CA CYS C 191 -8.23 14.48 27.97
C CYS C 191 -6.97 15.34 27.88
N THR C 192 -7.15 16.66 27.99
CA THR C 192 -6.03 17.59 27.99
C THR C 192 -4.93 17.06 28.88
N SER C 193 -3.71 17.01 28.36
CA SER C 193 -2.58 16.46 29.13
C SER C 193 -1.38 17.39 29.12
N VAL C 194 -0.55 17.28 30.15
CA VAL C 194 0.67 18.07 30.23
C VAL C 194 1.89 17.23 29.84
N THR C 195 2.53 17.60 28.73
CA THR C 195 3.65 16.86 28.19
C THR C 195 4.96 17.61 28.38
N ASN C 196 6.04 17.07 27.84
CA ASN C 196 7.35 17.69 27.97
C ASN C 196 7.52 18.89 27.04
N THR C 197 6.67 18.97 26.02
CA THR C 197 6.73 20.08 25.08
C THR C 197 5.65 21.12 25.39
N GLY C 198 4.83 20.85 26.40
CA GLY C 198 3.80 21.80 26.80
C GLY C 198 2.48 21.13 27.14
N ILE C 199 1.45 21.95 27.37
CA ILE C 199 0.12 21.44 27.72
C ILE C 199 -0.80 21.50 26.51
N TYR C 200 -1.26 20.34 26.05
CA TYR C 200 -2.06 20.27 24.83
C TYR C 200 -3.52 19.92 25.10
N SER C 201 -4.42 20.74 24.56
CA SER C 201 -5.86 20.50 24.70
C SER C 201 -6.26 19.23 23.98
N CYS C 202 -7.23 18.51 24.52
CA CYS C 202 -7.61 17.22 23.95
C CYS C 202 -9.05 16.83 24.27
N LEU C 203 -9.76 16.34 23.26
CA LEU C 203 -11.11 15.82 23.45
C LEU C 203 -11.10 14.31 23.38
N ARG C 204 -12.09 13.67 24.02
CA ARG C 204 -12.19 12.23 23.97
C ARG C 204 -13.64 11.75 23.92
N THR C 205 -14.03 11.17 22.81
CA THR C 205 -15.33 10.53 22.70
C THR C 205 -15.18 9.05 23.02
N THR C 206 -16.15 8.50 23.76
CA THR C 206 -16.05 7.12 24.21
C THR C 206 -17.34 6.36 23.92
N ILE C 207 -17.19 5.17 23.34
CA ILE C 207 -18.32 4.30 23.07
C ILE C 207 -18.20 3.05 23.94
N GLN C 208 -19.34 2.54 24.39
CA GLN C 208 -19.36 1.35 25.23
C GLN C 208 -19.95 0.16 24.47
N LEU C 209 -19.15 -0.90 24.34
CA LEU C 209 -19.56 -2.05 23.55
C LEU C 209 -19.90 -3.25 24.40
N LYS C 210 -21.13 -3.74 24.26
CA LYS C 210 -21.60 -4.90 25.00
C LYS C 210 -21.61 -6.10 24.07
N ARG C 211 -20.88 -7.15 24.45
CA ARG C 211 -20.73 -8.31 23.57
C ARG C 211 -22.02 -9.14 23.50
N GLU C 212 -22.46 -9.42 22.27
CA GLU C 212 -23.65 -10.22 22.06
C GLU C 212 -23.48 -11.64 22.58
N PHE C 213 -24.49 -12.13 23.30
CA PHE C 213 -24.39 -13.39 24.03
C PHE C 213 -24.90 -14.60 23.24
N SER C 214 -25.88 -14.37 22.36
CA SER C 214 -26.51 -15.46 21.61
C SER C 214 -25.50 -16.42 20.99
N PHE C 215 -24.42 -15.87 20.44
CA PHE C 215 -23.39 -16.70 19.80
C PHE C 215 -22.73 -17.63 20.81
N TYR C 216 -22.32 -17.07 21.95
CA TYR C 216 -21.60 -17.86 22.95
C TYR C 216 -22.51 -18.85 23.64
N LEU C 217 -23.80 -18.51 23.73
CA LEU C 217 -24.79 -19.45 24.25
C LEU C 217 -24.84 -20.68 23.36
N LEU C 218 -24.95 -20.46 22.05
CA LEU C 218 -25.12 -21.55 21.11
C LEU C 218 -23.82 -22.28 20.75
N GLN C 219 -22.70 -21.57 20.80
CA GLN C 219 -21.44 -22.13 20.33
C GLN C 219 -20.49 -22.56 21.44
N LEU C 220 -20.88 -22.30 22.69
CA LEU C 220 -20.03 -22.63 23.82
C LEU C 220 -20.78 -23.33 24.95
N TYR C 221 -21.74 -22.64 25.54
CA TYR C 221 -22.44 -23.16 26.71
C TYR C 221 -23.35 -24.34 26.39
N ILE C 222 -24.28 -24.14 25.46
CA ILE C 222 -25.19 -25.21 25.07
C ILE C 222 -24.42 -26.50 24.72
N PRO C 223 -23.47 -26.41 23.78
CA PRO C 223 -22.75 -27.61 23.35
C PRO C 223 -21.89 -28.24 24.43
N SER C 224 -21.52 -27.47 25.45
CA SER C 224 -20.73 -28.02 26.54
C SER C 224 -21.61 -28.75 27.56
N CYS C 225 -22.79 -28.21 27.82
CA CYS C 225 -23.75 -28.89 28.68
C CYS C 225 -24.16 -30.19 28.01
N MET C 226 -24.43 -30.10 26.71
CA MET C 226 -24.78 -31.26 25.91
C MET C 226 -23.66 -32.29 25.96
N LEU C 227 -22.44 -31.81 26.09
CA LEU C 227 -21.28 -32.69 26.13
C LEU C 227 -21.12 -33.31 27.52
N VAL C 228 -21.33 -32.51 28.55
CA VAL C 228 -21.26 -32.99 29.92
C VAL C 228 -22.39 -33.96 30.23
N ILE C 229 -23.57 -33.67 29.69
CA ILE C 229 -24.73 -34.54 29.88
C ILE C 229 -24.50 -35.91 29.26
N VAL C 230 -23.82 -35.95 28.11
CA VAL C 230 -23.51 -37.21 27.46
C VAL C 230 -22.59 -38.08 28.33
N SER C 231 -21.70 -37.43 29.07
CA SER C 231 -20.79 -38.16 29.94
C SER C 231 -21.54 -38.84 31.07
N TRP C 232 -22.79 -38.44 31.28
CA TRP C 232 -23.61 -38.99 32.35
C TRP C 232 -24.36 -40.25 31.94
N VAL C 233 -24.70 -40.35 30.66
CA VAL C 233 -25.48 -41.48 30.18
C VAL C 233 -24.71 -42.78 30.31
N SER C 234 -23.47 -42.69 30.76
CA SER C 234 -22.65 -43.89 30.98
C SER C 234 -22.84 -44.42 32.39
N PHE C 235 -23.52 -43.64 33.22
CA PHE C 235 -23.85 -44.08 34.59
C PHE C 235 -24.99 -45.10 34.55
N TRP C 236 -25.57 -45.28 33.38
CA TRP C 236 -26.73 -46.14 33.23
C TRP C 236 -26.40 -47.42 32.47
N PHE C 237 -25.13 -47.54 32.07
CA PHE C 237 -24.65 -48.78 31.46
C PHE C 237 -24.14 -49.71 32.57
N ASP C 238 -24.43 -51.00 32.43
CA ASP C 238 -23.96 -52.00 33.39
C ASP C 238 -22.45 -51.86 33.63
N ARG C 239 -22.05 -52.02 34.89
CA ARG C 239 -20.66 -51.82 35.27
C ARG C 239 -19.73 -52.81 34.59
N THR C 240 -20.31 -53.85 33.99
CA THR C 240 -19.52 -54.87 33.31
C THR C 240 -19.04 -54.41 31.94
N ALA C 241 -19.89 -53.64 31.24
CA ALA C 241 -19.52 -53.09 29.94
C ALA C 241 -18.82 -51.74 30.09
N ILE C 242 -17.57 -51.79 30.56
CA ILE C 242 -16.77 -50.59 30.75
C ILE C 242 -16.24 -49.98 29.45
N PRO C 243 -16.05 -50.80 28.39
CA PRO C 243 -15.62 -50.20 27.12
C PRO C 243 -16.58 -49.09 26.66
N ALA C 244 -17.87 -49.27 26.90
CA ALA C 244 -18.86 -48.28 26.53
C ALA C 244 -18.70 -47.00 27.36
N ARG C 245 -18.47 -47.17 28.66
CA ARG C 245 -18.30 -46.03 29.56
C ARG C 245 -17.08 -45.20 29.21
N VAL C 246 -15.95 -45.88 29.02
CA VAL C 246 -14.71 -45.20 28.67
C VAL C 246 -14.86 -44.44 27.35
N THR C 247 -15.39 -45.10 26.34
CA THR C 247 -15.61 -44.47 25.04
C THR C 247 -16.39 -43.16 25.16
N LEU C 248 -17.40 -43.16 26.03
CA LEU C 248 -18.18 -41.95 26.28
C LEU C 248 -17.34 -40.89 26.98
N GLY C 249 -16.91 -41.20 28.20
CA GLY C 249 -16.13 -40.27 29.00
C GLY C 249 -14.93 -39.69 28.28
N VAL C 250 -14.18 -40.55 27.61
CA VAL C 250 -12.99 -40.12 26.88
C VAL C 250 -13.32 -39.23 25.69
N THR C 251 -14.30 -39.64 24.89
CA THR C 251 -14.70 -38.87 23.73
C THR C 251 -15.17 -37.48 24.11
N THR C 252 -16.12 -37.39 25.03
CA THR C 252 -16.63 -36.11 25.48
C THR C 252 -15.50 -35.24 26.02
N LEU C 253 -14.55 -35.87 26.71
CA LEU C 253 -13.41 -35.14 27.27
C LEU C 253 -12.53 -34.56 26.17
N LEU C 254 -12.14 -35.40 25.23
CA LEU C 254 -11.35 -34.97 24.09
C LEU C 254 -12.06 -33.85 23.35
N THR C 255 -13.33 -34.06 23.02
CA THR C 255 -14.14 -33.06 22.33
C THR C 255 -14.15 -31.74 23.08
N MET C 256 -14.29 -31.83 24.41
CA MET C 256 -14.29 -30.65 25.25
C MET C 256 -13.02 -29.84 25.02
N THR C 257 -11.89 -30.55 24.91
CA THR C 257 -10.61 -29.92 24.65
C THR C 257 -10.64 -29.14 23.35
N ALA C 258 -11.02 -29.83 22.27
CA ALA C 258 -11.09 -29.22 20.95
C ALA C 258 -11.91 -27.94 20.97
N GLN C 259 -13.12 -28.04 21.52
CA GLN C 259 -14.00 -26.89 21.59
C GLN C 259 -13.32 -25.70 22.26
N SER C 260 -12.60 -25.98 23.35
CA SER C 260 -11.90 -24.93 24.08
C SER C 260 -10.80 -24.31 23.23
N ALA C 261 -10.06 -25.16 22.52
CA ALA C 261 -9.00 -24.69 21.63
C ALA C 261 -9.59 -23.77 20.58
N GLY C 262 -10.83 -24.04 20.20
CA GLY C 262 -11.52 -23.21 19.23
C GLY C 262 -11.74 -21.81 19.73
N ILE C 263 -12.38 -21.69 20.88
CA ILE C 263 -12.64 -20.38 21.48
C ILE C 263 -11.33 -19.68 21.83
N ASN C 264 -10.44 -20.41 22.49
CA ASN C 264 -9.18 -19.84 22.98
C ASN C 264 -8.22 -19.40 21.88
N SER C 265 -8.51 -19.79 20.64
CA SER C 265 -7.63 -19.44 19.53
C SER C 265 -7.90 -18.03 19.01
N GLN C 266 -9.15 -17.58 19.14
CA GLN C 266 -9.54 -16.24 18.69
C GLN C 266 -9.26 -15.21 19.78
N LEU C 267 -8.48 -15.59 20.77
CA LEU C 267 -8.17 -14.71 21.89
C LEU C 267 -6.67 -14.47 22.03
N PRO C 268 -6.28 -13.29 22.50
CA PRO C 268 -4.87 -12.98 22.76
C PRO C 268 -4.44 -13.53 24.10
N PRO C 269 -3.24 -14.09 24.18
CA PRO C 269 -2.75 -14.57 25.48
C PRO C 269 -2.72 -13.43 26.49
N VAL C 270 -3.36 -13.64 27.64
CA VAL C 270 -3.39 -12.62 28.67
C VAL C 270 -2.71 -13.10 29.94
N SER C 271 -2.79 -12.29 31.00
CA SER C 271 -2.12 -12.62 32.25
C SER C 271 -3.10 -12.99 33.37
N TYR C 272 -4.39 -12.92 33.06
CA TYR C 272 -5.42 -13.19 34.05
C TYR C 272 -6.33 -14.36 33.66
N ILE C 273 -7.09 -14.85 34.63
CA ILE C 273 -8.02 -15.93 34.36
C ILE C 273 -9.38 -15.38 33.93
N LYS C 274 -9.82 -15.76 32.74
CA LYS C 274 -11.09 -15.28 32.20
C LYS C 274 -12.24 -16.14 32.70
N ALA C 275 -13.44 -15.55 32.75
CA ALA C 275 -14.62 -16.27 33.18
C ALA C 275 -14.88 -17.47 32.28
N ILE C 276 -14.43 -17.37 31.04
CA ILE C 276 -14.54 -18.46 30.07
C ILE C 276 -13.70 -19.65 30.52
N ASP C 277 -12.55 -19.36 31.12
CA ASP C 277 -11.64 -20.41 31.60
C ASP C 277 -12.26 -21.18 32.75
N VAL C 278 -12.88 -20.46 33.68
CA VAL C 278 -13.53 -21.08 34.82
C VAL C 278 -14.59 -22.07 34.35
N TRP C 279 -15.32 -21.70 33.30
CA TRP C 279 -16.43 -22.53 32.83
C TRP C 279 -15.96 -23.73 32.02
N ILE C 280 -14.92 -23.54 31.22
CA ILE C 280 -14.34 -24.65 30.46
C ILE C 280 -13.70 -25.64 31.43
N GLY C 281 -12.89 -25.11 32.35
CA GLY C 281 -12.19 -25.94 33.31
C GLY C 281 -13.11 -26.72 34.22
N ALA C 282 -14.27 -26.15 34.53
CA ALA C 282 -15.23 -26.80 35.40
C ALA C 282 -15.86 -27.99 34.70
N CYS C 283 -16.45 -27.75 33.53
CA CYS C 283 -17.05 -28.82 32.74
C CYS C 283 -16.04 -29.93 32.51
N MET C 284 -14.79 -29.53 32.28
CA MET C 284 -13.70 -30.46 32.08
C MET C 284 -13.58 -31.39 33.26
N THR C 285 -13.72 -30.83 34.45
CA THR C 285 -13.61 -31.60 35.69
C THR C 285 -14.74 -32.61 35.83
N PHE C 286 -15.96 -32.17 35.57
CA PHE C 286 -17.13 -33.03 35.63
C PHE C 286 -16.97 -34.28 34.77
N ILE C 287 -16.34 -34.12 33.61
CA ILE C 287 -16.13 -35.23 32.71
C ILE C 287 -14.93 -36.07 33.17
N PHE C 288 -13.95 -35.40 33.76
CA PHE C 288 -12.78 -36.09 34.30
C PHE C 288 -13.19 -36.97 35.48
N CYS C 289 -14.08 -36.44 36.32
CA CYS C 289 -14.56 -37.18 37.48
C CYS C 289 -15.46 -38.33 37.06
N ALA C 290 -16.11 -38.18 35.91
CA ALA C 290 -16.91 -39.26 35.35
C ALA C 290 -16.01 -40.47 35.09
N LEU C 291 -14.92 -40.23 34.36
CA LEU C 291 -13.93 -41.27 34.11
C LEU C 291 -13.46 -41.90 35.41
N LEU C 292 -13.03 -41.06 36.35
CA LEU C 292 -12.59 -41.54 37.65
C LEU C 292 -13.64 -42.46 38.27
N GLU C 293 -14.90 -42.06 38.15
CA GLU C 293 -16.00 -42.85 38.69
C GLU C 293 -16.04 -44.23 38.06
N PHE C 294 -15.90 -44.28 36.74
CA PHE C 294 -15.88 -45.56 36.03
C PHE C 294 -14.81 -46.46 36.61
N ALA C 295 -13.59 -45.93 36.72
CA ALA C 295 -12.46 -46.69 37.26
C ALA C 295 -12.76 -47.18 38.68
N LEU C 296 -13.21 -46.27 39.54
CA LEU C 296 -13.57 -46.63 40.91
C LEU C 296 -14.58 -47.77 40.92
N VAL C 297 -15.70 -47.57 40.22
CA VAL C 297 -16.75 -48.56 40.15
C VAL C 297 -16.25 -49.91 39.66
N ASN C 298 -15.56 -49.89 38.52
CA ASN C 298 -15.08 -51.12 37.90
C ASN C 298 -14.03 -51.85 38.73
N HIS C 299 -13.26 -51.10 39.51
CA HIS C 299 -12.18 -51.67 40.31
C HIS C 299 -12.69 -52.42 41.54
N ILE C 300 -13.66 -51.82 42.23
CA ILE C 300 -14.24 -52.45 43.42
C ILE C 300 -15.36 -53.41 43.05
N ALA C 301 -15.64 -53.54 41.75
CA ALA C 301 -16.69 -54.43 41.28
C ALA C 301 -16.16 -55.85 41.08
N ASN C 302 -14.98 -55.96 40.48
CA ASN C 302 -14.37 -57.27 40.24
C ASN C 302 -13.73 -57.87 41.50
N ALA C 303 -13.70 -57.10 42.59
CA ALA C 303 -13.25 -57.62 43.88
C ALA C 303 -14.12 -58.81 44.30
N GLY C 304 -13.47 -59.91 44.68
CA GLY C 304 -14.14 -61.15 44.98
C GLY C 304 -15.37 -61.04 45.88
N THR C 305 -15.21 -60.39 47.03
CA THR C 305 -16.29 -60.25 48.00
C THR C 305 -17.49 -59.47 47.46
N THR C 306 -18.69 -59.88 47.88
CA THR C 306 -19.91 -59.16 47.50
C THR C 306 -20.01 -57.88 48.32
N GLU C 307 -19.14 -57.76 49.32
CA GLU C 307 -19.08 -56.57 50.18
C GLU C 307 -18.79 -55.33 49.33
N TRP C 308 -17.80 -55.44 48.46
CA TRP C 308 -17.42 -54.33 47.58
C TRP C 308 -18.37 -54.23 46.39
N ASN C 309 -18.85 -55.38 45.92
CA ASN C 309 -19.69 -55.43 44.72
C ASN C 309 -20.95 -54.56 44.80
N ASP C 310 -21.67 -54.65 45.92
CA ASP C 310 -22.87 -53.84 46.09
C ASP C 310 -22.53 -52.39 46.44
N ILE C 311 -21.30 -52.15 46.90
CA ILE C 311 -20.80 -50.79 47.07
C ILE C 311 -20.61 -50.18 45.69
N SER C 312 -20.07 -50.98 44.77
CA SER C 312 -19.92 -50.58 43.38
C SER C 312 -21.25 -50.11 42.81
N LYS C 313 -22.29 -50.91 43.02
CA LYS C 313 -23.63 -50.56 42.57
C LYS C 313 -24.09 -49.25 43.19
N ARG C 314 -23.81 -49.09 44.48
CA ARG C 314 -24.22 -47.90 45.21
C ARG C 314 -23.59 -46.63 44.62
N VAL C 315 -22.32 -46.73 44.23
CA VAL C 315 -21.60 -45.60 43.68
C VAL C 315 -22.30 -45.04 42.44
N ASP C 316 -22.79 -45.93 41.58
CA ASP C 316 -23.51 -45.50 40.39
C ASP C 316 -24.79 -44.77 40.76
N LEU C 317 -25.59 -45.40 41.61
CA LEU C 317 -26.86 -44.80 42.04
C LEU C 317 -26.65 -43.37 42.54
N ILE C 318 -25.63 -43.19 43.37
CA ILE C 318 -25.32 -41.86 43.88
C ILE C 318 -24.87 -40.90 42.79
N SER C 319 -24.04 -41.41 41.87
CA SER C 319 -23.53 -40.59 40.77
C SER C 319 -24.64 -40.10 39.86
N ARG C 320 -25.55 -41.00 39.51
CA ARG C 320 -26.66 -40.67 38.61
C ARG C 320 -27.41 -39.42 39.05
N ALA C 321 -27.34 -39.11 40.33
CA ALA C 321 -28.03 -37.95 40.88
C ALA C 321 -27.05 -36.85 41.31
N LEU C 322 -25.99 -37.26 41.98
CA LEU C 322 -25.00 -36.31 42.50
C LEU C 322 -24.41 -35.42 41.40
N PHE C 323 -24.00 -36.05 40.30
CA PHE C 323 -23.41 -35.31 39.18
C PHE C 323 -24.32 -34.21 38.66
N PRO C 324 -25.54 -34.58 38.22
CA PRO C 324 -26.47 -33.54 37.75
C PRO C 324 -26.69 -32.45 38.79
N VAL C 325 -27.00 -32.84 40.01
CA VAL C 325 -27.24 -31.88 41.09
C VAL C 325 -26.05 -30.93 41.26
N LEU C 326 -24.84 -31.49 41.30
CA LEU C 326 -23.64 -30.69 41.47
C LEU C 326 -23.39 -29.76 40.29
N PHE C 327 -23.60 -30.27 39.08
CA PHE C 327 -23.42 -29.46 37.88
C PHE C 327 -24.42 -28.31 37.85
N PHE C 328 -25.64 -28.58 38.32
CA PHE C 328 -26.67 -27.56 38.43
C PHE C 328 -26.26 -26.51 39.45
N VAL C 329 -25.76 -26.96 40.59
CA VAL C 329 -25.26 -26.07 41.62
C VAL C 329 -24.15 -25.20 41.05
N PHE C 330 -23.28 -25.82 40.26
CA PHE C 330 -22.19 -25.07 39.63
C PHE C 330 -22.75 -23.97 38.73
N ASN C 331 -23.63 -24.34 37.82
CA ASN C 331 -24.26 -23.36 36.93
C ASN C 331 -24.80 -22.16 37.71
N ILE C 332 -25.54 -22.43 38.77
CA ILE C 332 -26.11 -21.36 39.59
C ILE C 332 -25.03 -20.42 40.12
N LEU C 333 -23.99 -21.00 40.71
CA LEU C 333 -22.88 -20.21 41.23
C LEU C 333 -22.17 -19.46 40.12
N TYR C 334 -21.91 -20.14 39.02
CA TYR C 334 -21.21 -19.54 37.89
C TYR C 334 -21.93 -18.33 37.33
N TRP C 335 -23.21 -18.50 37.01
CA TRP C 335 -23.98 -17.46 36.34
C TRP C 335 -24.26 -16.25 37.23
N SER C 336 -24.43 -16.48 38.52
CA SER C 336 -24.64 -15.38 39.46
C SER C 336 -23.34 -14.58 39.62
N ARG C 337 -22.22 -15.25 39.39
CA ARG C 337 -20.91 -14.64 39.59
C ARG C 337 -20.43 -13.85 38.36
N PHE C 338 -20.83 -14.30 37.17
CA PHE C 338 -20.31 -13.71 35.93
C PHE C 338 -21.40 -13.13 35.02
N GLY C 339 -22.65 -13.51 35.26
CA GLY C 339 -23.76 -12.99 34.50
C GLY C 339 -24.17 -11.60 34.95
N SER D 1 4.07 39.89 14.35
CA SER D 1 5.12 39.54 15.29
C SER D 1 5.84 38.24 14.90
N ASP D 2 5.13 37.11 15.06
CA ASP D 2 5.70 35.80 14.75
C ASP D 2 5.96 35.63 13.25
N SER D 3 4.99 36.03 12.44
CA SER D 3 5.14 35.99 10.99
C SER D 3 6.24 36.93 10.51
N LYS D 4 6.43 38.03 11.25
CA LYS D 4 7.48 38.99 10.96
C LYS D 4 8.85 38.43 11.31
N ILE D 5 8.92 37.75 12.45
CA ILE D 5 10.16 37.10 12.89
C ILE D 5 10.60 36.03 11.90
N LEU D 6 9.63 35.31 11.35
CA LEU D 6 9.90 34.29 10.34
C LEU D 6 10.37 34.94 9.04
N ALA D 7 9.75 36.07 8.70
CA ALA D 7 10.13 36.82 7.51
C ALA D 7 11.60 37.25 7.60
N HIS D 8 11.99 37.78 8.75
CA HIS D 8 13.36 38.27 8.95
C HIS D 8 14.41 37.18 8.82
N LEU D 9 14.01 35.94 9.10
CA LEU D 9 14.94 34.80 9.07
C LEU D 9 15.18 34.26 7.67
N PHE D 10 14.17 34.37 6.81
CA PHE D 10 14.26 33.81 5.46
C PHE D 10 14.37 34.90 4.39
N THR D 11 14.32 36.16 4.81
CA THR D 11 14.50 37.28 3.90
C THR D 11 15.97 37.38 3.51
N SER D 12 16.85 36.96 4.42
CA SER D 12 18.28 36.92 4.16
C SER D 12 18.63 35.72 3.30
N GLY D 13 19.93 35.47 3.12
CA GLY D 13 20.39 34.35 2.34
C GLY D 13 20.49 33.08 3.16
N TYR D 14 19.36 32.40 3.31
CA TYR D 14 19.34 31.15 4.07
C TYR D 14 19.13 29.95 3.16
N ASP D 15 20.00 28.95 3.30
CA ASP D 15 19.91 27.74 2.49
C ASP D 15 19.65 26.53 3.37
N PHE D 16 18.49 25.90 3.21
CA PHE D 16 18.08 24.76 4.03
C PHE D 16 18.82 23.49 3.64
N ARG D 17 19.69 23.58 2.64
CA ARG D 17 20.44 22.44 2.17
C ARG D 17 21.81 22.42 2.83
N VAL D 18 22.22 23.59 3.32
CA VAL D 18 23.51 23.74 3.98
C VAL D 18 23.41 23.38 5.45
N ARG D 19 24.32 22.50 5.88
CA ARG D 19 24.43 22.13 7.29
C ARG D 19 24.75 23.36 8.12
N PRO D 20 24.07 23.50 9.27
CA PRO D 20 24.32 24.64 10.17
C PRO D 20 25.80 24.76 10.53
N PRO D 21 26.32 26.00 10.55
CA PRO D 21 27.73 26.27 10.91
C PRO D 21 28.03 25.98 12.38
N THR D 22 29.31 25.92 12.72
CA THR D 22 29.73 25.66 14.09
C THR D 22 30.91 26.53 14.49
N ASP D 23 31.01 26.82 15.79
CA ASP D 23 32.07 27.69 16.31
C ASP D 23 33.47 27.16 15.99
N ASN D 24 33.70 25.89 16.31
CA ASN D 24 35.00 25.27 16.07
C ASN D 24 35.03 24.40 14.82
N GLY D 25 33.98 24.49 14.01
CA GLY D 25 33.88 23.71 12.79
C GLY D 25 33.43 22.29 13.05
N GLY D 26 33.17 21.98 14.33
CA GLY D 26 32.72 20.65 14.71
C GLY D 26 31.43 20.24 14.02
N PRO D 27 30.92 19.05 14.35
CA PRO D 27 29.68 18.54 13.75
C PRO D 27 28.46 19.16 14.41
N VAL D 28 27.29 18.97 13.80
CA VAL D 28 26.04 19.40 14.41
C VAL D 28 25.61 18.37 15.43
N VAL D 29 25.42 18.79 16.67
CA VAL D 29 24.99 17.87 17.71
C VAL D 29 23.47 17.82 17.79
N VAL D 30 22.92 16.63 17.56
CA VAL D 30 21.48 16.44 17.56
C VAL D 30 21.03 15.63 18.78
N SER D 31 20.42 16.31 19.75
CA SER D 31 19.91 15.63 20.94
C SER D 31 18.57 14.98 20.63
N VAL D 32 18.42 13.74 21.05
CA VAL D 32 17.24 12.97 20.69
C VAL D 32 16.44 12.50 21.90
N ASN D 33 15.16 12.84 21.90
CA ASN D 33 14.22 12.28 22.86
C ASN D 33 13.24 11.37 22.12
N MET D 34 12.77 10.33 22.79
CA MET D 34 11.91 9.36 22.15
C MET D 34 10.75 8.95 23.07
N LEU D 35 9.53 9.14 22.58
CA LEU D 35 8.35 8.79 23.36
C LEU D 35 7.60 7.63 22.73
N LEU D 36 7.72 6.45 23.33
CA LEU D 36 7.00 5.28 22.85
C LEU D 36 5.53 5.38 23.21
N ARG D 37 4.67 5.29 22.20
CA ARG D 37 3.23 5.38 22.41
C ARG D 37 2.61 4.01 22.55
N THR D 38 2.88 3.14 21.59
CA THR D 38 2.33 1.79 21.59
C THR D 38 3.31 0.77 21.02
N ILE D 39 3.38 -0.40 21.66
CA ILE D 39 4.17 -1.50 21.14
C ILE D 39 3.27 -2.70 20.95
N SER D 40 3.07 -3.07 19.68
CA SER D 40 2.07 -4.08 19.34
C SER D 40 2.58 -5.10 18.33
N LYS D 41 1.70 -5.97 17.87
CA LYS D 41 2.01 -7.00 16.88
C LYS D 41 3.44 -7.52 16.97
N ILE D 42 3.74 -8.22 18.06
CA ILE D 42 5.04 -8.84 18.24
C ILE D 42 5.10 -10.20 17.54
N ASP D 43 5.48 -10.17 16.27
CA ASP D 43 5.49 -11.36 15.43
C ASP D 43 6.72 -12.22 15.70
N VAL D 44 6.48 -13.46 16.14
CA VAL D 44 7.57 -14.37 16.48
C VAL D 44 8.03 -15.16 15.26
N VAL D 45 7.13 -15.34 14.30
CA VAL D 45 7.46 -16.06 13.08
C VAL D 45 8.38 -15.25 12.18
N ASN D 46 8.01 -14.01 11.92
CA ASN D 46 8.82 -13.13 11.08
C ASN D 46 9.79 -12.31 11.92
N MET D 47 9.83 -12.61 13.21
CA MET D 47 10.74 -11.93 14.14
C MET D 47 10.79 -10.44 13.88
N GLU D 48 9.71 -9.76 14.23
CA GLU D 48 9.61 -8.32 14.12
C GLU D 48 8.50 -7.84 15.03
N TYR D 49 8.40 -6.53 15.23
CA TYR D 49 7.35 -5.98 16.05
C TYR D 49 6.98 -4.59 15.56
N SER D 50 5.75 -4.17 15.86
CA SER D 50 5.29 -2.84 15.48
C SER D 50 5.32 -1.90 16.68
N ALA D 51 5.60 -0.63 16.43
CA ALA D 51 5.68 0.35 17.51
C ALA D 51 5.46 1.76 16.97
N GLN D 52 4.58 2.50 17.62
CA GLN D 52 4.34 3.89 17.26
C GLN D 52 5.00 4.79 18.31
N LEU D 53 5.74 5.79 17.85
CA LEU D 53 6.49 6.65 18.76
C LEU D 53 6.53 8.09 18.27
N THR D 54 6.79 9.01 19.20
CA THR D 54 7.01 10.39 18.85
C THR D 54 8.51 10.68 18.92
N LEU D 55 9.10 10.95 17.76
CA LEU D 55 10.52 11.30 17.70
C LEU D 55 10.70 12.79 17.97
N ARG D 56 11.68 13.12 18.81
CA ARG D 56 11.96 14.51 19.15
C ARG D 56 13.43 14.82 18.97
N GLU D 57 13.72 15.70 18.02
CA GLU D 57 15.11 16.06 17.73
C GLU D 57 15.35 17.54 18.04
N SER D 58 16.55 17.85 18.55
CA SER D 58 16.90 19.21 18.91
C SER D 58 18.36 19.52 18.59
N TRP D 59 18.55 20.51 17.73
CA TRP D 59 19.90 20.95 17.37
C TRP D 59 19.94 22.47 17.32
N ILE D 60 21.16 23.02 17.29
CA ILE D 60 21.32 24.47 17.21
C ILE D 60 21.65 24.91 15.80
N ASP D 61 20.96 25.96 15.35
CA ASP D 61 21.17 26.53 14.03
C ASP D 61 21.27 28.04 14.16
N LYS D 62 22.47 28.55 14.41
CA LYS D 62 22.67 29.97 14.67
C LYS D 62 22.09 30.86 13.58
N ARG D 63 21.89 30.30 12.39
CA ARG D 63 21.32 31.04 11.27
C ARG D 63 19.85 31.38 11.51
N LEU D 64 19.22 30.69 12.45
CA LEU D 64 17.80 30.86 12.70
C LEU D 64 17.53 31.68 13.96
N SER D 65 18.59 32.08 14.65
CA SER D 65 18.45 32.93 15.83
C SER D 65 17.88 34.28 15.41
N TYR D 66 16.93 34.79 16.18
CA TYR D 66 16.24 36.03 15.84
C TYR D 66 16.20 36.97 17.04
N GLY D 67 16.14 36.39 18.23
CA GLY D 67 16.03 37.17 19.45
C GLY D 67 17.30 37.13 20.28
N VAL D 68 18.15 36.15 20.02
CA VAL D 68 19.41 35.97 20.75
C VAL D 68 19.16 35.89 22.27
N LYS D 69 19.45 36.97 22.97
CA LYS D 69 19.14 37.05 24.40
C LYS D 69 17.63 37.13 24.59
N GLY D 70 16.96 37.72 23.60
CA GLY D 70 15.52 37.90 23.64
C GLY D 70 15.12 38.79 24.79
N ASP D 71 14.42 38.20 25.75
CA ASP D 71 13.97 38.92 26.95
C ASP D 71 13.09 40.11 26.60
N GLY D 72 12.82 40.27 25.30
CA GLY D 72 11.91 41.27 24.79
C GLY D 72 11.03 40.66 23.73
N GLN D 73 11.52 39.57 23.13
CA GLN D 73 10.80 38.84 22.10
C GLN D 73 10.30 37.49 22.61
N PRO D 74 9.40 36.82 21.83
CA PRO D 74 8.89 35.50 22.22
C PRO D 74 10.01 34.48 22.36
N ASP D 75 9.95 33.64 23.38
CA ASP D 75 11.00 32.67 23.64
C ASP D 75 11.31 31.85 22.38
N PHE D 76 10.26 31.37 21.72
CA PHE D 76 10.42 30.61 20.48
C PHE D 76 9.28 30.90 19.51
N VAL D 77 9.46 30.50 18.26
CA VAL D 77 8.46 30.72 17.24
C VAL D 77 8.12 29.43 16.53
N ILE D 78 6.83 29.08 16.50
CA ILE D 78 6.40 27.89 15.77
C ILE D 78 6.63 28.08 14.28
N LEU D 79 7.39 27.17 13.68
CA LEU D 79 7.66 27.24 12.25
C LEU D 79 6.44 26.88 11.45
N THR D 80 5.95 27.85 10.69
CA THR D 80 4.79 27.65 9.83
C THR D 80 5.21 26.97 8.53
N VAL D 81 4.23 26.57 7.74
CA VAL D 81 4.47 25.91 6.46
C VAL D 81 5.06 26.89 5.43
N GLY D 82 5.88 26.38 4.52
CA GLY D 82 6.44 27.21 3.47
C GLY D 82 7.82 27.74 3.83
N HIS D 83 8.28 27.40 5.03
CA HIS D 83 9.63 27.78 5.46
C HIS D 83 10.50 26.53 5.61
N GLN D 84 11.56 26.46 4.80
CA GLN D 84 12.44 25.30 4.80
C GLN D 84 13.54 25.41 5.84
N ILE D 85 13.78 24.31 6.55
CA ILE D 85 14.83 24.26 7.56
C ILE D 85 15.64 22.99 7.40
N TRP D 86 16.96 23.10 7.44
CA TRP D 86 17.81 21.91 7.42
C TRP D 86 17.42 21.03 8.59
N MET D 87 17.19 19.76 8.32
CA MET D 87 16.88 18.80 9.37
C MET D 87 17.78 17.57 9.26
N PRO D 88 18.12 16.97 10.40
CA PRO D 88 18.90 15.73 10.37
C PRO D 88 18.17 14.68 9.53
N ASP D 89 18.81 14.17 8.49
CA ASP D 89 18.20 13.17 7.62
C ASP D 89 18.18 11.80 8.28
N THR D 90 17.71 11.77 9.52
CA THR D 90 17.74 10.55 10.31
C THR D 90 16.80 9.46 9.78
N PHE D 91 17.22 8.21 9.91
CA PHE D 91 16.41 7.06 9.52
C PHE D 91 16.55 5.96 10.57
N PHE D 92 15.73 4.92 10.44
CA PHE D 92 15.78 3.80 11.37
C PHE D 92 16.36 2.55 10.71
N PRO D 93 17.66 2.31 10.92
CA PRO D 93 18.40 1.21 10.29
C PRO D 93 17.68 -0.14 10.30
N ASN D 94 16.98 -0.47 11.39
CA ASN D 94 16.30 -1.76 11.47
C ASN D 94 14.80 -1.67 11.21
N GLU D 95 14.36 -0.56 10.62
CA GLU D 95 12.96 -0.40 10.24
C GLU D 95 12.70 -1.13 8.93
N LYS D 96 11.63 -1.92 8.90
CA LYS D 96 11.24 -2.64 7.69
C LYS D 96 10.06 -1.94 7.02
N GLN D 97 9.29 -1.21 7.83
CA GLN D 97 8.16 -0.43 7.35
C GLN D 97 7.98 0.80 8.24
N ALA D 98 7.58 1.92 7.65
CA ALA D 98 7.43 3.15 8.41
C ALA D 98 6.37 4.07 7.82
N TYR D 99 5.65 4.78 8.68
CA TYR D 99 4.61 5.69 8.24
C TYR D 99 4.61 6.95 9.08
N LYS D 100 4.60 8.10 8.41
CA LYS D 100 4.32 9.37 9.09
C LYS D 100 2.81 9.51 9.15
N HIS D 101 2.31 10.15 10.20
CA HIS D 101 0.88 10.38 10.34
C HIS D 101 0.50 11.75 9.83
N THR D 102 -0.21 11.80 8.70
CA THR D 102 -0.62 13.07 8.12
C THR D 102 -2.11 13.06 7.81
N ILE D 103 -2.92 13.08 8.86
CA ILE D 103 -4.37 13.12 8.69
C ILE D 103 -4.88 14.53 8.94
N ASP D 104 -5.56 15.08 7.92
CA ASP D 104 -6.08 16.44 7.97
C ASP D 104 -4.92 17.42 7.88
N LYS D 105 -3.92 17.16 8.73
CA LYS D 105 -2.72 17.97 8.83
C LYS D 105 -1.59 17.04 9.25
N PRO D 106 -0.39 17.27 8.68
CA PRO D 106 0.79 16.49 9.06
C PRO D 106 1.03 16.54 10.56
N ASN D 107 1.40 15.43 11.16
CA ASN D 107 1.66 15.38 12.59
C ASN D 107 3.09 15.77 12.94
N VAL D 108 3.43 17.03 12.73
CA VAL D 108 4.75 17.52 13.06
C VAL D 108 4.69 18.78 13.91
N LEU D 109 5.80 19.07 14.59
CA LEU D 109 5.93 20.26 15.40
C LEU D 109 7.35 20.78 15.28
N ILE D 110 7.49 22.00 14.78
CA ILE D 110 8.81 22.62 14.69
C ILE D 110 8.83 23.95 15.43
N ARG D 111 9.82 24.12 16.31
CA ARG D 111 9.98 25.36 17.04
C ARG D 111 11.37 25.94 16.82
N ILE D 112 11.43 27.25 16.65
CA ILE D 112 12.71 27.94 16.48
C ILE D 112 12.94 28.91 17.63
N HIS D 113 13.69 28.47 18.63
CA HIS D 113 13.99 29.33 19.77
C HIS D 113 14.84 30.52 19.36
N ASN D 114 14.77 31.59 20.14
CA ASN D 114 15.51 32.81 19.85
C ASN D 114 17.01 32.58 19.66
N ASP D 115 17.58 31.67 20.44
CA ASP D 115 19.02 31.40 20.38
C ASP D 115 19.40 30.54 19.17
N GLY D 116 18.40 30.15 18.39
CA GLY D 116 18.64 29.35 17.20
C GLY D 116 18.38 27.86 17.40
N THR D 117 18.12 27.46 18.64
CA THR D 117 17.82 26.09 18.97
C THR D 117 16.51 25.65 18.31
N VAL D 118 16.53 24.49 17.68
CA VAL D 118 15.36 23.97 16.96
C VAL D 118 14.81 22.71 17.60
N LEU D 119 13.50 22.71 17.87
CA LEU D 119 12.83 21.49 18.32
C LEU D 119 12.04 20.90 17.17
N TYR D 120 12.18 19.59 16.98
CA TYR D 120 11.46 18.89 15.93
C TYR D 120 10.76 17.65 16.49
N SER D 121 9.44 17.63 16.38
CA SER D 121 8.65 16.50 16.86
C SER D 121 7.79 15.93 15.74
N VAL D 122 7.66 14.61 15.69
CA VAL D 122 6.89 13.95 14.64
C VAL D 122 6.44 12.57 15.06
N ARG D 123 5.22 12.21 14.71
CA ARG D 123 4.70 10.88 14.98
C ARG D 123 5.08 9.92 13.87
N ILE D 124 5.58 8.76 14.26
CA ILE D 124 6.02 7.75 13.31
C ILE D 124 5.58 6.37 13.77
N SER D 125 5.03 5.59 12.86
CA SER D 125 4.71 4.20 13.14
C SER D 125 5.71 3.32 12.42
N LEU D 126 6.32 2.40 13.16
CA LEU D 126 7.39 1.58 12.60
C LEU D 126 7.08 0.10 12.68
N VAL D 127 7.72 -0.67 11.82
CA VAL D 127 7.74 -2.12 11.92
C VAL D 127 9.19 -2.56 11.87
N LEU D 128 9.75 -2.82 13.04
CA LEU D 128 11.18 -3.06 13.18
C LEU D 128 11.46 -4.55 13.28
N SER D 129 12.63 -4.97 12.80
CA SER D 129 13.05 -6.36 12.92
C SER D 129 13.65 -6.59 14.29
N CYS D 130 13.24 -7.66 14.95
CA CYS D 130 13.74 -7.99 16.27
C CYS D 130 14.06 -9.47 16.34
N PRO D 131 15.33 -9.83 16.10
CA PRO D 131 15.75 -11.24 16.17
C PRO D 131 15.43 -11.80 17.55
N MET D 132 14.67 -12.89 17.58
CA MET D 132 14.23 -13.47 18.83
C MET D 132 14.86 -14.84 19.05
N TYR D 133 15.05 -15.19 20.31
CA TYR D 133 15.70 -16.45 20.66
C TYR D 133 14.80 -17.27 21.58
N LEU D 134 14.28 -18.38 21.05
CA LEU D 134 13.23 -19.13 21.70
C LEU D 134 13.74 -20.35 22.46
N GLN D 135 15.01 -20.31 22.88
CA GLN D 135 15.58 -21.43 23.63
C GLN D 135 14.68 -21.84 24.79
N TYR D 136 14.12 -20.86 25.49
CA TYR D 136 13.25 -21.12 26.63
C TYR D 136 11.79 -20.82 26.26
N TYR D 137 11.50 -20.82 24.96
CA TYR D 137 10.25 -20.28 24.41
C TYR D 137 9.16 -19.91 25.42
N PRO D 138 8.48 -20.91 26.00
CA PRO D 138 7.31 -20.59 26.82
C PRO D 138 7.62 -19.51 27.84
N MET D 139 8.75 -19.66 28.54
CA MET D 139 9.19 -18.67 29.53
C MET D 139 10.44 -17.96 29.06
N ASP D 140 10.32 -17.17 28.00
CA ASP D 140 11.47 -16.45 27.45
C ASP D 140 11.37 -14.95 27.67
N VAL D 141 12.48 -14.25 27.45
CA VAL D 141 12.47 -12.79 27.39
C VAL D 141 13.21 -12.35 26.14
N GLN D 142 12.62 -11.41 25.42
CA GLN D 142 13.22 -10.90 24.19
C GLN D 142 13.64 -9.46 24.38
N GLN D 143 14.65 -9.05 23.62
CA GLN D 143 15.09 -7.66 23.65
C GLN D 143 15.01 -7.05 22.25
N CYS D 144 14.07 -6.13 22.08
CA CYS D 144 13.86 -5.50 20.78
C CYS D 144 14.36 -4.06 20.82
N SER D 145 14.80 -3.56 19.69
CA SER D 145 15.45 -2.27 19.64
C SER D 145 14.96 -1.38 18.50
N ILE D 146 15.17 -0.08 18.67
CA ILE D 146 14.94 0.90 17.61
C ILE D 146 16.25 1.63 17.38
N ASP D 147 16.82 1.48 16.20
CA ASP D 147 18.05 2.17 15.86
C ASP D 147 17.75 3.47 15.14
N LEU D 148 18.60 4.45 15.33
CA LEU D 148 18.37 5.78 14.80
C LEU D 148 19.71 6.40 14.41
N ALA D 149 19.86 6.74 13.14
CA ALA D 149 21.13 7.29 12.65
C ALA D 149 20.92 8.16 11.42
N SER D 150 21.94 8.93 11.07
CA SER D 150 21.92 9.71 9.85
C SER D 150 22.31 8.83 8.68
N TYR D 151 21.78 9.12 7.50
CA TYR D 151 22.07 8.27 6.35
C TYR D 151 23.22 8.80 5.50
N ALA D 152 23.21 10.11 5.26
CA ALA D 152 24.20 10.70 4.37
C ALA D 152 25.32 11.40 5.13
N TYR D 153 24.97 12.01 6.26
CA TYR D 153 25.94 12.77 7.03
C TYR D 153 26.78 11.88 7.94
N THR D 154 28.09 12.05 7.87
CA THR D 154 29.03 11.21 8.61
C THR D 154 29.27 11.78 10.00
N THR D 155 30.36 11.36 10.63
CA THR D 155 30.67 11.76 12.00
C THR D 155 31.17 13.19 12.12
N LYS D 156 31.59 13.76 10.99
CA LYS D 156 32.15 15.11 10.98
C LYS D 156 31.06 16.16 10.88
N ASP D 157 29.87 15.75 10.48
CA ASP D 157 28.78 16.68 10.19
C ASP D 157 27.63 16.58 11.19
N ILE D 158 27.34 15.37 11.64
CA ILE D 158 26.18 15.16 12.50
C ILE D 158 26.47 14.09 13.54
N GLU D 159 26.14 14.41 14.79
CA GLU D 159 26.40 13.50 15.90
C GLU D 159 25.17 13.41 16.79
N TYR D 160 24.69 12.20 17.05
CA TYR D 160 23.51 12.01 17.88
C TYR D 160 23.86 11.73 19.32
N LEU D 161 23.12 12.36 20.22
CA LEU D 161 23.28 12.14 21.65
C LEU D 161 21.92 12.06 22.30
N TRP D 162 21.74 11.09 23.19
CA TRP D 162 20.48 10.97 23.91
C TRP D 162 20.31 12.15 24.86
N LYS D 163 19.10 12.70 24.89
CA LYS D 163 18.79 13.77 25.82
C LYS D 163 19.34 13.40 27.19
N GLU D 164 19.82 14.38 27.92
CA GLU D 164 20.47 14.09 29.20
C GLU D 164 19.51 13.51 30.22
N HIS D 165 18.31 14.11 30.31
CA HIS D 165 17.31 13.65 31.28
C HIS D 165 16.14 12.96 30.60
N SER D 166 15.86 11.73 31.05
CA SER D 166 14.80 10.90 30.48
C SER D 166 14.76 10.93 28.95
N PRO D 167 15.73 10.26 28.31
CA PRO D 167 15.83 10.19 26.85
C PRO D 167 14.68 9.37 26.27
N LEU D 168 14.33 8.28 26.95
CA LEU D 168 13.22 7.44 26.53
C LEU D 168 12.07 7.57 27.50
N GLN D 169 10.87 7.81 26.97
CA GLN D 169 9.67 7.91 27.79
C GLN D 169 8.60 7.00 27.24
N LEU D 170 7.72 6.51 28.11
CA LEU D 170 6.62 5.66 27.68
C LEU D 170 5.30 6.35 27.99
N LYS D 171 4.36 6.28 27.06
CA LYS D 171 3.01 6.77 27.31
C LYS D 171 2.34 5.88 28.33
N VAL D 172 1.43 6.45 29.11
CA VAL D 172 0.82 5.70 30.21
C VAL D 172 0.08 4.47 29.72
N GLY D 173 -0.65 4.62 28.61
CA GLY D 173 -1.43 3.53 28.07
C GLY D 173 -0.66 2.66 27.10
N LEU D 174 0.53 2.23 27.49
CA LEU D 174 1.36 1.39 26.64
C LEU D 174 1.27 -0.07 27.07
N SER D 175 1.48 -0.31 28.35
CA SER D 175 1.43 -1.66 28.89
C SER D 175 0.02 -2.26 28.82
N SER D 176 -0.98 -1.41 28.73
CA SER D 176 -2.36 -1.85 28.66
C SER D 176 -2.77 -2.19 27.23
N SER D 177 -1.96 -1.76 26.27
CA SER D 177 -2.17 -2.11 24.86
C SER D 177 -1.23 -3.24 24.47
N LEU D 178 -0.51 -3.76 25.46
CA LEU D 178 0.41 -4.87 25.26
C LEU D 178 0.06 -5.99 26.23
N PRO D 179 -0.96 -6.79 25.86
CA PRO D 179 -1.55 -7.80 26.75
C PRO D 179 -0.70 -9.06 26.89
N SER D 180 -0.02 -9.43 25.82
CA SER D 180 0.69 -10.71 25.78
C SER D 180 2.04 -10.66 26.48
N PHE D 181 2.62 -9.47 26.61
CA PHE D 181 3.92 -9.33 27.23
C PHE D 181 3.91 -8.32 28.37
N GLN D 182 5.07 -8.15 29.00
CA GLN D 182 5.27 -7.19 30.07
C GLN D 182 6.60 -6.47 29.84
N LEU D 183 6.53 -5.16 29.59
CA LEU D 183 7.72 -4.38 29.32
C LEU D 183 8.50 -4.15 30.61
N THR D 184 9.41 -5.06 30.93
CA THR D 184 10.12 -5.04 32.20
C THR D 184 11.18 -3.94 32.30
N ASN D 185 12.02 -3.82 31.27
CA ASN D 185 13.15 -2.89 31.32
C ASN D 185 13.37 -2.17 30.00
N THR D 186 13.89 -0.95 30.06
CA THR D 186 14.31 -0.22 28.88
C THR D 186 15.72 0.33 29.05
N SER D 187 16.42 0.52 27.94
CA SER D 187 17.77 1.05 27.97
C SER D 187 18.00 2.04 26.83
N THR D 188 18.97 2.93 27.02
CA THR D 188 19.29 3.91 26.01
C THR D 188 20.79 3.88 25.72
N THR D 189 21.17 3.47 24.51
CA THR D 189 22.56 3.22 24.18
C THR D 189 22.98 3.85 22.86
N TYR D 190 24.24 3.66 22.48
CA TYR D 190 24.77 4.13 21.21
C TYR D 190 25.22 2.95 20.35
N CYS D 191 25.07 3.10 19.04
CA CYS D 191 25.42 2.02 18.11
C CYS D 191 26.21 2.55 16.91
N THR D 192 26.88 3.69 17.10
CA THR D 192 27.73 4.26 16.08
C THR D 192 28.59 3.16 15.45
N SER D 193 28.59 3.10 14.13
CA SER D 193 29.33 2.06 13.42
C SER D 193 30.21 2.62 12.32
N VAL D 194 31.26 1.89 12.00
CA VAL D 194 32.16 2.28 10.91
C VAL D 194 31.86 1.46 9.65
N THR D 195 31.39 2.15 8.60
CA THR D 195 31.00 1.50 7.36
C THR D 195 31.99 1.79 6.24
N ASN D 196 31.68 1.33 5.03
CA ASN D 196 32.56 1.54 3.89
C ASN D 196 32.47 2.95 3.34
N THR D 197 31.40 3.66 3.69
CA THR D 197 31.21 5.03 3.23
C THR D 197 31.57 6.02 4.33
N GLY D 198 31.95 5.52 5.50
CA GLY D 198 32.36 6.38 6.60
C GLY D 198 31.84 5.94 7.95
N ILE D 199 32.05 6.76 8.96
CA ILE D 199 31.60 6.45 10.32
C ILE D 199 30.33 7.23 10.67
N TYR D 200 29.24 6.51 10.90
CA TYR D 200 27.95 7.15 11.13
C TYR D 200 27.46 7.04 12.57
N SER D 201 27.11 8.20 13.16
CA SER D 201 26.60 8.22 14.52
C SER D 201 25.26 7.51 14.59
N CYS D 202 25.00 6.84 15.72
CA CYS D 202 23.79 6.05 15.84
C CYS D 202 23.33 5.87 17.29
N LEU D 203 22.03 6.04 17.52
CA LEU D 203 21.44 5.80 18.83
C LEU D 203 20.66 4.50 18.81
N ARG D 204 20.50 3.87 19.97
CA ARG D 204 19.71 2.65 20.07
C ARG D 204 18.92 2.57 21.36
N THR D 205 17.60 2.63 21.26
CA THR D 205 16.75 2.41 22.41
C THR D 205 16.34 0.94 22.43
N THR D 206 16.31 0.35 23.61
CA THR D 206 16.03 -1.07 23.74
C THR D 206 14.95 -1.35 24.78
N ILE D 207 13.97 -2.15 24.42
CA ILE D 207 12.92 -2.56 25.35
C ILE D 207 13.05 -4.06 25.62
N GLN D 208 12.74 -4.46 26.85
CA GLN D 208 12.82 -5.87 27.22
C GLN D 208 11.43 -6.44 27.47
N LEU D 209 11.08 -7.47 26.70
CA LEU D 209 9.75 -8.04 26.74
C LEU D 209 9.74 -9.40 27.43
N LYS D 210 8.94 -9.51 28.49
CA LYS D 210 8.79 -10.74 29.24
C LYS D 210 7.46 -11.37 28.87
N ARG D 211 7.51 -12.61 28.36
CA ARG D 211 6.29 -13.27 27.88
C ARG D 211 5.37 -13.68 29.04
N GLU D 212 4.10 -13.31 28.93
CA GLU D 212 3.12 -13.65 29.95
C GLU D 212 2.89 -15.16 30.02
N PHE D 213 2.87 -15.68 31.24
CA PHE D 213 2.87 -17.12 31.46
C PHE D 213 1.46 -17.72 31.61
N SER D 214 0.52 -16.91 32.13
CA SER D 214 -0.82 -17.40 32.40
C SER D 214 -1.44 -18.18 31.23
N PHE D 215 -1.23 -17.69 30.02
CA PHE D 215 -1.76 -18.35 28.84
C PHE D 215 -1.18 -19.75 28.67
N TYR D 216 0.14 -19.86 28.75
CA TYR D 216 0.81 -21.14 28.52
C TYR D 216 0.56 -22.12 29.66
N LEU D 217 0.34 -21.58 30.86
CA LEU D 217 -0.06 -22.42 31.97
C LEU D 217 -1.38 -23.09 31.67
N LEU D 218 -2.35 -22.30 31.23
CA LEU D 218 -3.71 -22.79 31.00
C LEU D 218 -3.89 -23.55 29.68
N GLN D 219 -3.10 -23.18 28.67
CA GLN D 219 -3.30 -23.74 27.33
C GLN D 219 -2.28 -24.80 26.94
N LEU D 220 -1.32 -25.05 27.82
CA LEU D 220 -0.26 -26.02 27.51
C LEU D 220 0.02 -26.97 28.67
N TYR D 221 0.49 -26.41 29.78
CA TYR D 221 0.92 -27.23 30.90
C TYR D 221 -0.24 -27.93 31.61
N ILE D 222 -1.21 -27.15 32.09
CA ILE D 222 -2.38 -27.73 32.74
C ILE D 222 -3.00 -28.85 31.92
N PRO D 223 -3.37 -28.57 30.66
CA PRO D 223 -4.05 -29.58 29.84
C PRO D 223 -3.18 -30.79 29.51
N SER D 224 -1.86 -30.64 29.59
CA SER D 224 -0.98 -31.76 29.34
C SER D 224 -0.84 -32.66 30.56
N CYS D 225 -0.80 -32.05 31.74
CA CYS D 225 -0.79 -32.82 32.98
C CYS D 225 -2.10 -33.57 33.08
N MET D 226 -3.19 -32.87 32.79
CA MET D 226 -4.52 -33.46 32.80
C MET D 226 -4.59 -34.61 31.81
N LEU D 227 -3.82 -34.51 30.73
CA LEU D 227 -3.79 -35.55 29.71
C LEU D 227 -2.93 -36.73 30.15
N VAL D 228 -1.80 -36.44 30.77
CA VAL D 228 -0.92 -37.49 31.27
C VAL D 228 -1.55 -38.23 32.43
N ILE D 229 -2.26 -37.49 33.28
CA ILE D 229 -2.94 -38.09 34.43
C ILE D 229 -4.03 -39.06 33.97
N VAL D 230 -4.71 -38.73 32.88
CA VAL D 230 -5.74 -39.61 32.34
C VAL D 230 -5.14 -40.93 31.87
N SER D 231 -3.91 -40.89 31.36
CA SER D 231 -3.25 -42.10 30.90
C SER D 231 -2.95 -43.04 32.07
N TRP D 232 -3.06 -42.51 33.29
CA TRP D 232 -2.75 -43.29 34.48
C TRP D 232 -3.97 -44.05 35.01
N VAL D 233 -5.15 -43.49 34.79
CA VAL D 233 -6.37 -44.10 35.30
C VAL D 233 -6.63 -45.46 34.67
N SER D 234 -5.79 -45.85 33.71
CA SER D 234 -5.90 -47.16 33.09
C SER D 234 -5.09 -48.22 33.85
N PHE D 235 -4.29 -47.76 34.81
CA PHE D 235 -3.54 -48.66 35.67
C PHE D 235 -4.47 -49.30 36.71
N TRP D 236 -5.71 -48.82 36.76
CA TRP D 236 -6.67 -49.27 37.76
C TRP D 236 -7.78 -50.11 37.16
N PHE D 237 -7.71 -50.31 35.84
CA PHE D 237 -8.62 -51.22 35.17
C PHE D 237 -8.01 -52.62 35.17
N ASP D 238 -8.86 -53.63 35.40
CA ASP D 238 -8.42 -55.02 35.37
C ASP D 238 -7.62 -55.33 34.10
N ARG D 239 -6.55 -56.11 34.25
CA ARG D 239 -5.65 -56.40 33.15
C ARG D 239 -6.34 -57.16 32.02
N THR D 240 -7.53 -57.66 32.31
CA THR D 240 -8.30 -58.43 31.33
C THR D 240 -8.98 -57.52 30.31
N ALA D 241 -9.48 -56.37 30.78
CA ALA D 241 -10.11 -55.39 29.91
C ALA D 241 -9.09 -54.43 29.31
N ILE D 242 -8.29 -54.95 28.37
CA ILE D 242 -7.26 -54.15 27.71
C ILE D 242 -7.82 -53.16 26.68
N PRO D 243 -9.00 -53.44 26.09
CA PRO D 243 -9.56 -52.45 25.17
C PRO D 243 -9.72 -51.08 25.83
N ALA D 244 -10.10 -51.07 27.11
CA ALA D 244 -10.24 -49.82 27.86
C ALA D 244 -8.90 -49.12 28.03
N ARG D 245 -7.87 -49.88 28.36
CA ARG D 245 -6.53 -49.32 28.58
C ARG D 245 -5.97 -48.71 27.30
N VAL D 246 -6.05 -49.45 26.21
CA VAL D 246 -5.55 -48.96 24.92
C VAL D 246 -6.27 -47.68 24.51
N THR D 247 -7.60 -47.71 24.59
CA THR D 247 -8.40 -46.54 24.23
C THR D 247 -7.94 -45.29 24.98
N LEU D 248 -7.61 -45.46 26.26
CA LEU D 248 -7.10 -44.35 27.05
C LEU D 248 -5.71 -43.91 26.58
N GLY D 249 -4.74 -44.81 26.68
CA GLY D 249 -3.38 -44.52 26.31
C GLY D 249 -3.24 -43.95 24.91
N VAL D 250 -3.94 -44.56 23.95
CA VAL D 250 -3.88 -44.12 22.57
C VAL D 250 -4.52 -42.75 22.36
N THR D 251 -5.70 -42.56 22.93
CA THR D 251 -6.38 -41.27 22.81
C THR D 251 -5.56 -40.12 23.37
N THR D 252 -5.12 -40.26 24.61
CA THR D 252 -4.32 -39.22 25.25
C THR D 252 -3.05 -38.94 24.44
N LEU D 253 -2.48 -39.99 23.86
CA LEU D 253 -1.27 -39.85 23.06
C LEU D 253 -1.54 -39.04 21.80
N LEU D 254 -2.57 -39.45 21.07
CA LEU D 254 -2.98 -38.74 19.86
C LEU D 254 -3.27 -37.28 20.19
N THR D 255 -4.10 -37.06 21.21
CA THR D 255 -4.45 -35.71 21.64
C THR D 255 -3.20 -34.88 21.95
N MET D 256 -2.25 -35.51 22.63
CA MET D 256 -0.98 -34.86 22.97
C MET D 256 -0.33 -34.33 21.70
N THR D 257 -0.35 -35.14 20.65
CA THR D 257 0.20 -34.74 19.36
C THR D 257 -0.48 -33.47 18.84
N ALA D 258 -1.80 -33.52 18.76
CA ALA D 258 -2.58 -32.40 18.25
C ALA D 258 -2.23 -31.12 19.00
N GLN D 259 -2.27 -31.18 20.32
CA GLN D 259 -1.97 -30.03 21.16
C GLN D 259 -0.61 -29.43 20.80
N SER D 260 0.38 -30.30 20.59
CA SER D 260 1.72 -29.85 20.25
C SER D 260 1.74 -29.18 18.89
N ALA D 261 1.03 -29.75 17.93
CA ALA D 261 0.92 -29.18 16.59
C ALA D 261 0.33 -27.78 16.68
N GLY D 262 -0.56 -27.58 17.65
CA GLY D 262 -1.18 -26.29 17.87
C GLY D 262 -0.16 -25.24 18.26
N ILE D 263 0.59 -25.52 19.33
CA ILE D 263 1.61 -24.59 19.79
C ILE D 263 2.71 -24.41 18.74
N ASN D 264 3.19 -25.53 18.21
CA ASN D 264 4.31 -25.51 17.26
C ASN D 264 3.99 -24.85 15.93
N SER D 265 2.72 -24.58 15.66
CA SER D 265 2.32 -23.96 14.41
C SER D 265 2.50 -22.45 14.43
N GLN D 266 2.38 -21.86 15.61
CA GLN D 266 2.54 -20.41 15.76
C GLN D 266 4.01 -20.04 15.96
N LEU D 267 4.89 -20.98 15.66
CA LEU D 267 6.32 -20.77 15.83
C LEU D 267 7.07 -20.96 14.53
N PRO D 268 8.17 -20.20 14.36
CA PRO D 268 9.02 -20.34 13.17
C PRO D 268 9.98 -21.51 13.36
N PRO D 269 10.21 -22.29 12.30
CA PRO D 269 11.17 -23.38 12.40
C PRO D 269 12.54 -22.84 12.77
N VAL D 270 13.13 -23.38 13.84
CA VAL D 270 14.44 -22.94 14.29
C VAL D 270 15.46 -24.07 14.19
N SER D 271 16.67 -23.81 14.69
CA SER D 271 17.75 -24.80 14.61
C SER D 271 18.10 -25.39 15.97
N TYR D 272 17.43 -24.93 17.01
CA TYR D 272 17.72 -25.38 18.37
C TYR D 272 16.51 -26.04 19.03
N ILE D 273 16.76 -26.74 20.14
CA ILE D 273 15.69 -27.37 20.90
C ILE D 273 15.14 -26.41 21.94
N LYS D 274 13.85 -26.12 21.85
CA LYS D 274 13.21 -25.19 22.77
C LYS D 274 12.77 -25.91 24.05
N ALA D 275 12.68 -25.17 25.14
CA ALA D 275 12.23 -25.73 26.41
C ALA D 275 10.83 -26.33 26.29
N ILE D 276 10.05 -25.78 25.35
CA ILE D 276 8.72 -26.30 25.07
C ILE D 276 8.79 -27.71 24.50
N ASP D 277 9.82 -27.97 23.70
CA ASP D 277 10.01 -29.28 23.08
C ASP D 277 10.33 -30.33 24.13
N VAL D 278 11.20 -29.98 25.08
CA VAL D 278 11.56 -30.89 26.15
C VAL D 278 10.33 -31.32 26.93
N TRP D 279 9.42 -30.38 27.15
CA TRP D 279 8.25 -30.66 27.97
C TRP D 279 7.18 -31.45 27.22
N ILE D 280 7.00 -31.15 25.94
CA ILE D 280 6.07 -31.91 25.12
C ILE D 280 6.58 -33.33 24.94
N GLY D 281 7.86 -33.45 24.59
CA GLY D 281 8.47 -34.74 24.35
C GLY D 281 8.48 -35.63 25.58
N ALA D 282 8.61 -35.02 26.75
CA ALA D 282 8.62 -35.78 27.99
C ALA D 282 7.25 -36.37 28.29
N CYS D 283 6.23 -35.52 28.34
CA CYS D 283 4.87 -35.98 28.57
C CYS D 283 4.51 -37.06 27.57
N MET D 284 4.96 -36.86 26.33
CA MET D 284 4.73 -37.83 25.26
C MET D 284 5.28 -39.19 25.66
N THR D 285 6.45 -39.20 26.27
CA THR D 285 7.10 -40.44 26.70
C THR D 285 6.29 -41.14 27.79
N PHE D 286 5.87 -40.37 28.79
CA PHE D 286 5.08 -40.91 29.89
C PHE D 286 3.84 -41.65 29.40
N ILE D 287 3.23 -41.12 28.34
CA ILE D 287 2.04 -41.75 27.78
C ILE D 287 2.43 -42.93 26.90
N PHE D 288 3.57 -42.82 26.23
CA PHE D 288 4.08 -43.91 25.41
C PHE D 288 4.44 -45.11 26.28
N CYS D 289 5.06 -44.82 27.42
CA CYS D 289 5.44 -45.89 28.36
C CYS D 289 4.22 -46.51 29.03
N ALA D 290 3.15 -45.73 29.13
CA ALA D 290 1.89 -46.27 29.63
C ALA D 290 1.42 -47.39 28.72
N LEU D 291 1.32 -47.10 27.42
CA LEU D 291 0.97 -48.11 26.43
C LEU D 291 1.88 -49.33 26.56
N LEU D 292 3.19 -49.10 26.53
CA LEU D 292 4.15 -50.19 26.68
C LEU D 292 3.82 -51.02 27.90
N GLU D 293 3.46 -50.36 28.99
CA GLU D 293 3.12 -51.05 30.23
C GLU D 293 1.92 -51.97 30.02
N PHE D 294 0.89 -51.48 29.35
CA PHE D 294 -0.29 -52.28 29.05
C PHE D 294 0.12 -53.55 28.33
N ALA D 295 0.90 -53.39 27.25
CA ALA D 295 1.37 -54.52 26.46
C ALA D 295 2.14 -55.52 27.33
N LEU D 296 3.11 -55.00 28.10
CA LEU D 296 3.90 -55.85 28.99
C LEU D 296 2.99 -56.63 29.93
N VAL D 297 2.14 -55.91 30.64
CA VAL D 297 1.22 -56.53 31.59
C VAL D 297 0.34 -57.59 30.94
N ASN D 298 -0.33 -57.23 29.84
CA ASN D 298 -1.24 -58.14 29.15
C ASN D 298 -0.55 -59.35 28.54
N HIS D 299 0.71 -59.20 28.16
CA HIS D 299 1.45 -60.29 27.52
C HIS D 299 1.88 -61.36 28.51
N ILE D 300 2.38 -60.95 29.68
CA ILE D 300 2.81 -61.88 30.70
C ILE D 300 1.64 -62.33 31.57
N ALA D 301 0.46 -61.81 31.28
CA ALA D 301 -0.73 -62.15 32.05
C ALA D 301 -1.38 -63.43 31.50
N ASN D 302 -1.49 -63.51 30.18
CA ASN D 302 -2.11 -64.67 29.54
C ASN D 302 -1.18 -65.89 29.49
N ALA D 303 0.07 -65.71 29.92
CA ALA D 303 1.01 -66.82 30.04
C ALA D 303 0.45 -67.85 31.02
N GLY D 304 0.46 -69.11 30.59
CA GLY D 304 -0.15 -70.19 31.35
C GLY D 304 0.18 -70.23 32.83
N THR D 305 1.46 -70.20 33.16
CA THR D 305 1.92 -70.28 34.54
C THR D 305 1.44 -69.10 35.41
N THR D 306 1.13 -69.39 36.66
CA THR D 306 0.75 -68.35 37.60
C THR D 306 1.99 -67.58 38.03
N GLU D 307 3.16 -68.09 37.64
CA GLU D 307 4.44 -67.45 37.95
C GLU D 307 4.49 -66.05 37.33
N TRP D 308 4.09 -65.98 36.06
CA TRP D 308 4.06 -64.70 35.34
C TRP D 308 2.83 -63.89 35.71
N ASN D 309 1.72 -64.58 35.96
CA ASN D 309 0.45 -63.91 36.22
C ASN D 309 0.49 -62.93 37.39
N ASP D 310 1.08 -63.34 38.52
CA ASP D 310 1.18 -62.47 39.67
C ASP D 310 2.29 -61.41 39.49
N ILE D 311 3.21 -61.68 38.55
CA ILE D 311 4.19 -60.68 38.15
C ILE D 311 3.47 -59.57 37.39
N SER D 312 2.54 -59.97 36.54
CA SER D 312 1.68 -59.04 35.82
C SER D 312 0.98 -58.10 36.79
N LYS D 313 0.38 -58.68 37.83
CA LYS D 313 -0.29 -57.89 38.86
C LYS D 313 0.67 -56.92 39.52
N ARG D 314 1.88 -57.40 39.80
CA ARG D 314 2.90 -56.60 40.46
C ARG D 314 3.28 -55.36 39.64
N VAL D 315 3.37 -55.55 38.33
CA VAL D 315 3.75 -54.46 37.43
C VAL D 315 2.78 -53.28 37.54
N ASP D 316 1.48 -53.58 37.64
CA ASP D 316 0.48 -52.54 37.80
C ASP D 316 0.67 -51.79 39.11
N LEU D 317 0.76 -52.54 40.20
CA LEU D 317 0.95 -51.95 41.51
C LEU D 317 2.10 -50.96 41.52
N ILE D 318 3.23 -51.37 40.93
CA ILE D 318 4.41 -50.52 40.86
C ILE D 318 4.16 -49.30 39.97
N SER D 319 3.48 -49.51 38.85
CA SER D 319 3.19 -48.42 37.92
C SER D 319 2.30 -47.35 38.55
N ARG D 320 1.25 -47.79 39.24
CA ARG D 320 0.31 -46.87 39.87
C ARG D 320 1.00 -45.82 40.72
N ALA D 321 2.20 -46.12 41.18
CA ALA D 321 2.96 -45.21 42.03
C ALA D 321 4.17 -44.65 41.30
N LEU D 322 4.91 -45.52 40.63
CA LEU D 322 6.13 -45.13 39.93
C LEU D 322 5.89 -44.01 38.93
N PHE D 323 4.86 -44.15 38.10
CA PHE D 323 4.54 -43.15 37.09
C PHE D 323 4.33 -41.75 37.70
N PRO D 324 3.38 -41.61 38.64
CA PRO D 324 3.18 -40.31 39.27
C PRO D 324 4.46 -39.78 39.89
N VAL D 325 5.13 -40.60 40.69
CA VAL D 325 6.37 -40.18 41.34
C VAL D 325 7.40 -39.67 40.32
N LEU D 326 7.59 -40.44 39.25
CA LEU D 326 8.55 -40.07 38.22
C LEU D 326 8.15 -38.79 37.49
N PHE D 327 6.86 -38.65 37.18
CA PHE D 327 6.37 -37.45 36.50
C PHE D 327 6.54 -36.23 37.39
N PHE D 328 6.35 -36.42 38.69
CA PHE D 328 6.57 -35.35 39.66
C PHE D 328 8.05 -34.97 39.72
N VAL D 329 8.91 -35.98 39.73
CA VAL D 329 10.35 -35.75 39.69
C VAL D 329 10.72 -34.98 38.44
N PHE D 330 10.10 -35.35 37.32
CA PHE D 330 10.35 -34.66 36.07
C PHE D 330 9.97 -33.19 36.18
N ASN D 331 8.75 -32.91 36.61
CA ASN D 331 8.31 -31.54 36.81
C ASN D 331 9.31 -30.71 37.61
N ILE D 332 9.76 -31.26 38.73
CA ILE D 332 10.73 -30.57 39.57
C ILE D 332 12.00 -30.22 38.80
N LEU D 333 12.56 -31.21 38.11
CA LEU D 333 13.76 -30.98 37.31
C LEU D 333 13.50 -29.98 36.20
N TYR D 334 12.37 -30.14 35.52
CA TYR D 334 12.02 -29.28 34.39
C TYR D 334 11.91 -27.82 34.81
N TRP D 335 11.11 -27.56 35.83
CA TRP D 335 10.82 -26.19 36.25
C TRP D 335 12.02 -25.47 36.84
N SER D 336 12.88 -26.21 37.54
CA SER D 336 14.08 -25.62 38.11
C SER D 336 15.06 -25.26 37.00
N ARG D 337 14.96 -25.99 35.89
CA ARG D 337 15.88 -25.81 34.76
C ARG D 337 15.46 -24.67 33.82
N PHE D 338 14.16 -24.47 33.68
CA PHE D 338 13.65 -23.50 32.70
C PHE D 338 12.82 -22.38 33.30
N GLY D 339 12.36 -22.56 34.53
CA GLY D 339 11.60 -21.52 35.22
C GLY D 339 12.50 -20.47 35.84
N HIS D 340 13.80 -20.72 35.78
CA HIS D 340 14.81 -19.85 36.39
C HIS D 340 14.68 -18.41 35.92
N SER E 1 31.51 27.41 0.56
CA SER E 1 32.45 26.45 -0.03
C SER E 1 31.73 25.35 -0.80
N ASP E 2 31.08 24.44 -0.07
CA ASP E 2 30.36 23.33 -0.69
C ASP E 2 29.17 23.80 -1.52
N SER E 3 28.39 24.73 -0.96
CA SER E 3 27.26 25.29 -1.67
C SER E 3 27.72 26.10 -2.88
N LYS E 4 28.91 26.67 -2.78
CA LYS E 4 29.50 27.41 -3.88
C LYS E 4 29.96 26.48 -4.99
N ILE E 5 30.56 25.36 -4.59
CA ILE E 5 31.02 24.34 -5.54
C ILE E 5 29.85 23.76 -6.31
N LEU E 6 28.72 23.58 -5.63
CA LEU E 6 27.50 23.10 -6.26
C LEU E 6 26.94 24.14 -7.21
N ALA E 7 27.01 25.40 -6.81
CA ALA E 7 26.56 26.51 -7.64
C ALA E 7 27.33 26.53 -8.97
N HIS E 8 28.65 26.39 -8.88
CA HIS E 8 29.52 26.44 -10.06
C HIS E 8 29.21 25.32 -11.05
N LEU E 9 28.69 24.19 -10.55
CA LEU E 9 28.43 23.03 -11.40
C LEU E 9 27.11 23.14 -12.17
N PHE E 10 26.14 23.83 -11.59
CA PHE E 10 24.82 23.94 -12.20
C PHE E 10 24.53 25.34 -12.73
N THR E 11 25.47 26.26 -12.54
CA THR E 11 25.36 27.60 -13.10
C THR E 11 25.60 27.54 -14.60
N SER E 12 26.40 26.58 -15.04
CA SER E 12 26.66 26.37 -16.46
C SER E 12 25.49 25.64 -17.10
N GLY E 13 25.68 25.23 -18.36
CA GLY E 13 24.65 24.51 -19.07
C GLY E 13 24.70 23.00 -18.81
N TYR E 14 24.11 22.59 -17.70
CA TYR E 14 24.08 21.17 -17.34
C TYR E 14 22.68 20.57 -17.48
N ASP E 15 22.60 19.47 -18.21
CA ASP E 15 21.33 18.80 -18.43
C ASP E 15 21.35 17.39 -17.82
N PHE E 16 20.51 17.17 -16.81
CA PHE E 16 20.47 15.90 -16.09
C PHE E 16 19.78 14.80 -16.90
N ARG E 17 19.31 15.15 -18.09
CA ARG E 17 18.62 14.21 -18.95
C ARG E 17 19.60 13.61 -19.94
N VAL E 18 20.71 14.32 -20.14
CA VAL E 18 21.75 13.88 -21.07
C VAL E 18 22.71 12.92 -20.38
N ARG E 19 22.93 11.77 -21.02
CA ARG E 19 23.92 10.81 -20.57
C ARG E 19 25.30 11.45 -20.54
N PRO E 20 26.07 11.21 -19.45
CA PRO E 20 27.44 11.73 -19.37
C PRO E 20 28.28 11.35 -20.58
N PRO E 21 29.07 12.30 -21.10
CA PRO E 21 29.97 12.08 -22.24
C PRO E 21 31.09 11.10 -21.92
N THR E 22 31.78 10.63 -22.95
CA THR E 22 32.89 9.69 -22.78
C THR E 22 34.05 10.04 -23.73
N ASP E 23 35.26 9.68 -23.32
CA ASP E 23 36.45 9.99 -24.09
C ASP E 23 36.42 9.35 -25.49
N ASN E 24 36.12 8.07 -25.55
CA ASN E 24 36.07 7.36 -26.82
C ASN E 24 34.63 7.15 -27.32
N GLY E 25 33.68 7.83 -26.69
CA GLY E 25 32.28 7.71 -27.07
C GLY E 25 31.64 6.45 -26.52
N GLY E 26 32.41 5.67 -25.78
CA GLY E 26 31.91 4.44 -25.19
C GLY E 26 30.72 4.67 -24.27
N PRO E 27 30.21 3.59 -23.65
CA PRO E 27 29.08 3.69 -22.74
C PRO E 27 29.50 4.18 -21.36
N VAL E 28 28.53 4.54 -20.54
CA VAL E 28 28.80 4.90 -19.16
C VAL E 28 28.96 3.64 -18.33
N VAL E 29 30.11 3.50 -17.67
CA VAL E 29 30.34 2.32 -16.85
C VAL E 29 29.88 2.57 -15.42
N VAL E 30 28.91 1.76 -14.98
CA VAL E 30 28.33 1.90 -13.65
C VAL E 30 28.76 0.76 -12.74
N SER E 31 29.67 1.03 -11.82
CA SER E 31 30.12 0.03 -10.86
C SER E 31 29.09 -0.12 -9.74
N VAL E 32 28.77 -1.36 -9.40
CA VAL E 32 27.70 -1.62 -8.45
C VAL E 32 28.17 -2.40 -7.23
N ASN E 33 27.91 -1.83 -6.05
CA ASN E 33 28.08 -2.54 -4.80
C ASN E 33 26.72 -2.80 -4.18
N MET E 34 26.58 -3.90 -3.46
CA MET E 34 25.29 -4.27 -2.91
C MET E 34 25.44 -4.79 -1.49
N LEU E 35 24.74 -4.15 -0.55
CA LEU E 35 24.79 -4.55 0.84
C LEU E 35 23.44 -5.12 1.31
N LEU E 36 23.39 -6.43 1.46
CA LEU E 36 22.18 -7.09 1.95
C LEU E 36 22.02 -6.84 3.44
N ARG E 37 20.89 -6.28 3.83
CA ARG E 37 20.62 -5.99 5.23
C ARG E 37 19.83 -7.13 5.89
N THR E 38 18.72 -7.50 5.27
CA THR E 38 17.87 -8.55 5.81
C THR E 38 17.25 -9.40 4.70
N ILE E 39 17.20 -10.70 4.92
CA ILE E 39 16.52 -11.61 4.00
C ILE E 39 15.45 -12.37 4.77
N SER E 40 14.19 -12.09 4.47
CA SER E 40 13.07 -12.59 5.26
C SER E 40 11.94 -13.15 4.41
N LYS E 41 10.84 -13.51 5.07
CA LYS E 41 9.65 -14.02 4.41
C LYS E 41 9.94 -14.81 3.14
N ILE E 42 10.56 -15.97 3.31
CA ILE E 42 10.84 -16.87 2.19
C ILE E 42 9.63 -17.75 1.89
N ASP E 43 8.75 -17.24 1.05
CA ASP E 43 7.49 -17.90 0.71
C ASP E 43 7.70 -19.04 -0.28
N VAL E 44 7.36 -20.25 0.14
CA VAL E 44 7.54 -21.43 -0.71
C VAL E 44 6.33 -21.67 -1.60
N VAL E 45 5.17 -21.20 -1.15
CA VAL E 45 3.94 -21.36 -1.93
C VAL E 45 3.94 -20.44 -3.14
N ASN E 46 4.22 -19.16 -2.93
CA ASN E 46 4.26 -18.19 -4.02
C ASN E 46 5.66 -18.07 -4.60
N MET E 47 6.56 -18.91 -4.13
CA MET E 47 7.94 -18.94 -4.60
C MET E 47 8.50 -17.54 -4.78
N GLU E 48 8.74 -16.87 -3.65
CA GLU E 48 9.33 -15.54 -3.64
C GLU E 48 9.93 -15.31 -2.27
N TYR E 49 10.69 -14.24 -2.13
CA TYR E 49 11.27 -13.90 -0.84
C TYR E 49 11.45 -12.40 -0.72
N SER E 50 11.49 -11.90 0.50
CA SER E 50 11.69 -10.48 0.75
C SER E 50 13.12 -10.22 1.19
N ALA E 51 13.65 -9.06 0.80
CA ALA E 51 15.02 -8.70 1.13
C ALA E 51 15.22 -7.19 1.09
N GLN E 52 15.81 -6.65 2.15
CA GLN E 52 16.13 -5.22 2.20
C GLN E 52 17.62 -5.05 1.99
N LEU E 53 18.00 -4.14 1.10
CA LEU E 53 19.40 -3.95 0.76
C LEU E 53 19.74 -2.49 0.52
N THR E 54 21.02 -2.17 0.63
CA THR E 54 21.51 -0.85 0.25
C THR E 54 22.21 -0.95 -1.09
N LEU E 55 21.63 -0.33 -2.11
CA LEU E 55 22.22 -0.30 -3.44
C LEU E 55 23.23 0.83 -3.53
N ARG E 56 24.39 0.53 -4.10
CA ARG E 56 25.45 1.52 -4.25
C ARG E 56 25.95 1.57 -5.68
N GLU E 57 25.73 2.69 -6.35
CA GLU E 57 26.15 2.83 -7.74
C GLU E 57 27.20 3.93 -7.88
N SER E 58 28.16 3.72 -8.77
CA SER E 58 29.24 4.67 -8.96
C SER E 58 29.64 4.78 -10.43
N TRP E 59 29.51 5.98 -10.99
CA TRP E 59 29.87 6.24 -12.38
C TRP E 59 30.60 7.57 -12.48
N ILE E 60 31.27 7.80 -13.60
CA ILE E 60 31.98 9.06 -13.82
C ILE E 60 31.17 10.01 -14.68
N ASP E 61 31.10 11.27 -14.26
CA ASP E 61 30.40 12.30 -14.99
C ASP E 61 31.28 13.54 -15.06
N LYS E 62 32.13 13.61 -16.07
CA LYS E 62 33.12 14.68 -16.18
C LYS E 62 32.48 16.07 -16.09
N ARG E 63 31.18 16.16 -16.37
CA ARG E 63 30.48 17.42 -16.30
C ARG E 63 30.34 17.92 -14.87
N LEU E 64 30.53 17.03 -13.91
CA LEU E 64 30.34 17.38 -12.50
C LEU E 64 31.67 17.58 -11.78
N SER E 65 32.78 17.41 -12.49
CA SER E 65 34.09 17.64 -11.90
C SER E 65 34.24 19.13 -11.57
N TYR E 66 34.78 19.43 -10.40
CA TYR E 66 34.89 20.79 -9.93
C TYR E 66 36.31 21.09 -9.43
N GLY E 67 36.96 20.06 -8.90
CA GLY E 67 38.29 20.22 -8.33
C GLY E 67 39.37 19.55 -9.16
N VAL E 68 38.94 18.62 -10.03
CA VAL E 68 39.87 17.87 -10.88
C VAL E 68 40.95 17.18 -10.04
N LYS E 69 42.16 17.74 -10.04
CA LYS E 69 43.23 17.24 -9.19
C LYS E 69 42.92 17.55 -7.74
N GLY E 70 42.19 18.63 -7.54
CA GLY E 70 41.82 19.08 -6.20
C GLY E 70 43.05 19.44 -5.39
N ASP E 71 43.30 18.63 -4.36
CA ASP E 71 44.46 18.81 -3.49
C ASP E 71 44.47 20.21 -2.85
N GLY E 72 43.43 20.98 -3.13
CA GLY E 72 43.20 22.27 -2.51
C GLY E 72 41.74 22.39 -2.10
N GLN E 73 40.89 21.61 -2.77
CA GLN E 73 39.46 21.60 -2.49
C GLN E 73 39.03 20.29 -1.80
N PRO E 74 37.79 20.26 -1.28
CA PRO E 74 37.28 19.05 -0.62
C PRO E 74 37.26 17.87 -1.59
N ASP E 75 37.64 16.68 -1.10
CA ASP E 75 37.71 15.50 -1.95
C ASP E 75 36.41 15.28 -2.72
N PHE E 76 35.29 15.39 -2.02
CA PHE E 76 33.97 15.24 -2.63
C PHE E 76 32.96 16.19 -1.99
N VAL E 77 31.81 16.34 -2.64
CA VAL E 77 30.77 17.22 -2.13
C VAL E 77 29.44 16.48 -2.07
N ILE E 78 28.81 16.47 -0.91
CA ILE E 78 27.50 15.85 -0.77
C ILE E 78 26.47 16.63 -1.57
N LEU E 79 25.80 15.95 -2.49
CA LEU E 79 24.78 16.59 -3.32
C LEU E 79 23.55 16.91 -2.50
N THR E 80 23.26 18.19 -2.38
CA THR E 80 22.08 18.64 -1.64
C THR E 80 20.84 18.56 -2.54
N VAL E 81 19.68 18.77 -1.93
CA VAL E 81 18.41 18.72 -2.65
C VAL E 81 18.27 19.90 -3.62
N GLY E 82 17.56 19.68 -4.72
CA GLY E 82 17.31 20.75 -5.68
C GLY E 82 18.33 20.75 -6.82
N HIS E 83 19.27 19.82 -6.76
CA HIS E 83 20.26 19.68 -7.82
C HIS E 83 20.07 18.35 -8.54
N GLN E 84 19.73 18.42 -9.82
CA GLN E 84 19.46 17.22 -10.61
C GLN E 84 20.72 16.62 -11.22
N ILE E 85 20.82 15.30 -11.13
CA ILE E 85 21.95 14.57 -11.69
C ILE E 85 21.46 13.36 -12.47
N TRP E 86 22.00 13.17 -13.67
CA TRP E 86 21.68 11.97 -14.43
C TRP E 86 22.06 10.76 -13.58
N MET E 87 21.13 9.83 -13.45
CA MET E 87 21.40 8.60 -12.74
C MET E 87 21.01 7.39 -13.59
N PRO E 88 21.72 6.27 -13.42
CA PRO E 88 21.35 5.05 -14.13
C PRO E 88 19.93 4.67 -13.77
N ASP E 89 19.06 4.55 -14.77
CA ASP E 89 17.66 4.20 -14.53
C ASP E 89 17.49 2.72 -14.22
N THR E 90 18.31 2.22 -13.30
CA THR E 90 18.36 0.80 -13.00
C THR E 90 17.08 0.30 -12.31
N PHE E 91 16.71 -0.93 -12.62
CA PHE E 91 15.55 -1.58 -12.01
C PHE E 91 15.89 -3.03 -11.70
N PHE E 92 15.00 -3.71 -10.98
CA PHE E 92 15.22 -5.10 -10.63
C PHE E 92 14.26 -6.02 -11.39
N PRO E 93 14.74 -6.61 -12.50
CA PRO E 93 13.94 -7.44 -13.41
C PRO E 93 13.04 -8.46 -12.72
N ASN E 94 13.51 -9.08 -11.65
CA ASN E 94 12.71 -10.10 -10.96
C ASN E 94 12.03 -9.58 -9.69
N GLU E 95 11.96 -8.26 -9.54
CA GLU E 95 11.26 -7.65 -8.42
C GLU E 95 9.76 -7.65 -8.68
N LYS E 96 9.00 -8.09 -7.70
CA LYS E 96 7.54 -8.08 -7.80
C LYS E 96 6.96 -6.93 -7.00
N GLN E 97 7.70 -6.50 -5.99
CA GLN E 97 7.33 -5.35 -5.16
C GLN E 97 8.58 -4.66 -4.67
N ALA E 98 8.53 -3.33 -4.57
CA ALA E 98 9.71 -2.57 -4.15
C ALA E 98 9.33 -1.29 -3.42
N TYR E 99 10.13 -0.91 -2.43
CA TYR E 99 9.89 0.30 -1.66
C TYR E 99 11.19 1.03 -1.35
N LYS E 100 11.21 2.33 -1.63
CA LYS E 100 12.27 3.18 -1.13
C LYS E 100 11.89 3.61 0.27
N HIS E 101 12.88 3.81 1.13
CA HIS E 101 12.61 4.25 2.49
C HIS E 101 12.77 5.75 2.61
N THR E 102 11.65 6.44 2.80
CA THR E 102 11.68 7.89 2.93
C THR E 102 10.91 8.33 4.17
N ILE E 103 11.49 8.07 5.34
CA ILE E 103 10.89 8.48 6.59
C ILE E 103 11.59 9.71 7.14
N ASP E 104 10.83 10.79 7.34
CA ASP E 104 11.38 12.05 7.80
C ASP E 104 12.19 12.69 6.69
N LYS E 105 13.08 11.89 6.12
CA LYS E 105 13.95 12.28 5.04
C LYS E 105 14.21 11.05 4.18
N PRO E 106 14.29 11.24 2.86
CA PRO E 106 14.59 10.14 1.94
C PRO E 106 15.91 9.48 2.33
N ASN E 107 15.95 8.15 2.24
CA ASN E 107 17.16 7.41 2.57
C ASN E 107 18.11 7.29 1.39
N VAL E 108 18.69 8.42 0.98
CA VAL E 108 19.64 8.41 -0.12
C VAL E 108 20.92 9.13 0.25
N LEU E 109 21.98 8.84 -0.50
CA LEU E 109 23.26 9.49 -0.33
C LEU E 109 23.90 9.69 -1.69
N ILE E 110 24.17 10.95 -2.04
CA ILE E 110 24.83 11.25 -3.29
C ILE E 110 26.09 12.06 -3.05
N ARG E 111 27.21 11.61 -3.61
CA ARG E 111 28.47 12.33 -3.50
C ARG E 111 29.04 12.63 -4.87
N ILE E 112 29.59 13.83 -5.02
CA ILE E 112 30.22 14.23 -6.27
C ILE E 112 31.69 14.51 -6.05
N HIS E 113 32.54 13.53 -6.32
CA HIS E 113 33.97 13.69 -6.17
C HIS E 113 34.52 14.73 -7.12
N ASN E 114 35.65 15.33 -6.77
CA ASN E 114 36.27 16.36 -7.60
C ASN E 114 36.51 15.92 -9.04
N ASP E 115 36.88 14.66 -9.24
CA ASP E 115 37.16 14.15 -10.58
C ASP E 115 35.90 13.86 -11.39
N GLY E 116 34.75 14.07 -10.78
CA GLY E 116 33.48 13.86 -11.46
C GLY E 116 32.82 12.55 -11.10
N THR E 117 33.53 11.71 -10.37
CA THR E 117 33.00 10.42 -9.93
C THR E 117 31.82 10.63 -8.98
N VAL E 118 30.75 9.88 -9.22
CA VAL E 118 29.54 10.01 -8.43
C VAL E 118 29.24 8.74 -7.65
N LEU E 119 29.01 8.90 -6.35
CA LEU E 119 28.53 7.79 -5.53
C LEU E 119 27.05 7.95 -5.23
N TYR E 120 26.30 6.87 -5.42
CA TYR E 120 24.86 6.89 -5.15
C TYR E 120 24.48 5.72 -4.27
N SER E 121 23.91 6.02 -3.10
CA SER E 121 23.48 4.99 -2.17
C SER E 121 22.02 5.18 -1.82
N VAL E 122 21.29 4.08 -1.70
CA VAL E 122 19.86 4.15 -1.39
C VAL E 122 19.37 2.85 -0.78
N ARG E 123 18.49 2.96 0.22
CA ARG E 123 17.88 1.78 0.83
C ARG E 123 16.65 1.37 0.04
N ILE E 124 16.55 0.07 -0.23
CA ILE E 124 15.44 -0.47 -1.00
C ILE E 124 14.98 -1.78 -0.38
N SER E 125 13.67 -1.92 -0.21
CA SER E 125 13.08 -3.18 0.22
C SER E 125 12.42 -3.85 -0.97
N LEU E 126 12.76 -5.10 -1.23
CA LEU E 126 12.28 -5.79 -2.41
C LEU E 126 11.50 -7.04 -2.05
N VAL E 127 10.65 -7.47 -2.98
CA VAL E 127 10.01 -8.78 -2.92
C VAL E 127 10.24 -9.45 -4.26
N LEU E 128 11.24 -10.32 -4.31
CA LEU E 128 11.70 -10.89 -5.56
C LEU E 128 11.15 -12.29 -5.76
N SER E 129 10.94 -12.68 -7.01
CA SER E 129 10.50 -14.04 -7.30
C SER E 129 11.69 -14.98 -7.31
N CYS E 130 11.54 -16.11 -6.65
CA CYS E 130 12.61 -17.10 -6.57
C CYS E 130 12.04 -18.49 -6.81
N PRO E 131 12.11 -18.97 -8.07
CA PRO E 131 11.61 -20.30 -8.39
C PRO E 131 12.32 -21.34 -7.55
N MET E 132 11.55 -22.14 -6.82
CA MET E 132 12.12 -23.11 -5.90
C MET E 132 11.82 -24.53 -6.36
N TYR E 133 12.73 -25.45 -6.04
CA TYR E 133 12.59 -26.83 -6.47
C TYR E 133 12.62 -27.76 -5.26
N LEU E 134 11.48 -28.37 -4.98
CA LEU E 134 11.27 -29.10 -3.74
C LEU E 134 11.44 -30.61 -3.87
N GLN E 135 12.23 -31.04 -4.87
CA GLN E 135 12.48 -32.46 -5.06
C GLN E 135 12.90 -33.15 -3.77
N TYR E 136 13.76 -32.49 -3.01
CA TYR E 136 14.24 -33.03 -1.75
C TYR E 136 13.61 -32.30 -0.57
N TYR E 137 12.47 -31.66 -0.83
CA TYR E 137 11.88 -30.68 0.09
C TYR E 137 12.49 -30.57 1.50
N PRO E 138 12.23 -31.56 2.38
CA PRO E 138 12.66 -31.39 3.77
C PRO E 138 14.12 -30.98 3.87
N MET E 139 14.99 -31.67 3.12
CA MET E 139 16.41 -31.35 3.09
C MET E 139 16.81 -30.79 1.73
N ASP E 140 16.32 -29.60 1.41
CA ASP E 140 16.61 -28.98 0.12
C ASP E 140 17.50 -27.74 0.27
N VAL E 141 18.05 -27.28 -0.84
CA VAL E 141 18.71 -25.98 -0.89
C VAL E 141 18.18 -25.19 -2.08
N GLN E 142 17.87 -23.93 -1.85
CA GLN E 142 17.34 -23.07 -2.89
C GLN E 142 18.35 -21.99 -3.24
N GLN E 143 18.28 -21.50 -4.47
CA GLN E 143 19.13 -20.40 -4.89
C GLN E 143 18.29 -19.23 -5.38
N CYS E 144 18.28 -18.16 -4.62
CA CYS E 144 17.50 -16.98 -4.94
C CYS E 144 18.41 -15.86 -5.41
N SER E 145 17.89 -15.01 -6.28
CA SER E 145 18.73 -14.00 -6.93
C SER E 145 18.10 -12.62 -6.94
N ILE E 146 18.95 -11.61 -7.09
CA ILE E 146 18.50 -10.25 -7.32
C ILE E 146 19.11 -9.77 -8.63
N ASP E 147 18.27 -9.50 -9.62
CA ASP E 147 18.75 -9.02 -10.90
C ASP E 147 18.72 -7.49 -10.93
N LEU E 148 19.66 -6.91 -11.66
CA LEU E 148 19.81 -5.47 -11.69
C LEU E 148 20.26 -5.05 -13.08
N ALA E 149 19.45 -4.21 -13.73
CA ALA E 149 19.76 -3.79 -15.10
C ALA E 149 19.14 -2.44 -15.42
N SER E 150 19.59 -1.83 -16.51
CA SER E 150 18.97 -0.58 -16.98
C SER E 150 17.74 -0.93 -17.79
N TYR E 151 16.75 -0.03 -17.78
CA TYR E 151 15.51 -0.31 -18.49
C TYR E 151 15.48 0.29 -19.88
N ALA E 152 15.93 1.53 -20.01
CA ALA E 152 15.85 2.23 -21.28
C ALA E 152 17.17 2.25 -22.01
N TYR E 153 18.26 2.35 -21.26
CA TYR E 153 19.59 2.46 -21.87
C TYR E 153 20.15 1.11 -22.25
N THR E 154 20.61 1.01 -23.48
CA THR E 154 21.11 -0.25 -24.04
C THR E 154 22.59 -0.44 -23.72
N THR E 155 23.26 -1.31 -24.46
CA THR E 155 24.66 -1.64 -24.19
C THR E 155 25.63 -0.56 -24.65
N LYS E 156 25.14 0.35 -25.48
CA LYS E 156 25.99 1.41 -26.03
C LYS E 156 26.06 2.61 -25.08
N ASP E 157 25.13 2.67 -24.14
CA ASP E 157 24.99 3.84 -23.29
C ASP E 157 25.35 3.56 -21.84
N ILE E 158 25.02 2.37 -21.36
CA ILE E 158 25.22 2.05 -19.95
C ILE E 158 25.63 0.60 -19.77
N GLU E 159 26.68 0.38 -18.99
CA GLU E 159 27.20 -0.96 -18.77
C GLU E 159 27.47 -1.16 -17.28
N TYR E 160 26.91 -2.24 -16.72
CA TYR E 160 27.08 -2.51 -15.30
C TYR E 160 28.22 -3.48 -15.06
N LEU E 161 29.00 -3.18 -14.02
CA LEU E 161 30.09 -4.05 -13.60
C LEU E 161 30.11 -4.13 -12.10
N TRP E 162 30.29 -5.33 -11.56
CA TRP E 162 30.38 -5.49 -10.11
C TRP E 162 31.67 -4.85 -9.61
N LYS E 163 31.56 -4.12 -8.50
CA LYS E 163 32.74 -3.53 -7.85
C LYS E 163 33.82 -4.60 -7.80
N GLU E 164 35.08 -4.18 -7.97
CA GLU E 164 36.16 -5.14 -8.06
C GLU E 164 36.38 -5.89 -6.75
N HIS E 165 36.34 -5.16 -5.64
CA HIS E 165 36.56 -5.77 -4.33
C HIS E 165 35.27 -5.82 -3.50
N SER E 166 34.92 -7.03 -3.05
CA SER E 166 33.70 -7.26 -2.28
C SER E 166 32.48 -6.54 -2.87
N PRO E 167 31.97 -7.05 -4.00
CA PRO E 167 30.79 -6.48 -4.65
C PRO E 167 29.53 -6.69 -3.81
N LEU E 168 29.42 -7.87 -3.20
CA LEU E 168 28.30 -8.17 -2.34
C LEU E 168 28.75 -8.25 -0.89
N GLN E 169 28.05 -7.55 -0.01
CA GLN E 169 28.34 -7.57 1.41
C GLN E 169 27.09 -7.89 2.20
N LEU E 170 27.25 -8.52 3.35
CA LEU E 170 26.13 -8.83 4.21
C LEU E 170 26.27 -8.09 5.53
N LYS E 171 25.17 -7.54 6.03
CA LYS E 171 25.17 -6.93 7.36
C LYS E 171 25.32 -8.03 8.39
N VAL E 172 25.92 -7.70 9.52
CA VAL E 172 26.22 -8.71 10.53
C VAL E 172 24.95 -9.39 11.05
N GLY E 173 23.91 -8.61 11.28
CA GLY E 173 22.67 -9.15 11.80
C GLY E 173 21.71 -9.62 10.72
N LEU E 174 22.22 -10.43 9.80
CA LEU E 174 21.39 -10.96 8.71
C LEU E 174 20.98 -12.40 9.00
N SER E 175 21.96 -13.23 9.32
CA SER E 175 21.71 -14.65 9.60
C SER E 175 20.88 -14.82 10.87
N SER E 176 20.90 -13.83 11.75
CA SER E 176 20.16 -13.89 13.00
C SER E 176 18.70 -13.46 12.80
N SER E 177 18.42 -12.83 11.66
CA SER E 177 17.06 -12.45 11.31
C SER E 177 16.49 -13.46 10.31
N LEU E 178 17.27 -14.51 10.06
CA LEU E 178 16.87 -15.58 9.15
C LEU E 178 16.97 -16.91 9.88
N PRO E 179 15.94 -17.23 10.68
CA PRO E 179 15.95 -18.37 11.60
C PRO E 179 15.74 -19.71 10.91
N SER E 180 14.92 -19.71 9.86
CA SER E 180 14.49 -20.94 9.23
C SER E 180 15.52 -21.51 8.26
N PHE E 181 16.41 -20.65 7.76
CA PHE E 181 17.42 -21.08 6.81
C PHE E 181 18.84 -20.71 7.25
N GLN E 182 19.81 -21.09 6.43
CA GLN E 182 21.21 -20.78 6.66
C GLN E 182 21.83 -20.34 5.34
N LEU E 183 22.26 -19.08 5.28
CA LEU E 183 22.84 -18.53 4.06
C LEU E 183 24.24 -19.06 3.85
N THR E 184 24.35 -20.20 3.16
CA THR E 184 25.62 -20.90 3.01
C THR E 184 26.60 -20.22 2.05
N ASN E 185 26.11 -19.83 0.88
CA ASN E 185 26.99 -19.28 -0.15
C ASN E 185 26.36 -18.11 -0.91
N THR E 186 27.20 -17.19 -1.38
CA THR E 186 26.75 -16.10 -2.25
C THR E 186 27.63 -16.01 -3.48
N SER E 187 27.07 -15.49 -4.56
CA SER E 187 27.82 -15.33 -5.80
C SER E 187 27.48 -14.02 -6.48
N THR E 188 28.39 -13.55 -7.31
CA THR E 188 28.17 -12.30 -8.04
C THR E 188 28.44 -12.52 -9.53
N THR E 189 27.39 -12.41 -10.35
CA THR E 189 27.46 -12.78 -11.75
C THR E 189 26.85 -11.72 -12.67
N TYR E 190 26.88 -12.00 -13.98
CA TYR E 190 26.28 -11.12 -14.97
C TYR E 190 25.15 -11.86 -15.70
N CYS E 191 24.12 -11.12 -16.10
CA CYS E 191 22.97 -11.70 -16.76
C CYS E 191 22.54 -10.89 -17.97
N THR E 192 23.48 -10.13 -18.54
CA THR E 192 23.23 -9.35 -19.74
C THR E 192 22.46 -10.21 -20.74
N SER E 193 21.37 -9.68 -21.27
CA SER E 193 20.54 -10.43 -22.20
C SER E 193 20.23 -9.63 -23.47
N VAL E 194 19.96 -10.34 -24.56
CA VAL E 194 19.59 -9.70 -25.81
C VAL E 194 18.07 -9.78 -26.02
N THR E 195 17.42 -8.63 -26.02
CA THR E 195 15.97 -8.55 -26.14
C THR E 195 15.55 -8.01 -27.50
N ASN E 196 14.25 -7.81 -27.67
CA ASN E 196 13.74 -7.29 -28.95
C ASN E 196 13.97 -5.80 -29.11
N THR E 197 14.23 -5.12 -28.00
CA THR E 197 14.49 -3.69 -28.04
C THR E 197 15.98 -3.39 -27.96
N GLY E 198 16.80 -4.43 -27.83
CA GLY E 198 18.24 -4.25 -27.79
C GLY E 198 18.92 -5.14 -26.77
N ILE E 199 20.22 -4.93 -26.58
CA ILE E 199 21.00 -5.70 -25.62
C ILE E 199 21.23 -4.91 -24.33
N TYR E 200 20.70 -5.41 -23.23
CA TYR E 200 20.76 -4.68 -21.96
C TYR E 200 21.70 -5.31 -20.94
N SER E 201 22.62 -4.51 -20.41
CA SER E 201 23.56 -4.98 -19.40
C SER E 201 22.82 -5.34 -18.13
N CYS E 202 23.29 -6.36 -17.43
CA CYS E 202 22.60 -6.85 -16.24
C CYS E 202 23.51 -7.56 -15.25
N LEU E 203 23.34 -7.24 -13.97
CA LEU E 203 24.08 -7.91 -12.90
C LEU E 203 23.15 -8.87 -12.16
N ARG E 204 23.72 -9.89 -11.55
CA ARG E 204 22.93 -10.84 -10.76
C ARG E 204 23.67 -11.32 -9.53
N THR E 205 23.17 -10.93 -8.36
CA THR E 205 23.70 -11.46 -7.11
C THR E 205 22.84 -12.64 -6.69
N THR E 206 23.48 -13.69 -6.19
CA THR E 206 22.78 -14.92 -5.84
C THR E 206 23.12 -15.40 -4.44
N ILE E 207 22.09 -15.74 -3.66
CA ILE E 207 22.30 -16.28 -2.33
C ILE E 207 21.83 -17.73 -2.31
N GLN E 208 22.51 -18.55 -1.54
CA GLN E 208 22.13 -19.96 -1.43
C GLN E 208 21.58 -20.27 -0.05
N LEU E 209 20.33 -20.75 -0.01
CA LEU E 209 19.64 -20.99 1.25
C LEU E 209 19.51 -22.47 1.56
N LYS E 210 20.04 -22.86 2.72
CA LYS E 210 19.97 -24.24 3.17
C LYS E 210 18.91 -24.35 4.26
N ARG E 211 17.91 -25.20 4.04
CA ARG E 211 16.80 -25.30 4.97
C ARG E 211 17.21 -25.97 6.28
N GLU E 212 16.88 -25.34 7.40
CA GLU E 212 17.20 -25.88 8.72
C GLU E 212 16.43 -27.17 8.97
N PHE E 213 17.14 -28.16 9.50
CA PHE E 213 16.59 -29.52 9.62
C PHE E 213 15.95 -29.80 10.98
N SER E 214 16.44 -29.14 12.02
CA SER E 214 15.97 -29.40 13.38
C SER E 214 14.45 -29.43 13.50
N PHE E 215 13.79 -28.52 12.81
CA PHE E 215 12.34 -28.44 12.84
C PHE E 215 11.69 -29.70 12.26
N TYR E 216 12.16 -30.11 11.09
CA TYR E 216 11.56 -31.26 10.41
C TYR E 216 11.92 -32.56 11.10
N LEU E 217 13.06 -32.59 11.78
CA LEU E 217 13.41 -33.73 12.62
C LEU E 217 12.38 -33.90 13.72
N LEU E 218 12.10 -32.80 14.42
CA LEU E 218 11.21 -32.85 15.58
C LEU E 218 9.72 -32.87 15.23
N GLN E 219 9.36 -32.28 14.10
CA GLN E 219 7.94 -32.12 13.77
C GLN E 219 7.45 -33.09 12.71
N LEU E 220 8.35 -33.88 12.16
CA LEU E 220 7.97 -34.82 11.10
C LEU E 220 8.53 -36.22 11.31
N TYR E 221 9.85 -36.34 11.31
CA TYR E 221 10.49 -37.65 11.38
C TYR E 221 10.33 -38.32 12.75
N ILE E 222 10.76 -37.65 13.80
CA ILE E 222 10.61 -38.19 15.15
C ILE E 222 9.18 -38.66 15.41
N PRO E 223 8.20 -37.77 15.24
CA PRO E 223 6.80 -38.13 15.57
C PRO E 223 6.24 -39.23 14.66
N SER E 224 6.81 -39.42 13.48
CA SER E 224 6.35 -40.47 12.59
C SER E 224 6.93 -41.83 12.97
N CYS E 225 8.20 -41.84 13.37
CA CYS E 225 8.80 -43.07 13.88
C CYS E 225 8.07 -43.49 15.14
N MET E 226 7.83 -42.50 16.01
CA MET E 226 7.09 -42.74 17.25
C MET E 226 5.71 -43.29 16.94
N LEU E 227 5.16 -42.88 15.79
CA LEU E 227 3.83 -43.32 15.39
C LEU E 227 3.88 -44.73 14.80
N VAL E 228 4.90 -45.00 13.99
CA VAL E 228 5.09 -46.32 13.41
C VAL E 228 5.44 -47.35 14.48
N ILE E 229 6.25 -46.93 15.45
CA ILE E 229 6.64 -47.83 16.54
C ILE E 229 5.43 -48.23 17.38
N VAL E 230 4.49 -47.31 17.56
CA VAL E 230 3.27 -47.61 18.31
C VAL E 230 2.45 -48.69 17.60
N SER E 231 2.48 -48.68 16.28
CA SER E 231 1.72 -49.66 15.50
C SER E 231 2.29 -51.06 15.71
N TRP E 232 3.50 -51.12 16.28
CA TRP E 232 4.17 -52.40 16.49
C TRP E 232 3.81 -53.04 17.83
N VAL E 233 3.50 -52.20 18.82
CA VAL E 233 3.20 -52.70 20.15
C VAL E 233 1.93 -53.55 20.17
N SER E 234 1.28 -53.64 19.02
CA SER E 234 0.08 -54.48 18.90
C SER E 234 0.44 -55.90 18.49
N PHE E 235 1.70 -56.11 18.12
CA PHE E 235 2.20 -57.44 17.80
C PHE E 235 2.40 -58.26 19.08
N TRP E 236 2.27 -57.60 20.22
CA TRP E 236 2.53 -58.23 21.51
C TRP E 236 1.25 -58.46 22.30
N PHE E 237 0.12 -58.06 21.72
CA PHE E 237 -1.18 -58.35 22.30
C PHE E 237 -1.66 -59.69 21.78
N ASP E 238 -2.26 -60.49 22.65
CA ASP E 238 -2.83 -61.79 22.27
C ASP E 238 -3.73 -61.65 21.04
N ARG E 239 -3.63 -62.62 20.14
CA ARG E 239 -4.35 -62.58 18.87
C ARG E 239 -5.87 -62.58 19.07
N THR E 240 -6.30 -62.90 20.29
CA THR E 240 -7.71 -62.98 20.62
C THR E 240 -8.31 -61.58 20.83
N ALA E 241 -7.53 -60.68 21.44
CA ALA E 241 -7.96 -59.31 21.66
C ALA E 241 -7.62 -58.43 20.48
N ILE E 242 -8.35 -58.62 19.38
CA ILE E 242 -8.14 -57.86 18.16
C ILE E 242 -8.66 -56.41 18.24
N PRO E 243 -9.67 -56.14 19.08
CA PRO E 243 -10.11 -54.74 19.21
C PRO E 243 -8.96 -53.82 19.59
N ALA E 244 -8.05 -54.30 20.44
CA ALA E 244 -6.90 -53.52 20.86
C ALA E 244 -5.95 -53.27 19.67
N ARG E 245 -5.71 -54.31 18.87
CA ARG E 245 -4.82 -54.21 17.73
C ARG E 245 -5.34 -53.22 16.69
N VAL E 246 -6.61 -53.35 16.33
CA VAL E 246 -7.24 -52.46 15.37
C VAL E 246 -7.18 -51.01 15.84
N THR E 247 -7.58 -50.77 17.09
CA THR E 247 -7.55 -49.44 17.66
C THR E 247 -6.18 -48.79 17.50
N LEU E 248 -5.13 -49.58 17.70
CA LEU E 248 -3.76 -49.07 17.54
C LEU E 248 -3.47 -48.77 16.08
N GLY E 249 -3.50 -49.81 15.25
CA GLY E 249 -3.19 -49.67 13.84
C GLY E 249 -3.99 -48.58 13.14
N VAL E 250 -5.29 -48.53 13.42
CA VAL E 250 -6.16 -47.55 12.79
C VAL E 250 -5.87 -46.14 13.27
N THR E 251 -5.71 -45.96 14.58
CA THR E 251 -5.40 -44.66 15.14
C THR E 251 -4.11 -44.09 14.59
N THR E 252 -3.02 -44.86 14.68
CA THR E 252 -1.74 -44.41 14.18
C THR E 252 -1.82 -44.08 12.70
N LEU E 253 -2.61 -44.85 11.95
CA LEU E 253 -2.77 -44.62 10.52
C LEU E 253 -3.47 -43.30 10.25
N LEU E 254 -4.61 -43.10 10.92
CA LEU E 254 -5.36 -41.86 10.80
C LEU E 254 -4.47 -40.67 11.17
N THR E 255 -3.82 -40.76 12.33
CA THR E 255 -2.93 -39.70 12.79
C THR E 255 -1.86 -39.41 11.75
N MET E 256 -1.30 -40.45 11.16
CA MET E 256 -0.29 -40.31 10.13
C MET E 256 -0.81 -39.42 9.01
N THR E 257 -2.06 -39.64 8.63
CA THR E 257 -2.72 -38.84 7.60
C THR E 257 -2.73 -37.37 7.98
N ALA E 258 -3.28 -37.08 9.17
CA ALA E 258 -3.37 -35.72 9.66
C ALA E 258 -2.03 -35.01 9.62
N GLN E 259 -1.01 -35.65 10.17
CA GLN E 259 0.32 -35.08 10.20
C GLN E 259 0.80 -34.69 8.80
N SER E 260 0.53 -35.57 7.84
CA SER E 260 0.93 -35.32 6.46
C SER E 260 0.18 -34.12 5.88
N ALA E 261 -1.12 -34.05 6.17
CA ALA E 261 -1.93 -32.92 5.73
C ALA E 261 -1.38 -31.63 6.28
N GLY E 262 -0.80 -31.70 7.47
CA GLY E 262 -0.19 -30.55 8.09
C GLY E 262 0.98 -30.03 7.29
N ILE E 263 1.95 -30.90 7.04
CA ILE E 263 3.13 -30.52 6.27
C ILE E 263 2.76 -30.13 4.85
N ASN E 264 1.94 -30.97 4.21
CA ASN E 264 1.56 -30.76 2.81
C ASN E 264 0.71 -29.52 2.55
N SER E 265 0.20 -28.90 3.62
CA SER E 265 -0.64 -27.71 3.48
C SER E 265 0.19 -26.44 3.29
N GLN E 266 1.40 -26.43 3.86
CA GLN E 266 2.29 -25.29 3.75
C GLN E 266 3.12 -25.35 2.47
N LEU E 267 2.71 -26.23 1.56
CA LEU E 267 3.44 -26.43 0.31
C LEU E 267 2.56 -26.16 -0.90
N PRO E 268 3.16 -25.67 -1.99
CA PRO E 268 2.43 -25.45 -3.24
C PRO E 268 2.32 -26.75 -4.01
N PRO E 269 1.15 -26.99 -4.63
CA PRO E 269 1.03 -28.20 -5.46
C PRO E 269 2.06 -28.19 -6.57
N VAL E 270 2.84 -29.25 -6.67
CA VAL E 270 3.86 -29.35 -7.71
C VAL E 270 3.57 -30.50 -8.67
N SER E 271 4.50 -30.77 -9.58
CA SER E 271 4.31 -31.81 -10.58
C SER E 271 5.21 -33.02 -10.35
N TYR E 272 6.06 -32.94 -9.33
CA TYR E 272 7.02 -34.00 -9.04
C TYR E 272 6.82 -34.61 -7.66
N ILE E 273 7.44 -35.76 -7.44
CA ILE E 273 7.37 -36.42 -6.14
C ILE E 273 8.50 -35.95 -5.24
N LYS E 274 8.13 -35.37 -4.09
CA LYS E 274 9.11 -34.85 -3.15
C LYS E 274 9.63 -35.95 -2.24
N ALA E 275 10.85 -35.77 -1.72
CA ALA E 275 11.43 -36.74 -0.81
C ALA E 275 10.57 -36.90 0.43
N ILE E 276 9.84 -35.85 0.76
CA ILE E 276 8.90 -35.87 1.89
C ILE E 276 7.78 -36.86 1.62
N ASP E 277 7.34 -36.95 0.36
CA ASP E 277 6.27 -37.85 -0.03
C ASP E 277 6.70 -39.30 0.13
N VAL E 278 7.93 -39.60 -0.31
CA VAL E 278 8.46 -40.95 -0.21
C VAL E 278 8.45 -41.41 1.24
N TRP E 279 8.78 -40.51 2.15
CA TRP E 279 8.91 -40.87 3.56
C TRP E 279 7.57 -40.99 4.27
N ILE E 280 6.62 -40.12 3.91
CA ILE E 280 5.27 -40.21 4.45
C ILE E 280 4.61 -41.48 3.93
N GLY E 281 4.69 -41.68 2.62
CA GLY E 281 4.07 -42.84 1.98
C GLY E 281 4.62 -44.16 2.49
N ALA E 282 5.90 -44.18 2.84
CA ALA E 282 6.52 -45.40 3.32
C ALA E 282 6.00 -45.75 4.71
N CYS E 283 6.12 -44.82 5.65
CA CYS E 283 5.63 -45.03 7.00
C CYS E 283 4.16 -45.45 6.94
N MET E 284 3.42 -44.82 6.04
CA MET E 284 2.01 -45.12 5.85
C MET E 284 1.84 -46.60 5.54
N THR E 285 2.73 -47.14 4.70
CA THR E 285 2.67 -48.54 4.31
C THR E 285 2.93 -49.47 5.48
N PHE E 286 3.96 -49.15 6.26
CA PHE E 286 4.31 -49.95 7.43
C PHE E 286 3.14 -50.11 8.39
N ILE E 287 2.34 -49.06 8.53
CA ILE E 287 1.18 -49.09 9.40
C ILE E 287 0.02 -49.82 8.72
N PHE E 288 -0.08 -49.66 7.40
CA PHE E 288 -1.11 -50.34 6.64
C PHE E 288 -0.87 -51.85 6.67
N CYS E 289 0.38 -52.25 6.56
CA CYS E 289 0.74 -53.66 6.59
C CYS E 289 0.55 -54.24 7.99
N ALA E 290 0.67 -53.39 9.00
CA ALA E 290 0.38 -53.81 10.36
C ALA E 290 -1.07 -54.27 10.46
N LEU E 291 -1.99 -53.42 10.01
CA LEU E 291 -3.41 -53.78 9.97
C LEU E 291 -3.61 -55.09 9.22
N LEU E 292 -3.07 -55.16 8.00
CA LEU E 292 -3.16 -56.38 7.20
C LEU E 292 -2.72 -57.58 8.01
N GLU E 293 -1.64 -57.42 8.76
CA GLU E 293 -1.10 -58.50 9.57
C GLU E 293 -2.13 -58.95 10.60
N PHE E 294 -2.76 -57.99 11.26
CA PHE E 294 -3.80 -58.30 12.24
C PHE E 294 -4.88 -59.18 11.61
N ALA E 295 -5.39 -58.72 10.47
CA ALA E 295 -6.43 -59.46 9.75
C ALA E 295 -5.96 -60.87 9.40
N LEU E 296 -4.77 -60.97 8.81
CA LEU E 296 -4.21 -62.27 8.45
C LEU E 296 -4.14 -63.18 9.68
N VAL E 297 -3.51 -62.69 10.72
CA VAL E 297 -3.36 -63.47 11.96
C VAL E 297 -4.71 -63.91 12.52
N ASN E 298 -5.62 -62.96 12.68
CA ASN E 298 -6.93 -63.24 13.27
C ASN E 298 -7.80 -64.17 12.44
N HIS E 299 -7.60 -64.14 11.11
CA HIS E 299 -8.40 -64.95 10.21
C HIS E 299 -8.00 -66.42 10.22
N ILE E 300 -6.70 -66.69 10.22
CA ILE E 300 -6.19 -68.06 10.25
C ILE E 300 -6.11 -68.59 11.67
N ALA E 301 -6.46 -67.75 12.64
CA ALA E 301 -6.43 -68.14 14.05
C ALA E 301 -7.71 -68.86 14.46
N ASN E 302 -8.85 -68.32 14.03
CA ASN E 302 -10.14 -68.91 14.36
C ASN E 302 -10.47 -70.14 13.51
N ALA E 303 -9.62 -70.43 12.54
CA ALA E 303 -9.77 -71.65 11.75
C ALA E 303 -9.68 -72.88 12.66
N GLY E 304 -10.64 -73.78 12.51
CA GLY E 304 -10.77 -74.94 13.39
C GLY E 304 -9.49 -75.69 13.68
N THR E 305 -8.79 -76.08 12.63
CA THR E 305 -7.57 -76.87 12.77
C THR E 305 -6.46 -76.14 13.52
N THR E 306 -5.69 -76.89 14.32
CA THR E 306 -4.54 -76.33 15.01
C THR E 306 -3.40 -76.10 14.02
N GLU E 307 -3.57 -76.63 12.82
CA GLU E 307 -2.58 -76.47 11.75
C GLU E 307 -2.38 -75.00 11.44
N TRP E 308 -3.49 -74.27 11.29
CA TRP E 308 -3.44 -72.84 11.01
C TRP E 308 -3.16 -72.03 12.26
N ASN E 309 -3.66 -72.52 13.40
CA ASN E 309 -3.56 -71.78 14.65
C ASN E 309 -2.13 -71.46 15.07
N ASP E 310 -1.24 -72.44 14.98
CA ASP E 310 0.16 -72.22 15.32
C ASP E 310 0.91 -71.46 14.21
N ILE E 311 0.36 -71.47 13.00
CA ILE E 311 0.85 -70.63 11.93
C ILE E 311 0.55 -69.17 12.27
N SER E 312 -0.65 -68.94 12.79
CA SER E 312 -1.06 -67.64 13.27
C SER E 312 -0.05 -67.11 14.28
N LYS E 313 0.30 -67.94 15.26
CA LYS E 313 1.28 -67.58 16.27
C LYS E 313 2.62 -67.24 15.62
N ARG E 314 3.01 -68.03 14.63
CA ARG E 314 4.29 -67.85 13.94
C ARG E 314 4.36 -66.49 13.24
N VAL E 315 3.25 -66.09 12.64
CA VAL E 315 3.18 -64.81 11.93
C VAL E 315 3.53 -63.63 12.83
N ASP E 316 3.03 -63.65 14.06
CA ASP E 316 3.34 -62.60 15.03
C ASP E 316 4.83 -62.59 15.36
N LEU E 317 5.36 -63.75 15.73
CA LEU E 317 6.77 -63.86 16.06
C LEU E 317 7.64 -63.26 14.98
N ILE E 318 7.35 -63.59 13.73
CA ILE E 318 8.11 -63.07 12.60
C ILE E 318 7.92 -61.56 12.46
N SER E 319 6.69 -61.09 12.63
CA SER E 319 6.39 -59.67 12.51
C SER E 319 7.12 -58.83 13.55
N ARG E 320 7.10 -59.29 14.79
CA ARG E 320 7.75 -58.58 15.89
C ARG E 320 9.18 -58.20 15.58
N ALA E 321 9.80 -58.92 14.66
CA ALA E 321 11.19 -58.67 14.28
C ALA E 321 11.30 -58.12 12.87
N LEU E 322 10.57 -58.72 11.95
CA LEU E 322 10.62 -58.33 10.54
C LEU E 322 10.29 -56.85 10.35
N PHE E 323 9.21 -56.39 10.98
CA PHE E 323 8.80 -55.00 10.84
C PHE E 323 9.90 -54.02 11.23
N PRO E 324 10.39 -54.12 12.48
CA PRO E 324 11.47 -53.22 12.89
C PRO E 324 12.66 -53.30 11.95
N VAL E 325 13.13 -54.52 11.67
CA VAL E 325 14.27 -54.70 10.79
C VAL E 325 14.05 -54.04 9.42
N LEU E 326 12.88 -54.26 8.84
CA LEU E 326 12.56 -53.69 7.55
C LEU E 326 12.47 -52.16 7.59
N PHE E 327 11.86 -51.63 8.65
CA PHE E 327 11.75 -50.19 8.82
C PHE E 327 13.13 -49.55 8.98
N PHE E 328 14.02 -50.26 9.68
CA PHE E 328 15.39 -49.81 9.84
C PHE E 328 16.11 -49.82 8.50
N VAL E 329 15.92 -50.89 7.74
CA VAL E 329 16.49 -50.98 6.40
C VAL E 329 16.00 -49.82 5.55
N PHE E 330 14.70 -49.52 5.67
CA PHE E 330 14.13 -48.41 4.93
C PHE E 330 14.82 -47.09 5.28
N ASN E 331 14.89 -46.79 6.58
CA ASN E 331 15.57 -45.59 7.04
C ASN E 331 16.96 -45.45 6.40
N ILE E 332 17.74 -46.53 6.46
CA ILE E 332 19.08 -46.50 5.90
C ILE E 332 19.08 -46.13 4.42
N LEU E 333 18.21 -46.78 3.65
CA LEU E 333 18.09 -46.49 2.22
C LEU E 333 17.60 -45.06 2.00
N TYR E 334 16.59 -44.66 2.77
CA TYR E 334 16.00 -43.34 2.63
C TYR E 334 17.02 -42.24 2.87
N TRP E 335 17.71 -42.30 4.00
CA TRP E 335 18.62 -41.23 4.41
C TRP E 335 19.85 -41.12 3.52
N SER E 336 20.34 -42.27 3.04
CA SER E 336 21.48 -42.27 2.14
C SER E 336 21.10 -41.67 0.80
N ARG E 337 19.82 -41.77 0.46
CA ARG E 337 19.32 -41.32 -0.83
C ARG E 337 18.98 -39.82 -0.85
N PHE E 338 18.54 -39.30 0.30
CA PHE E 338 18.05 -37.92 0.36
C PHE E 338 18.81 -37.03 1.33
N GLY E 339 19.56 -37.63 2.24
CA GLY E 339 20.37 -36.87 3.19
C GLY E 339 21.69 -36.43 2.59
N HIS E 340 21.96 -36.90 1.37
CA HIS E 340 23.22 -36.64 0.68
C HIS E 340 23.50 -35.14 0.58
N GLU F 1 -52.86 3.56 13.14
CA GLU F 1 -53.08 4.83 12.45
C GLU F 1 -52.23 5.93 13.06
N VAL F 2 -51.66 6.77 12.21
CA VAL F 2 -50.87 7.90 12.71
C VAL F 2 -51.76 9.10 12.99
N GLN F 3 -51.32 9.93 13.93
CA GLN F 3 -52.06 11.14 14.29
C GLN F 3 -51.12 12.24 14.72
N LEU F 4 -51.45 13.47 14.33
CA LEU F 4 -50.70 14.62 14.76
C LEU F 4 -51.65 15.59 15.45
N GLN F 5 -51.66 15.55 16.78
CA GLN F 5 -52.51 16.43 17.56
C GLN F 5 -51.76 17.68 18.02
N GLN F 6 -52.24 18.84 17.59
CA GLN F 6 -51.61 20.10 17.93
C GLN F 6 -52.28 20.75 19.14
N SER F 7 -51.62 21.73 19.72
CA SER F 7 -52.16 22.44 20.88
C SER F 7 -53.44 23.20 20.51
N GLY F 8 -54.19 23.62 21.52
CA GLY F 8 -55.42 24.36 21.32
C GLY F 8 -55.17 25.76 20.79
N PRO F 9 -56.25 26.50 20.51
CA PRO F 9 -56.15 27.88 20.00
C PRO F 9 -55.55 28.82 21.04
N GLU F 10 -54.92 29.89 20.58
CA GLU F 10 -54.24 30.81 21.48
C GLU F 10 -54.53 32.27 21.15
N LEU F 11 -54.68 33.09 22.18
CA LEU F 11 -54.82 34.53 22.02
C LEU F 11 -53.69 35.23 22.76
N VAL F 12 -52.91 36.02 22.04
CA VAL F 12 -51.77 36.72 22.62
C VAL F 12 -51.63 38.13 22.08
N ARG F 13 -51.07 39.02 22.91
CA ARG F 13 -50.88 40.41 22.51
C ARG F 13 -49.61 40.58 21.68
N PRO F 14 -49.61 41.56 20.77
CA PRO F 14 -48.46 41.87 19.92
C PRO F 14 -47.20 42.10 20.75
N GLY F 15 -46.04 41.73 20.21
CA GLY F 15 -44.77 41.86 20.92
C GLY F 15 -44.43 40.62 21.70
N ALA F 16 -45.45 39.90 22.15
CA ALA F 16 -45.26 38.65 22.90
C ALA F 16 -44.85 37.52 21.97
N SER F 17 -44.65 36.35 22.55
CA SER F 17 -44.26 35.16 21.77
C SER F 17 -44.77 33.90 22.44
N MET F 18 -45.38 33.01 21.65
CA MET F 18 -45.90 31.76 22.18
C MET F 18 -45.45 30.57 21.36
N LYS F 19 -45.61 29.37 21.91
CA LYS F 19 -45.11 28.15 21.29
C LYS F 19 -46.19 27.07 21.18
N ILE F 20 -46.49 26.67 19.94
CA ILE F 20 -47.50 25.64 19.70
C ILE F 20 -46.87 24.26 19.47
N SER F 21 -47.57 23.23 19.90
CA SER F 21 -47.03 21.87 19.86
C SER F 21 -47.70 21.01 18.80
N CYS F 22 -47.15 19.81 18.61
CA CYS F 22 -47.66 18.85 17.64
C CYS F 22 -47.27 17.45 18.07
N LYS F 23 -48.09 16.83 18.91
CA LYS F 23 -47.78 15.52 19.44
C LYS F 23 -48.10 14.40 18.44
N ALA F 24 -47.06 13.67 18.06
CA ALA F 24 -47.19 12.60 17.07
C ALA F 24 -47.35 11.24 17.73
N SER F 25 -48.24 10.43 17.17
CA SER F 25 -48.47 9.08 17.67
C SER F 25 -48.83 8.16 16.51
N GLY F 26 -48.62 6.87 16.68
CA GLY F 26 -48.98 5.90 15.67
C GLY F 26 -47.85 5.57 14.70
N TYR F 27 -46.68 6.15 14.93
CA TYR F 27 -45.51 5.87 14.10
C TYR F 27 -44.21 6.17 14.83
N SER F 28 -43.11 5.58 14.36
CA SER F 28 -41.80 5.86 14.92
C SER F 28 -41.47 7.34 14.72
N PHE F 29 -41.74 8.14 15.74
CA PHE F 29 -41.68 9.60 15.64
C PHE F 29 -40.37 10.12 15.04
N THR F 30 -39.27 9.48 15.42
CA THR F 30 -37.95 9.98 15.06
C THR F 30 -37.57 9.61 13.63
N GLY F 31 -38.52 9.07 12.88
CA GLY F 31 -38.24 8.59 11.53
C GLY F 31 -38.65 9.53 10.41
N TYR F 32 -39.66 10.35 10.64
CA TYR F 32 -40.18 11.23 9.61
C TYR F 32 -40.01 12.69 10.02
N THR F 33 -39.47 13.49 9.11
CA THR F 33 -39.24 14.90 9.41
C THR F 33 -40.54 15.70 9.32
N MET F 34 -40.65 16.75 10.13
CA MET F 34 -41.88 17.52 10.24
C MET F 34 -41.82 18.86 9.52
N ASN F 35 -42.88 19.19 8.79
CA ASN F 35 -43.04 20.50 8.17
C ASN F 35 -43.99 21.37 8.99
N TRP F 36 -43.85 22.69 8.82
CA TRP F 36 -44.79 23.63 9.43
C TRP F 36 -45.35 24.58 8.39
N VAL F 37 -46.67 24.58 8.24
CA VAL F 37 -47.33 25.40 7.24
C VAL F 37 -48.22 26.45 7.90
N LYS F 38 -48.24 27.66 7.32
CA LYS F 38 -49.03 28.75 7.85
C LYS F 38 -50.14 29.16 6.88
N GLN F 39 -51.39 29.00 7.32
CA GLN F 39 -52.54 29.43 6.53
C GLN F 39 -53.19 30.67 7.12
N SER F 40 -53.02 31.80 6.43
CA SER F 40 -53.60 33.06 6.88
C SER F 40 -54.79 33.47 6.04
N HIS F 41 -55.66 34.30 6.61
CA HIS F 41 -56.85 34.77 5.92
C HIS F 41 -56.47 35.71 4.78
N GLY F 42 -55.35 36.41 4.96
CA GLY F 42 -54.90 37.39 3.98
C GLY F 42 -54.17 36.82 2.78
N LYS F 43 -53.48 35.71 2.96
CA LYS F 43 -52.69 35.11 1.88
C LYS F 43 -52.98 33.62 1.68
N ASN F 44 -52.10 32.95 0.95
CA ASN F 44 -52.25 31.52 0.69
C ASN F 44 -51.62 30.69 1.80
N LEU F 45 -51.27 29.44 1.46
CA LEU F 45 -50.49 28.60 2.34
C LEU F 45 -49.01 28.96 2.20
N GLU F 46 -48.34 29.13 3.34
CA GLU F 46 -46.91 29.41 3.33
C GLU F 46 -46.15 28.30 4.04
N TRP F 47 -44.99 27.95 3.50
CA TRP F 47 -44.15 26.93 4.13
C TRP F 47 -43.14 27.61 5.05
N ILE F 48 -43.25 27.34 6.35
CA ILE F 48 -42.40 27.98 7.34
C ILE F 48 -41.02 27.35 7.42
N GLY F 49 -40.98 26.02 7.54
CA GLY F 49 -39.73 25.29 7.63
C GLY F 49 -39.96 23.83 7.94
N LEU F 50 -38.87 23.12 8.21
CA LEU F 50 -38.98 21.71 8.57
C LEU F 50 -37.87 21.29 9.51
N ILE F 51 -38.09 20.21 10.25
CA ILE F 51 -37.11 19.70 11.20
C ILE F 51 -37.07 18.18 11.19
N ASN F 52 -35.87 17.63 11.28
CA ASN F 52 -35.67 16.19 11.36
C ASN F 52 -35.57 15.78 12.83
N PRO F 53 -36.59 15.07 13.33
CA PRO F 53 -36.65 14.67 14.74
C PRO F 53 -35.38 13.94 15.19
N TYR F 54 -34.94 12.98 14.39
CA TYR F 54 -33.78 12.15 14.71
C TYR F 54 -32.50 12.96 14.73
N ASN F 55 -32.51 14.07 13.98
CA ASN F 55 -31.28 14.79 13.69
C ASN F 55 -31.17 16.09 14.48
N GLY F 56 -32.32 16.70 14.74
CA GLY F 56 -32.35 18.02 15.34
C GLY F 56 -32.14 19.08 14.27
N GLY F 57 -31.74 18.62 13.08
CA GLY F 57 -31.47 19.50 11.96
C GLY F 57 -32.71 20.24 11.48
N THR F 58 -32.54 21.51 11.14
CA THR F 58 -33.65 22.32 10.69
C THR F 58 -33.31 23.08 9.41
N SER F 59 -34.35 23.44 8.66
CA SER F 59 -34.20 24.27 7.47
C SER F 59 -35.42 25.18 7.34
N TYR F 60 -35.20 26.48 7.35
CA TYR F 60 -36.30 27.44 7.37
C TYR F 60 -36.50 28.12 6.03
N ASN F 61 -37.74 28.58 5.81
CA ASN F 61 -38.01 29.49 4.71
C ASN F 61 -37.39 30.84 5.04
N GLN F 62 -36.70 31.43 4.07
CA GLN F 62 -36.04 32.72 4.31
C GLN F 62 -37.00 33.72 4.95
N LYS F 63 -38.27 33.65 4.56
CA LYS F 63 -39.30 34.56 5.06
C LYS F 63 -39.48 34.47 6.57
N PHE F 64 -39.37 33.25 7.11
CA PHE F 64 -39.59 33.03 8.54
C PHE F 64 -38.29 32.84 9.32
N LYS F 65 -37.17 33.20 8.71
CA LYS F 65 -35.88 33.16 9.38
C LYS F 65 -35.86 34.15 10.54
N GLY F 66 -36.04 33.64 11.75
CA GLY F 66 -36.06 34.50 12.92
C GLY F 66 -37.43 34.62 13.54
N LYS F 67 -38.47 34.42 12.73
CA LYS F 67 -39.85 34.46 13.21
C LYS F 67 -40.26 33.13 13.84
N ALA F 68 -39.75 32.03 13.28
CA ALA F 68 -40.07 30.70 13.77
C ALA F 68 -38.83 29.97 14.24
N THR F 69 -39.01 29.11 15.24
CA THR F 69 -37.91 28.28 15.75
C THR F 69 -38.40 26.86 15.99
N LEU F 70 -38.00 25.95 15.11
CA LEU F 70 -38.44 24.56 15.19
C LEU F 70 -37.57 23.74 16.12
N THR F 71 -38.21 23.05 17.05
CA THR F 71 -37.53 22.15 17.96
C THR F 71 -38.27 20.82 18.01
N VAL F 72 -37.75 19.88 18.80
CA VAL F 72 -38.35 18.57 18.90
C VAL F 72 -38.00 17.90 20.23
N ASP F 73 -38.98 17.26 20.85
CA ASP F 73 -38.76 16.52 22.08
C ASP F 73 -38.99 15.03 21.85
N LYS F 74 -37.90 14.30 21.63
CA LYS F 74 -37.97 12.90 21.27
C LYS F 74 -38.74 12.06 22.29
N SER F 75 -38.49 12.32 23.57
CA SER F 75 -39.10 11.55 24.65
C SER F 75 -40.63 11.53 24.56
N SER F 76 -41.22 12.70 24.30
CA SER F 76 -42.67 12.84 24.27
C SER F 76 -43.25 12.77 22.84
N SER F 77 -42.38 12.52 21.86
CA SER F 77 -42.80 12.47 20.47
C SER F 77 -43.56 13.73 20.05
N THR F 78 -43.05 14.89 20.47
CA THR F 78 -43.71 16.15 20.18
C THR F 78 -42.81 17.10 19.39
N ALA F 79 -43.40 17.78 18.41
CA ALA F 79 -42.68 18.80 17.67
C ALA F 79 -43.21 20.17 18.05
N TYR F 80 -42.32 21.09 18.38
CA TYR F 80 -42.73 22.42 18.83
C TYR F 80 -42.36 23.49 17.81
N MET F 81 -43.03 24.63 17.89
CA MET F 81 -42.68 25.79 17.06
C MET F 81 -42.83 27.10 17.82
N GLU F 82 -41.72 27.78 18.05
CA GLU F 82 -41.72 29.10 18.66
C GLU F 82 -42.04 30.16 17.62
N LEU F 83 -42.81 31.17 18.02
CA LEU F 83 -43.07 32.32 17.16
C LEU F 83 -42.77 33.59 17.93
N LEU F 84 -41.81 34.37 17.43
CA LEU F 84 -41.31 35.54 18.17
C LEU F 84 -41.88 36.85 17.63
N SER F 85 -41.80 37.90 18.46
CA SER F 85 -42.24 39.24 18.06
C SER F 85 -43.56 39.22 17.31
N LEU F 86 -44.54 38.50 17.86
CA LEU F 86 -45.84 38.33 17.22
C LEU F 86 -46.49 39.66 16.86
N THR F 87 -47.10 39.72 15.69
CA THR F 87 -47.79 40.92 15.23
C THR F 87 -49.16 40.55 14.66
N SER F 88 -49.85 41.54 14.12
CA SER F 88 -51.16 41.32 13.49
C SER F 88 -51.03 40.32 12.34
N GLU F 89 -49.91 40.39 11.63
CA GLU F 89 -49.66 39.54 10.47
C GLU F 89 -49.49 38.07 10.83
N ASP F 90 -49.21 37.80 12.10
CA ASP F 90 -48.99 36.43 12.55
C ASP F 90 -50.28 35.72 12.92
N SER F 91 -51.40 36.45 12.87
CA SER F 91 -52.71 35.86 13.12
C SER F 91 -53.08 34.90 12.00
N ALA F 92 -52.97 33.60 12.27
CA ALA F 92 -53.24 32.59 11.25
C ALA F 92 -53.45 31.20 11.87
N VAL F 93 -53.68 30.22 11.02
CA VAL F 93 -53.79 28.83 11.46
C VAL F 93 -52.51 28.10 11.07
N TYR F 94 -51.82 27.54 12.05
CA TYR F 94 -50.55 26.87 11.80
C TYR F 94 -50.69 25.36 11.83
N TYR F 95 -50.43 24.73 10.68
CA TYR F 95 -50.50 23.28 10.56
C TYR F 95 -49.11 22.65 10.64
N CYS F 96 -49.06 21.39 11.08
CA CYS F 96 -47.83 20.63 11.01
C CYS F 96 -48.05 19.41 10.11
N ALA F 97 -47.26 19.30 9.06
CA ALA F 97 -47.41 18.24 8.08
C ALA F 97 -46.18 17.34 7.99
N ARG F 98 -46.38 16.04 8.18
CA ARG F 98 -45.27 15.10 8.19
C ARG F 98 -44.76 14.81 6.79
N ASP F 99 -43.46 14.58 6.66
CA ASP F 99 -42.87 14.17 5.39
C ASP F 99 -43.17 12.68 5.17
N GLY F 100 -43.03 12.23 3.93
CA GLY F 100 -43.48 10.89 3.57
C GLY F 100 -42.53 9.74 3.83
N ASP F 101 -41.24 9.96 3.59
CA ASP F 101 -40.27 8.87 3.59
C ASP F 101 -39.74 8.46 4.97
N TYR F 102 -39.37 7.19 5.09
CA TYR F 102 -38.88 6.62 6.33
C TYR F 102 -37.37 6.82 6.50
N TYR F 103 -36.99 7.62 7.48
CA TYR F 103 -35.59 7.96 7.75
C TYR F 103 -34.87 8.52 6.52
N ARG F 104 -35.58 9.34 5.76
CA ARG F 104 -35.00 10.10 4.66
C ARG F 104 -35.99 11.14 4.12
N TYR F 105 -35.47 12.20 3.53
CA TYR F 105 -36.32 13.27 3.02
C TYR F 105 -36.90 12.90 1.66
N GLY F 106 -38.22 12.86 1.57
CA GLY F 106 -38.89 12.46 0.34
C GLY F 106 -39.57 13.62 -0.38
N ARG F 107 -39.68 14.75 0.30
CA ARG F 107 -40.30 15.94 -0.27
C ARG F 107 -41.74 15.71 -0.73
N TYR F 108 -42.53 15.04 0.12
CA TYR F 108 -43.96 14.92 -0.14
C TYR F 108 -44.71 14.78 1.19
N PHE F 109 -45.96 15.25 1.21
CA PHE F 109 -46.69 15.36 2.47
C PHE F 109 -47.57 14.16 2.78
N ASP F 110 -47.50 13.71 4.02
CA ASP F 110 -48.33 12.62 4.52
C ASP F 110 -49.55 13.16 5.24
N TYR F 111 -49.46 13.17 6.57
CA TYR F 111 -50.55 13.58 7.43
C TYR F 111 -50.32 14.98 7.99
N TRP F 112 -51.40 15.73 8.15
CA TRP F 112 -51.35 17.04 8.75
C TRP F 112 -52.01 17.01 10.12
N GLY F 113 -51.92 18.11 10.85
CA GLY F 113 -52.64 18.25 12.10
C GLY F 113 -53.97 18.92 11.87
N GLN F 114 -54.81 18.98 12.90
CA GLN F 114 -56.10 19.65 12.79
C GLN F 114 -55.89 21.15 12.66
N GLY F 115 -54.67 21.60 12.97
CA GLY F 115 -54.32 23.01 12.88
C GLY F 115 -54.40 23.70 14.23
N THR F 116 -53.64 24.77 14.38
CA THR F 116 -53.69 25.59 15.59
C THR F 116 -53.94 27.04 15.22
N THR F 117 -55.08 27.56 15.65
CA THR F 117 -55.43 28.95 15.33
C THR F 117 -54.78 29.92 16.32
N LEU F 118 -53.90 30.77 15.78
CA LEU F 118 -53.23 31.77 16.60
C LEU F 118 -53.79 33.15 16.30
N THR F 119 -54.33 33.80 17.33
CA THR F 119 -54.89 35.14 17.18
C THR F 119 -54.05 36.17 17.93
N VAL F 120 -53.43 37.08 17.18
CA VAL F 120 -52.64 38.14 17.79
C VAL F 120 -53.38 39.47 17.68
N SER F 121 -53.98 39.89 18.79
CA SER F 121 -54.79 41.11 18.86
C SER F 121 -54.61 41.77 20.22
N SER F 122 -54.93 43.04 20.31
CA SER F 122 -54.84 43.77 21.57
C SER F 122 -56.22 44.13 22.14
N ALA F 123 -57.24 43.37 21.73
CA ALA F 123 -58.61 43.58 22.20
C ALA F 123 -58.86 42.89 23.53
N LYS F 124 -59.66 43.53 24.39
CA LYS F 124 -59.99 42.98 25.71
C LYS F 124 -61.32 42.21 25.68
N THR F 125 -61.50 41.32 26.64
CA THR F 125 -62.71 40.49 26.72
C THR F 125 -63.97 41.34 26.85
N THR F 126 -64.72 41.44 25.76
CA THR F 126 -65.94 42.24 25.73
C THR F 126 -67.19 41.37 25.63
N PRO F 127 -68.12 41.53 26.60
CA PRO F 127 -69.38 40.77 26.60
C PRO F 127 -70.31 41.18 25.45
N PRO F 128 -70.97 40.18 24.83
CA PRO F 128 -71.85 40.40 23.68
C PRO F 128 -73.11 41.22 24.02
N SER F 129 -73.38 42.23 23.19
CA SER F 129 -74.59 43.03 23.29
C SER F 129 -75.67 42.49 22.34
N VAL F 130 -76.70 41.86 22.90
CA VAL F 130 -77.73 41.21 22.08
C VAL F 130 -78.90 42.13 21.76
N TYR F 131 -79.23 42.23 20.47
CA TYR F 131 -80.36 43.03 20.00
C TYR F 131 -81.37 42.16 19.26
N PRO F 132 -82.67 42.40 19.51
CA PRO F 132 -83.75 41.66 18.86
C PRO F 132 -83.95 42.08 17.40
N LEU F 133 -84.07 41.12 16.50
CA LEU F 133 -84.30 41.41 15.08
C LEU F 133 -85.69 40.99 14.63
N CYS F 149 -82.19 37.91 15.82
CA CYS F 149 -81.31 37.88 16.99
C CYS F 149 -79.87 38.23 16.60
N LEU F 150 -79.44 39.44 16.97
CA LEU F 150 -78.11 39.93 16.62
C LEU F 150 -77.15 39.98 17.82
N VAL F 151 -76.07 39.22 17.74
CA VAL F 151 -75.03 39.23 18.76
C VAL F 151 -73.90 40.17 18.35
N LYS F 152 -73.91 41.39 18.89
CA LYS F 152 -72.99 42.43 18.43
C LYS F 152 -71.97 42.85 19.50
N GLY F 153 -70.73 43.03 19.08
CA GLY F 153 -69.67 43.54 19.94
C GLY F 153 -69.21 42.60 21.05
N TYR F 154 -68.69 41.43 20.67
CA TYR F 154 -68.21 40.45 21.63
C TYR F 154 -66.79 39.99 21.32
N PHE F 155 -66.12 39.44 22.33
CA PHE F 155 -64.73 39.03 22.20
C PHE F 155 -64.27 38.33 23.48
N PRO F 156 -63.53 37.21 23.33
CA PRO F 156 -63.21 36.56 22.04
C PRO F 156 -64.19 35.44 21.73
N GLU F 157 -64.02 34.80 20.56
CA GLU F 157 -64.89 33.70 20.15
C GLU F 157 -64.75 32.47 21.06
N PRO F 158 -65.76 31.58 21.03
CA PRO F 158 -66.99 31.68 20.24
C PRO F 158 -68.19 32.12 21.08
N VAL F 159 -69.38 32.02 20.48
CA VAL F 159 -70.63 32.29 21.18
C VAL F 159 -71.70 31.29 20.74
N THR F 160 -72.36 30.67 21.71
CA THR F 160 -73.41 29.68 21.43
C THR F 160 -74.80 30.31 21.47
N VAL F 161 -75.59 30.07 20.42
CA VAL F 161 -76.94 30.61 20.34
C VAL F 161 -78.00 29.52 20.22
N THR F 162 -79.03 29.62 21.06
CA THR F 162 -80.14 28.67 21.05
C THR F 162 -81.49 29.39 20.95
N HIS F 173 -80.80 28.92 12.25
CA HIS F 173 -79.62 29.24 11.45
C HIS F 173 -78.69 30.24 12.16
N THR F 174 -77.51 29.76 12.55
CA THR F 174 -76.50 30.61 13.18
C THR F 174 -75.35 30.93 12.22
N PHE F 175 -75.28 32.20 11.81
CA PHE F 175 -74.31 32.63 10.80
C PHE F 175 -72.91 32.87 11.36
N PRO F 176 -71.87 32.66 10.54
CA PRO F 176 -70.47 32.91 10.93
C PRO F 176 -70.29 34.36 11.38
N ALA F 177 -69.24 34.62 12.15
CA ALA F 177 -69.02 35.96 12.69
C ALA F 177 -68.03 36.76 11.85
N VAL F 178 -68.26 38.07 11.76
CA VAL F 178 -67.34 38.98 11.08
C VAL F 178 -66.44 39.68 12.10
N LEU F 179 -65.87 40.81 11.69
CA LEU F 179 -64.99 41.57 12.58
C LEU F 179 -65.24 43.07 12.44
N GLN F 180 -66.29 43.55 13.11
CA GLN F 180 -66.66 44.95 13.04
C GLN F 180 -65.89 45.75 14.11
N SER F 181 -64.74 46.28 13.71
CA SER F 181 -63.95 47.15 14.57
C SER F 181 -63.42 46.43 15.81
N ASP F 182 -62.50 45.49 15.59
CA ASP F 182 -61.83 44.78 16.69
C ASP F 182 -62.74 43.85 17.51
N LEU F 183 -64.02 43.83 17.17
CA LEU F 183 -64.98 42.95 17.85
C LEU F 183 -65.78 42.14 16.84
N TYR F 184 -66.25 40.97 17.28
CA TYR F 184 -67.01 40.08 16.41
C TYR F 184 -68.50 40.39 16.43
N THR F 185 -69.21 39.92 15.41
CA THR F 185 -70.66 40.10 15.31
C THR F 185 -71.30 39.06 14.40
N LEU F 186 -72.30 38.35 14.92
CA LEU F 186 -73.03 37.36 14.13
C LEU F 186 -74.55 37.47 14.32
N SER F 187 -75.30 36.60 13.67
CA SER F 187 -76.76 36.63 13.74
C SER F 187 -77.41 35.25 13.64
N VAL F 206 -78.27 33.69 24.31
CA VAL F 206 -76.90 33.96 23.88
C VAL F 206 -75.94 33.84 25.07
N ALA F 207 -74.99 32.91 24.96
CA ALA F 207 -74.01 32.68 26.02
C ALA F 207 -72.57 32.86 25.54
N HIS F 208 -71.79 33.60 26.31
CA HIS F 208 -70.38 33.82 25.98
C HIS F 208 -69.51 33.23 27.09
N PRO F 209 -68.73 32.18 26.75
CA PRO F 209 -67.83 31.47 27.68
C PRO F 209 -66.87 32.40 28.44
N ALA F 210 -66.15 33.27 27.73
CA ALA F 210 -65.14 34.14 28.33
C ALA F 210 -65.73 35.24 29.22
N SER F 211 -66.83 35.83 28.78
CA SER F 211 -67.49 36.89 29.52
C SER F 211 -68.36 36.33 30.64
N SER F 212 -68.68 35.04 30.52
CA SER F 212 -69.59 34.38 31.46
C SER F 212 -70.94 35.07 31.46
N THR F 213 -71.26 35.73 30.35
CA THR F 213 -72.49 36.52 30.24
C THR F 213 -73.57 35.77 29.46
N LYS F 214 -74.78 35.75 30.00
CA LYS F 214 -75.91 35.11 29.33
C LYS F 214 -77.14 36.02 29.32
N GLU G 1 -7.61 7.95 52.52
CA GLU G 1 -7.61 9.42 52.45
C GLU G 1 -6.25 9.87 51.91
N VAL G 2 -6.28 10.89 51.04
CA VAL G 2 -5.06 11.41 50.45
C VAL G 2 -4.50 12.49 51.40
N GLN G 3 -3.18 12.67 51.37
CA GLN G 3 -2.51 13.68 52.17
C GLN G 3 -1.29 14.21 51.47
N LEU G 4 -1.05 15.50 51.62
CA LEU G 4 0.14 16.14 51.08
C LEU G 4 0.89 16.83 52.21
N GLN G 5 1.89 16.16 52.75
CA GLN G 5 2.68 16.72 53.85
C GLN G 5 3.94 17.40 53.32
N GLN G 6 4.06 18.69 53.60
CA GLN G 6 5.20 19.46 53.13
C GLN G 6 6.26 19.59 54.21
N SER G 7 7.47 20.00 53.82
CA SER G 7 8.56 20.16 54.78
C SER G 7 8.24 21.26 55.79
N GLY G 8 9.01 21.30 56.89
CA GLY G 8 8.82 22.29 57.92
C GLY G 8 9.24 23.67 57.46
N PRO G 9 9.05 24.67 58.34
CA PRO G 9 9.40 26.06 58.05
C PRO G 9 10.90 26.23 57.90
N GLU G 10 11.33 27.24 57.14
CA GLU G 10 12.74 27.44 56.87
C GLU G 10 13.15 28.90 56.98
N LEU G 11 14.35 29.13 57.50
CA LEU G 11 14.93 30.46 57.57
C LEU G 11 16.25 30.46 56.80
N VAL G 12 16.36 31.32 55.80
CA VAL G 12 17.56 31.38 54.98
C VAL G 12 17.93 32.82 54.63
N ARG G 13 19.23 33.05 54.43
CA ARG G 13 19.71 34.38 54.09
C ARG G 13 19.57 34.64 52.60
N PRO G 14 19.36 35.92 52.23
CA PRO G 14 19.26 36.34 50.83
C PRO G 14 20.44 35.87 50.00
N GLY G 15 20.21 35.58 48.72
CA GLY G 15 21.25 35.09 47.85
C GLY G 15 21.34 33.57 47.85
N ALA G 16 20.98 32.96 48.97
CA ALA G 16 20.97 31.51 49.10
C ALA G 16 19.78 30.89 48.36
N SER G 17 19.68 29.56 48.41
CA SER G 17 18.59 28.85 47.77
C SER G 17 18.26 27.56 48.51
N MET G 18 16.98 27.32 48.77
CA MET G 18 16.56 26.12 49.47
C MET G 18 15.43 25.40 48.73
N LYS G 19 15.19 24.15 49.11
CA LYS G 19 14.22 23.31 48.42
C LYS G 19 13.21 22.68 49.37
N ILE G 20 11.93 22.98 49.17
CA ILE G 20 10.86 22.44 50.01
C ILE G 20 10.18 21.25 49.35
N SER G 21 9.74 20.31 50.17
CA SER G 21 9.18 19.06 49.66
C SER G 21 7.67 18.97 49.86
N CYS G 22 7.07 17.93 49.29
CA CYS G 22 5.64 17.68 49.38
C CYS G 22 5.37 16.20 49.21
N LYS G 23 5.42 15.46 50.31
CA LYS G 23 5.24 14.01 50.25
C LYS G 23 3.77 13.62 50.15
N ALA G 24 3.42 12.97 49.05
CA ALA G 24 2.06 12.55 48.79
C ALA G 24 1.80 11.12 49.22
N SER G 25 0.65 10.89 49.83
CA SER G 25 0.24 9.55 50.24
C SER G 25 -1.26 9.41 50.12
N GLY G 26 -1.74 8.17 50.00
CA GLY G 26 -3.16 7.91 49.93
C GLY G 26 -3.72 7.86 48.53
N TYR G 27 -2.84 7.98 47.53
CA TYR G 27 -3.25 7.89 46.14
C TYR G 27 -2.08 7.50 45.23
N SER G 28 -2.40 7.01 44.04
CA SER G 28 -1.37 6.69 43.06
C SER G 28 -0.65 7.97 42.66
N PHE G 29 0.48 8.23 43.32
CA PHE G 29 1.20 9.49 43.20
C PHE G 29 1.43 9.94 41.75
N THR G 30 1.76 8.98 40.89
CA THR G 30 2.18 9.29 39.54
C THR G 30 0.99 9.58 38.61
N GLY G 31 -0.20 9.69 39.20
CA GLY G 31 -1.41 9.87 38.42
C GLY G 31 -1.93 11.29 38.33
N TYR G 32 -1.66 12.09 39.36
CA TYR G 32 -2.18 13.45 39.42
C TYR G 32 -1.03 14.46 39.41
N THR G 33 -1.14 15.47 38.54
CA THR G 33 -0.08 16.47 38.44
C THR G 33 -0.17 17.48 39.59
N MET G 34 0.98 18.00 40.01
CA MET G 34 1.07 18.87 41.17
C MET G 34 1.23 20.34 40.82
N ASN G 35 0.47 21.19 41.50
CA ASN G 35 0.61 22.64 41.38
C ASN G 35 1.40 23.20 42.57
N TRP G 36 2.00 24.37 42.39
CA TRP G 36 2.66 25.07 43.48
C TRP G 36 2.16 26.52 43.56
N VAL G 37 1.61 26.86 44.72
CA VAL G 37 1.04 28.18 44.93
C VAL G 37 1.81 28.95 45.99
N LYS G 38 1.98 30.25 45.76
CA LYS G 38 2.71 31.11 46.69
C LYS G 38 1.81 32.16 47.33
N GLN G 39 1.66 32.09 48.65
CA GLN G 39 0.87 33.06 49.39
C GLN G 39 1.77 33.98 50.20
N SER G 40 1.87 35.24 49.78
CA SER G 40 2.70 36.22 50.46
C SER G 40 1.86 37.23 51.24
N HIS G 41 2.47 37.84 52.24
CA HIS G 41 1.76 38.83 53.06
C HIS G 41 1.50 40.10 52.25
N GLY G 42 2.38 40.37 51.28
CA GLY G 42 2.28 41.58 50.48
C GLY G 42 1.27 41.52 49.34
N LYS G 43 1.07 40.33 48.78
CA LYS G 43 0.17 40.17 47.64
C LYS G 43 -0.87 39.06 47.84
N ASN G 44 -1.50 38.65 46.75
CA ASN G 44 -2.51 37.59 46.80
C ASN G 44 -1.87 36.22 46.66
N LEU G 45 -2.67 35.27 46.21
CA LEU G 45 -2.18 33.95 45.86
C LEU G 45 -1.59 34.00 44.45
N GLU G 46 -0.39 33.45 44.28
CA GLU G 46 0.22 33.38 42.95
C GLU G 46 0.45 31.93 42.56
N TRP G 47 0.22 31.63 41.28
CA TRP G 47 0.47 30.30 40.76
C TRP G 47 1.87 30.21 40.19
N ILE G 48 2.71 29.38 40.81
CA ILE G 48 4.11 29.27 40.42
C ILE G 48 4.30 28.40 39.17
N GLY G 49 3.72 27.21 39.21
CA GLY G 49 3.82 26.28 38.10
C GLY G 49 3.21 24.93 38.44
N LEU G 50 3.41 23.95 37.57
CA LEU G 50 2.92 22.61 37.80
C LEU G 50 3.82 21.55 37.16
N ILE G 51 3.74 20.33 37.68
CA ILE G 51 4.54 19.24 37.14
C ILE G 51 3.76 17.95 37.12
N ASN G 52 3.93 17.18 36.05
CA ASN G 52 3.32 15.87 35.93
C ASN G 52 4.28 14.80 36.42
N PRO G 53 3.95 14.17 37.56
CA PRO G 53 4.83 13.15 38.17
C PRO G 53 5.21 12.06 37.19
N TYR G 54 4.22 11.53 36.48
CA TYR G 54 4.43 10.42 35.55
C TYR G 54 5.30 10.83 34.37
N ASN G 55 5.30 12.12 34.07
CA ASN G 55 5.85 12.62 32.83
C ASN G 55 7.19 13.31 33.04
N GLY G 56 7.33 13.96 34.18
CA GLY G 56 8.47 14.80 34.45
C GLY G 56 8.26 16.16 33.82
N GLY G 57 7.23 16.26 32.99
CA GLY G 57 6.92 17.50 32.30
C GLY G 57 6.51 18.61 33.23
N THR G 58 6.96 19.82 32.92
CA THR G 58 6.67 20.97 33.75
C THR G 58 6.18 22.17 32.93
N SER G 59 5.44 23.05 33.58
CA SER G 59 5.00 24.29 32.96
C SER G 59 4.96 25.39 34.03
N TYR G 60 5.74 26.44 33.81
CA TYR G 60 5.89 27.48 34.82
C TYR G 60 5.13 28.76 34.47
N ASN G 61 4.78 29.52 35.51
CA ASN G 61 4.31 30.88 35.32
C ASN G 61 5.48 31.73 34.88
N GLN G 62 5.27 32.55 33.85
CA GLN G 62 6.34 33.40 33.33
C GLN G 62 7.05 34.14 34.46
N LYS G 63 6.29 34.54 35.46
CA LYS G 63 6.81 35.30 36.60
C LYS G 63 7.89 34.53 37.37
N PHE G 64 7.71 33.23 37.49
CA PHE G 64 8.63 32.39 38.26
C PHE G 64 9.58 31.58 37.38
N LYS G 65 9.66 31.93 36.11
CA LYS G 65 10.60 31.29 35.19
C LYS G 65 12.03 31.58 35.62
N GLY G 66 12.66 30.61 36.27
CA GLY G 66 14.03 30.78 36.74
C GLY G 66 14.11 30.87 38.25
N LYS G 67 13.02 31.30 38.88
CA LYS G 67 12.96 31.41 40.32
C LYS G 67 12.62 30.07 40.96
N ALA G 68 11.77 29.30 40.28
CA ALA G 68 11.36 28.00 40.80
C ALA G 68 11.74 26.89 39.84
N THR G 69 12.02 25.71 40.40
CA THR G 69 12.35 24.53 39.61
C THR G 69 11.64 23.30 40.16
N LEU G 70 10.59 22.87 39.46
CA LEU G 70 9.77 21.74 39.91
C LEU G 70 10.36 20.40 39.49
N THR G 71 10.52 19.51 40.45
CA THR G 71 10.98 18.16 40.19
C THR G 71 10.08 17.17 40.90
N VAL G 72 10.39 15.89 40.75
CA VAL G 72 9.57 14.84 41.35
C VAL G 72 10.37 13.56 41.55
N ASP G 73 10.20 12.93 42.71
CA ASP G 73 10.85 11.67 43.01
C ASP G 73 9.82 10.56 43.14
N LYS G 74 9.62 9.81 42.05
CA LYS G 74 8.58 8.78 41.99
C LYS G 74 8.67 7.76 43.10
N SER G 75 9.89 7.32 43.38
CA SER G 75 10.13 6.28 44.38
C SER G 75 9.54 6.64 45.75
N SER G 76 9.75 7.88 46.17
CA SER G 76 9.32 8.33 47.49
C SER G 76 7.99 9.08 47.45
N SER G 77 7.37 9.15 46.28
CA SER G 77 6.11 9.87 46.11
C SER G 77 6.20 11.29 46.64
N THR G 78 7.30 11.98 46.32
CA THR G 78 7.50 13.33 46.81
C THR G 78 7.69 14.32 45.66
N ALA G 79 7.09 15.50 45.80
CA ALA G 79 7.28 16.57 44.83
C ALA G 79 8.12 17.66 45.46
N TYR G 80 9.17 18.09 44.76
CA TYR G 80 10.08 19.10 45.30
C TYR G 80 9.97 20.41 44.55
N MET G 81 10.41 21.49 45.18
CA MET G 81 10.48 22.80 44.53
C MET G 81 11.71 23.59 44.96
N GLU G 82 12.61 23.82 44.02
CA GLU G 82 13.79 24.65 44.26
C GLU G 82 13.42 26.11 44.13
N LEU G 83 14.02 26.95 44.97
CA LEU G 83 13.87 28.39 44.87
C LEU G 83 15.24 29.04 44.88
N LEU G 84 15.57 29.74 43.81
CA LEU G 84 16.92 30.28 43.63
C LEU G 84 17.01 31.78 43.92
N SER G 85 18.23 32.25 44.17
CA SER G 85 18.49 33.67 44.41
C SER G 85 17.44 34.29 45.33
N LEU G 86 17.18 33.63 46.44
CA LEU G 86 16.15 34.08 47.38
C LEU G 86 16.36 35.52 47.83
N THR G 87 15.26 36.26 47.93
CA THR G 87 15.31 37.65 48.38
C THR G 87 14.20 37.91 49.40
N SER G 88 14.07 39.15 49.82
CA SER G 88 13.03 39.55 50.77
C SER G 88 11.66 39.22 50.21
N GLU G 89 11.51 39.38 48.90
CA GLU G 89 10.23 39.17 48.22
C GLU G 89 9.80 37.71 48.21
N ASP G 90 10.75 36.80 48.45
CA ASP G 90 10.46 35.37 48.44
C ASP G 90 9.94 34.87 49.79
N SER G 91 9.89 35.75 50.78
CA SER G 91 9.36 35.41 52.09
C SER G 91 7.85 35.20 51.99
N ALA G 92 7.43 33.94 52.01
CA ALA G 92 6.00 33.63 51.86
C ALA G 92 5.69 32.21 52.32
N VAL G 93 4.42 31.83 52.21
CA VAL G 93 4.00 30.47 52.48
C VAL G 93 3.73 29.75 51.17
N TYR G 94 4.44 28.65 50.93
CA TYR G 94 4.31 27.94 49.67
C TYR G 94 3.48 26.66 49.82
N TYR G 95 2.34 26.62 49.14
CA TYR G 95 1.46 25.47 49.15
C TYR G 95 1.66 24.61 47.92
N CYS G 96 1.36 23.32 48.05
CA CYS G 96 1.32 22.43 46.91
C CYS G 96 -0.10 21.86 46.77
N ALA G 97 -0.71 22.11 45.63
CA ALA G 97 -2.09 21.70 45.39
C ALA G 97 -2.21 20.73 44.23
N ARG G 98 -2.82 19.58 44.50
CA ARG G 98 -2.94 18.52 43.49
C ARG G 98 -4.03 18.84 42.47
N ASP G 99 -3.81 18.43 41.23
CA ASP G 99 -4.83 18.55 40.19
C ASP G 99 -5.87 17.46 40.38
N GLY G 100 -7.04 17.64 39.77
CA GLY G 100 -8.18 16.78 40.06
C GLY G 100 -8.27 15.47 39.29
N ASP G 101 -7.90 15.49 38.01
CA ASP G 101 -8.15 14.35 37.13
C ASP G 101 -7.10 13.24 37.20
N TYR G 102 -7.56 12.02 36.91
CA TYR G 102 -6.72 10.83 36.96
C TYR G 102 -5.99 10.59 35.64
N TYR G 103 -4.67 10.72 35.68
CA TYR G 103 -3.83 10.58 34.50
C TYR G 103 -4.25 11.48 33.35
N ARG G 104 -4.64 12.71 33.69
CA ARG G 104 -4.92 13.76 32.71
C ARG G 104 -5.12 15.10 33.41
N TYR G 105 -4.86 16.18 32.68
CA TYR G 105 -4.98 17.53 33.24
C TYR G 105 -6.43 17.98 33.24
N GLY G 106 -6.96 18.28 34.42
CA GLY G 106 -8.35 18.68 34.55
C GLY G 106 -8.53 20.16 34.87
N ARG G 107 -7.45 20.82 35.23
CA ARG G 107 -7.48 22.23 35.57
C ARG G 107 -8.43 22.55 36.72
N TYR G 108 -8.38 21.77 37.78
CA TYR G 108 -9.12 22.09 39.00
C TYR G 108 -8.42 21.50 40.22
N PHE G 109 -8.56 22.14 41.36
CA PHE G 109 -7.76 21.80 42.53
C PHE G 109 -8.44 20.81 43.47
N ASP G 110 -7.66 19.82 43.91
CA ASP G 110 -8.12 18.84 44.88
C ASP G 110 -7.69 19.21 46.27
N TYR G 111 -6.61 18.57 46.71
CA TYR G 111 -6.09 18.73 48.05
C TYR G 111 -4.85 19.61 48.05
N TRP G 112 -4.68 20.39 49.11
CA TRP G 112 -3.50 21.21 49.28
C TRP G 112 -2.67 20.66 50.43
N GLY G 113 -1.49 21.24 50.63
CA GLY G 113 -0.67 20.91 51.78
C GLY G 113 -0.94 21.88 52.91
N GLN G 114 -0.38 21.62 54.08
CA GLN G 114 -0.55 22.52 55.21
C GLN G 114 0.21 23.81 54.95
N GLY G 115 1.09 23.79 53.95
CA GLY G 115 1.87 24.95 53.59
C GLY G 115 3.27 24.91 54.20
N THR G 116 4.21 25.59 53.55
CA THR G 116 5.56 25.70 54.07
C THR G 116 5.95 27.17 54.14
N THR G 117 6.20 27.66 55.35
CA THR G 117 6.56 29.06 55.54
C THR G 117 8.05 29.28 55.32
N LEU G 118 8.38 30.05 54.29
CA LEU G 118 9.77 30.38 53.99
C LEU G 118 10.07 31.81 54.37
N THR G 119 11.03 31.99 55.27
CA THR G 119 11.44 33.33 55.70
C THR G 119 12.84 33.66 55.22
N VAL G 120 12.94 34.66 54.36
CA VAL G 120 14.24 35.10 53.85
C VAL G 120 14.62 36.45 54.45
N SER G 121 15.59 36.43 55.35
CA SER G 121 16.05 37.64 56.03
C SER G 121 17.54 37.53 56.39
N SER G 122 18.30 38.55 56.06
CA SER G 122 19.72 38.60 56.43
C SER G 122 19.87 39.19 57.83
N ALA G 123 18.74 39.33 58.53
CA ALA G 123 18.72 39.89 59.88
C ALA G 123 19.50 39.03 60.88
N LYS G 124 20.07 39.68 61.88
CA LYS G 124 20.79 39.00 62.94
C LYS G 124 19.85 38.80 64.14
N THR G 125 20.12 37.78 64.95
CA THR G 125 19.30 37.54 66.13
C THR G 125 19.24 38.81 66.99
N THR G 126 18.07 39.46 66.99
CA THR G 126 17.90 40.72 67.70
C THR G 126 16.78 40.64 68.74
N PRO G 127 17.08 41.08 69.97
CA PRO G 127 16.08 41.12 71.05
C PRO G 127 15.11 42.28 70.83
N PRO G 128 13.92 42.20 71.45
CA PRO G 128 12.86 43.19 71.27
C PRO G 128 13.05 44.42 72.15
N SER G 129 12.82 45.60 71.58
CA SER G 129 12.84 46.82 72.37
C SER G 129 11.41 47.24 72.71
N VAL G 130 11.04 47.13 73.98
CA VAL G 130 9.67 47.37 74.40
C VAL G 130 9.41 48.82 74.77
N TYR G 131 8.34 49.38 74.20
CA TYR G 131 7.93 50.76 74.50
C TYR G 131 6.52 50.77 75.05
N PRO G 132 6.30 51.58 76.10
CA PRO G 132 4.99 51.71 76.77
C PRO G 132 3.98 52.50 75.95
N LEU G 133 2.75 51.98 75.86
CA LEU G 133 1.67 52.68 75.17
C LEU G 133 0.59 53.13 76.15
N ALA G 134 0.55 54.42 76.43
CA ALA G 134 -0.44 54.99 77.33
C ALA G 134 -1.28 56.04 76.59
N PRO G 135 -2.51 56.28 77.07
CA PRO G 135 -3.39 57.26 76.43
C PRO G 135 -2.97 58.70 76.74
N SER G 143 -14.14 56.38 82.56
CA SER G 143 -14.98 55.19 82.38
C SER G 143 -14.16 53.93 82.12
N MET G 144 -13.74 53.74 80.88
CA MET G 144 -12.91 52.61 80.51
C MET G 144 -11.52 53.07 80.00
N VAL G 145 -10.47 52.46 80.52
CA VAL G 145 -9.10 52.80 80.13
C VAL G 145 -8.44 51.63 79.40
N THR G 146 -7.72 51.95 78.32
CA THR G 146 -7.02 50.92 77.54
C THR G 146 -5.50 51.16 77.46
N LEU G 147 -4.74 50.17 77.90
CA LEU G 147 -3.28 50.28 77.96
C LEU G 147 -2.64 49.21 77.06
N GLY G 148 -1.46 49.51 76.52
CA GLY G 148 -0.81 48.58 75.61
C GLY G 148 0.71 48.64 75.57
N CYS G 149 1.31 47.61 74.99
CA CYS G 149 2.77 47.55 74.82
C CYS G 149 3.14 47.58 73.34
N LEU G 150 4.41 47.77 73.06
CA LEU G 150 4.90 47.78 71.69
C LEU G 150 6.24 47.05 71.56
N VAL G 151 6.18 45.75 71.26
CA VAL G 151 7.37 44.95 71.03
C VAL G 151 7.95 45.25 69.65
N LYS G 152 9.02 46.03 69.62
CA LYS G 152 9.52 46.60 68.36
C LYS G 152 10.92 46.10 67.99
N GLY G 153 11.16 45.97 66.69
CA GLY G 153 12.47 45.64 66.16
C GLY G 153 13.08 44.36 66.70
N TYR G 154 12.32 43.27 66.67
CA TYR G 154 12.80 42.00 67.18
C TYR G 154 12.88 40.94 66.08
N PHE G 155 13.74 39.95 66.31
CA PHE G 155 13.95 38.86 65.36
C PHE G 155 14.87 37.81 65.98
N PRO G 156 14.61 36.52 65.70
CA PRO G 156 13.48 36.10 64.89
C PRO G 156 12.28 35.95 65.80
N GLU G 157 11.11 35.62 65.25
CA GLU G 157 10.00 35.31 66.12
C GLU G 157 10.32 34.00 66.85
N PRO G 158 9.49 33.63 67.83
CA PRO G 158 8.32 34.40 68.25
C PRO G 158 8.57 35.21 69.51
N VAL G 159 7.51 35.84 70.01
CA VAL G 159 7.54 36.44 71.33
C VAL G 159 6.32 36.07 72.13
N THR G 160 6.44 36.29 73.43
CA THR G 160 5.39 35.98 74.37
C THR G 160 5.15 37.20 75.24
N VAL G 161 3.88 37.54 75.45
CA VAL G 161 3.55 38.71 76.27
C VAL G 161 2.53 38.34 77.34
N THR G 162 2.67 38.97 78.50
CA THR G 162 1.76 38.78 79.60
C THR G 162 1.56 40.11 80.30
N TRP G 163 0.62 40.14 81.25
CA TRP G 163 0.37 41.37 82.00
C TRP G 163 0.38 41.12 83.50
N ASN G 164 1.03 42.01 84.23
CA ASN G 164 1.17 41.87 85.68
C ASN G 164 1.74 40.52 86.03
N SER G 165 2.75 40.09 85.27
CA SER G 165 3.39 38.80 85.47
C SER G 165 2.37 37.67 85.39
N GLY G 166 1.25 37.92 84.72
CA GLY G 166 0.21 36.93 84.54
C GLY G 166 -1.10 37.22 85.24
N SER G 167 -1.04 38.05 86.28
CA SER G 167 -2.24 38.37 87.07
C SER G 167 -3.38 38.88 86.21
N LEU G 168 -3.16 40.00 85.53
CA LEU G 168 -4.17 40.62 84.68
C LEU G 168 -4.24 39.91 83.33
N SER G 169 -5.08 38.88 83.25
CA SER G 169 -5.16 38.03 82.06
C SER G 169 -6.47 38.19 81.29
N SER G 170 -7.35 39.04 81.79
CA SER G 170 -8.66 39.26 81.17
C SER G 170 -8.71 40.55 80.33
N GLY G 171 -9.13 40.41 79.08
CA GLY G 171 -9.27 41.54 78.19
C GLY G 171 -8.00 41.90 77.44
N VAL G 172 -6.98 41.03 77.57
CA VAL G 172 -5.71 41.25 76.89
C VAL G 172 -5.77 40.78 75.44
N HIS G 173 -5.16 41.55 74.54
CA HIS G 173 -5.12 41.19 73.13
C HIS G 173 -3.71 41.34 72.59
N THR G 174 -3.11 40.22 72.18
CA THR G 174 -1.80 40.25 71.56
C THR G 174 -1.95 40.12 70.05
N PHE G 175 -1.73 41.23 69.35
CA PHE G 175 -1.96 41.29 67.90
C PHE G 175 -0.85 40.63 67.10
N PRO G 176 -1.18 40.18 65.88
CA PRO G 176 -0.24 39.62 64.90
C PRO G 176 0.99 40.50 64.76
N ALA G 177 2.13 39.91 64.40
CA ALA G 177 3.35 40.67 64.18
C ALA G 177 3.43 41.17 62.75
N VAL G 178 4.36 42.09 62.49
CA VAL G 178 4.56 42.63 61.15
C VAL G 178 6.04 42.87 60.86
N LEU G 179 6.39 42.97 59.59
CA LEU G 179 7.77 43.19 59.20
C LEU G 179 7.95 44.62 58.69
N GLN G 180 8.26 45.53 59.61
CA GLN G 180 8.28 46.96 59.28
C GLN G 180 9.63 47.49 58.79
N SER G 181 10.73 46.97 59.36
CA SER G 181 12.06 47.38 58.94
C SER G 181 13.00 46.18 58.89
N ASP G 182 12.46 45.07 58.36
CA ASP G 182 13.17 43.79 58.32
C ASP G 182 13.16 43.11 59.70
N LEU G 183 12.65 43.82 60.69
CA LEU G 183 12.49 43.27 62.03
C LEU G 183 11.02 43.26 62.43
N TYR G 184 10.59 42.16 63.02
CA TYR G 184 9.19 42.01 63.40
C TYR G 184 8.79 43.00 64.49
N THR G 185 7.49 43.24 64.61
CA THR G 185 6.97 44.20 65.57
C THR G 185 5.51 43.94 65.84
N LEU G 186 5.15 43.82 67.11
CA LEU G 186 3.76 43.61 67.50
C LEU G 186 3.43 44.41 68.74
N SER G 187 2.13 44.56 69.00
CA SER G 187 1.66 45.27 70.19
C SER G 187 0.62 44.43 70.92
N SER G 188 0.25 44.86 72.13
CA SER G 188 -0.68 44.08 72.94
C SER G 188 -1.41 44.98 73.92
N SER G 189 -2.73 45.03 73.82
CA SER G 189 -3.53 45.93 74.65
C SER G 189 -4.15 45.24 75.86
N VAL G 190 -4.95 45.98 76.61
CA VAL G 190 -5.61 45.47 77.80
C VAL G 190 -6.71 46.44 78.24
N THR G 191 -7.79 45.90 78.79
CA THR G 191 -8.88 46.75 79.26
C THR G 191 -9.14 46.56 80.75
N VAL G 192 -9.20 47.69 81.47
CA VAL G 192 -9.44 47.67 82.91
C VAL G 192 -10.34 48.84 83.29
N PRO G 193 -11.08 48.70 84.40
CA PRO G 193 -11.82 49.84 84.95
C PRO G 193 -10.83 50.97 85.25
N SER G 194 -11.24 52.23 85.08
CA SER G 194 -10.34 53.36 85.30
C SER G 194 -9.84 53.44 86.74
N SER G 195 -10.69 53.11 87.70
CA SER G 195 -10.34 53.14 89.12
C SER G 195 -9.16 52.22 89.43
N THR G 196 -8.69 51.49 88.42
CA THR G 196 -7.56 50.59 88.59
C THR G 196 -6.34 51.05 87.79
N TRP G 197 -6.38 52.30 87.33
CA TRP G 197 -5.25 52.90 86.63
C TRP G 197 -5.45 54.41 86.39
N PRO G 198 -4.42 55.21 86.69
CA PRO G 198 -3.10 54.77 87.18
C PRO G 198 -3.11 54.26 88.62
N SER G 199 -4.29 54.23 89.22
CA SER G 199 -4.45 53.78 90.61
C SER G 199 -3.71 52.47 90.88
N GLU G 200 -4.28 51.37 90.40
CA GLU G 200 -3.67 50.05 90.55
C GLU G 200 -2.41 49.91 89.68
N THR G 201 -1.31 49.58 90.34
CA THR G 201 -0.02 49.41 89.66
C THR G 201 -0.05 48.22 88.68
N VAL G 202 0.49 48.42 87.48
CA VAL G 202 0.44 47.41 86.41
C VAL G 202 1.59 47.54 85.40
N THR G 203 1.98 46.42 84.78
CA THR G 203 3.07 46.38 83.81
C THR G 203 2.92 45.23 82.81
N CYS G 204 3.58 45.34 81.67
CA CYS G 204 3.55 44.27 80.67
C CYS G 204 4.86 43.49 80.62
N ASN G 205 4.74 42.17 80.46
CA ASN G 205 5.91 41.28 80.43
C ASN G 205 6.17 40.70 79.05
N VAL G 206 7.31 41.06 78.47
CA VAL G 206 7.71 40.51 77.18
C VAL G 206 8.77 39.44 77.37
N ALA G 207 8.69 38.37 76.58
CA ALA G 207 9.63 37.26 76.68
C ALA G 207 10.06 36.75 75.31
N HIS G 208 11.25 37.17 74.88
CA HIS G 208 11.80 36.73 73.60
C HIS G 208 12.78 35.58 73.82
N PRO G 209 12.37 34.35 73.48
CA PRO G 209 13.15 33.14 73.72
C PRO G 209 14.38 33.02 72.83
N ALA G 210 14.34 33.68 71.67
CA ALA G 210 15.42 33.56 70.70
C ALA G 210 16.73 34.21 71.16
N SER G 211 16.65 35.04 72.20
CA SER G 211 17.83 35.68 72.76
C SER G 211 17.74 35.78 74.28
N SER G 212 16.82 35.00 74.86
CA SER G 212 16.60 34.96 76.29
C SER G 212 16.37 36.35 76.88
N THR G 213 15.53 37.13 76.20
CA THR G 213 15.23 38.49 76.64
C THR G 213 13.83 38.54 77.25
N LYS G 214 13.78 38.77 78.56
CA LYS G 214 12.48 38.95 79.23
C LYS G 214 12.41 40.32 79.87
N VAL G 215 12.00 41.32 79.09
CA VAL G 215 11.95 42.70 79.57
C VAL G 215 10.52 43.10 79.97
N ASP G 216 10.41 43.83 81.08
CA ASP G 216 9.13 44.39 81.52
C ASP G 216 9.16 45.92 81.38
N LYS G 217 8.01 46.51 81.10
CA LYS G 217 7.90 47.96 81.01
C LYS G 217 6.60 48.44 81.66
N LYS G 218 6.74 49.24 82.70
CA LYS G 218 5.58 49.77 83.42
C LYS G 218 4.79 50.74 82.53
N ILE G 219 3.47 50.76 82.72
CA ILE G 219 2.64 51.66 81.93
C ILE G 219 2.22 52.86 82.76
N VAL G 220 3.01 53.94 82.66
CA VAL G 220 2.71 55.18 83.37
C VAL G 220 2.02 56.17 82.43
N PRO G 221 1.17 57.06 82.98
CA PRO G 221 0.45 58.04 82.17
C PRO G 221 1.36 58.79 81.19
N GLU H 1 -31.02 -22.72 -37.10
CA GLU H 1 -30.77 -21.69 -38.11
C GLU H 1 -31.27 -20.33 -37.65
N VAL H 2 -30.48 -19.29 -37.91
CA VAL H 2 -30.90 -17.96 -37.55
C VAL H 2 -31.73 -17.33 -38.65
N GLN H 3 -32.62 -16.43 -38.27
CA GLN H 3 -33.47 -15.74 -39.23
C GLN H 3 -33.78 -14.33 -38.77
N LEU H 4 -33.82 -13.41 -39.72
CA LEU H 4 -34.19 -12.03 -39.44
C LEU H 4 -35.37 -11.67 -40.32
N GLN H 5 -36.58 -11.74 -39.76
CA GLN H 5 -37.79 -11.40 -40.51
C GLN H 5 -38.21 -9.96 -40.26
N GLN H 6 -38.27 -9.18 -41.31
CA GLN H 6 -38.62 -7.77 -41.20
C GLN H 6 -40.09 -7.56 -41.52
N SER H 7 -40.62 -6.39 -41.16
CA SER H 7 -42.02 -6.07 -41.42
C SER H 7 -42.30 -6.00 -42.93
N GLY H 8 -43.58 -6.02 -43.27
CA GLY H 8 -43.99 -5.96 -44.66
C GLY H 8 -43.74 -4.60 -45.28
N PRO H 9 -44.03 -4.47 -46.58
CA PRO H 9 -43.83 -3.21 -47.31
C PRO H 9 -44.78 -2.13 -46.81
N GLU H 10 -44.38 -0.87 -46.95
CA GLU H 10 -45.17 0.24 -46.43
C GLU H 10 -45.29 1.39 -47.43
N LEU H 11 -46.47 2.00 -47.46
CA LEU H 11 -46.68 3.19 -48.26
C LEU H 11 -47.11 4.34 -47.35
N VAL H 12 -46.35 5.43 -47.37
CA VAL H 12 -46.64 6.57 -46.51
C VAL H 12 -46.42 7.90 -47.23
N ARG H 13 -47.17 8.91 -46.82
CA ARG H 13 -47.05 10.24 -47.42
C ARG H 13 -45.89 11.02 -46.83
N PRO H 14 -45.28 11.90 -47.64
CA PRO H 14 -44.16 12.75 -47.19
C PRO H 14 -44.52 13.53 -45.93
N GLY H 15 -43.53 13.79 -45.09
CA GLY H 15 -43.76 14.49 -43.84
C GLY H 15 -44.08 13.56 -42.69
N ALA H 16 -44.69 12.41 -43.02
CA ALA H 16 -45.02 11.41 -42.02
C ALA H 16 -43.78 10.63 -41.59
N SER H 17 -43.96 9.70 -40.67
CA SER H 17 -42.87 8.87 -40.19
C SER H 17 -43.37 7.49 -39.78
N MET H 18 -42.67 6.45 -40.22
CA MET H 18 -43.06 5.08 -39.87
C MET H 18 -41.87 4.27 -39.34
N LYS H 19 -42.17 3.13 -38.72
CA LYS H 19 -41.16 2.33 -38.06
C LYS H 19 -41.20 0.87 -38.51
N ILE H 20 -40.10 0.40 -39.09
CA ILE H 20 -40.00 -0.98 -39.56
C ILE H 20 -39.28 -1.87 -38.56
N SER H 21 -39.69 -3.13 -38.48
CA SER H 21 -39.15 -4.05 -37.48
C SER H 21 -38.23 -5.11 -38.08
N CYS H 22 -37.59 -5.87 -37.21
CA CYS H 22 -36.68 -6.95 -37.62
C CYS H 22 -36.62 -7.99 -36.52
N LYS H 23 -37.54 -8.96 -36.57
CA LYS H 23 -37.62 -9.99 -35.54
C LYS H 23 -36.58 -11.08 -35.72
N ALA H 24 -35.69 -11.21 -34.75
CA ALA H 24 -34.60 -12.17 -34.80
C ALA H 24 -34.95 -13.46 -34.06
N SER H 25 -34.59 -14.59 -34.67
CA SER H 25 -34.82 -15.89 -34.08
C SER H 25 -33.70 -16.84 -34.46
N GLY H 26 -33.49 -17.87 -33.65
CA GLY H 26 -32.48 -18.86 -33.94
C GLY H 26 -31.12 -18.58 -33.31
N TYR H 27 -31.04 -17.52 -32.52
CA TYR H 27 -29.81 -17.18 -31.81
C TYR H 27 -30.09 -16.30 -30.59
N SER H 28 -29.14 -16.26 -29.67
CA SER H 28 -29.24 -15.41 -28.49
C SER H 28 -29.28 -13.95 -28.95
N PHE H 29 -30.48 -13.41 -29.09
CA PHE H 29 -30.69 -12.09 -29.69
C PHE H 29 -29.79 -11.01 -29.12
N THR H 30 -29.60 -11.03 -27.81
CA THR H 30 -28.92 -9.96 -27.12
C THR H 30 -27.41 -10.05 -27.25
N GLY H 31 -26.94 -10.96 -28.10
CA GLY H 31 -25.52 -11.22 -28.22
C GLY H 31 -24.84 -10.56 -29.40
N TYR H 32 -25.60 -10.35 -30.48
CA TYR H 32 -25.05 -9.79 -31.71
C TYR H 32 -25.68 -8.45 -32.03
N THR H 33 -24.84 -7.45 -32.32
CA THR H 33 -25.35 -6.12 -32.62
C THR H 33 -25.90 -6.04 -34.04
N MET H 34 -26.92 -5.20 -34.24
CA MET H 34 -27.62 -5.12 -35.52
C MET H 34 -27.24 -3.90 -36.34
N ASN H 35 -27.03 -4.11 -37.63
CA ASN H 35 -26.81 -3.03 -38.58
C ASN H 35 -28.08 -2.73 -39.38
N TRP H 36 -28.18 -1.52 -39.91
CA TRP H 36 -29.28 -1.17 -40.80
C TRP H 36 -28.74 -0.58 -42.10
N VAL H 37 -29.07 -1.21 -43.21
CA VAL H 37 -28.58 -0.78 -44.52
C VAL H 37 -29.73 -0.31 -45.41
N LYS H 38 -29.47 0.74 -46.18
CA LYS H 38 -30.48 1.30 -47.07
C LYS H 38 -30.08 1.15 -48.53
N GLN H 39 -30.89 0.41 -49.28
CA GLN H 39 -30.67 0.24 -50.70
C GLN H 39 -31.72 1.01 -51.52
N SER H 40 -31.29 2.08 -52.17
CA SER H 40 -32.18 2.90 -52.98
C SER H 40 -31.93 2.69 -54.47
N HIS H 41 -32.94 3.00 -55.28
CA HIS H 41 -32.83 2.84 -56.72
C HIS H 41 -31.87 3.88 -57.29
N GLY H 42 -31.79 5.03 -56.63
CA GLY H 42 -30.97 6.14 -57.10
C GLY H 42 -29.48 6.03 -56.78
N LYS H 43 -29.16 5.39 -55.65
CA LYS H 43 -27.76 5.26 -55.22
C LYS H 43 -27.35 3.82 -54.90
N ASN H 44 -26.23 3.67 -54.20
CA ASN H 44 -25.73 2.35 -53.82
C ASN H 44 -26.33 1.91 -52.50
N LEU H 45 -25.62 1.00 -51.82
CA LEU H 45 -25.95 0.62 -50.46
C LEU H 45 -25.39 1.65 -49.50
N GLU H 46 -26.21 2.10 -48.55
CA GLU H 46 -25.76 3.02 -47.54
C GLU H 46 -25.90 2.40 -46.17
N TRP H 47 -24.92 2.67 -45.30
CA TRP H 47 -24.97 2.17 -43.93
C TRP H 47 -25.60 3.23 -43.02
N ILE H 48 -26.75 2.91 -42.46
CA ILE H 48 -27.49 3.85 -41.63
C ILE H 48 -26.93 3.95 -40.23
N GLY H 49 -26.74 2.81 -39.58
CA GLY H 49 -26.21 2.78 -38.23
C GLY H 49 -26.25 1.40 -37.64
N LEU H 50 -25.96 1.28 -36.36
CA LEU H 50 -26.00 -0.01 -35.68
C LEU H 50 -26.38 0.13 -34.23
N ILE H 51 -26.88 -0.94 -33.64
CA ILE H 51 -27.29 -0.94 -32.24
C ILE H 51 -26.93 -2.25 -31.55
N ASN H 52 -26.46 -2.15 -30.31
CA ASN H 52 -26.15 -3.31 -29.49
C ASN H 52 -27.36 -3.65 -28.63
N PRO H 53 -28.02 -4.78 -28.93
CA PRO H 53 -29.22 -5.20 -28.21
C PRO H 53 -29.01 -5.23 -26.71
N TYR H 54 -27.92 -5.84 -26.27
CA TYR H 54 -27.63 -6.01 -24.86
C TYR H 54 -27.36 -4.69 -24.17
N ASN H 55 -26.92 -3.71 -24.95
CA ASN H 55 -26.38 -2.48 -24.41
C ASN H 55 -27.36 -1.31 -24.56
N GLY H 56 -28.13 -1.33 -25.64
CA GLY H 56 -28.98 -0.22 -25.97
C GLY H 56 -28.18 0.82 -26.71
N GLY H 57 -26.86 0.66 -26.69
CA GLY H 57 -25.95 1.60 -27.31
C GLY H 57 -26.12 1.65 -28.82
N THR H 58 -26.02 2.86 -29.37
CA THR H 58 -26.19 3.05 -30.80
C THR H 58 -25.07 3.91 -31.39
N SER H 59 -24.83 3.74 -32.69
CA SER H 59 -23.89 4.57 -33.42
C SER H 59 -24.41 4.77 -34.84
N TYR H 60 -24.64 6.03 -35.22
CA TYR H 60 -25.25 6.34 -36.50
C TYR H 60 -24.25 6.88 -37.52
N ASN H 61 -24.58 6.70 -38.79
CA ASN H 61 -23.88 7.37 -39.87
C ASN H 61 -24.27 8.84 -39.81
N GLN H 62 -23.28 9.72 -39.92
CA GLN H 62 -23.55 11.15 -39.85
C GLN H 62 -24.70 11.55 -40.78
N LYS H 63 -24.78 10.88 -41.93
CA LYS H 63 -25.79 11.17 -42.92
C LYS H 63 -27.21 10.96 -42.40
N PHE H 64 -27.38 9.95 -41.57
CA PHE H 64 -28.72 9.59 -41.05
C PHE H 64 -28.92 10.04 -39.61
N LYS H 65 -28.05 10.91 -39.12
CA LYS H 65 -28.20 11.48 -37.80
C LYS H 65 -29.47 12.33 -37.71
N GLY H 66 -30.52 11.77 -37.13
CA GLY H 66 -31.78 12.48 -37.02
C GLY H 66 -32.85 11.90 -37.92
N LYS H 67 -32.43 11.25 -39.00
CA LYS H 67 -33.37 10.60 -39.92
C LYS H 67 -33.79 9.23 -39.40
N ALA H 68 -32.85 8.53 -38.77
CA ALA H 68 -33.13 7.20 -38.25
C ALA H 68 -32.94 7.14 -36.74
N THR H 69 -33.72 6.28 -36.10
CA THR H 69 -33.62 6.07 -34.66
C THR H 69 -33.69 4.58 -34.33
N LEU H 70 -32.55 4.01 -33.99
CA LEU H 70 -32.46 2.58 -33.71
C LEU H 70 -32.82 2.24 -32.27
N THR H 71 -33.75 1.30 -32.11
CA THR H 71 -34.11 0.82 -30.80
C THR H 71 -34.13 -0.70 -30.80
N VAL H 72 -34.46 -1.29 -29.65
CA VAL H 72 -34.46 -2.74 -29.52
C VAL H 72 -35.39 -3.18 -28.40
N ASP H 73 -36.16 -4.24 -28.66
CA ASP H 73 -37.05 -4.80 -27.65
C ASP H 73 -36.59 -6.21 -27.28
N LYS H 74 -35.85 -6.31 -26.19
CA LYS H 74 -35.23 -7.57 -25.79
C LYS H 74 -36.24 -8.70 -25.61
N SER H 75 -37.38 -8.38 -25.01
CA SER H 75 -38.39 -9.38 -24.72
C SER H 75 -38.84 -10.13 -25.97
N SER H 76 -39.08 -9.39 -27.04
CA SER H 76 -39.59 -9.98 -28.28
C SER H 76 -38.49 -10.27 -29.31
N SER H 77 -37.24 -10.05 -28.92
CA SER H 77 -36.10 -10.25 -29.82
C SER H 77 -36.29 -9.51 -31.13
N THR H 78 -36.74 -8.26 -31.06
CA THR H 78 -36.99 -7.48 -32.25
C THR H 78 -36.17 -6.19 -32.26
N ALA H 79 -35.63 -5.84 -33.43
CA ALA H 79 -34.93 -4.59 -33.60
C ALA H 79 -35.79 -3.66 -34.46
N TYR H 80 -35.97 -2.43 -34.00
CA TYR H 80 -36.81 -1.47 -34.71
C TYR H 80 -35.99 -0.33 -35.30
N MET H 81 -36.56 0.35 -36.29
CA MET H 81 -35.93 1.55 -36.85
C MET H 81 -36.97 2.59 -37.24
N GLU H 82 -36.94 3.72 -36.54
CA GLU H 82 -37.80 4.85 -36.85
C GLU H 82 -37.20 5.65 -38.00
N LEU H 83 -38.06 6.15 -38.89
CA LEU H 83 -37.62 7.06 -39.93
C LEU H 83 -38.50 8.31 -39.91
N LEU H 84 -37.88 9.47 -39.70
CA LEU H 84 -38.63 10.70 -39.50
C LEU H 84 -38.62 11.61 -40.73
N SER H 85 -39.58 12.53 -40.78
CA SER H 85 -39.68 13.50 -41.87
C SER H 85 -39.46 12.86 -43.23
N LEU H 86 -40.16 11.75 -43.47
CA LEU H 86 -39.99 10.99 -44.70
C LEU H 86 -40.20 11.86 -45.95
N THR H 87 -39.36 11.64 -46.96
CA THR H 87 -39.46 12.36 -48.21
C THR H 87 -39.33 11.39 -49.39
N SER H 88 -39.31 11.95 -50.60
CA SER H 88 -39.16 11.12 -51.81
C SER H 88 -37.85 10.35 -51.75
N GLU H 89 -36.82 10.98 -51.18
CA GLU H 89 -35.49 10.38 -51.12
C GLU H 89 -35.43 9.17 -50.20
N ASP H 90 -36.42 9.04 -49.32
CA ASP H 90 -36.46 7.93 -48.36
C ASP H 90 -37.09 6.68 -48.94
N SER H 91 -37.59 6.77 -50.16
CA SER H 91 -38.16 5.61 -50.85
C SER H 91 -37.05 4.63 -51.20
N ALA H 92 -36.98 3.54 -50.45
CA ALA H 92 -35.92 2.55 -50.65
C ALA H 92 -36.25 1.23 -49.97
N VAL H 93 -35.33 0.26 -50.09
CA VAL H 93 -35.45 -1.01 -49.40
C VAL H 93 -34.49 -1.03 -48.23
N TYR H 94 -35.01 -1.21 -47.02
CA TYR H 94 -34.18 -1.18 -45.82
C TYR H 94 -33.91 -2.57 -45.27
N TYR H 95 -32.64 -2.96 -45.28
CA TYR H 95 -32.24 -4.27 -44.76
C TYR H 95 -31.67 -4.15 -43.36
N CYS H 96 -31.78 -5.22 -42.59
CA CYS H 96 -31.11 -5.30 -41.30
C CYS H 96 -30.11 -6.44 -41.32
N ALA H 97 -28.84 -6.13 -41.08
CA ALA H 97 -27.78 -7.12 -41.15
C ALA H 97 -27.07 -7.29 -39.82
N ARG H 98 -27.01 -8.53 -39.34
CA ARG H 98 -26.42 -8.84 -38.04
C ARG H 98 -24.89 -8.79 -38.10
N ASP H 99 -24.27 -8.36 -37.01
CA ASP H 99 -22.82 -8.42 -36.89
C ASP H 99 -22.40 -9.84 -36.57
N GLY H 100 -21.12 -10.15 -36.78
CA GLY H 100 -20.66 -11.52 -36.72
C GLY H 100 -20.29 -12.08 -35.36
N ASP H 101 -19.67 -11.25 -34.52
CA ASP H 101 -19.08 -11.74 -33.27
C ASP H 101 -20.06 -11.87 -32.11
N TYR H 102 -19.75 -12.80 -31.21
CA TYR H 102 -20.58 -13.11 -30.06
C TYR H 102 -20.25 -12.21 -28.87
N TYR H 103 -21.19 -11.35 -28.50
CA TYR H 103 -21.00 -10.38 -27.42
C TYR H 103 -19.76 -9.52 -27.59
N ARG H 104 -19.50 -9.12 -28.83
CA ARG H 104 -18.46 -8.14 -29.14
C ARG H 104 -18.55 -7.71 -30.60
N TYR H 105 -18.07 -6.50 -30.90
CA TYR H 105 -18.13 -5.96 -32.25
C TYR H 105 -17.02 -6.54 -33.12
N GLY H 106 -17.41 -7.20 -34.20
CA GLY H 106 -16.44 -7.83 -35.08
C GLY H 106 -16.27 -7.14 -36.41
N ARG H 107 -17.19 -6.22 -36.71
CA ARG H 107 -17.15 -5.47 -37.95
C ARG H 107 -17.19 -6.37 -39.20
N TYR H 108 -18.10 -7.34 -39.19
CA TYR H 108 -18.35 -8.13 -40.40
C TYR H 108 -19.79 -8.65 -40.38
N PHE H 109 -20.35 -8.85 -41.57
CA PHE H 109 -21.78 -9.13 -41.69
C PHE H 109 -22.11 -10.61 -41.75
N ASP H 110 -23.12 -11.01 -40.98
CA ASP H 110 -23.62 -12.37 -40.97
C ASP H 110 -24.82 -12.51 -41.87
N TYR H 111 -26.00 -12.48 -41.24
CA TYR H 111 -27.26 -12.68 -41.93
C TYR H 111 -27.99 -11.36 -42.13
N TRP H 112 -28.69 -11.24 -43.24
CA TRP H 112 -29.50 -10.08 -43.50
C TRP H 112 -30.98 -10.46 -43.46
N GLY H 113 -31.86 -9.48 -43.56
CA GLY H 113 -33.27 -9.73 -43.67
C GLY H 113 -33.69 -9.78 -45.12
N GLN H 114 -34.94 -10.15 -45.37
CA GLN H 114 -35.45 -10.19 -46.74
C GLN H 114 -35.58 -8.77 -47.28
N GLY H 115 -35.53 -7.80 -46.38
CA GLY H 115 -35.65 -6.40 -46.74
C GLY H 115 -37.06 -5.87 -46.55
N THR H 116 -37.16 -4.57 -46.33
CA THR H 116 -38.46 -3.91 -46.21
C THR H 116 -38.54 -2.75 -47.18
N THR H 117 -39.45 -2.84 -48.14
CA THR H 117 -39.60 -1.80 -49.14
C THR H 117 -40.47 -0.67 -48.64
N LEU H 118 -39.87 0.52 -48.51
CA LEU H 118 -40.60 1.70 -48.07
C LEU H 118 -40.83 2.65 -49.23
N THR H 119 -42.09 2.93 -49.51
CA THR H 119 -42.44 3.84 -50.60
C THR H 119 -43.06 5.12 -50.05
N VAL H 120 -42.39 6.24 -50.27
CA VAL H 120 -42.88 7.53 -49.83
C VAL H 120 -43.30 8.38 -51.02
N SER H 121 -44.61 8.59 -51.17
CA SER H 121 -45.10 9.35 -52.31
C SER H 121 -46.32 10.19 -51.95
N SER H 122 -46.38 11.39 -52.53
CA SER H 122 -47.50 12.29 -52.34
C SER H 122 -48.55 12.10 -53.43
N ALA H 123 -48.42 11.02 -54.17
CA ALA H 123 -49.36 10.70 -55.26
C ALA H 123 -50.42 9.71 -54.78
N LYS H 124 -51.62 9.83 -55.37
CA LYS H 124 -52.75 9.01 -54.98
C LYS H 124 -52.96 7.85 -55.95
N THR H 125 -53.66 6.80 -55.48
CA THR H 125 -53.93 5.64 -56.31
C THR H 125 -54.39 6.01 -57.72
N THR H 126 -53.65 5.53 -58.71
CA THR H 126 -53.96 5.78 -60.13
C THR H 126 -53.90 4.47 -60.90
N PRO H 127 -54.99 4.15 -61.63
CA PRO H 127 -55.02 2.93 -62.44
C PRO H 127 -54.15 3.04 -63.68
N PRO H 128 -53.72 1.89 -64.23
CA PRO H 128 -52.78 1.83 -65.36
C PRO H 128 -53.44 2.09 -66.71
N SER H 129 -52.78 2.89 -67.55
CA SER H 129 -53.22 3.06 -68.93
C SER H 129 -52.51 2.03 -69.81
N VAL H 130 -53.23 0.98 -70.18
CA VAL H 130 -52.63 -0.12 -70.93
C VAL H 130 -52.68 0.11 -72.44
N TYR H 131 -51.51 0.14 -73.07
CA TYR H 131 -51.39 0.41 -74.49
C TYR H 131 -50.74 -0.76 -75.24
N PRO H 132 -51.35 -1.14 -76.38
CA PRO H 132 -50.88 -2.28 -77.18
C PRO H 132 -49.62 -1.97 -77.97
N LEU H 133 -48.56 -2.75 -77.73
CA LEU H 133 -47.32 -2.59 -78.47
C LEU H 133 -47.33 -3.48 -79.71
N ALA H 134 -47.59 -2.86 -80.86
CA ALA H 134 -47.68 -3.56 -82.14
C ALA H 134 -46.31 -3.71 -82.78
N PRO H 135 -46.02 -4.92 -83.29
CA PRO H 135 -44.72 -5.24 -83.88
C PRO H 135 -44.49 -4.49 -85.18
N GLY H 136 -43.23 -4.43 -85.63
CA GLY H 136 -42.89 -3.86 -86.92
C GLY H 136 -43.25 -4.82 -88.03
N SER H 137 -43.44 -4.30 -89.24
CA SER H 137 -43.79 -5.15 -90.39
C SER H 137 -42.62 -6.07 -90.78
N ALA H 138 -41.44 -5.79 -90.24
CA ALA H 138 -40.24 -6.61 -90.45
C ALA H 138 -40.15 -7.75 -89.44
N ALA H 139 -40.94 -7.66 -88.37
CA ALA H 139 -41.00 -8.70 -87.35
C ALA H 139 -42.03 -9.78 -87.69
N GLN H 140 -43.00 -9.42 -88.54
CA GLN H 140 -44.00 -10.38 -89.02
C GLN H 140 -43.37 -11.43 -89.95
N THR H 141 -42.15 -11.15 -90.38
CA THR H 141 -41.42 -12.03 -91.28
C THR H 141 -40.51 -13.00 -90.51
N ASN H 142 -40.72 -13.08 -89.20
CA ASN H 142 -39.98 -14.03 -88.36
C ASN H 142 -40.87 -15.17 -87.90
N SER H 143 -40.29 -16.37 -87.83
CA SER H 143 -41.03 -17.55 -87.41
C SER H 143 -41.81 -17.31 -86.12
N MET H 144 -41.23 -16.49 -85.24
CA MET H 144 -41.93 -16.04 -84.04
C MET H 144 -41.91 -14.51 -83.94
N VAL H 145 -43.06 -13.96 -83.56
CA VAL H 145 -43.21 -12.52 -83.40
C VAL H 145 -43.40 -12.18 -81.92
N THR H 146 -42.96 -11.00 -81.51
CA THR H 146 -43.07 -10.59 -80.11
C THR H 146 -43.97 -9.36 -79.94
N LEU H 147 -45.01 -9.53 -79.12
CA LEU H 147 -45.95 -8.46 -78.84
C LEU H 147 -45.85 -8.04 -77.38
N GLY H 148 -46.51 -6.96 -77.01
CA GLY H 148 -46.44 -6.48 -75.63
C GLY H 148 -47.47 -5.46 -75.21
N CYS H 149 -47.74 -5.43 -73.91
CA CYS H 149 -48.59 -4.40 -73.31
C CYS H 149 -47.70 -3.36 -72.64
N LEU H 150 -48.03 -2.09 -72.81
CA LEU H 150 -47.34 -1.02 -72.09
C LEU H 150 -48.22 -0.49 -70.96
N VAL H 151 -47.99 -0.99 -69.75
CA VAL H 151 -48.70 -0.51 -68.58
C VAL H 151 -48.09 0.81 -68.13
N LYS H 152 -48.82 1.91 -68.35
CA LYS H 152 -48.24 3.24 -68.23
C LYS H 152 -48.94 4.13 -67.21
N GLY H 153 -48.14 4.72 -66.31
CA GLY H 153 -48.61 5.71 -65.36
C GLY H 153 -49.57 5.19 -64.30
N TYR H 154 -49.14 4.20 -63.52
CA TYR H 154 -49.96 3.66 -62.45
C TYR H 154 -49.33 3.85 -61.08
N PHE H 155 -50.10 3.54 -60.03
CA PHE H 155 -49.65 3.75 -58.66
C PHE H 155 -50.73 3.32 -57.67
N PRO H 156 -50.32 2.67 -56.56
CA PRO H 156 -48.94 2.23 -56.31
C PRO H 156 -48.77 0.80 -56.78
N GLU H 157 -47.55 0.29 -56.74
CA GLU H 157 -47.30 -1.10 -57.12
C GLU H 157 -48.08 -2.05 -56.24
N PRO H 158 -48.27 -3.30 -56.69
CA PRO H 158 -47.72 -3.80 -57.96
C PRO H 158 -48.78 -3.88 -59.06
N VAL H 159 -48.40 -4.44 -60.19
CA VAL H 159 -49.33 -4.83 -61.24
C VAL H 159 -48.99 -6.24 -61.72
N THR H 160 -50.00 -7.05 -61.98
CA THR H 160 -49.77 -8.40 -62.48
C THR H 160 -50.24 -8.54 -63.93
N VAL H 161 -49.33 -8.96 -64.81
CA VAL H 161 -49.64 -9.08 -66.23
C VAL H 161 -49.59 -10.53 -66.70
N THR H 162 -50.71 -11.01 -67.24
CA THR H 162 -50.77 -12.34 -67.81
C THR H 162 -51.04 -12.25 -69.31
N TRP H 163 -51.10 -13.41 -69.97
CA TRP H 163 -51.39 -13.46 -71.39
C TRP H 163 -52.41 -14.55 -71.70
N ASN H 164 -53.46 -14.17 -72.42
CA ASN H 164 -54.57 -15.07 -72.72
C ASN H 164 -55.18 -15.65 -71.45
N SER H 165 -55.37 -14.79 -70.46
CA SER H 165 -55.93 -15.19 -69.17
C SER H 165 -55.05 -16.25 -68.48
N GLY H 166 -53.84 -16.45 -69.00
CA GLY H 166 -52.90 -17.38 -68.41
C GLY H 166 -52.42 -18.46 -69.35
N SER H 167 -53.14 -18.66 -70.45
CA SER H 167 -52.80 -19.70 -71.43
C SER H 167 -51.33 -19.64 -71.84
N LEU H 168 -50.92 -18.51 -72.40
CA LEU H 168 -49.53 -18.31 -72.78
C LEU H 168 -48.65 -18.20 -71.53
N SER H 169 -48.07 -19.32 -71.13
CA SER H 169 -47.22 -19.35 -69.94
C SER H 169 -45.75 -19.24 -70.32
N SER H 170 -45.42 -19.79 -71.49
CA SER H 170 -44.04 -19.81 -71.96
C SER H 170 -43.78 -18.67 -72.94
N GLY H 171 -42.60 -18.06 -72.85
CA GLY H 171 -42.24 -16.97 -73.74
C GLY H 171 -42.71 -15.61 -73.22
N VAL H 172 -43.16 -15.58 -71.98
CA VAL H 172 -43.64 -14.35 -71.37
C VAL H 172 -42.52 -13.60 -70.67
N HIS H 173 -42.53 -12.28 -70.77
CA HIS H 173 -41.54 -11.45 -70.11
C HIS H 173 -42.16 -10.18 -69.56
N THR H 174 -42.35 -10.13 -68.25
CA THR H 174 -42.80 -8.91 -67.58
C THR H 174 -41.59 -8.20 -66.98
N PHE H 175 -41.32 -7.00 -67.46
CA PHE H 175 -40.11 -6.25 -67.09
C PHE H 175 -40.27 -5.49 -65.77
N PRO H 176 -39.15 -5.01 -65.21
CA PRO H 176 -39.19 -4.18 -64.00
C PRO H 176 -39.93 -2.89 -64.28
N ALA H 177 -40.64 -2.38 -63.28
CA ALA H 177 -41.33 -1.11 -63.41
C ALA H 177 -40.31 0.03 -63.31
N VAL H 178 -40.55 1.11 -64.05
CA VAL H 178 -39.71 2.30 -63.93
C VAL H 178 -40.49 3.40 -63.25
N LEU H 179 -39.81 4.50 -62.91
CA LEU H 179 -40.45 5.60 -62.22
C LEU H 179 -40.29 6.92 -62.96
N GLN H 180 -41.41 7.51 -63.36
CA GLN H 180 -41.39 8.80 -64.04
C GLN H 180 -42.55 9.68 -63.56
N SER H 181 -42.21 10.69 -62.76
CA SER H 181 -43.19 11.63 -62.22
C SER H 181 -44.02 11.00 -61.09
N ASP H 182 -43.35 10.32 -60.17
CA ASP H 182 -44.06 9.64 -59.09
C ASP H 182 -45.20 8.79 -59.64
N LEU H 183 -45.00 8.25 -60.84
CA LEU H 183 -45.93 7.32 -61.45
C LEU H 183 -45.17 6.17 -62.10
N TYR H 184 -45.58 4.94 -61.78
CA TYR H 184 -44.89 3.75 -62.25
C TYR H 184 -45.31 3.35 -63.66
N THR H 185 -44.40 2.68 -64.37
CA THR H 185 -44.62 2.27 -65.76
C THR H 185 -43.78 1.04 -66.09
N LEU H 186 -44.43 -0.03 -66.51
CA LEU H 186 -43.72 -1.23 -66.96
C LEU H 186 -44.36 -1.80 -68.21
N SER H 187 -43.65 -2.68 -68.88
CA SER H 187 -44.19 -3.37 -70.04
C SER H 187 -43.98 -4.87 -69.94
N SER H 188 -44.83 -5.64 -70.60
CA SER H 188 -44.71 -7.09 -70.60
C SER H 188 -44.83 -7.61 -72.03
N SER H 189 -43.80 -8.32 -72.48
CA SER H 189 -43.80 -8.86 -73.83
C SER H 189 -44.11 -10.34 -73.84
N VAL H 190 -44.57 -10.83 -74.99
CA VAL H 190 -44.81 -12.25 -75.17
C VAL H 190 -44.37 -12.65 -76.57
N THR H 191 -43.83 -13.85 -76.70
CA THR H 191 -43.36 -14.32 -77.99
C THR H 191 -44.15 -15.54 -78.43
N VAL H 192 -44.70 -15.48 -79.63
CA VAL H 192 -45.57 -16.53 -80.13
C VAL H 192 -45.26 -16.85 -81.59
N PRO H 193 -45.56 -18.09 -82.01
CA PRO H 193 -45.41 -18.51 -83.41
C PRO H 193 -46.14 -17.56 -84.36
N SER H 194 -45.48 -17.18 -85.45
CA SER H 194 -46.08 -16.27 -86.42
C SER H 194 -47.35 -16.86 -87.06
N SER H 195 -47.46 -18.18 -87.04
CA SER H 195 -48.61 -18.87 -87.63
C SER H 195 -49.89 -18.60 -86.85
N THR H 196 -49.77 -18.50 -85.54
CA THR H 196 -50.93 -18.33 -84.66
C THR H 196 -51.24 -16.86 -84.35
N TRP H 197 -50.77 -15.97 -85.23
CA TRP H 197 -51.05 -14.55 -85.09
C TRP H 197 -50.76 -13.82 -86.40
N PRO H 198 -51.65 -12.90 -86.81
CA PRO H 198 -52.88 -12.56 -86.07
C PRO H 198 -54.02 -13.54 -86.31
N SER H 199 -53.74 -14.65 -86.99
CA SER H 199 -54.77 -15.65 -87.29
C SER H 199 -55.58 -15.98 -86.03
N GLU H 200 -54.87 -16.15 -84.91
CA GLU H 200 -55.51 -16.32 -83.61
C GLU H 200 -55.45 -15.01 -82.85
N THR H 201 -55.80 -15.05 -81.57
CA THR H 201 -55.84 -13.84 -80.76
C THR H 201 -55.03 -13.99 -79.48
N VAL H 202 -54.18 -13.00 -79.23
CA VAL H 202 -53.44 -12.93 -77.98
C VAL H 202 -53.71 -11.60 -77.27
N THR H 203 -54.45 -11.68 -76.18
CA THR H 203 -54.82 -10.49 -75.40
C THR H 203 -54.15 -10.49 -74.03
N CYS H 204 -53.73 -9.31 -73.59
CA CYS H 204 -53.07 -9.18 -72.30
C CYS H 204 -54.06 -8.86 -71.17
N ASN H 205 -53.74 -9.33 -69.97
CA ASN H 205 -54.60 -9.12 -68.81
C ASN H 205 -53.88 -8.38 -67.70
N VAL H 206 -54.02 -7.06 -67.70
CA VAL H 206 -53.35 -6.21 -66.72
C VAL H 206 -54.20 -6.03 -65.46
N ALA H 207 -53.63 -6.36 -64.31
CA ALA H 207 -54.35 -6.26 -63.05
C ALA H 207 -53.68 -5.27 -62.09
N HIS H 208 -54.50 -4.56 -61.31
CA HIS H 208 -54.01 -3.56 -60.37
C HIS H 208 -54.88 -3.55 -59.12
N PRO H 209 -54.42 -4.22 -58.05
CA PRO H 209 -55.16 -4.37 -56.80
C PRO H 209 -55.51 -3.01 -56.16
N ALA H 210 -54.55 -2.10 -56.15
CA ALA H 210 -54.66 -0.83 -55.45
C ALA H 210 -55.92 -0.02 -55.79
N SER H 211 -56.36 -0.12 -57.05
CA SER H 211 -57.57 0.57 -57.49
C SER H 211 -58.63 -0.43 -57.92
N SER H 212 -58.35 -1.71 -57.69
CA SER H 212 -59.25 -2.80 -58.06
C SER H 212 -59.57 -2.75 -59.55
N THR H 213 -58.52 -2.69 -60.36
CA THR H 213 -58.64 -2.62 -61.81
C THR H 213 -58.16 -3.91 -62.47
N LYS H 214 -58.81 -4.29 -63.57
CA LYS H 214 -58.38 -5.44 -64.36
C LYS H 214 -58.78 -5.28 -65.82
N VAL H 215 -58.05 -4.43 -66.54
CA VAL H 215 -58.35 -4.14 -67.94
C VAL H 215 -57.62 -5.07 -68.89
N ASP H 216 -58.19 -5.26 -70.07
CA ASP H 216 -57.58 -6.09 -71.10
C ASP H 216 -57.16 -5.25 -72.30
N LYS H 217 -56.38 -5.86 -73.19
CA LYS H 217 -55.94 -5.18 -74.41
C LYS H 217 -55.38 -6.18 -75.39
N LYS H 218 -56.14 -6.46 -76.45
CA LYS H 218 -55.69 -7.42 -77.45
C LYS H 218 -54.85 -6.73 -78.53
N ILE H 219 -53.70 -7.33 -78.84
CA ILE H 219 -52.76 -6.73 -79.77
C ILE H 219 -53.18 -6.96 -81.21
N VAL H 220 -53.56 -5.88 -81.89
CA VAL H 220 -53.85 -5.93 -83.32
C VAL H 220 -52.73 -5.24 -84.08
N PRO H 221 -52.28 -5.84 -85.19
CA PRO H 221 -51.16 -5.31 -85.97
C PRO H 221 -51.39 -3.85 -86.41
N GLU I 1 42.58 -14.61 27.05
CA GLU I 1 43.21 -13.30 27.01
C GLU I 1 43.50 -12.87 25.58
N VAL I 2 43.25 -11.60 25.28
CA VAL I 2 43.55 -11.09 23.95
C VAL I 2 44.98 -10.62 23.85
N GLN I 3 45.55 -10.69 22.66
CA GLN I 3 46.92 -10.25 22.43
C GLN I 3 47.07 -9.68 21.03
N LEU I 4 47.87 -8.63 20.93
CA LEU I 4 48.18 -8.03 19.64
C LEU I 4 49.70 -8.03 19.46
N GLN I 5 50.21 -9.02 18.75
CA GLN I 5 51.65 -9.13 18.51
C GLN I 5 52.02 -8.51 17.16
N GLN I 6 52.87 -7.50 17.21
CA GLN I 6 53.28 -6.80 16.00
C GLN I 6 54.62 -7.34 15.51
N SER I 7 54.97 -7.02 14.26
CA SER I 7 56.23 -7.47 13.67
C SER I 7 57.43 -6.86 14.42
N GLY I 8 58.61 -7.43 14.17
CA GLY I 8 59.83 -6.97 14.80
C GLY I 8 60.26 -5.61 14.29
N PRO I 9 61.34 -5.07 14.86
CA PRO I 9 61.88 -3.76 14.46
C PRO I 9 62.43 -3.80 13.04
N GLU I 10 62.43 -2.65 12.37
CA GLU I 10 62.86 -2.59 10.98
C GLU I 10 63.78 -1.40 10.71
N LEU I 11 64.77 -1.63 9.85
CA LEU I 11 65.65 -0.58 9.40
C LEU I 11 65.56 -0.47 7.87
N VAL I 12 65.18 0.70 7.38
CA VAL I 12 65.02 0.92 5.94
C VAL I 12 65.54 2.28 5.51
N ARG I 13 65.99 2.36 4.26
CA ARG I 13 66.51 3.61 3.70
C ARG I 13 65.39 4.51 3.22
N PRO I 14 65.60 5.83 3.29
CA PRO I 14 64.62 6.82 2.84
C PRO I 14 64.20 6.57 1.39
N GLY I 15 62.95 6.90 1.07
CA GLY I 15 62.43 6.66 -0.27
C GLY I 15 61.77 5.30 -0.38
N ALA I 16 62.24 4.34 0.39
CA ALA I 16 61.68 2.99 0.41
C ALA I 16 60.34 2.97 1.15
N SER I 17 59.74 1.79 1.22
CA SER I 17 58.46 1.62 1.93
C SER I 17 58.35 0.20 2.49
N MET I 18 57.96 0.09 3.75
CA MET I 18 57.80 -1.22 4.38
C MET I 18 56.44 -1.35 5.07
N LYS I 19 56.08 -2.58 5.41
CA LYS I 19 54.76 -2.87 5.97
C LYS I 19 54.85 -3.67 7.27
N ILE I 20 54.34 -3.09 8.36
CA ILE I 20 54.35 -3.75 9.65
C ILE I 20 53.01 -4.42 9.96
N SER I 21 53.07 -5.54 10.68
CA SER I 21 51.88 -6.34 10.94
C SER I 21 51.40 -6.25 12.39
N CYS I 22 50.24 -6.82 12.66
CA CYS I 22 49.65 -6.85 13.99
C CYS I 22 48.72 -8.04 14.11
N LYS I 23 49.28 -9.18 14.49
CA LYS I 23 48.51 -10.42 14.58
C LYS I 23 47.67 -10.48 15.86
N ALA I 24 46.36 -10.53 15.70
CA ALA I 24 45.44 -10.55 16.83
C ALA I 24 45.01 -11.96 17.18
N SER I 25 44.95 -12.23 18.48
CA SER I 25 44.52 -13.53 18.98
C SER I 25 43.78 -13.36 20.30
N GLY I 26 42.93 -14.32 20.64
CA GLY I 26 42.21 -14.29 21.90
C GLY I 26 40.84 -13.63 21.81
N TYR I 27 40.43 -13.25 20.60
CA TYR I 27 39.12 -12.66 20.39
C TYR I 27 38.67 -12.80 18.93
N SER I 28 37.37 -12.68 18.71
CA SER I 28 36.83 -12.71 17.37
C SER I 28 37.38 -11.52 16.57
N PHE I 29 38.45 -11.76 15.83
CA PHE I 29 39.22 -10.70 15.16
C PHE I 29 38.36 -9.72 14.38
N THR I 30 37.36 -10.25 13.69
CA THR I 30 36.57 -9.47 12.74
C THR I 30 35.52 -8.62 13.45
N GLY I 31 35.58 -8.57 14.77
CA GLY I 31 34.57 -7.88 15.55
C GLY I 31 34.95 -6.51 16.05
N TYR I 32 36.24 -6.28 16.24
CA TYR I 32 36.72 -5.01 16.78
C TYR I 32 37.62 -4.29 15.78
N THR I 33 37.36 -3.02 15.55
CA THR I 33 38.13 -2.26 14.58
C THR I 33 39.49 -1.85 15.17
N MET I 34 40.50 -1.75 14.31
CA MET I 34 41.87 -1.50 14.75
C MET I 34 42.33 -0.06 14.50
N ASN I 35 42.97 0.53 15.51
CA ASN I 35 43.61 1.83 15.37
C ASN I 35 45.10 1.68 15.16
N TRP I 36 45.72 2.70 14.58
CA TRP I 36 47.17 2.75 14.45
C TRP I 36 47.71 4.07 14.99
N VAL I 37 48.59 3.98 15.99
CA VAL I 37 49.15 5.16 16.64
C VAL I 37 50.65 5.25 16.41
N LYS I 38 51.14 6.47 16.20
CA LYS I 38 52.55 6.70 15.95
C LYS I 38 53.19 7.51 17.09
N GLN I 39 54.16 6.90 17.76
CA GLN I 39 54.90 7.59 18.81
C GLN I 39 56.32 7.90 18.37
N SER I 40 56.60 9.18 18.15
CA SER I 40 57.91 9.61 17.71
C SER I 40 58.67 10.33 18.82
N HIS I 41 59.99 10.34 18.71
CA HIS I 41 60.84 10.98 19.72
C HIS I 41 60.67 12.49 19.67
N GLY I 42 60.35 13.00 18.48
CA GLY I 42 60.23 14.43 18.27
C GLY I 42 58.91 15.04 18.70
N LYS I 43 57.83 14.26 18.62
CA LYS I 43 56.50 14.76 18.95
C LYS I 43 55.75 13.86 19.94
N ASN I 44 54.45 14.07 20.05
CA ASN I 44 53.62 13.28 20.95
C ASN I 44 53.12 12.01 20.27
N LEU I 45 52.00 11.49 20.78
CA LEU I 45 51.31 10.39 20.12
C LEU I 45 50.42 10.95 19.02
N GLU I 46 50.49 10.35 17.84
CA GLU I 46 49.64 10.75 16.74
C GLU I 46 48.75 9.60 16.31
N TRP I 47 47.50 9.92 15.98
CA TRP I 47 46.57 8.92 15.49
C TRP I 47 46.61 8.86 13.98
N ILE I 48 47.05 7.71 13.45
CA ILE I 48 47.23 7.55 12.00
C ILE I 48 45.90 7.27 11.29
N GLY I 49 45.15 6.31 11.80
CA GLY I 49 43.87 5.94 11.21
C GLY I 49 43.29 4.70 11.86
N LEU I 50 42.21 4.18 11.27
CA LEU I 50 41.59 2.96 11.78
C LEU I 50 40.95 2.16 10.67
N ILE I 51 40.77 0.86 10.91
CA ILE I 51 40.16 -0.02 9.93
C ILE I 51 39.23 -1.03 10.59
N ASN I 52 38.09 -1.27 9.96
CA ASN I 52 37.15 -2.27 10.42
C ASN I 52 37.42 -3.60 9.72
N PRO I 53 37.92 -4.60 10.47
CA PRO I 53 38.28 -5.90 9.89
C PRO I 53 37.14 -6.52 9.10
N TYR I 54 35.95 -6.52 9.69
CA TYR I 54 34.77 -7.13 9.07
C TYR I 54 34.34 -6.41 7.81
N ASN I 55 34.69 -5.13 7.73
CA ASN I 55 34.15 -4.25 6.72
C ASN I 55 35.15 -3.93 5.62
N GLY I 56 36.42 -3.88 5.98
CA GLY I 56 37.46 -3.44 5.06
C GLY I 56 37.50 -1.93 5.05
N GLY I 57 36.48 -1.31 5.64
CA GLY I 57 36.37 0.14 5.69
C GLY I 57 37.49 0.79 6.47
N THR I 58 37.96 1.92 5.98
CA THR I 58 39.05 2.63 6.64
C THR I 58 38.75 4.12 6.77
N SER I 59 39.39 4.75 7.74
CA SER I 59 39.30 6.19 7.93
C SER I 59 40.65 6.71 8.44
N TYR I 60 41.26 7.61 7.67
CA TYR I 60 42.60 8.08 8.00
C TYR I 60 42.62 9.49 8.59
N ASN I 61 43.67 9.78 9.35
CA ASN I 61 43.97 11.14 9.75
C ASN I 61 44.45 11.89 8.52
N GLN I 62 43.92 13.09 8.31
CA GLN I 62 44.31 13.89 7.15
C GLN I 62 45.83 13.94 7.01
N LYS I 63 46.53 13.99 8.13
CA LYS I 63 47.98 14.09 8.15
C LYS I 63 48.65 12.90 7.46
N PHE I 64 48.07 11.71 7.63
CA PHE I 64 48.67 10.49 7.09
C PHE I 64 47.96 9.99 5.84
N LYS I 65 47.14 10.84 5.25
CA LYS I 65 46.47 10.52 4.00
C LYS I 65 47.49 10.35 2.89
N GLY I 66 47.81 9.10 2.56
CA GLY I 66 48.79 8.82 1.51
C GLY I 66 50.07 8.23 2.07
N LYS I 67 50.36 8.54 3.33
CA LYS I 67 51.54 8.01 3.99
C LYS I 67 51.29 6.60 4.53
N ALA I 68 50.08 6.36 4.99
CA ALA I 68 49.72 5.05 5.54
C ALA I 68 48.59 4.41 4.75
N THR I 69 48.60 3.08 4.71
CA THR I 69 47.55 2.32 4.04
C THR I 69 47.16 1.11 4.87
N LEU I 70 46.00 1.21 5.51
CA LEU I 70 45.52 0.15 6.40
C LEU I 70 44.79 -0.96 5.65
N THR I 71 45.22 -2.19 5.88
CA THR I 71 44.57 -3.36 5.31
C THR I 71 44.33 -4.39 6.40
N VAL I 72 43.74 -5.52 6.02
CA VAL I 72 43.42 -6.56 6.97
C VAL I 72 43.30 -7.91 6.29
N ASP I 73 43.87 -8.95 6.91
CA ASP I 73 43.78 -10.30 6.40
C ASP I 73 42.97 -11.16 7.36
N LYS I 74 41.69 -11.34 7.05
CA LYS I 74 40.77 -12.03 7.94
C LYS I 74 41.22 -13.45 8.28
N SER I 75 41.72 -14.16 7.28
CA SER I 75 42.13 -15.56 7.45
C SER I 75 43.15 -15.73 8.57
N SER I 76 44.14 -14.85 8.60
CA SER I 76 45.24 -14.95 9.56
C SER I 76 45.05 -14.03 10.78
N SER I 77 43.90 -13.36 10.85
CA SER I 77 43.61 -12.45 11.94
C SER I 77 44.73 -11.42 12.12
N THR I 78 45.21 -10.87 11.01
CA THR I 78 46.30 -9.91 11.07
C THR I 78 45.91 -8.57 10.46
N ALA I 79 46.33 -7.48 11.11
CA ALA I 79 46.13 -6.15 10.56
C ALA I 79 47.46 -5.59 10.10
N TYR I 80 47.50 -5.08 8.86
CA TYR I 80 48.74 -4.57 8.29
C TYR I 80 48.70 -3.05 8.13
N MET I 81 49.88 -2.45 8.02
CA MET I 81 49.98 -1.03 7.74
C MET I 81 51.17 -0.72 6.82
N GLU I 82 50.87 -0.26 5.61
CA GLU I 82 51.90 0.18 4.68
C GLU I 82 52.32 1.60 5.00
N LEU I 83 53.62 1.87 4.85
CA LEU I 83 54.13 3.23 4.98
C LEU I 83 54.98 3.57 3.76
N LEU I 84 54.57 4.60 3.03
CA LEU I 84 55.19 4.93 1.75
C LEU I 84 56.14 6.12 1.84
N SER I 85 57.03 6.22 0.85
CA SER I 85 57.96 7.34 0.76
C SER I 85 58.58 7.67 2.11
N LEU I 86 59.07 6.64 2.80
CA LEU I 86 59.65 6.80 4.13
C LEU I 86 60.75 7.86 4.17
N THR I 87 60.74 8.66 5.24
CA THR I 87 61.75 9.69 5.44
C THR I 87 62.27 9.66 6.87
N SER I 88 63.12 10.62 7.21
CA SER I 88 63.66 10.73 8.56
C SER I 88 62.54 10.91 9.57
N GLU I 89 61.49 11.64 9.16
CA GLU I 89 60.37 11.95 10.02
C GLU I 89 59.53 10.73 10.37
N ASP I 90 59.66 9.68 9.58
CA ASP I 90 58.89 8.45 9.80
C ASP I 90 59.55 7.51 10.80
N SER I 91 60.73 7.88 11.28
CA SER I 91 61.42 7.09 12.31
C SER I 91 60.66 7.22 13.64
N ALA I 92 59.94 6.16 14.00
CA ALA I 92 59.13 6.17 15.22
C ALA I 92 58.71 4.76 15.63
N VAL I 93 57.96 4.69 16.73
CA VAL I 93 57.39 3.44 17.19
C VAL I 93 55.90 3.41 16.85
N TYR I 94 55.48 2.42 16.08
CA TYR I 94 54.09 2.35 15.64
C TYR I 94 53.31 1.28 16.41
N TYR I 95 52.30 1.74 17.17
CA TYR I 95 51.45 0.84 17.94
C TYR I 95 50.14 0.58 17.22
N CYS I 96 49.54 -0.57 17.50
CA CYS I 96 48.19 -0.85 17.03
C CYS I 96 47.28 -1.05 18.24
N ALA I 97 46.23 -0.24 18.32
CA ALA I 97 45.33 -0.27 19.46
C ALA I 97 43.90 -0.63 19.05
N ARG I 98 43.36 -1.67 19.67
CA ARG I 98 42.02 -2.14 19.35
C ARG I 98 40.94 -1.23 19.92
N ASP I 99 39.83 -1.10 19.19
CA ASP I 99 38.67 -0.37 19.69
C ASP I 99 37.92 -1.25 20.67
N GLY I 100 37.07 -0.63 21.50
CA GLY I 100 36.46 -1.33 22.60
C GLY I 100 35.21 -2.15 22.33
N ASP I 101 34.33 -1.64 21.47
CA ASP I 101 33.01 -2.24 21.29
C ASP I 101 32.96 -3.42 20.33
N TYR I 102 31.98 -4.30 20.58
CA TYR I 102 31.80 -5.53 19.81
C TYR I 102 30.92 -5.29 18.59
N TYR I 103 31.52 -5.42 17.41
CA TYR I 103 30.83 -5.16 16.14
C TYR I 103 30.16 -3.79 16.07
N ARG I 104 30.84 -2.79 16.62
CA ARG I 104 30.44 -1.40 16.48
C ARG I 104 31.54 -0.47 17.00
N TYR I 105 31.55 0.77 16.50
CA TYR I 105 32.57 1.74 16.89
C TYR I 105 32.22 2.38 18.22
N GLY I 106 33.10 2.23 19.20
CA GLY I 106 32.86 2.75 20.53
C GLY I 106 33.71 3.95 20.87
N ARG I 107 34.74 4.19 20.06
CA ARG I 107 35.65 5.31 20.28
C ARG I 107 36.35 5.26 21.64
N TYR I 108 36.85 4.10 22.01
CA TYR I 108 37.69 3.98 23.19
C TYR I 108 38.66 2.82 23.03
N PHE I 109 39.83 2.93 23.67
CA PHE I 109 40.91 1.98 23.42
C PHE I 109 40.95 0.82 24.40
N ASP I 110 41.14 -0.37 23.85
CA ASP I 110 41.28 -1.60 24.65
C ASP I 110 42.74 -1.95 24.84
N TYR I 111 43.20 -2.88 24.02
CA TYR I 111 44.55 -3.39 24.11
C TYR I 111 45.42 -2.81 23.01
N TRP I 112 46.70 -2.59 23.33
CA TRP I 112 47.68 -2.15 22.35
C TRP I 112 48.67 -3.26 22.07
N GLY I 113 49.54 -3.03 21.10
CA GLY I 113 50.63 -3.96 20.82
C GLY I 113 51.87 -3.53 21.58
N GLN I 114 52.91 -4.37 21.54
CA GLN I 114 54.16 -4.04 22.20
C GLN I 114 54.84 -2.90 21.45
N GLY I 115 54.37 -2.65 20.23
CA GLY I 115 54.93 -1.59 19.40
C GLY I 115 55.92 -2.12 18.38
N THR I 116 56.07 -1.39 17.28
CA THR I 116 57.06 -1.74 16.28
C THR I 116 57.94 -0.53 15.98
N THR I 117 59.23 -0.66 16.28
CA THR I 117 60.16 0.44 16.08
C THR I 117 60.66 0.48 14.65
N LEU I 118 60.33 1.56 13.95
CA LEU I 118 60.77 1.74 12.58
C LEU I 118 61.85 2.81 12.51
N THR I 119 63.02 2.43 12.01
CA THR I 119 64.13 3.36 11.87
C THR I 119 64.44 3.62 10.40
N VAL I 120 64.27 4.87 9.99
CA VAL I 120 64.57 5.26 8.61
C VAL I 120 65.81 6.15 8.59
N SER I 121 66.94 5.61 8.13
CA SER I 121 68.21 6.34 8.16
C SER I 121 69.09 6.11 6.93
N SER I 122 69.93 7.10 6.62
CA SER I 122 70.83 7.04 5.47
C SER I 122 72.24 7.51 5.83
N ALA I 123 72.75 7.04 6.96
CA ALA I 123 74.11 7.36 7.37
C ALA I 123 74.89 6.07 7.64
N LYS I 124 76.12 6.02 7.12
CA LYS I 124 76.99 4.86 7.34
C LYS I 124 77.75 4.99 8.65
N THR I 125 78.42 3.91 9.06
CA THR I 125 79.17 3.89 10.32
C THR I 125 80.11 5.09 10.43
N THR I 126 80.25 5.61 11.65
CA THR I 126 81.08 6.80 11.88
C THR I 126 81.79 6.72 13.24
N PRO I 127 83.12 6.96 13.24
CA PRO I 127 83.90 6.93 14.49
C PRO I 127 83.42 8.00 15.49
N PRO I 128 83.27 7.62 16.76
CA PRO I 128 82.81 8.55 17.80
C PRO I 128 83.82 9.66 18.05
N SER I 129 83.37 10.92 17.92
CA SER I 129 84.22 12.08 18.14
C SER I 129 84.23 12.50 19.62
N VAL I 130 85.25 12.07 20.35
CA VAL I 130 85.31 12.29 21.80
C VAL I 130 85.93 13.64 22.18
N TYR I 131 85.17 14.45 22.91
CA TYR I 131 85.62 15.76 23.37
C TYR I 131 85.53 15.85 24.89
N PRO I 132 86.69 15.97 25.56
CA PRO I 132 86.72 16.04 27.04
C PRO I 132 86.07 17.30 27.59
N LEU I 133 85.43 17.18 28.75
CA LEU I 133 84.78 18.32 29.40
C LEU I 133 85.30 18.49 30.83
N ALA I 134 85.24 19.72 31.33
CA ALA I 134 85.70 20.02 32.68
C ALA I 134 85.16 21.37 33.17
N PRO I 135 85.09 21.56 34.51
CA PRO I 135 84.61 22.81 35.09
C PRO I 135 85.43 24.01 34.61
N SER I 143 86.35 19.65 47.99
CA SER I 143 85.25 18.70 48.15
C SER I 143 85.28 17.63 47.06
N MET I 144 84.24 17.58 46.25
CA MET I 144 84.18 16.65 45.13
C MET I 144 83.94 17.37 43.80
N VAL I 145 84.90 17.28 42.89
CA VAL I 145 84.77 17.88 41.58
C VAL I 145 84.29 16.87 40.53
N THR I 146 83.28 17.26 39.76
CA THR I 146 82.71 16.40 38.74
C THR I 146 83.31 16.69 37.37
N LEU I 147 83.72 15.62 36.68
CA LEU I 147 84.31 15.73 35.35
C LEU I 147 83.36 15.14 34.31
N GLY I 148 83.52 15.58 33.06
CA GLY I 148 82.66 15.13 31.98
C GLY I 148 83.42 14.72 30.72
N CYS I 149 82.84 13.77 29.99
CA CYS I 149 83.45 13.28 28.76
C CYS I 149 82.39 13.15 27.66
N LEU I 150 82.51 13.96 26.61
CA LEU I 150 81.49 14.07 25.59
C LEU I 150 81.77 13.22 24.34
N VAL I 151 80.92 12.22 24.09
CA VAL I 151 80.98 11.45 22.86
C VAL I 151 80.07 12.09 21.80
N LYS I 152 80.60 12.33 20.61
CA LYS I 152 79.87 13.12 19.62
C LYS I 152 79.88 12.52 18.22
N GLY I 153 78.71 12.55 17.56
CA GLY I 153 78.55 12.06 16.20
C GLY I 153 79.04 10.63 15.99
N TYR I 154 78.29 9.67 16.53
CA TYR I 154 78.66 8.26 16.39
C TYR I 154 77.48 7.41 15.93
N SER I 170 82.72 4.11 40.87
CA SER I 170 82.08 5.09 41.75
C SER I 170 81.67 6.37 41.03
N GLY I 171 80.36 6.56 40.88
CA GLY I 171 79.82 7.75 40.24
C GLY I 171 79.91 7.69 38.73
N VAL I 172 79.86 6.47 38.18
CA VAL I 172 79.92 6.26 36.74
C VAL I 172 78.56 6.50 36.08
N HIS I 173 78.28 7.75 35.73
CA HIS I 173 76.97 8.12 35.17
C HIS I 173 77.01 8.38 33.67
N THR I 174 76.58 7.39 32.89
CA THR I 174 76.41 7.55 31.44
C THR I 174 74.94 7.85 31.11
N PHE I 175 74.70 9.02 30.54
CA PHE I 175 73.35 9.50 30.27
C PHE I 175 72.85 9.00 28.91
N PRO I 176 71.52 9.12 28.66
CA PRO I 176 70.90 8.70 27.40
C PRO I 176 71.58 9.30 26.16
N ALA I 177 71.25 8.78 24.98
CA ALA I 177 71.87 9.23 23.73
C ALA I 177 70.90 9.97 22.83
N VAL I 178 71.19 11.23 22.54
CA VAL I 178 70.35 12.06 21.67
C VAL I 178 70.59 11.73 20.19
N LEU I 179 70.13 12.63 19.33
CA LEU I 179 70.30 12.47 17.89
C LEU I 179 70.57 13.83 17.25
N GLN I 180 71.84 14.20 17.21
CA GLN I 180 72.26 15.49 16.67
C GLN I 180 72.71 15.35 15.22
N SER I 181 71.94 15.93 14.30
CA SER I 181 72.29 15.93 12.89
C SER I 181 72.48 14.52 12.32
N ASP I 182 71.50 13.65 12.59
CA ASP I 182 71.49 12.30 12.00
C ASP I 182 72.57 11.39 12.58
N LEU I 183 73.06 11.76 13.76
CA LEU I 183 74.06 10.97 14.47
C LEU I 183 73.78 11.09 15.97
N TYR I 184 74.44 10.25 16.78
CA TYR I 184 74.20 10.24 18.22
C TYR I 184 75.22 11.07 19.01
N THR I 185 74.89 11.36 20.27
CA THR I 185 75.73 12.22 21.12
C THR I 185 75.37 12.12 22.61
N LEU I 186 76.22 11.46 23.39
CA LEU I 186 76.03 11.40 24.84
C LEU I 186 77.30 11.79 25.61
N SER I 187 77.14 12.23 26.85
CA SER I 187 78.29 12.58 27.69
C SER I 187 78.45 11.60 28.85
N SER I 188 79.39 11.88 29.76
CA SER I 188 79.69 10.97 30.85
C SER I 188 80.21 11.66 32.12
N SER I 189 79.30 11.97 33.04
CA SER I 189 79.65 12.50 34.34
C SER I 189 80.50 11.48 35.11
N VAL I 190 81.12 11.93 36.20
CA VAL I 190 81.90 11.05 37.07
C VAL I 190 82.49 11.85 38.25
N THR I 191 81.87 11.70 39.41
CA THR I 191 82.30 12.44 40.59
C THR I 191 83.41 11.70 41.34
N VAL I 192 84.44 12.44 41.71
CA VAL I 192 85.57 11.89 42.45
C VAL I 192 86.10 12.93 43.44
N PRO I 193 86.74 12.47 44.52
CA PRO I 193 87.39 13.39 45.46
C PRO I 193 88.37 14.33 44.75
N THR I 201 95.62 10.52 37.31
CA THR I 201 95.28 10.85 35.93
C THR I 201 93.91 10.29 35.53
N VAL I 202 92.93 11.18 35.44
CA VAL I 202 91.58 10.79 35.05
C VAL I 202 91.44 10.74 33.53
N THR I 203 91.03 9.59 33.02
CA THR I 203 90.84 9.38 31.59
C THR I 203 89.57 8.59 31.33
N CYS I 204 88.95 8.77 30.17
CA CYS I 204 87.73 8.04 29.82
C CYS I 204 87.86 7.24 28.52
N ASN I 205 87.49 5.96 28.61
CA ASN I 205 87.54 5.06 27.46
C ASN I 205 86.26 5.09 26.62
N VAL I 206 86.41 5.46 25.35
CA VAL I 206 85.27 5.52 24.44
C VAL I 206 85.47 4.54 23.27
N ALA I 207 84.76 3.42 23.33
CA ALA I 207 84.86 2.39 22.29
C ALA I 207 83.61 2.35 21.42
N HIS I 208 83.75 1.82 20.21
CA HIS I 208 82.64 1.73 19.27
C HIS I 208 82.81 0.50 18.36
N PRO I 209 82.14 -0.62 18.72
CA PRO I 209 82.23 -1.90 18.01
C PRO I 209 81.97 -1.81 16.50
N ALA I 210 80.89 -1.13 16.11
CA ALA I 210 80.48 -1.03 14.72
C ALA I 210 81.48 -0.25 13.85
N SER I 211 82.35 0.53 14.50
CA SER I 211 83.35 1.31 13.78
C SER I 211 84.77 0.83 14.06
N SER I 212 84.93 0.02 15.11
CA SER I 212 86.22 -0.50 15.53
C SER I 212 87.22 0.61 15.88
N THR I 213 86.79 1.55 16.72
CA THR I 213 87.64 2.66 17.13
C THR I 213 87.49 2.99 18.62
N LYS I 214 88.59 2.87 19.35
CA LYS I 214 88.61 3.19 20.78
C LYS I 214 89.54 4.37 21.03
N VAL I 215 89.00 5.44 21.60
CA VAL I 215 89.77 6.66 21.84
C VAL I 215 89.77 7.05 23.32
N ASP I 216 90.88 7.61 23.78
CA ASP I 216 91.00 8.10 25.14
C ASP I 216 91.16 9.62 25.15
N LYS I 217 90.52 10.27 26.12
CA LYS I 217 90.66 11.71 26.30
C LYS I 217 91.02 12.05 27.74
N LYS I 218 92.24 12.57 27.93
CA LYS I 218 92.70 12.97 29.26
C LYS I 218 91.97 14.23 29.72
N ILE I 219 91.41 14.15 30.93
CA ILE I 219 90.73 15.30 31.52
C ILE I 219 91.74 16.16 32.30
N VAL I 220 92.12 17.30 31.70
CA VAL I 220 93.06 18.23 32.32
C VAL I 220 92.35 19.51 32.77
N PRO I 221 92.83 20.12 33.87
CA PRO I 221 92.23 21.34 34.42
C PRO I 221 92.53 22.59 33.59
N GLU J 1 28.23 -33.67 -28.87
CA GLU J 1 29.01 -32.63 -29.52
C GLU J 1 28.10 -31.71 -30.32
N VAL J 2 28.38 -30.40 -30.24
CA VAL J 2 27.60 -29.45 -31.02
C VAL J 2 28.18 -29.28 -32.41
N GLN J 3 27.32 -28.93 -33.35
CA GLN J 3 27.74 -28.71 -34.73
C GLN J 3 26.89 -27.65 -35.39
N LEU J 4 27.54 -26.83 -36.21
CA LEU J 4 26.84 -25.82 -36.99
C LEU J 4 27.15 -26.04 -38.46
N GLN J 5 26.24 -26.72 -39.16
CA GLN J 5 26.42 -26.98 -40.59
C GLN J 5 25.70 -25.94 -41.44
N GLN J 6 26.48 -25.23 -42.26
CA GLN J 6 25.94 -24.18 -43.10
C GLN J 6 25.67 -24.71 -44.51
N SER J 7 24.89 -23.95 -45.28
CA SER J 7 24.58 -24.34 -46.65
C SER J 7 25.83 -24.38 -47.53
N GLY J 8 25.71 -25.00 -48.70
CA GLY J 8 26.82 -25.11 -49.62
C GLY J 8 27.16 -23.77 -50.26
N PRO J 9 28.21 -23.76 -51.09
CA PRO J 9 28.65 -22.54 -51.78
C PRO J 9 27.62 -22.07 -52.80
N GLU J 10 27.61 -20.78 -53.08
CA GLU J 10 26.61 -20.21 -53.98
C GLU J 10 27.22 -19.24 -54.98
N LEU J 11 26.70 -19.26 -56.20
CA LEU J 11 27.08 -18.29 -57.22
C LEU J 11 25.85 -17.53 -57.68
N VAL J 12 25.88 -16.21 -57.53
CA VAL J 12 24.73 -15.39 -57.91
C VAL J 12 25.17 -14.10 -58.61
N ARG J 13 24.31 -13.59 -59.47
CA ARG J 13 24.59 -12.36 -60.20
C ARG J 13 24.28 -11.13 -59.35
N PRO J 14 25.03 -10.04 -59.57
CA PRO J 14 24.81 -8.77 -58.86
C PRO J 14 23.37 -8.29 -58.98
N GLY J 15 22.88 -7.62 -57.94
CA GLY J 15 21.51 -7.15 -57.92
C GLY J 15 20.56 -8.17 -57.30
N ALA J 16 20.90 -9.45 -57.44
CA ALA J 16 20.10 -10.53 -56.85
C ALA J 16 20.31 -10.61 -55.34
N SER J 17 19.62 -11.55 -54.70
CA SER J 17 19.77 -11.76 -53.26
C SER J 17 19.53 -13.21 -52.90
N MET J 18 20.40 -13.77 -52.07
CA MET J 18 20.28 -15.17 -51.66
C MET J 18 20.38 -15.30 -50.14
N LYS J 19 19.97 -16.48 -49.64
CA LYS J 19 19.90 -16.70 -48.19
C LYS J 19 20.63 -17.99 -47.79
N ILE J 20 21.65 -17.84 -46.94
CA ILE J 20 22.42 -18.99 -46.47
C ILE J 20 21.96 -19.44 -45.08
N SER J 21 22.04 -20.74 -44.83
CA SER J 21 21.52 -21.32 -43.60
C SER J 21 22.63 -21.77 -42.65
N CYS J 22 22.23 -22.16 -41.45
CA CYS J 22 23.16 -22.64 -40.42
C CYS J 22 22.42 -23.56 -39.47
N LYS J 23 22.37 -24.85 -39.81
CA LYS J 23 21.62 -25.82 -39.01
C LYS J 23 22.42 -26.26 -37.78
N ALA J 24 21.86 -25.97 -36.61
CA ALA J 24 22.50 -26.29 -35.34
C ALA J 24 22.00 -27.60 -34.75
N SER J 25 22.93 -28.39 -34.23
CA SER J 25 22.60 -29.66 -33.60
C SER J 25 23.56 -29.92 -32.45
N GLY J 26 23.13 -30.76 -31.51
CA GLY J 26 23.98 -31.12 -30.38
C GLY J 26 23.80 -30.25 -29.17
N TYR J 27 22.86 -29.30 -29.24
CA TYR J 27 22.57 -28.43 -28.10
C TYR J 27 21.17 -27.84 -28.20
N SER J 28 20.65 -27.38 -27.06
CA SER J 28 19.36 -26.72 -27.04
C SER J 28 19.42 -25.44 -27.88
N PHE J 29 19.01 -25.55 -29.13
CA PHE J 29 19.19 -24.48 -30.11
C PHE J 29 18.73 -23.11 -29.63
N THR J 30 17.62 -23.08 -28.93
CA THR J 30 16.98 -21.83 -28.57
C THR J 30 17.64 -21.18 -27.36
N GLY J 31 18.77 -21.72 -26.94
CA GLY J 31 19.44 -21.24 -25.74
C GLY J 31 20.62 -20.31 -25.98
N TYR J 32 21.28 -20.46 -27.12
CA TYR J 32 22.47 -19.66 -27.43
C TYR J 32 22.24 -18.79 -28.64
N THR J 33 22.56 -17.50 -28.53
CA THR J 33 22.34 -16.57 -29.63
C THR J 33 23.43 -16.72 -30.70
N MET J 34 23.06 -16.47 -31.95
CA MET J 34 23.96 -16.71 -33.08
C MET J 34 24.57 -15.43 -33.64
N ASN J 35 25.88 -15.47 -33.91
CA ASN J 35 26.58 -14.38 -34.60
C ASN J 35 26.79 -14.73 -36.07
N TRP J 36 26.95 -13.70 -36.89
CA TRP J 36 27.31 -13.89 -38.29
C TRP J 36 28.54 -13.07 -38.65
N VAL J 37 29.59 -13.75 -39.11
CA VAL J 37 30.85 -13.10 -39.43
C VAL J 37 31.15 -13.22 -40.92
N LYS J 38 31.70 -12.15 -41.49
CA LYS J 38 32.04 -12.11 -42.91
C LYS J 38 33.54 -12.01 -43.13
N GLN J 39 34.11 -13.02 -43.78
CA GLN J 39 35.52 -13.01 -44.11
C GLN J 39 35.73 -12.83 -45.61
N SER J 40 36.23 -11.66 -45.99
CA SER J 40 36.46 -11.35 -47.39
C SER J 40 37.95 -11.36 -47.72
N HIS J 41 38.27 -11.56 -49.00
CA HIS J 41 39.65 -11.60 -49.45
C HIS J 41 40.27 -10.20 -49.36
N GLY J 42 39.43 -9.18 -49.53
CA GLY J 42 39.88 -7.80 -49.53
C GLY J 42 40.14 -7.19 -48.16
N LYS J 43 39.37 -7.63 -47.16
CA LYS J 43 39.49 -7.07 -45.81
C LYS J 43 39.67 -8.15 -44.72
N ASN J 44 39.47 -7.74 -43.47
CA ASN J 44 39.59 -8.67 -42.35
C ASN J 44 38.27 -9.40 -42.08
N LEU J 45 38.11 -9.86 -40.84
CA LEU J 45 36.85 -10.41 -40.39
C LEU J 45 35.93 -9.26 -39.99
N GLU J 46 34.69 -9.30 -40.44
CA GLU J 46 33.71 -8.29 -40.06
C GLU J 46 32.55 -8.95 -39.33
N TRP J 47 32.05 -8.28 -38.30
CA TRP J 47 30.90 -8.78 -37.57
C TRP J 47 29.62 -8.19 -38.16
N ILE J 48 28.77 -9.05 -38.71
CA ILE J 48 27.55 -8.62 -39.38
C ILE J 48 26.44 -8.30 -38.39
N GLY J 49 26.17 -9.22 -37.47
CA GLY J 49 25.13 -9.04 -36.48
C GLY J 49 24.90 -10.30 -35.67
N LEU J 50 23.86 -10.30 -34.84
CA LEU J 50 23.53 -11.46 -34.05
C LEU J 50 22.03 -11.56 -33.80
N ILE J 51 21.57 -12.77 -33.51
CA ILE J 51 20.15 -13.00 -33.26
C ILE J 51 19.94 -14.00 -32.12
N ASN J 52 18.97 -13.72 -31.28
CA ASN J 52 18.59 -14.61 -30.19
C ASN J 52 17.47 -15.53 -30.64
N PRO J 53 17.77 -16.83 -30.82
CA PRO J 53 16.79 -17.80 -31.31
C PRO J 53 15.50 -17.78 -30.50
N TYR J 54 15.63 -17.80 -29.18
CA TYR J 54 14.48 -17.84 -28.29
C TYR J 54 13.63 -16.58 -28.37
N ASN J 55 14.28 -15.49 -28.76
CA ASN J 55 13.69 -14.16 -28.64
C ASN J 55 13.23 -13.62 -29.99
N GLY J 56 13.95 -13.97 -31.04
CA GLY J 56 13.70 -13.41 -32.35
C GLY J 56 14.42 -12.07 -32.45
N GLY J 57 14.88 -11.58 -31.31
CA GLY J 57 15.57 -10.30 -31.24
C GLY J 57 16.86 -10.29 -32.02
N THR J 58 17.13 -9.17 -32.68
CA THR J 58 18.33 -9.03 -33.49
C THR J 58 19.06 -7.73 -33.22
N SER J 59 20.36 -7.72 -33.49
CA SER J 59 21.17 -6.51 -33.39
C SER J 59 22.23 -6.53 -34.49
N TYR J 60 22.21 -5.53 -35.36
CA TYR J 60 23.10 -5.53 -36.51
C TYR J 60 24.25 -4.54 -36.37
N ASN J 61 25.33 -4.81 -37.09
CA ASN J 61 26.40 -3.84 -37.27
C ASN J 61 25.88 -2.76 -38.18
N GLN J 62 26.10 -1.50 -37.81
CA GLN J 62 25.63 -0.38 -38.62
C GLN J 62 25.99 -0.56 -40.09
N LYS J 63 27.16 -1.14 -40.34
CA LYS J 63 27.66 -1.35 -41.70
C LYS J 63 26.74 -2.24 -42.53
N PHE J 64 26.14 -3.24 -41.89
CA PHE J 64 25.29 -4.20 -42.59
C PHE J 64 23.81 -3.97 -42.36
N LYS J 65 23.47 -2.80 -41.83
CA LYS J 65 22.08 -2.42 -41.64
C LYS J 65 21.38 -2.30 -42.99
N GLY J 66 20.61 -3.32 -43.36
CA GLY J 66 19.92 -3.32 -44.63
C GLY J 66 20.49 -4.32 -45.61
N LYS J 67 21.75 -4.66 -45.43
CA LYS J 67 22.42 -5.63 -46.29
C LYS J 67 22.12 -7.06 -45.82
N ALA J 68 22.03 -7.23 -44.50
CA ALA J 68 21.77 -8.54 -43.93
C ALA J 68 20.47 -8.55 -43.14
N THR J 69 19.81 -9.71 -43.12
CA THR J 69 18.58 -9.88 -42.35
C THR J 69 18.59 -11.23 -41.64
N LEU J 70 18.82 -11.19 -40.33
CA LEU J 70 18.91 -12.40 -39.53
C LEU J 70 17.55 -12.91 -39.08
N THR J 71 17.29 -14.18 -39.34
CA THR J 71 16.07 -14.83 -38.89
C THR J 71 16.42 -16.17 -38.25
N VAL J 72 15.39 -16.88 -37.78
CA VAL J 72 15.60 -18.15 -37.12
C VAL J 72 14.36 -19.03 -37.20
N ASP J 73 14.56 -20.31 -37.49
CA ASP J 73 13.48 -21.28 -37.54
C ASP J 73 13.62 -22.29 -36.40
N LYS J 74 12.90 -22.06 -35.30
CA LYS J 74 13.04 -22.87 -34.10
C LYS J 74 12.79 -24.35 -34.36
N SER J 75 11.76 -24.65 -35.15
CA SER J 75 11.37 -26.03 -35.42
C SER J 75 12.53 -26.86 -35.97
N SER J 76 13.27 -26.29 -36.92
CA SER J 76 14.34 -27.00 -37.60
C SER J 76 15.73 -26.69 -37.01
N SER J 77 15.75 -25.90 -35.95
CA SER J 77 17.01 -25.50 -35.31
C SER J 77 17.97 -24.90 -36.33
N THR J 78 17.47 -24.04 -37.19
CA THR J 78 18.29 -23.43 -38.22
C THR J 78 18.29 -21.91 -38.13
N ALA J 79 19.46 -21.31 -38.32
CA ALA J 79 19.58 -19.86 -38.38
C ALA J 79 19.85 -19.44 -39.82
N TYR J 80 19.09 -18.46 -40.30
CA TYR J 80 19.22 -18.02 -41.69
C TYR J 80 19.78 -16.60 -41.77
N MET J 81 20.34 -16.26 -42.92
CA MET J 81 20.80 -14.89 -43.17
C MET J 81 20.54 -14.46 -44.61
N GLU J 82 19.65 -13.49 -44.78
CA GLU J 82 19.39 -12.90 -46.08
C GLU J 82 20.46 -11.87 -46.43
N LEU J 83 20.86 -11.82 -47.69
CA LEU J 83 21.77 -10.78 -48.18
C LEU J 83 21.16 -10.12 -49.41
N LEU J 84 20.92 -8.82 -49.32
CA LEU J 84 20.19 -8.10 -50.37
C LEU J 84 21.11 -7.29 -51.27
N SER J 85 20.61 -6.94 -52.45
CA SER J 85 21.34 -6.11 -53.40
C SER J 85 22.80 -6.52 -53.52
N LEU J 86 23.03 -7.81 -53.69
CA LEU J 86 24.39 -8.36 -53.75
C LEU J 86 25.26 -7.66 -54.81
N THR J 87 26.51 -7.40 -54.44
CA THR J 87 27.47 -6.78 -55.36
C THR J 87 28.80 -7.53 -55.32
N SER J 88 29.78 -7.00 -56.05
CA SER J 88 31.11 -7.59 -56.07
C SER J 88 31.69 -7.64 -54.65
N GLU J 89 31.39 -6.61 -53.87
CA GLU J 89 31.92 -6.49 -52.52
C GLU J 89 31.38 -7.55 -51.56
N ASP J 90 30.27 -8.18 -51.94
CA ASP J 90 29.64 -9.18 -51.09
C ASP J 90 30.24 -10.57 -51.30
N SER J 91 31.16 -10.68 -52.25
CA SER J 91 31.85 -11.95 -52.48
C SER J 91 32.77 -12.27 -51.31
N ALA J 92 32.36 -13.21 -50.48
CA ALA J 92 33.13 -13.55 -49.29
C ALA J 92 32.70 -14.90 -48.70
N VAL J 93 33.34 -15.29 -47.60
CA VAL J 93 32.96 -16.48 -46.87
C VAL J 93 32.22 -16.05 -45.60
N TYR J 94 30.99 -16.51 -45.45
CA TYR J 94 30.18 -16.12 -44.30
C TYR J 94 30.08 -17.23 -43.25
N TYR J 95 30.62 -16.95 -42.07
CA TYR J 95 30.60 -17.90 -40.97
C TYR J 95 29.48 -17.57 -39.99
N CYS J 96 28.99 -18.59 -39.29
CA CYS J 96 28.06 -18.38 -38.18
C CYS J 96 28.70 -18.89 -36.91
N ALA J 97 28.85 -18.02 -35.91
CA ALA J 97 29.51 -18.35 -34.66
C ALA J 97 28.57 -18.20 -33.47
N ARG J 98 28.43 -19.28 -32.69
CA ARG J 98 27.53 -19.28 -31.55
C ARG J 98 28.11 -18.51 -30.37
N ASP J 99 27.23 -17.86 -29.61
CA ASP J 99 27.64 -17.21 -28.37
C ASP J 99 27.82 -18.26 -27.29
N GLY J 100 28.52 -17.90 -26.21
CA GLY J 100 28.94 -18.88 -25.23
C GLY J 100 27.96 -19.23 -24.13
N ASP J 101 27.22 -18.24 -23.64
CA ASP J 101 26.39 -18.42 -22.45
C ASP J 101 25.02 -19.05 -22.70
N TYR J 102 24.52 -19.73 -21.68
CA TYR J 102 23.25 -20.45 -21.73
C TYR J 102 22.09 -19.53 -21.36
N TYR J 103 21.22 -19.26 -22.33
CA TYR J 103 20.09 -18.35 -22.15
C TYR J 103 20.48 -16.99 -21.58
N ARG J 104 21.61 -16.48 -22.07
CA ARG J 104 22.04 -15.11 -21.78
C ARG J 104 23.23 -14.73 -22.66
N TYR J 105 23.39 -13.44 -22.92
CA TYR J 105 24.48 -12.94 -23.76
C TYR J 105 25.78 -12.88 -22.98
N GLY J 106 26.79 -13.61 -23.44
CA GLY J 106 28.07 -13.67 -22.76
C GLY J 106 29.18 -12.93 -23.48
N ARG J 107 28.92 -12.57 -24.74
CA ARG J 107 29.91 -11.85 -25.55
C ARG J 107 31.22 -12.62 -25.70
N TYR J 108 31.12 -13.90 -26.00
CA TYR J 108 32.31 -14.68 -26.36
C TYR J 108 31.92 -15.83 -27.28
N PHE J 109 32.84 -16.24 -28.14
CA PHE J 109 32.52 -17.17 -29.21
C PHE J 109 32.80 -18.63 -28.86
N ASP J 110 31.83 -19.49 -29.18
CA ASP J 110 31.96 -20.93 -28.99
C ASP J 110 32.40 -21.59 -30.27
N TYR J 111 31.42 -22.16 -30.96
CA TYR J 111 31.65 -22.93 -32.17
C TYR J 111 31.28 -22.12 -33.41
N TRP J 112 32.02 -22.32 -34.49
CA TRP J 112 31.71 -21.70 -35.76
C TRP J 112 31.25 -22.75 -36.75
N GLY J 113 30.81 -22.31 -37.92
CA GLY J 113 30.47 -23.22 -39.00
C GLY J 113 31.67 -23.42 -39.89
N GLN J 114 31.55 -24.34 -40.85
CA GLN J 114 32.63 -24.57 -41.81
C GLN J 114 32.75 -23.38 -42.74
N GLY J 115 31.72 -22.54 -42.75
CA GLY J 115 31.69 -21.36 -43.59
C GLY J 115 30.91 -21.59 -44.87
N THR J 116 30.38 -20.51 -45.43
CA THR J 116 29.68 -20.57 -46.70
C THR J 116 30.28 -19.56 -47.67
N THR J 117 30.85 -20.06 -48.76
CA THR J 117 31.48 -19.20 -49.74
C THR J 117 30.45 -18.64 -50.72
N LEU J 118 30.28 -17.32 -50.70
CA LEU J 118 29.35 -16.66 -51.60
C LEU J 118 30.13 -15.91 -52.68
N THR J 119 29.87 -16.26 -53.94
CA THR J 119 30.54 -15.61 -55.05
C THR J 119 29.53 -14.80 -55.88
N VAL J 120 29.71 -13.49 -55.91
CA VAL J 120 28.84 -12.62 -56.69
C VAL J 120 29.58 -12.07 -57.90
N SER J 121 29.18 -12.53 -59.08
CA SER J 121 29.83 -12.13 -60.34
C SER J 121 28.83 -12.19 -61.50
N SER J 122 28.80 -11.13 -62.31
CA SER J 122 27.91 -11.06 -63.46
C SER J 122 28.59 -11.56 -64.73
N ALA J 123 29.46 -12.55 -64.59
CA ALA J 123 30.25 -13.04 -65.71
C ALA J 123 29.71 -14.31 -66.32
N LYS J 124 29.90 -14.46 -67.64
CA LYS J 124 29.60 -15.70 -68.33
C LYS J 124 30.88 -16.54 -68.37
N THR J 125 30.74 -17.82 -68.72
CA THR J 125 31.91 -18.69 -68.87
C THR J 125 32.87 -18.06 -69.89
N THR J 126 33.99 -17.52 -69.40
CA THR J 126 34.91 -16.78 -70.24
C THR J 126 36.29 -17.45 -70.36
N PRO J 127 36.67 -17.84 -71.59
CA PRO J 127 37.99 -18.44 -71.83
C PRO J 127 39.14 -17.51 -71.44
N PRO J 128 40.18 -18.07 -70.79
CA PRO J 128 41.31 -17.28 -70.30
C PRO J 128 42.23 -16.82 -71.43
N SER J 129 42.96 -15.73 -71.18
CA SER J 129 43.91 -15.22 -72.15
C SER J 129 45.32 -15.26 -71.55
N VAL J 130 46.15 -16.15 -72.07
CA VAL J 130 47.49 -16.38 -71.50
C VAL J 130 48.55 -15.43 -72.06
N TYR J 131 49.22 -14.73 -71.15
CA TYR J 131 50.31 -13.83 -71.53
C TYR J 131 51.60 -14.25 -70.83
N PRO J 132 52.70 -14.32 -71.60
CA PRO J 132 54.00 -14.80 -71.10
C PRO J 132 54.69 -13.79 -70.18
N LEU J 133 55.43 -14.29 -69.19
CA LEU J 133 56.12 -13.43 -68.23
C LEU J 133 57.62 -13.69 -68.27
N THR J 146 64.05 -16.99 -63.61
CA THR J 146 62.69 -17.39 -63.28
C THR J 146 61.71 -16.95 -64.38
N LEU J 147 60.86 -17.88 -64.81
CA LEU J 147 59.87 -17.59 -65.85
C LEU J 147 58.45 -17.81 -65.31
N GLY J 148 57.45 -17.35 -66.04
CA GLY J 148 56.08 -17.50 -65.60
C GLY J 148 55.02 -17.30 -66.67
N CYS J 149 53.79 -17.67 -66.33
CA CYS J 149 52.64 -17.44 -67.19
C CYS J 149 51.65 -16.53 -66.47
N LEU J 150 50.72 -15.95 -67.22
CA LEU J 150 49.73 -15.07 -66.62
C LEU J 150 48.35 -15.40 -67.18
N VAL J 151 47.63 -16.28 -66.51
CA VAL J 151 46.28 -16.64 -66.93
C VAL J 151 45.30 -15.53 -66.53
N LYS J 152 45.11 -14.58 -67.45
CA LYS J 152 44.41 -13.32 -67.16
C LYS J 152 42.97 -13.27 -67.68
N GLY J 153 42.02 -13.06 -66.77
CA GLY J 153 40.63 -12.87 -67.13
C GLY J 153 39.92 -14.13 -67.56
N TYR J 154 39.74 -15.05 -66.62
CA TYR J 154 39.00 -16.28 -66.89
C TYR J 154 37.87 -16.51 -65.88
N PHE J 155 36.92 -17.35 -66.26
CA PHE J 155 35.75 -17.58 -65.44
C PHE J 155 34.94 -18.77 -65.96
N PRO J 156 34.52 -19.66 -65.05
CA PRO J 156 34.87 -19.58 -63.62
C PRO J 156 36.16 -20.34 -63.38
N GLU J 157 36.50 -20.58 -62.12
CA GLU J 157 37.62 -21.43 -61.77
C GLU J 157 37.25 -22.90 -62.00
N PRO J 158 38.27 -23.78 -62.03
CA PRO J 158 39.69 -23.43 -61.90
C PRO J 158 40.42 -23.51 -63.23
N VAL J 159 41.72 -23.20 -63.19
CA VAL J 159 42.60 -23.40 -64.33
C VAL J 159 43.90 -24.07 -63.89
N THR J 160 44.24 -25.17 -64.54
CA THR J 160 45.43 -25.93 -64.20
C THR J 160 46.59 -25.61 -65.14
N VAL J 161 47.78 -25.43 -64.57
CA VAL J 161 48.95 -25.07 -65.37
C VAL J 161 50.13 -26.02 -65.13
N THR J 162 50.63 -26.60 -66.22
CA THR J 162 51.82 -27.45 -66.15
C THR J 162 52.96 -26.83 -66.94
N TRP J 163 54.08 -27.55 -67.02
CA TRP J 163 55.26 -27.05 -67.76
C TRP J 163 55.95 -28.14 -68.56
N ASN J 164 55.90 -28.01 -69.89
CA ASN J 164 56.50 -28.98 -70.80
C ASN J 164 55.89 -30.35 -70.59
N SER J 165 54.59 -30.37 -70.35
CA SER J 165 53.85 -31.61 -70.06
C SER J 165 54.30 -32.30 -68.78
N GLY J 166 54.65 -31.52 -67.76
CA GLY J 166 55.12 -32.05 -66.50
C GLY J 166 56.56 -32.51 -66.53
N SER J 167 57.28 -32.11 -67.58
CA SER J 167 58.67 -32.52 -67.78
C SER J 167 59.59 -31.98 -66.68
N LEU J 168 59.37 -30.73 -66.30
CA LEU J 168 60.18 -30.09 -65.26
C LEU J 168 59.34 -29.55 -64.11
N SER J 169 58.89 -30.44 -63.22
CA SER J 169 58.05 -30.05 -62.09
C SER J 169 58.83 -29.32 -61.00
N SER J 170 60.11 -29.67 -60.85
CA SER J 170 60.95 -29.07 -59.82
C SER J 170 61.12 -27.56 -60.03
N GLY J 171 60.56 -26.77 -59.11
CA GLY J 171 60.60 -25.33 -59.20
C GLY J 171 59.32 -24.74 -59.76
N VAL J 172 58.28 -25.57 -59.84
CA VAL J 172 56.99 -25.12 -60.35
C VAL J 172 56.07 -24.65 -59.23
N HIS J 173 55.53 -23.45 -59.37
CA HIS J 173 54.65 -22.87 -58.37
C HIS J 173 53.47 -22.14 -59.01
N THR J 174 52.30 -22.76 -58.95
CA THR J 174 51.09 -22.11 -59.42
C THR J 174 50.40 -21.40 -58.26
N PHE J 175 50.58 -20.08 -58.22
CA PHE J 175 50.06 -19.26 -57.13
C PHE J 175 48.54 -19.19 -57.14
N PRO J 176 47.95 -18.73 -56.01
CA PRO J 176 46.50 -18.53 -55.92
C PRO J 176 46.01 -17.52 -56.95
N ALA J 177 44.70 -17.47 -57.16
CA ALA J 177 44.12 -16.50 -58.08
C ALA J 177 43.55 -15.30 -57.32
N VAL J 178 43.30 -14.21 -58.05
CA VAL J 178 42.68 -13.03 -57.45
C VAL J 178 41.48 -12.58 -58.27
N LEU J 179 40.35 -12.39 -57.59
CA LEU J 179 39.11 -12.03 -58.28
C LEU J 179 39.08 -10.53 -58.61
N GLN J 180 39.32 -10.19 -59.87
CA GLN J 180 39.32 -8.79 -60.32
C GLN J 180 38.58 -8.62 -61.64
N SER J 181 37.68 -7.64 -61.69
CA SER J 181 36.87 -7.38 -62.87
C SER J 181 35.93 -8.54 -63.15
N ASP J 182 35.39 -9.12 -62.08
CA ASP J 182 34.50 -10.28 -62.17
C ASP J 182 35.18 -11.47 -62.84
N LEU J 183 36.46 -11.31 -63.16
CA LEU J 183 37.22 -12.33 -63.86
C LEU J 183 38.47 -12.73 -63.08
N TYR J 184 38.56 -14.01 -62.74
CA TYR J 184 39.71 -14.54 -62.01
C TYR J 184 41.01 -14.37 -62.80
N THR J 185 42.13 -14.38 -62.09
CA THR J 185 43.45 -14.21 -62.70
C THR J 185 44.54 -14.74 -61.78
N LEU J 186 45.43 -15.57 -62.33
CA LEU J 186 46.56 -16.08 -61.56
C LEU J 186 47.84 -16.10 -62.38
N SER J 187 48.85 -16.76 -61.85
CA SER J 187 50.13 -16.89 -62.55
C SER J 187 50.92 -18.06 -61.98
N SER J 188 51.64 -18.76 -62.86
CA SER J 188 52.47 -19.88 -62.45
C SER J 188 53.92 -19.65 -62.85
N SER J 189 54.84 -19.82 -61.90
CA SER J 189 56.26 -19.60 -62.17
C SER J 189 57.01 -20.92 -62.24
N VAL J 190 58.17 -20.91 -62.90
CA VAL J 190 59.04 -22.08 -62.97
C VAL J 190 60.51 -21.66 -63.06
N THR J 191 61.29 -22.12 -62.08
CA THR J 191 62.69 -21.73 -61.99
C THR J 191 63.61 -22.72 -62.68
N VAL J 192 64.58 -22.18 -63.43
CA VAL J 192 65.56 -22.99 -64.14
C VAL J 192 66.94 -22.31 -64.12
N VAL J 202 60.47 -24.09 -73.33
CA VAL J 202 59.75 -23.86 -72.08
C VAL J 202 58.29 -23.46 -72.32
N THR J 203 57.46 -24.45 -72.67
CA THR J 203 56.05 -24.21 -72.93
C THR J 203 55.17 -24.53 -71.71
N CYS J 204 54.41 -23.55 -71.25
CA CYS J 204 53.49 -23.79 -70.15
C CYS J 204 52.13 -24.25 -70.68
N ASN J 205 51.54 -25.24 -70.01
CA ASN J 205 50.26 -25.79 -70.43
C ASN J 205 49.12 -25.22 -69.58
N VAL J 206 48.20 -24.51 -70.23
CA VAL J 206 47.04 -23.97 -69.53
C VAL J 206 45.76 -24.71 -69.94
N ALA J 207 44.96 -25.09 -68.95
CA ALA J 207 43.71 -25.78 -69.22
C ALA J 207 42.55 -25.17 -68.45
N HIS J 208 41.48 -24.83 -69.17
CA HIS J 208 40.26 -24.29 -68.56
C HIS J 208 39.07 -25.19 -68.90
N PRO J 209 38.91 -26.29 -68.14
CA PRO J 209 37.92 -27.34 -68.40
C PRO J 209 36.49 -26.79 -68.49
N ALA J 210 36.25 -25.64 -67.86
CA ALA J 210 34.91 -25.05 -67.82
C ALA J 210 34.41 -24.68 -69.21
N SER J 211 35.34 -24.30 -70.08
CA SER J 211 35.01 -23.91 -71.45
C SER J 211 35.72 -24.78 -72.49
N SER J 212 36.41 -25.82 -72.01
CA SER J 212 37.16 -26.73 -72.87
C SER J 212 38.32 -26.03 -73.57
N THR J 213 39.00 -25.14 -72.85
CA THR J 213 40.10 -24.36 -73.42
C THR J 213 41.46 -24.97 -73.12
N LYS J 214 42.24 -25.18 -74.17
CA LYS J 214 43.61 -25.71 -74.04
C LYS J 214 44.58 -24.86 -74.84
N VAL J 215 45.49 -24.19 -74.15
CA VAL J 215 46.43 -23.30 -74.82
C VAL J 215 47.86 -23.44 -74.31
N ASP J 216 48.81 -23.42 -75.24
CA ASP J 216 50.23 -23.47 -74.93
C ASP J 216 50.87 -22.14 -75.29
N LYS J 217 51.76 -21.66 -74.42
CA LYS J 217 52.47 -20.41 -74.66
C LYS J 217 53.87 -20.49 -74.07
N LYS J 218 54.84 -20.88 -74.91
CA LYS J 218 56.23 -21.01 -74.46
C LYS J 218 56.86 -19.64 -74.18
N ILE J 219 57.67 -19.58 -73.12
CA ILE J 219 58.34 -18.35 -72.74
C ILE J 219 59.49 -18.03 -73.70
N VAL J 220 59.70 -16.74 -73.95
CA VAL J 220 60.76 -16.28 -74.83
C VAL J 220 61.04 -14.79 -74.58
N PRO J 221 62.32 -14.40 -74.57
CA PRO J 221 62.71 -13.01 -74.31
C PRO J 221 62.46 -12.09 -75.51
N GLN K 1 -1.31 43.30 34.37
CA GLN K 1 -1.94 42.62 33.25
C GLN K 1 -3.40 42.27 33.56
N ALA K 2 -3.74 40.99 33.48
CA ALA K 2 -5.10 40.52 33.76
C ALA K 2 -5.33 40.45 35.27
N VAL K 3 -6.45 41.00 35.73
CA VAL K 3 -6.74 41.05 37.16
C VAL K 3 -8.09 40.41 37.46
N VAL K 4 -8.11 39.55 38.48
CA VAL K 4 -9.36 38.92 38.93
C VAL K 4 -9.91 39.68 40.13
N THR K 5 -11.21 39.93 40.11
CA THR K 5 -11.86 40.75 41.13
C THR K 5 -12.98 40.00 41.86
N GLN K 6 -13.00 40.13 43.19
CA GLN K 6 -14.05 39.52 44.00
C GLN K 6 -14.58 40.51 45.03
N GLU K 7 -15.76 40.21 45.57
CA GLU K 7 -16.31 40.99 46.68
C GLU K 7 -15.36 40.91 47.87
N SER K 8 -15.07 42.06 48.47
CA SER K 8 -14.18 42.09 49.63
C SER K 8 -14.69 41.13 50.69
N ALA K 9 -15.99 41.18 50.95
CA ALA K 9 -16.61 40.29 51.93
C ALA K 9 -18.12 40.23 51.74
N LEU K 10 -18.73 39.17 52.25
CA LEU K 10 -20.18 39.00 52.21
C LEU K 10 -20.71 38.42 53.51
N THR K 11 -22.02 38.56 53.72
CA THR K 11 -22.65 38.06 54.93
C THR K 11 -23.90 37.24 54.60
N THR K 12 -24.20 36.26 55.45
CA THR K 12 -25.37 35.42 55.26
C THR K 12 -25.67 34.62 56.52
N SER K 13 -26.94 34.26 56.70
CA SER K 13 -27.36 33.47 57.85
C SER K 13 -27.46 32.00 57.50
N PRO K 14 -27.31 31.13 58.51
CA PRO K 14 -27.42 29.67 58.31
C PRO K 14 -28.73 29.29 57.63
N GLY K 15 -28.65 28.63 56.48
CA GLY K 15 -29.84 28.20 55.77
C GLY K 15 -30.09 28.99 54.50
N GLU K 16 -29.64 30.24 54.47
CA GLU K 16 -29.88 31.12 53.33
C GLU K 16 -29.04 30.73 52.10
N THR K 17 -29.20 31.50 51.02
CA THR K 17 -28.47 31.26 49.79
C THR K 17 -27.63 32.47 49.40
N VAL K 18 -26.30 32.31 49.43
CA VAL K 18 -25.38 33.39 49.08
C VAL K 18 -24.64 33.06 47.79
N THR K 19 -24.23 34.10 47.06
CA THR K 19 -23.51 33.91 45.81
C THR K 19 -22.27 34.80 45.70
N LEU K 20 -21.11 34.18 45.56
CA LEU K 20 -19.86 34.91 45.32
C LEU K 20 -19.62 35.01 43.82
N THR K 21 -18.97 36.08 43.40
CA THR K 21 -18.71 36.28 41.97
C THR K 21 -17.23 36.52 41.69
N CYS K 22 -16.81 36.15 40.49
CA CYS K 22 -15.42 36.23 40.08
C CYS K 22 -15.34 36.96 38.74
N ARG K 23 -14.79 38.17 38.74
CA ARG K 23 -14.78 39.00 37.54
C ARG K 23 -13.43 39.04 36.82
N SER K 24 -13.49 38.92 35.49
CA SER K 24 -12.30 39.03 34.66
C SER K 24 -12.15 40.47 34.15
N SER K 25 -10.91 40.95 34.12
CA SER K 25 -10.65 42.32 33.70
C SER K 25 -10.52 42.45 32.19
N THR K 26 -10.18 41.36 31.52
CA THR K 26 -10.01 41.37 30.07
C THR K 26 -11.34 41.26 29.33
N GLY K 27 -12.36 40.76 30.03
CA GLY K 27 -13.68 40.61 29.45
C GLY K 27 -14.56 39.67 30.24
N ALA K 28 -15.42 38.93 29.56
CA ALA K 28 -16.32 37.98 30.20
C ALA K 28 -15.57 36.69 30.54
N VAL K 29 -15.95 36.08 31.65
CA VAL K 29 -15.37 34.79 32.04
C VAL K 29 -15.98 33.68 31.19
N THR K 30 -15.18 33.14 30.28
CA THR K 30 -15.65 32.08 29.39
C THR K 30 -15.18 30.71 29.88
N THR K 31 -15.66 29.65 29.22
CA THR K 31 -15.39 28.28 29.65
C THR K 31 -13.91 27.93 29.60
N ILE K 32 -13.14 28.63 28.77
CA ILE K 32 -11.71 28.39 28.66
C ILE K 32 -10.92 29.12 29.75
N ASN K 33 -11.65 29.72 30.68
CA ASN K 33 -11.02 30.30 31.87
C ASN K 33 -11.01 29.29 33.01
N PHE K 34 -11.83 28.25 32.86
CA PHE K 34 -11.87 27.16 33.82
C PHE K 34 -11.93 27.68 35.25
N ALA K 35 -12.88 28.56 35.49
CA ALA K 35 -13.06 29.18 36.80
C ALA K 35 -12.95 28.18 37.94
N ASN K 36 -11.99 28.41 38.82
CA ASN K 36 -11.78 27.57 39.99
C ASN K 36 -12.19 28.29 41.27
N TRP K 37 -12.68 27.52 42.25
CA TRP K 37 -13.02 28.07 43.54
C TRP K 37 -12.33 27.30 44.65
N VAL K 38 -11.64 28.03 45.52
CA VAL K 38 -10.87 27.42 46.60
C VAL K 38 -11.28 28.02 47.94
N GLN K 39 -11.36 27.17 48.96
CA GLN K 39 -11.77 27.60 50.30
C GLN K 39 -10.59 27.59 51.26
N GLU K 40 -10.48 28.63 52.08
CA GLU K 40 -9.44 28.71 53.09
C GLU K 40 -10.01 28.87 54.49
N LYS K 41 -10.05 27.79 55.24
CA LYS K 41 -10.43 27.83 56.65
C LYS K 41 -9.31 28.46 57.47
N PRO K 42 -9.61 28.90 58.70
CA PRO K 42 -8.58 29.48 59.56
C PRO K 42 -7.42 28.50 59.79
N ASP K 43 -6.22 29.06 60.00
CA ASP K 43 -5.00 28.27 60.21
C ASP K 43 -4.42 27.72 58.90
N HIS K 44 -4.77 28.37 57.79
CA HIS K 44 -4.21 28.03 56.48
C HIS K 44 -4.64 26.66 55.96
N LEU K 45 -5.95 26.41 55.97
CA LEU K 45 -6.49 25.16 55.45
C LEU K 45 -7.16 25.38 54.10
N PHE K 46 -6.45 25.02 53.02
CA PHE K 46 -6.98 25.18 51.67
C PHE K 46 -7.56 23.88 51.12
N THR K 47 -8.66 24.00 50.38
CA THR K 47 -9.25 22.87 49.67
C THR K 47 -10.06 23.36 48.47
N GLY K 48 -10.05 22.60 47.39
CA GLY K 48 -10.77 22.98 46.19
C GLY K 48 -12.25 22.67 46.26
N LEU K 49 -13.05 23.47 45.56
CA LEU K 49 -14.48 23.22 45.48
C LEU K 49 -14.88 22.86 44.05
N ILE K 50 -14.87 23.85 43.17
CA ILE K 50 -15.23 23.66 41.77
C ILE K 50 -14.04 24.00 40.90
N GLY K 51 -14.15 23.73 39.60
CA GLY K 51 -13.11 24.05 38.65
C GLY K 51 -13.26 23.30 37.33
N GLY K 52 -12.19 23.31 36.55
CA GLY K 52 -12.18 22.62 35.27
C GLY K 52 -13.35 23.00 34.38
N ILE K 53 -13.97 21.99 33.75
CA ILE K 53 -15.13 22.21 32.90
C ILE K 53 -16.38 22.37 33.76
N ASN K 54 -16.82 21.28 34.37
CA ASN K 54 -17.80 21.37 35.43
C ASN K 54 -17.53 20.28 36.47
N ASN K 55 -16.25 20.11 36.77
CA ASN K 55 -15.80 19.15 37.75
C ASN K 55 -15.74 19.73 39.14
N ARG K 56 -15.88 18.87 40.14
CA ARG K 56 -15.71 19.31 41.51
C ARG K 56 -14.83 18.36 42.30
N ALA K 57 -14.22 18.88 43.36
CA ALA K 57 -13.31 18.10 44.18
C ALA K 57 -14.06 17.00 44.92
N PRO K 58 -13.34 15.95 45.34
CA PRO K 58 -13.96 14.86 46.10
C PRO K 58 -14.48 15.35 47.44
N GLY K 59 -15.77 15.15 47.69
CA GLY K 59 -16.37 15.46 48.98
C GLY K 59 -17.02 16.82 49.06
N VAL K 60 -16.84 17.65 48.03
CA VAL K 60 -17.46 18.96 48.02
C VAL K 60 -18.97 18.85 48.13
N PRO K 61 -19.54 19.39 49.22
CA PRO K 61 -20.98 19.33 49.51
C PRO K 61 -21.83 19.71 48.31
N ALA K 62 -23.03 19.14 48.22
CA ALA K 62 -23.92 19.38 47.09
C ALA K 62 -24.44 20.82 47.06
N ARG K 63 -24.42 21.48 48.21
CA ARG K 63 -24.90 22.85 48.30
C ARG K 63 -24.04 23.82 47.46
N PHE K 64 -22.75 23.49 47.33
CA PHE K 64 -21.86 24.28 46.48
C PHE K 64 -22.15 24.01 45.00
N SER K 65 -22.14 25.06 44.20
CA SER K 65 -22.41 24.91 42.76
C SER K 65 -21.85 26.09 41.97
N GLY K 66 -21.36 25.80 40.78
CA GLY K 66 -20.76 26.82 39.94
C GLY K 66 -21.62 27.15 38.74
N SER K 67 -21.43 28.35 38.21
CA SER K 67 -22.19 28.81 37.05
C SER K 67 -21.54 30.04 36.43
N LEU K 68 -22.06 30.46 35.29
CA LEU K 68 -21.56 31.67 34.64
C LEU K 68 -22.65 32.73 34.53
N ILE K 69 -23.22 33.11 35.67
CA ILE K 69 -24.22 34.17 35.73
C ILE K 69 -23.66 35.47 35.20
N GLY K 70 -24.37 36.08 34.27
CA GLY K 70 -23.90 37.31 33.66
C GLY K 70 -22.67 37.07 32.83
N ASP K 71 -21.60 37.79 33.12
CA ASP K 71 -20.34 37.61 32.40
C ASP K 71 -19.18 37.39 33.35
N LYS K 72 -19.49 36.87 34.53
CA LYS K 72 -18.45 36.47 35.49
C LYS K 72 -18.80 35.11 36.11
N ALA K 73 -17.81 34.47 36.71
CA ALA K 73 -18.02 33.17 37.33
C ALA K 73 -18.71 33.30 38.68
N ALA K 74 -19.62 32.39 38.96
CA ALA K 74 -20.37 32.42 40.22
C ALA K 74 -20.11 31.19 41.07
N LEU K 75 -20.25 31.35 42.38
CA LEU K 75 -20.14 30.23 43.31
C LEU K 75 -21.29 30.33 44.30
N THR K 76 -22.30 29.48 44.10
CA THR K 76 -23.54 29.58 44.87
C THR K 76 -23.67 28.51 45.94
N ILE K 77 -23.73 28.94 47.19
CA ILE K 77 -23.95 28.04 48.31
C ILE K 77 -25.42 28.03 48.68
N THR K 78 -26.12 26.97 48.31
CA THR K 78 -27.56 26.87 48.57
C THR K 78 -27.82 26.16 49.90
N GLY K 79 -28.14 26.94 50.92
CA GLY K 79 -28.35 26.41 52.26
C GLY K 79 -27.06 26.48 53.07
N ALA K 80 -26.53 27.69 53.22
CA ALA K 80 -25.26 27.91 53.91
C ALA K 80 -25.26 27.30 55.30
N GLN K 81 -24.09 26.81 55.71
CA GLN K 81 -23.93 26.21 57.03
C GLN K 81 -22.93 27.01 57.86
N THR K 82 -22.89 26.72 59.16
CA THR K 82 -21.97 27.41 60.05
C THR K 82 -20.52 27.22 59.63
N GLU K 83 -20.17 26.00 59.24
CA GLU K 83 -18.80 25.68 58.87
C GLU K 83 -18.42 26.26 57.51
N ASP K 84 -19.40 26.80 56.79
CA ASP K 84 -19.13 27.39 55.49
C ASP K 84 -18.44 28.75 55.59
N GLU K 85 -18.34 29.27 56.82
CA GLU K 85 -17.69 30.54 57.03
C GLU K 85 -16.19 30.45 56.82
N ALA K 86 -15.72 30.97 55.69
CA ALA K 86 -14.29 30.96 55.37
C ALA K 86 -13.96 31.98 54.30
N ILE K 87 -12.73 31.94 53.80
CA ILE K 87 -12.32 32.81 52.70
C ILE K 87 -12.30 32.04 51.39
N TYR K 88 -13.01 32.55 50.39
CA TYR K 88 -13.12 31.87 49.11
C TYR K 88 -12.36 32.58 48.00
N PHE K 89 -11.32 31.92 47.50
CA PHE K 89 -10.55 32.45 46.38
C PHE K 89 -11.01 31.81 45.09
N CYS K 90 -11.18 32.61 44.05
CA CYS K 90 -11.47 32.09 42.71
C CYS K 90 -10.30 32.39 41.79
N ALA K 91 -10.02 31.45 40.89
CA ALA K 91 -8.90 31.61 39.99
C ALA K 91 -9.33 31.37 38.54
N LEU K 92 -8.92 32.28 37.67
CA LEU K 92 -9.22 32.15 36.24
C LEU K 92 -7.97 31.73 35.48
N TRP K 93 -8.16 30.92 34.44
CA TRP K 93 -7.05 30.44 33.63
C TRP K 93 -6.89 31.29 32.38
N TYR K 94 -5.82 32.08 32.34
CA TYR K 94 -5.55 32.93 31.19
C TYR K 94 -4.46 32.34 30.32
N SER K 95 -4.86 31.67 29.25
CA SER K 95 -3.92 31.12 28.27
C SER K 95 -3.04 29.99 28.81
N ASN K 96 -2.09 30.32 29.69
CA ASN K 96 -1.11 29.33 30.15
C ASN K 96 -0.79 29.40 31.64
N HIS K 97 -1.59 30.15 32.40
CA HIS K 97 -1.35 30.28 33.83
C HIS K 97 -2.60 30.66 34.61
N TRP K 98 -2.57 30.48 35.91
CA TRP K 98 -3.69 30.83 36.77
C TRP K 98 -3.51 32.22 37.38
N VAL K 99 -4.61 32.94 37.55
CA VAL K 99 -4.61 34.21 38.25
C VAL K 99 -5.67 34.15 39.35
N PHE K 100 -5.27 34.40 40.59
CA PHE K 100 -6.20 34.37 41.71
C PHE K 100 -6.84 35.73 41.96
N GLY K 101 -7.95 35.72 42.69
CA GLY K 101 -8.61 36.96 43.07
C GLY K 101 -8.20 37.41 44.46
N GLY K 102 -8.78 38.51 44.92
CA GLY K 102 -8.50 39.01 46.24
C GLY K 102 -9.12 38.15 47.33
N GLY K 103 -10.06 37.31 46.94
CA GLY K 103 -10.76 36.45 47.89
C GLY K 103 -11.97 37.15 48.48
N THR K 104 -12.94 36.36 48.91
CA THR K 104 -14.14 36.90 49.56
C THR K 104 -14.27 36.27 50.94
N LYS K 105 -14.37 37.10 51.97
CA LYS K 105 -14.56 36.59 53.32
C LYS K 105 -16.04 36.42 53.63
N LEU K 106 -16.56 35.22 53.39
CA LEU K 106 -17.95 34.91 53.67
C LEU K 106 -18.14 34.68 55.16
N THR K 107 -19.11 35.41 55.74
CA THR K 107 -19.41 35.26 57.15
C THR K 107 -20.80 34.67 57.35
N VAL K 108 -20.86 33.55 58.05
CA VAL K 108 -22.12 32.95 58.44
C VAL K 108 -22.46 33.41 59.85
N LEU K 109 -23.44 34.30 59.96
CA LEU K 109 -23.79 34.95 61.22
C LEU K 109 -24.24 33.99 62.32
N GLY K 110 -23.40 33.86 63.34
CA GLY K 110 -23.73 33.08 64.52
C GLY K 110 -23.50 33.94 65.74
N GLN K 111 -23.79 35.23 65.60
CA GLN K 111 -23.49 36.23 66.61
C GLN K 111 -23.98 37.59 66.13
N PRO K 112 -24.43 38.44 67.06
CA PRO K 112 -24.91 39.78 66.69
C PRO K 112 -23.77 40.69 66.25
N LYS K 113 -24.04 41.54 65.26
CA LYS K 113 -23.04 42.46 64.74
C LYS K 113 -22.50 43.38 65.84
N SER K 114 -21.18 43.49 65.91
CA SER K 114 -20.53 44.28 66.96
C SER K 114 -19.58 45.32 66.37
N SER K 115 -19.88 46.59 66.61
CA SER K 115 -19.04 47.69 66.12
C SER K 115 -17.66 47.68 66.79
N PRO K 116 -16.63 48.09 66.03
CA PRO K 116 -15.24 47.99 66.45
C PRO K 116 -14.85 48.96 67.55
N SER K 117 -13.93 48.57 68.42
CA SER K 117 -13.46 49.42 69.51
C SER K 117 -12.07 49.99 69.23
N VAL K 118 -12.04 51.13 68.55
CA VAL K 118 -10.79 51.72 68.09
C VAL K 118 -10.11 52.57 69.16
N THR K 119 -8.80 52.36 69.32
CA THR K 119 -7.99 53.20 70.19
C THR K 119 -6.71 53.60 69.47
N LEU K 120 -6.35 54.88 69.53
CA LEU K 120 -5.14 55.36 68.88
C LEU K 120 -4.13 55.86 69.91
N PHE K 121 -2.97 55.21 69.96
CA PHE K 121 -1.93 55.55 70.93
C PHE K 121 -0.91 56.53 70.36
N PRO K 122 -0.49 57.51 71.17
CA PRO K 122 0.53 58.46 70.72
C PRO K 122 1.93 57.85 70.85
N PRO K 123 2.80 58.12 69.87
CA PRO K 123 4.17 57.58 69.88
C PRO K 123 4.88 57.93 71.17
N SER K 124 5.11 56.94 72.02
CA SER K 124 5.74 57.16 73.31
C SER K 124 7.00 58.01 73.19
N SER K 125 7.11 59.03 74.05
CA SER K 125 8.29 59.87 74.10
C SER K 125 9.52 59.00 74.25
N GLU K 126 9.32 57.83 74.85
CA GLU K 126 10.37 56.84 75.04
C GLU K 126 11.09 56.49 73.73
N GLU K 127 10.32 56.09 72.71
CA GLU K 127 10.88 55.70 71.44
C GLU K 127 11.28 56.88 70.56
N LEU K 128 10.79 58.07 70.92
CA LEU K 128 11.18 59.29 70.23
C LEU K 128 12.66 59.57 70.48
N GLU K 129 13.18 59.01 71.57
CA GLU K 129 14.60 59.11 71.89
C GLU K 129 15.42 58.40 70.81
N THR K 130 14.78 57.42 70.16
CA THR K 130 15.42 56.69 69.07
C THR K 130 15.22 57.43 67.76
N ASN K 131 14.72 58.66 67.86
CA ASN K 131 14.42 59.46 66.69
C ASN K 131 13.45 58.75 65.72
N LYS K 132 12.50 58.03 66.29
CA LYS K 132 11.54 57.26 65.50
C LYS K 132 10.14 57.36 66.11
N ALA K 133 9.13 57.57 65.27
CA ALA K 133 7.76 57.73 65.74
C ALA K 133 6.83 56.64 65.21
N THR K 134 6.12 55.99 66.12
CA THR K 134 5.22 54.90 65.75
C THR K 134 3.85 55.05 66.41
N LEU K 135 2.82 55.23 65.59
CA LEU K 135 1.45 55.33 66.09
C LEU K 135 0.74 53.99 66.00
N VAL K 136 0.34 53.45 67.15
CA VAL K 136 -0.39 52.20 67.20
C VAL K 136 -1.90 52.45 67.22
N CYS K 137 -2.64 51.61 66.50
CA CYS K 137 -4.10 51.74 66.48
C CYS K 137 -4.77 50.40 66.68
N THR K 138 -5.04 50.07 67.93
CA THR K 138 -5.65 48.79 68.28
C THR K 138 -7.15 48.77 67.98
N ILE K 139 -7.61 47.70 67.33
CA ILE K 139 -9.02 47.55 66.96
C ILE K 139 -9.54 46.21 67.46
N THR K 140 -10.54 46.24 68.33
CA THR K 140 -11.01 45.03 68.98
C THR K 140 -12.54 44.92 69.02
N ASP K 141 -13.01 43.74 69.42
CA ASP K 141 -14.43 43.49 69.63
C ASP K 141 -15.32 43.90 68.46
N PHE K 142 -15.07 43.35 67.28
CA PHE K 142 -15.93 43.61 66.14
C PHE K 142 -16.30 42.35 65.36
N TYR K 143 -17.41 42.43 64.64
CA TYR K 143 -17.96 41.29 63.92
C TYR K 143 -18.98 41.80 62.91
N PRO K 144 -18.91 41.32 61.66
CA PRO K 144 -17.96 40.31 61.16
C PRO K 144 -16.51 40.81 61.19
N GLY K 145 -15.57 39.89 60.95
CA GLY K 145 -14.16 40.21 60.97
C GLY K 145 -13.65 40.76 59.66
N VAL K 146 -14.09 41.97 59.32
CA VAL K 146 -13.68 42.64 58.09
C VAL K 146 -13.73 44.15 58.28
N VAL K 147 -12.57 44.79 58.41
CA VAL K 147 -12.54 46.23 58.59
C VAL K 147 -11.53 46.89 57.65
N THR K 148 -11.82 48.13 57.26
CA THR K 148 -10.94 48.88 56.37
C THR K 148 -10.25 50.01 57.14
N VAL K 149 -8.93 49.88 57.29
CA VAL K 149 -8.16 50.87 58.04
C VAL K 149 -7.49 51.90 57.13
N ASP K 150 -7.84 53.16 57.34
CA ASP K 150 -7.29 54.27 56.57
C ASP K 150 -6.76 55.36 57.51
N TRP K 151 -5.52 55.79 57.29
CA TRP K 151 -4.91 56.83 58.12
C TRP K 151 -5.08 58.22 57.50
N LYS K 152 -4.89 59.25 58.33
CA LYS K 152 -4.96 60.64 57.87
C LYS K 152 -4.03 61.54 58.67
N VAL K 153 -3.24 62.34 57.96
CA VAL K 153 -2.31 63.28 58.60
C VAL K 153 -2.66 64.71 58.22
N ASP K 154 -3.32 65.43 59.12
CA ASP K 154 -3.77 66.79 58.87
C ASP K 154 -4.72 66.89 57.68
N GLY K 155 -5.81 66.13 57.73
CA GLY K 155 -6.80 66.13 56.68
C GLY K 155 -6.48 65.15 55.57
N THR K 156 -5.33 65.34 54.93
CA THR K 156 -4.91 64.51 53.81
C THR K 156 -4.65 63.06 54.25
N PRO K 157 -5.18 62.09 53.48
CA PRO K 157 -5.06 60.66 53.80
C PRO K 157 -3.65 60.09 53.56
N VAL K 158 -3.20 59.24 54.48
CA VAL K 158 -1.88 58.63 54.39
C VAL K 158 -1.74 57.72 53.17
N THR K 159 -0.61 57.84 52.47
CA THR K 159 -0.36 57.04 51.28
C THR K 159 0.82 56.09 51.48
N GLN K 160 1.71 56.43 52.41
CA GLN K 160 2.92 55.65 52.63
C GLN K 160 3.19 55.44 54.13
N GLY K 161 3.80 54.30 54.46
CA GLY K 161 4.25 54.04 55.82
C GLY K 161 3.26 53.31 56.73
N MET K 162 2.14 52.88 56.15
CA MET K 162 1.08 52.26 56.94
C MET K 162 1.05 50.75 56.73
N GLU K 163 0.77 50.02 57.81
CA GLU K 163 0.67 48.56 57.76
C GLU K 163 -0.42 48.06 58.72
N THR K 164 -1.40 47.35 58.17
CA THR K 164 -2.52 46.85 58.96
C THR K 164 -2.56 45.32 58.93
N THR K 165 -2.66 44.71 60.10
CA THR K 165 -2.74 43.27 60.22
C THR K 165 -4.12 42.75 59.80
N GLN K 166 -4.19 41.45 59.51
CA GLN K 166 -5.46 40.82 59.16
C GLN K 166 -6.28 40.55 60.42
N PRO K 167 -7.58 40.84 60.37
CA PRO K 167 -8.44 40.59 61.53
C PRO K 167 -8.28 39.16 62.03
N SER K 168 -8.33 38.99 63.36
CA SER K 168 -8.14 37.69 63.99
C SER K 168 -9.21 37.42 65.05
N LYS K 169 -9.75 36.22 65.05
CA LYS K 169 -10.72 35.85 66.07
C LYS K 169 -10.10 35.96 67.44
N GLN K 170 -10.80 36.62 68.37
CA GLN K 170 -10.35 36.69 69.75
C GLN K 170 -11.17 35.73 70.60
N SER K 171 -11.07 35.88 71.92
CA SER K 171 -11.76 34.99 72.85
C SER K 171 -13.26 34.92 72.57
N ASN K 172 -13.93 36.07 72.57
CA ASN K 172 -15.39 36.10 72.45
C ASN K 172 -15.93 36.00 71.03
N ASN K 173 -15.24 35.26 70.18
CA ASN K 173 -15.69 35.01 68.80
C ASN K 173 -15.73 36.24 67.90
N LYS K 174 -15.38 37.40 68.47
CA LYS K 174 -15.26 38.62 67.70
C LYS K 174 -13.84 38.73 67.13
N TYR K 175 -13.62 39.66 66.22
CA TYR K 175 -12.31 39.79 65.59
C TYR K 175 -11.57 41.04 66.05
N MET K 176 -10.26 41.05 65.81
CA MET K 176 -9.40 42.16 66.24
C MET K 176 -8.29 42.42 65.22
N ALA K 177 -7.81 43.66 65.19
CA ALA K 177 -6.73 44.02 64.27
C ALA K 177 -5.88 45.15 64.85
N SER K 178 -4.70 45.35 64.26
CA SER K 178 -3.83 46.45 64.66
C SER K 178 -3.18 47.09 63.45
N SER K 179 -3.09 48.41 63.45
CA SER K 179 -2.51 49.16 62.34
C SER K 179 -1.44 50.13 62.83
N TYR K 180 -0.25 50.05 62.24
CA TYR K 180 0.87 50.89 62.66
C TYR K 180 1.09 52.03 61.66
N LEU K 181 1.75 53.09 62.12
CA LEU K 181 2.18 54.18 61.25
C LEU K 181 3.65 54.49 61.49
N THR K 182 4.43 54.55 60.40
CA THR K 182 5.88 54.73 60.51
C THR K 182 6.29 56.16 60.16
N LEU K 183 6.94 56.84 61.09
CA LEU K 183 7.39 58.21 60.87
C LEU K 183 8.73 58.48 61.54
N THR K 184 9.50 59.38 60.93
CA THR K 184 10.77 59.82 61.50
C THR K 184 10.47 60.59 62.79
N ALA K 185 11.47 60.70 63.67
CA ALA K 185 11.31 61.50 64.88
C ALA K 185 10.88 62.89 64.49
N ARG K 186 11.44 63.38 63.38
CA ARG K 186 11.18 64.73 62.89
C ARG K 186 9.69 64.96 62.59
N ALA K 187 9.04 63.96 61.99
CA ALA K 187 7.67 64.09 61.54
C ALA K 187 6.64 64.32 62.66
N TRP K 188 6.78 63.62 63.80
CA TRP K 188 5.83 63.81 64.90
C TRP K 188 5.81 65.25 65.37
N GLU K 189 7.00 65.81 65.62
CA GLU K 189 7.11 67.22 66.01
C GLU K 189 6.58 68.12 64.89
N ARG K 190 6.87 67.75 63.64
CA ARG K 190 6.48 68.53 62.47
C ARG K 190 4.95 68.57 62.24
N HIS K 191 4.28 67.44 62.41
CA HIS K 191 2.85 67.34 62.18
C HIS K 191 2.06 67.14 63.47
N SER K 192 1.10 68.02 63.74
CA SER K 192 0.44 68.00 65.05
C SER K 192 -0.74 67.02 65.20
N SER K 193 -1.55 66.84 64.16
CA SER K 193 -2.75 66.01 64.29
C SER K 193 -2.83 64.76 63.40
N TYR K 194 -3.11 63.61 64.04
CA TYR K 194 -3.31 62.35 63.32
C TYR K 194 -4.59 61.65 63.76
N SER K 195 -5.12 60.82 62.86
CA SER K 195 -6.34 60.06 63.15
C SER K 195 -6.34 58.75 62.39
N CYS K 196 -6.64 57.66 63.10
CA CYS K 196 -6.83 56.38 62.43
C CYS K 196 -8.32 56.10 62.36
N GLN K 197 -8.84 55.99 61.14
CA GLN K 197 -10.27 55.74 60.95
C GLN K 197 -10.49 54.29 60.53
N VAL K 198 -11.59 53.71 60.99
CA VAL K 198 -11.88 52.32 60.70
C VAL K 198 -13.31 52.14 60.23
N THR K 199 -13.46 51.56 59.04
CA THR K 199 -14.77 51.28 58.49
C THR K 199 -15.19 49.85 58.81
N HIS K 200 -16.43 49.68 59.28
CA HIS K 200 -16.94 48.36 59.58
C HIS K 200 -18.42 48.24 59.26
N GLU K 201 -18.76 47.24 58.45
CA GLU K 201 -20.15 46.94 58.13
C GLU K 201 -20.88 48.17 57.58
N GLY K 202 -20.12 49.19 57.22
CA GLY K 202 -20.70 50.41 56.69
C GLY K 202 -20.27 51.66 57.44
N HIS K 203 -20.65 51.76 58.70
CA HIS K 203 -20.32 52.94 59.50
C HIS K 203 -18.82 53.04 59.75
N THR K 204 -18.38 54.19 60.25
CA THR K 204 -16.96 54.43 60.49
C THR K 204 -16.70 54.96 61.90
N VAL K 205 -15.57 54.55 62.47
CA VAL K 205 -15.19 54.97 63.81
C VAL K 205 -13.84 55.69 63.77
N GLU K 206 -13.85 56.96 64.19
CA GLU K 206 -12.65 57.79 64.11
C GLU K 206 -12.08 58.10 65.49
N LYS K 207 -10.76 57.92 65.62
CA LYS K 207 -10.05 58.33 66.83
C LYS K 207 -8.81 59.12 66.41
N SER K 208 -8.72 60.36 66.89
CA SER K 208 -7.63 61.26 66.50
C SER K 208 -6.84 61.77 67.71
N LEU K 209 -5.76 62.51 67.43
CA LEU K 209 -4.94 63.11 68.48
C LEU K 209 -4.08 64.26 67.95
N SER K 210 -3.93 65.31 68.78
CA SER K 210 -3.10 66.45 68.42
C SER K 210 -1.79 66.47 69.22
N GLN L 1 -17.14 12.61 -50.66
CA GLN L 1 -16.05 12.30 -49.76
C GLN L 1 -15.27 11.05 -50.20
N ALA L 2 -15.19 10.05 -49.33
CA ALA L 2 -14.49 8.80 -49.66
C ALA L 2 -15.36 7.91 -50.54
N VAL L 3 -14.78 7.40 -51.61
CA VAL L 3 -15.53 6.58 -52.56
C VAL L 3 -14.89 5.22 -52.74
N VAL L 4 -15.70 4.16 -52.70
CA VAL L 4 -15.22 2.82 -52.93
C VAL L 4 -15.51 2.41 -54.38
N THR L 5 -14.53 1.79 -55.04
CA THR L 5 -14.62 1.47 -56.45
C THR L 5 -14.45 -0.02 -56.72
N GLN L 6 -15.31 -0.58 -57.56
CA GLN L 6 -15.21 -1.98 -57.96
C GLN L 6 -15.36 -2.13 -59.47
N GLU L 7 -14.95 -3.29 -59.99
CA GLU L 7 -15.15 -3.60 -61.39
C GLU L 7 -16.65 -3.65 -61.67
N SER L 8 -17.07 -3.01 -62.76
CA SER L 8 -18.48 -3.00 -63.11
C SER L 8 -19.00 -4.43 -63.19
N ALA L 9 -18.25 -5.29 -63.85
CA ALA L 9 -18.62 -6.70 -63.98
C ALA L 9 -17.42 -7.55 -64.38
N LEU L 10 -17.52 -8.85 -64.10
CA LEU L 10 -16.48 -9.79 -64.49
C LEU L 10 -17.08 -11.09 -64.99
N THR L 11 -16.26 -11.89 -65.68
CA THR L 11 -16.71 -13.16 -66.24
C THR L 11 -15.74 -14.28 -65.89
N THR L 12 -16.26 -15.50 -65.75
CA THR L 12 -15.44 -16.65 -65.45
C THR L 12 -16.21 -17.94 -65.68
N SER L 13 -15.49 -19.02 -65.98
CA SER L 13 -16.11 -20.32 -66.22
C SER L 13 -16.05 -21.19 -64.95
N PRO L 14 -16.98 -22.14 -64.84
CA PRO L 14 -17.02 -23.04 -63.68
C PRO L 14 -15.69 -23.77 -63.50
N GLY L 15 -15.08 -23.61 -62.33
CA GLY L 15 -13.82 -24.27 -62.03
C GLY L 15 -12.64 -23.32 -61.98
N GLU L 16 -12.74 -22.23 -62.72
CA GLU L 16 -11.63 -21.26 -62.80
C GLU L 16 -11.48 -20.44 -61.53
N THR L 17 -10.50 -19.53 -61.53
CA THR L 17 -10.24 -18.67 -60.39
C THR L 17 -10.35 -17.20 -60.76
N VAL L 18 -11.35 -16.53 -60.17
CA VAL L 18 -11.59 -15.12 -60.44
C VAL L 18 -11.30 -14.28 -59.20
N THR L 19 -10.93 -13.02 -59.41
CA THR L 19 -10.63 -12.13 -58.30
C THR L 19 -11.29 -10.76 -58.44
N LEU L 20 -12.12 -10.40 -57.47
CA LEU L 20 -12.74 -9.07 -57.43
C LEU L 20 -11.87 -8.16 -56.57
N THR L 21 -11.86 -6.88 -56.88
CA THR L 21 -11.05 -5.93 -56.11
C THR L 21 -11.88 -4.76 -55.59
N CYS L 22 -11.43 -4.19 -54.48
CA CYS L 22 -12.14 -3.10 -53.81
C CYS L 22 -11.16 -1.96 -53.56
N ARG L 23 -11.35 -0.84 -54.25
CA ARG L 23 -10.39 0.27 -54.18
C ARG L 23 -10.86 1.43 -53.29
N SER L 24 -9.94 1.94 -52.48
CA SER L 24 -10.21 3.11 -51.66
C SER L 24 -9.73 4.37 -52.37
N SER L 25 -10.51 5.45 -52.27
CA SER L 25 -10.18 6.69 -52.95
C SER L 25 -9.22 7.55 -52.14
N THR L 26 -9.19 7.34 -50.83
CA THR L 26 -8.33 8.13 -49.95
C THR L 26 -6.90 7.61 -49.93
N GLY L 27 -6.73 6.35 -50.33
CA GLY L 27 -5.42 5.74 -50.36
C GLY L 27 -5.49 4.23 -50.45
N ALA L 28 -4.53 3.56 -49.82
CA ALA L 28 -4.49 2.11 -49.80
C ALA L 28 -5.47 1.54 -48.78
N VAL L 29 -6.07 0.40 -49.09
CA VAL L 29 -6.96 -0.27 -48.16
C VAL L 29 -6.14 -0.96 -47.08
N THR L 30 -6.19 -0.42 -45.86
CA THR L 30 -5.43 -0.99 -44.75
C THR L 30 -6.33 -1.82 -43.83
N THR L 31 -5.72 -2.50 -42.86
CA THR L 31 -6.44 -3.42 -42.00
C THR L 31 -7.53 -2.74 -41.17
N ILE L 32 -7.39 -1.43 -40.94
CA ILE L 32 -8.38 -0.69 -40.18
C ILE L 32 -9.56 -0.25 -41.05
N ASN L 33 -9.59 -0.73 -42.29
CA ASN L 33 -10.73 -0.52 -43.17
C ASN L 33 -11.68 -1.71 -43.07
N PHE L 34 -11.17 -2.80 -42.50
CA PHE L 34 -11.98 -3.99 -42.25
C PHE L 34 -12.82 -4.35 -43.48
N ALA L 35 -12.14 -4.47 -44.61
CA ALA L 35 -12.80 -4.77 -45.87
C ALA L 35 -13.82 -5.89 -45.74
N ASN L 36 -15.07 -5.57 -46.06
CA ASN L 36 -16.15 -6.56 -46.03
C ASN L 36 -16.60 -6.92 -47.45
N TRP L 37 -17.05 -8.16 -47.61
CA TRP L 37 -17.59 -8.61 -48.89
C TRP L 37 -18.96 -9.22 -48.70
N VAL L 38 -19.93 -8.73 -49.47
CA VAL L 38 -21.31 -9.18 -49.36
C VAL L 38 -21.84 -9.66 -50.71
N GLN L 39 -22.61 -10.74 -50.70
CA GLN L 39 -23.15 -11.33 -51.92
C GLN L 39 -24.65 -11.08 -52.03
N GLU L 40 -25.10 -10.72 -53.22
CA GLU L 40 -26.53 -10.51 -53.47
C GLU L 40 -27.03 -11.39 -54.61
N LYS L 41 -27.71 -12.47 -54.24
CA LYS L 41 -28.37 -13.33 -55.22
C LYS L 41 -29.61 -12.63 -55.74
N PRO L 42 -30.16 -13.11 -56.87
CA PRO L 42 -31.38 -12.51 -57.42
C PRO L 42 -32.53 -12.56 -56.40
N ASP L 43 -33.43 -11.59 -56.50
CA ASP L 43 -34.58 -11.47 -55.60
C ASP L 43 -34.20 -10.87 -54.24
N HIS L 44 -33.11 -10.12 -54.21
CA HIS L 44 -32.67 -9.41 -53.01
C HIS L 44 -32.24 -10.31 -51.85
N LEU L 45 -31.36 -11.27 -52.15
CA LEU L 45 -30.83 -12.16 -51.13
C LEU L 45 -29.40 -11.78 -50.77
N PHE L 46 -29.24 -11.11 -49.63
CA PHE L 46 -27.92 -10.68 -49.18
C PHE L 46 -27.35 -11.63 -48.13
N THR L 47 -26.04 -11.87 -48.20
CA THR L 47 -25.33 -12.62 -47.17
C THR L 47 -23.85 -12.22 -47.14
N GLY L 48 -23.26 -12.21 -45.95
CA GLY L 48 -21.87 -11.83 -45.80
C GLY L 48 -20.91 -12.96 -46.15
N LEU L 49 -19.73 -12.59 -46.63
CA LEU L 49 -18.68 -13.56 -46.94
C LEU L 49 -17.49 -13.37 -45.99
N ILE L 50 -16.74 -12.30 -46.22
CA ILE L 50 -15.56 -11.99 -45.42
C ILE L 50 -15.77 -10.65 -44.73
N GLY L 51 -14.85 -10.29 -43.84
CA GLY L 51 -14.90 -9.01 -43.16
C GLY L 51 -14.03 -8.97 -41.93
N GLY L 52 -14.25 -7.97 -41.09
CA GLY L 52 -13.51 -7.82 -39.85
C GLY L 52 -12.00 -7.87 -40.05
N ILE L 53 -11.32 -8.58 -39.16
CA ILE L 53 -9.88 -8.74 -39.26
C ILE L 53 -9.53 -9.78 -40.33
N ASN L 54 -9.82 -11.04 -40.03
CA ASN L 54 -9.82 -12.07 -41.04
C ASN L 54 -10.90 -13.10 -40.74
N ASN L 55 -12.05 -12.59 -40.33
CA ASN L 55 -13.21 -13.40 -40.00
C ASN L 55 -14.08 -13.63 -41.20
N ARG L 56 -14.82 -14.73 -41.18
CA ARG L 56 -15.78 -15.01 -42.24
C ARG L 56 -17.11 -15.47 -41.66
N ALA L 57 -18.17 -15.24 -42.42
CA ALA L 57 -19.52 -15.59 -41.98
C ALA L 57 -19.68 -17.10 -41.87
N PRO L 58 -20.65 -17.55 -41.07
CA PRO L 58 -20.92 -18.99 -40.92
C PRO L 58 -21.36 -19.60 -42.25
N GLY L 59 -20.65 -20.62 -42.69
CA GLY L 59 -21.05 -21.36 -43.87
C GLY L 59 -20.40 -20.91 -45.17
N VAL L 60 -19.68 -19.80 -45.13
CA VAL L 60 -19.01 -19.30 -46.32
C VAL L 60 -18.01 -20.33 -46.85
N PRO L 61 -18.25 -20.83 -48.07
CA PRO L 61 -17.43 -21.85 -48.71
C PRO L 61 -15.94 -21.56 -48.62
N ALA L 62 -15.13 -22.61 -48.58
CA ALA L 62 -13.68 -22.46 -48.44
C ALA L 62 -13.05 -21.82 -49.67
N ARG L 63 -13.74 -21.90 -50.80
CA ARG L 63 -13.21 -21.33 -52.05
C ARG L 63 -13.09 -19.80 -51.96
N PHE L 64 -13.97 -19.17 -51.18
CA PHE L 64 -13.90 -17.74 -50.96
C PHE L 64 -12.74 -17.40 -50.02
N SER L 65 -12.01 -16.34 -50.33
CA SER L 65 -10.89 -15.93 -49.50
C SER L 65 -10.56 -14.45 -49.72
N GLY L 66 -10.15 -13.79 -48.65
CA GLY L 66 -9.83 -12.37 -48.72
C GLY L 66 -8.34 -12.11 -48.59
N SER L 67 -7.91 -10.97 -49.11
CA SER L 67 -6.50 -10.59 -49.06
C SER L 67 -6.34 -9.11 -49.38
N LEU L 68 -5.13 -8.60 -49.24
CA LEU L 68 -4.84 -7.22 -49.58
C LEU L 68 -3.80 -7.12 -50.69
N ILE L 69 -4.11 -7.74 -51.83
CA ILE L 69 -3.24 -7.69 -53.00
C ILE L 69 -3.07 -6.25 -53.46
N GLY L 70 -1.81 -5.85 -53.65
CA GLY L 70 -1.52 -4.48 -54.04
C GLY L 70 -1.88 -3.50 -52.93
N ASP L 71 -2.73 -2.54 -53.25
CA ASP L 71 -3.17 -1.57 -52.25
C ASP L 71 -4.69 -1.47 -52.19
N LYS L 72 -5.35 -2.54 -52.61
CA LYS L 72 -6.80 -2.64 -52.48
C LYS L 72 -7.20 -4.02 -51.94
N ALA L 73 -8.44 -4.13 -51.47
CA ALA L 73 -8.94 -5.38 -50.93
C ALA L 73 -9.33 -6.33 -52.04
N ALA L 74 -9.02 -7.61 -51.87
CA ALA L 74 -9.33 -8.62 -52.88
C ALA L 74 -10.31 -9.66 -52.35
N LEU L 75 -11.06 -10.26 -53.26
CA LEU L 75 -11.97 -11.34 -52.93
C LEU L 75 -11.80 -12.43 -53.97
N THR L 76 -11.09 -13.50 -53.61
CA THR L 76 -10.71 -14.53 -54.57
C THR L 76 -11.52 -15.80 -54.44
N ILE L 77 -12.25 -16.14 -55.49
CA ILE L 77 -13.01 -17.38 -55.54
C ILE L 77 -12.22 -18.45 -56.28
N THR L 78 -11.63 -19.38 -55.54
CA THR L 78 -10.81 -20.43 -56.12
C THR L 78 -11.63 -21.67 -56.45
N GLY L 79 -11.97 -21.82 -57.73
CA GLY L 79 -12.82 -22.91 -58.18
C GLY L 79 -14.28 -22.48 -58.22
N ALA L 80 -14.54 -21.44 -59.01
CA ALA L 80 -15.87 -20.86 -59.09
C ALA L 80 -16.93 -21.90 -59.43
N GLN L 81 -18.14 -21.72 -58.88
CA GLN L 81 -19.25 -22.63 -59.13
C GLN L 81 -20.38 -21.90 -59.84
N THR L 82 -21.34 -22.66 -60.35
CA THR L 82 -22.49 -22.08 -61.04
C THR L 82 -23.27 -21.14 -60.13
N GLU L 83 -23.48 -21.56 -58.88
CA GLU L 83 -24.26 -20.77 -57.93
C GLU L 83 -23.52 -19.52 -57.47
N ASP L 84 -22.23 -19.43 -57.79
CA ASP L 84 -21.43 -18.28 -57.39
C ASP L 84 -21.76 -17.03 -58.20
N GLU L 85 -22.57 -17.19 -59.25
CA GLU L 85 -22.97 -16.07 -60.08
C GLU L 85 -23.91 -15.14 -59.34
N ALA L 86 -23.39 -14.00 -58.91
CA ALA L 86 -24.19 -13.01 -58.20
C ALA L 86 -23.53 -11.64 -58.23
N ILE L 87 -24.08 -10.70 -57.46
CA ILE L 87 -23.49 -9.37 -57.33
C ILE L 87 -22.74 -9.26 -56.02
N TYR L 88 -21.47 -8.87 -56.08
CA TYR L 88 -20.65 -8.80 -54.89
C TYR L 88 -20.33 -7.36 -54.51
N PHE L 89 -20.84 -6.93 -53.36
CA PHE L 89 -20.53 -5.60 -52.84
C PHE L 89 -19.44 -5.69 -51.79
N CYS L 90 -18.47 -4.78 -51.86
CA CYS L 90 -17.45 -4.68 -50.83
C CYS L 90 -17.61 -3.36 -50.10
N ALA L 91 -17.36 -3.37 -48.79
CA ALA L 91 -17.53 -2.20 -47.97
C ALA L 91 -16.28 -1.92 -47.13
N LEU L 92 -15.82 -0.68 -47.15
CA LEU L 92 -14.66 -0.29 -46.36
C LEU L 92 -15.11 0.54 -45.17
N TRP L 93 -14.40 0.39 -44.05
CA TRP L 93 -14.73 1.11 -42.83
C TRP L 93 -13.85 2.35 -42.68
N TYR L 94 -14.46 3.52 -42.85
CA TYR L 94 -13.73 4.78 -42.73
C TYR L 94 -14.03 5.45 -41.41
N SER L 95 -13.13 5.27 -40.44
CA SER L 95 -13.23 5.92 -39.14
C SER L 95 -14.42 5.47 -38.29
N ASN L 96 -15.63 5.83 -38.69
CA ASN L 96 -16.81 5.57 -37.88
C ASN L 96 -18.03 5.10 -38.66
N HIS L 97 -17.87 4.77 -39.93
CA HIS L 97 -18.97 4.33 -40.76
C HIS L 97 -18.54 3.46 -41.93
N TRP L 98 -19.48 2.76 -42.53
CA TRP L 98 -19.21 1.92 -43.69
C TRP L 98 -19.51 2.64 -44.99
N VAL L 99 -18.72 2.37 -46.02
CA VAL L 99 -18.98 2.88 -47.35
C VAL L 99 -18.97 1.70 -48.32
N PHE L 100 -20.06 1.53 -49.06
CA PHE L 100 -20.16 0.42 -50.01
C PHE L 100 -19.65 0.80 -51.40
N GLY L 101 -19.34 -0.20 -52.21
CA GLY L 101 -18.91 0.03 -53.57
C GLY L 101 -20.06 -0.07 -54.55
N GLY L 102 -19.77 0.06 -55.83
CA GLY L 102 -20.79 -0.03 -56.85
C GLY L 102 -21.23 -1.47 -57.06
N GLY L 103 -20.43 -2.41 -56.56
CA GLY L 103 -20.71 -3.82 -56.72
C GLY L 103 -20.14 -4.36 -58.01
N THR L 104 -19.85 -5.67 -58.02
CA THR L 104 -19.35 -6.33 -59.22
C THR L 104 -20.28 -7.46 -59.59
N LYS L 105 -20.77 -7.46 -60.83
CA LYS L 105 -21.65 -8.53 -61.28
C LYS L 105 -20.83 -9.68 -61.88
N LEU L 106 -20.50 -10.66 -61.04
CA LEU L 106 -19.76 -11.82 -61.48
C LEU L 106 -20.65 -12.78 -62.23
N THR L 107 -20.24 -13.15 -63.43
CA THR L 107 -21.00 -14.08 -64.25
C THR L 107 -20.26 -15.39 -64.43
N VAL L 108 -20.88 -16.49 -64.03
CA VAL L 108 -20.33 -17.82 -64.24
C VAL L 108 -20.95 -18.46 -65.48
N LEU L 109 -20.12 -18.81 -66.44
CA LEU L 109 -20.58 -19.37 -67.72
C LEU L 109 -21.18 -20.76 -67.57
N GLY L 110 -22.37 -20.84 -66.97
CA GLY L 110 -23.10 -22.08 -66.86
C GLY L 110 -23.57 -22.59 -68.21
N GLN L 111 -23.97 -21.67 -69.07
CA GLN L 111 -24.42 -22.01 -70.43
C GLN L 111 -23.73 -21.12 -71.47
N PRO L 112 -23.66 -21.60 -72.72
CA PRO L 112 -23.03 -20.85 -73.81
C PRO L 112 -23.59 -19.44 -73.94
N LYS L 113 -22.72 -18.49 -74.25
CA LYS L 113 -23.11 -17.09 -74.35
C LYS L 113 -24.14 -16.85 -75.44
N SER L 114 -25.32 -16.38 -75.03
CA SER L 114 -26.37 -16.04 -75.97
C SER L 114 -26.39 -14.53 -76.20
N SER L 115 -26.86 -14.11 -77.37
CA SER L 115 -26.96 -12.68 -77.67
C SER L 115 -28.40 -12.19 -77.64
N PRO L 116 -28.59 -10.89 -77.37
CA PRO L 116 -29.89 -10.26 -77.08
C PRO L 116 -30.92 -10.33 -78.22
N SER L 117 -32.15 -10.66 -77.87
CA SER L 117 -33.26 -10.60 -78.82
C SER L 117 -34.00 -9.28 -78.66
N VAL L 118 -33.44 -8.23 -79.26
CA VAL L 118 -34.00 -6.89 -79.11
C VAL L 118 -35.07 -6.60 -80.17
N THR L 119 -36.27 -6.30 -79.72
CA THR L 119 -37.33 -5.84 -80.61
C THR L 119 -37.78 -4.44 -80.22
N LEU L 120 -37.90 -3.55 -81.21
CA LEU L 120 -38.28 -2.17 -80.96
C LEU L 120 -39.73 -1.90 -81.32
N PHE L 121 -40.48 -1.30 -80.39
CA PHE L 121 -41.87 -0.94 -80.62
C PHE L 121 -42.02 0.58 -80.64
N PRO L 122 -42.72 1.11 -81.65
CA PRO L 122 -43.01 2.53 -81.79
C PRO L 122 -44.24 2.94 -80.99
N PRO L 123 -44.41 4.25 -80.76
CA PRO L 123 -45.54 4.80 -80.01
C PRO L 123 -46.87 4.33 -80.56
N SER L 124 -47.65 3.62 -79.76
CA SER L 124 -48.97 3.18 -80.20
C SER L 124 -49.85 4.38 -80.52
N SER L 125 -50.48 4.36 -81.69
CA SER L 125 -51.37 5.44 -82.09
C SER L 125 -52.50 5.59 -81.07
N GLU L 126 -52.59 4.61 -80.17
CA GLU L 126 -53.61 4.61 -79.14
C GLU L 126 -53.19 5.44 -77.94
N GLU L 127 -51.88 5.56 -77.73
CA GLU L 127 -51.36 6.40 -76.65
C GLU L 127 -50.96 7.76 -77.20
N LEU L 128 -51.06 7.91 -78.52
CA LEU L 128 -50.65 9.14 -79.18
C LEU L 128 -51.63 10.28 -78.95
N GLU L 129 -52.91 9.95 -78.82
CA GLU L 129 -53.94 10.94 -78.53
C GLU L 129 -53.73 11.55 -77.14
N THR L 130 -52.88 10.90 -76.36
CA THR L 130 -52.48 11.40 -75.04
C THR L 130 -51.54 12.59 -75.22
N ASN L 131 -51.13 12.83 -76.45
CA ASN L 131 -50.12 13.82 -76.77
C ASN L 131 -48.76 13.42 -76.19
N LYS L 132 -48.57 12.11 -76.06
CA LYS L 132 -47.32 11.56 -75.56
C LYS L 132 -46.89 10.36 -76.40
N ALA L 133 -45.58 10.18 -76.55
CA ALA L 133 -45.03 9.09 -77.35
C ALA L 133 -43.97 8.30 -76.59
N THR L 134 -44.01 6.98 -76.70
CA THR L 134 -43.06 6.13 -75.99
C THR L 134 -42.52 4.98 -76.84
N LEU L 135 -41.19 4.97 -77.02
CA LEU L 135 -40.49 3.91 -77.73
C LEU L 135 -40.05 2.83 -76.74
N VAL L 136 -40.64 1.64 -76.83
CA VAL L 136 -40.24 0.55 -75.96
C VAL L 136 -39.28 -0.40 -76.70
N CYS L 137 -38.16 -0.69 -76.07
CA CYS L 137 -37.14 -1.53 -76.64
C CYS L 137 -36.91 -2.73 -75.72
N THR L 138 -37.45 -3.89 -76.10
CA THR L 138 -37.32 -5.06 -75.23
C THR L 138 -36.14 -5.95 -75.62
N ILE L 139 -35.27 -6.19 -74.65
CA ILE L 139 -34.09 -7.03 -74.84
C ILE L 139 -34.23 -8.30 -74.01
N THR L 140 -34.06 -9.46 -74.64
CA THR L 140 -34.18 -10.72 -73.90
C THR L 140 -33.13 -11.75 -74.31
N ASP L 141 -33.03 -12.80 -73.49
CA ASP L 141 -32.24 -13.97 -73.79
C ASP L 141 -30.78 -13.66 -74.13
N PHE L 142 -30.19 -12.71 -73.40
CA PHE L 142 -28.76 -12.45 -73.54
C PHE L 142 -28.00 -12.93 -72.31
N TYR L 143 -26.73 -13.21 -72.49
CA TYR L 143 -25.91 -13.80 -71.43
C TYR L 143 -24.45 -13.76 -71.84
N PRO L 144 -23.58 -13.26 -70.95
CA PRO L 144 -23.85 -12.80 -69.58
C PRO L 144 -24.71 -11.55 -69.53
N GLY L 145 -25.39 -11.35 -68.40
CA GLY L 145 -26.37 -10.29 -68.27
C GLY L 145 -25.83 -8.88 -68.08
N VAL L 146 -25.15 -8.37 -69.11
CA VAL L 146 -24.74 -6.97 -69.11
C VAL L 146 -24.87 -6.40 -70.51
N VAL L 147 -25.66 -5.33 -70.64
CA VAL L 147 -25.89 -4.70 -71.93
C VAL L 147 -25.79 -3.18 -71.86
N THR L 148 -25.42 -2.57 -72.98
CA THR L 148 -25.32 -1.13 -73.09
C THR L 148 -26.25 -0.66 -74.20
N VAL L 149 -27.41 -0.10 -73.82
CA VAL L 149 -28.38 0.33 -74.82
C VAL L 149 -28.36 1.84 -75.08
N ASP L 150 -28.01 2.22 -76.30
CA ASP L 150 -27.99 3.62 -76.69
C ASP L 150 -29.16 3.94 -77.62
N TRP L 151 -29.74 5.12 -77.44
CA TRP L 151 -30.80 5.59 -78.33
C TRP L 151 -30.27 6.65 -79.28
N LYS L 152 -30.69 6.59 -80.54
CA LYS L 152 -30.27 7.55 -81.56
C LYS L 152 -31.45 7.98 -82.42
N VAL L 153 -31.76 9.26 -82.37
CA VAL L 153 -32.87 9.79 -83.15
C VAL L 153 -32.36 10.70 -84.26
N ASP L 154 -32.54 10.27 -85.51
CA ASP L 154 -32.06 11.02 -86.68
C ASP L 154 -30.54 11.09 -86.73
N GLY L 155 -29.87 10.07 -86.17
CA GLY L 155 -28.43 10.05 -86.14
C GLY L 155 -27.87 10.78 -84.94
N THR L 156 -28.69 11.64 -84.34
CA THR L 156 -28.31 12.38 -83.14
C THR L 156 -28.52 11.50 -81.91
N PRO L 157 -27.43 11.19 -81.19
CA PRO L 157 -27.52 10.36 -79.99
C PRO L 157 -28.38 11.01 -78.90
N VAL L 158 -29.42 10.30 -78.46
CA VAL L 158 -30.32 10.80 -77.42
C VAL L 158 -29.64 10.75 -76.06
N THR L 159 -29.81 11.83 -75.29
CA THR L 159 -29.17 11.93 -73.98
C THR L 159 -30.15 12.39 -72.90
N GLN L 160 -31.43 12.18 -73.13
CA GLN L 160 -32.46 12.52 -72.14
C GLN L 160 -33.81 11.91 -72.51
N GLY L 161 -34.62 11.64 -71.51
CA GLY L 161 -35.91 11.00 -71.73
C GLY L 161 -35.75 9.50 -71.85
N MET L 162 -34.50 9.06 -71.91
CA MET L 162 -34.16 7.65 -72.04
C MET L 162 -33.94 7.03 -70.67
N GLU L 163 -34.33 5.77 -70.53
CA GLU L 163 -34.14 5.04 -69.28
C GLU L 163 -34.14 3.54 -69.52
N THR L 164 -33.24 2.83 -68.86
CA THR L 164 -33.12 1.40 -69.04
C THR L 164 -33.18 0.67 -67.71
N THR L 165 -33.94 -0.42 -67.66
CA THR L 165 -33.98 -1.25 -66.46
C THR L 165 -32.73 -2.10 -66.38
N GLN L 166 -32.26 -2.34 -65.17
CA GLN L 166 -31.09 -3.18 -64.96
C GLN L 166 -31.44 -4.60 -65.38
N PRO L 167 -30.49 -5.31 -66.01
CA PRO L 167 -30.73 -6.69 -66.44
C PRO L 167 -31.42 -7.52 -65.36
N SER L 168 -32.23 -8.49 -65.79
CA SER L 168 -33.00 -9.32 -64.88
C SER L 168 -32.91 -10.80 -65.28
N LYS L 169 -32.74 -11.67 -64.29
CA LYS L 169 -32.58 -13.10 -64.58
C LYS L 169 -33.88 -13.71 -65.08
N GLN L 170 -33.78 -14.45 -66.18
CA GLN L 170 -34.95 -15.11 -66.77
C GLN L 170 -35.17 -16.51 -66.19
N SER L 171 -36.34 -17.08 -66.48
CA SER L 171 -36.67 -18.41 -66.02
C SER L 171 -35.71 -19.44 -66.60
N ASN L 172 -34.98 -19.04 -67.64
CA ASN L 172 -34.02 -19.92 -68.30
C ASN L 172 -32.58 -19.53 -68.02
N ASN L 173 -32.39 -18.74 -66.98
CA ASN L 173 -31.04 -18.33 -66.53
C ASN L 173 -30.30 -17.40 -67.48
N LYS L 174 -30.99 -16.90 -68.49
CA LYS L 174 -30.44 -15.83 -69.32
C LYS L 174 -30.94 -14.50 -68.77
N TYR L 175 -30.69 -13.40 -69.47
CA TYR L 175 -31.05 -12.10 -68.92
C TYR L 175 -31.90 -11.24 -69.86
N MET L 176 -32.71 -10.37 -69.26
CA MET L 176 -33.62 -9.51 -70.00
C MET L 176 -33.57 -8.08 -69.45
N ALA L 177 -34.00 -7.13 -70.26
CA ALA L 177 -34.04 -5.74 -69.83
C ALA L 177 -34.86 -4.92 -70.82
N SER L 178 -35.40 -3.80 -70.36
CA SER L 178 -36.17 -2.92 -71.24
C SER L 178 -35.65 -1.51 -71.16
N SER L 179 -35.67 -0.81 -72.29
CA SER L 179 -35.24 0.58 -72.34
C SER L 179 -36.34 1.41 -72.98
N TYR L 180 -36.77 2.45 -72.28
CA TYR L 180 -37.83 3.33 -72.77
C TYR L 180 -37.25 4.64 -73.29
N LEU L 181 -37.87 5.17 -74.35
CA LEU L 181 -37.53 6.49 -74.86
C LEU L 181 -38.78 7.37 -74.88
N THR L 182 -38.90 8.25 -73.88
CA THR L 182 -40.10 9.07 -73.73
C THR L 182 -40.00 10.40 -74.48
N LEU L 183 -41.02 10.70 -75.27
CA LEU L 183 -41.08 11.94 -76.04
C LEU L 183 -42.47 12.54 -75.98
N THR L 184 -42.55 13.86 -76.20
CA THR L 184 -43.85 14.49 -76.35
C THR L 184 -44.31 14.26 -77.79
N ALA L 185 -45.60 14.07 -77.99
CA ALA L 185 -46.14 13.81 -79.32
C ALA L 185 -45.72 14.92 -80.28
N ARG L 186 -45.80 16.16 -79.80
CA ARG L 186 -45.36 17.32 -80.56
C ARG L 186 -43.91 17.16 -81.05
N ALA L 187 -43.12 16.41 -80.29
CA ALA L 187 -41.71 16.20 -80.62
C ALA L 187 -41.48 14.90 -81.38
N TRP L 188 -42.32 13.89 -81.11
CA TRP L 188 -42.30 12.63 -81.84
C TRP L 188 -42.62 12.87 -83.30
N GLU L 189 -43.52 13.83 -83.53
CA GLU L 189 -43.91 14.21 -84.88
C GLU L 189 -42.76 14.91 -85.58
N ARG L 190 -41.97 15.66 -84.82
CA ARG L 190 -40.85 16.43 -85.38
C ARG L 190 -39.83 15.56 -86.10
N HIS L 191 -39.04 14.81 -85.33
CA HIS L 191 -38.00 13.95 -85.90
C HIS L 191 -38.61 12.79 -86.68
N SER L 192 -37.79 12.08 -87.44
CA SER L 192 -38.30 11.02 -88.32
C SER L 192 -37.69 9.64 -88.05
N SER L 193 -36.41 9.60 -87.70
CA SER L 193 -35.68 8.35 -87.56
C SER L 193 -35.38 7.99 -86.09
N TYR L 194 -35.76 6.79 -85.69
CA TYR L 194 -35.56 6.33 -84.31
C TYR L 194 -34.82 4.99 -84.23
N SER L 195 -33.73 4.98 -83.46
CA SER L 195 -32.85 3.82 -83.40
C SER L 195 -32.46 3.44 -81.97
N CYS L 196 -32.79 2.21 -81.59
CA CYS L 196 -32.38 1.64 -80.31
C CYS L 196 -31.38 0.53 -80.59
N GLN L 197 -30.17 0.65 -80.05
CA GLN L 197 -29.14 -0.35 -80.30
C GLN L 197 -28.48 -0.89 -79.03
N VAL L 198 -28.56 -2.20 -78.86
CA VAL L 198 -28.02 -2.86 -77.67
C VAL L 198 -26.64 -3.44 -77.95
N THR L 199 -25.67 -3.08 -77.11
CA THR L 199 -24.33 -3.64 -77.23
C THR L 199 -24.10 -4.67 -76.14
N HIS L 200 -23.75 -5.89 -76.54
CA HIS L 200 -23.55 -6.98 -75.59
C HIS L 200 -22.35 -7.84 -75.96
N GLU L 201 -21.33 -7.81 -75.11
CA GLU L 201 -20.13 -8.60 -75.30
C GLU L 201 -19.36 -8.12 -76.53
N GLY L 202 -19.37 -6.81 -76.76
CA GLY L 202 -18.59 -6.22 -77.83
C GLY L 202 -19.33 -6.04 -79.15
N HIS L 203 -20.44 -6.74 -79.31
CA HIS L 203 -21.22 -6.66 -80.55
C HIS L 203 -22.50 -5.86 -80.34
N THR L 204 -23.00 -5.27 -81.43
CA THR L 204 -24.17 -4.40 -81.32
C THR L 204 -25.32 -4.83 -82.22
N VAL L 205 -26.49 -4.99 -81.62
CA VAL L 205 -27.71 -5.28 -82.36
C VAL L 205 -28.55 -4.01 -82.43
N GLU L 206 -28.92 -3.61 -83.63
CA GLU L 206 -29.71 -2.38 -83.79
C GLU L 206 -31.12 -2.69 -84.28
N LYS L 207 -32.06 -1.83 -83.93
CA LYS L 207 -33.41 -1.91 -84.44
C LYS L 207 -33.94 -0.51 -84.67
N SER L 208 -34.22 -0.17 -85.93
CA SER L 208 -34.61 1.19 -86.29
C SER L 208 -36.00 1.24 -86.94
N LEU L 209 -36.53 2.44 -87.11
CA LEU L 209 -37.84 2.61 -87.74
C LEU L 209 -38.07 4.06 -88.17
N SER L 210 -39.29 4.36 -88.63
CA SER L 210 -39.65 5.69 -89.11
C SER L 210 -41.10 6.06 -88.80
N GLN M 1 37.20 4.38 -38.51
CA GLN M 1 36.85 4.61 -37.11
C GLN M 1 37.82 3.91 -36.16
N ALA M 2 37.29 3.05 -35.30
CA ALA M 2 38.13 2.30 -34.35
C ALA M 2 38.82 1.13 -35.05
N VAL M 3 40.12 1.00 -34.82
CA VAL M 3 40.90 -0.05 -35.47
C VAL M 3 41.63 -0.93 -34.47
N VAL M 4 41.53 -2.24 -34.65
CA VAL M 4 42.24 -3.18 -33.80
C VAL M 4 43.53 -3.63 -34.48
N THR M 5 44.61 -3.66 -33.71
CA THR M 5 45.94 -3.95 -34.25
C THR M 5 46.60 -5.16 -33.59
N GLN M 6 47.18 -6.03 -34.41
CA GLN M 6 47.90 -7.19 -33.91
C GLN M 6 49.25 -7.35 -34.62
N GLU M 7 50.15 -8.12 -34.02
CA GLU M 7 51.41 -8.47 -34.65
C GLU M 7 51.14 -9.23 -35.95
N SER M 8 51.81 -8.83 -37.01
CA SER M 8 51.62 -9.48 -38.30
C SER M 8 51.83 -10.98 -38.15
N ALA M 9 52.90 -11.35 -37.46
CA ALA M 9 53.21 -12.75 -37.21
C ALA M 9 54.20 -12.92 -36.06
N LEU M 10 54.23 -14.11 -35.47
CA LEU M 10 55.16 -14.41 -34.41
C LEU M 10 55.71 -15.83 -34.55
N THR M 11 56.82 -16.10 -33.86
CA THR M 11 57.45 -17.41 -33.93
C THR M 11 57.74 -17.94 -32.52
N THR M 12 57.71 -19.27 -32.37
CA THR M 12 58.01 -19.89 -31.09
C THR M 12 58.24 -21.39 -31.27
N SER M 13 59.03 -21.97 -30.36
CA SER M 13 59.32 -23.40 -30.40
C SER M 13 58.41 -24.18 -29.45
N PRO M 14 58.18 -25.47 -29.75
CA PRO M 14 57.34 -26.33 -28.91
C PRO M 14 57.82 -26.32 -27.46
N GLY M 15 56.95 -25.93 -26.54
CA GLY M 15 57.28 -25.91 -25.13
C GLY M 15 57.44 -24.51 -24.56
N GLU M 16 57.83 -23.57 -25.42
CA GLU M 16 58.06 -22.20 -24.98
C GLU M 16 56.77 -21.44 -24.66
N THR M 17 56.92 -20.18 -24.27
CA THR M 17 55.77 -19.33 -23.92
C THR M 17 55.73 -18.09 -24.80
N VAL M 18 54.69 -18.01 -25.63
CA VAL M 18 54.51 -16.88 -26.53
C VAL M 18 53.29 -16.05 -26.12
N THR M 19 53.33 -14.75 -26.44
CA THR M 19 52.21 -13.87 -26.10
C THR M 19 51.79 -12.98 -27.27
N LEU M 20 50.53 -13.10 -27.68
CA LEU M 20 49.96 -12.24 -28.70
C LEU M 20 49.28 -11.06 -28.03
N THR M 21 49.26 -9.91 -28.71
CA THR M 21 48.64 -8.72 -28.14
C THR M 21 47.61 -8.11 -29.08
N CYS M 22 46.63 -7.43 -28.49
CA CYS M 22 45.52 -6.83 -29.21
C CYS M 22 45.38 -5.38 -28.80
N ARG M 23 45.67 -4.47 -29.73
CA ARG M 23 45.69 -3.04 -29.40
C ARG M 23 44.45 -2.28 -29.89
N SER M 24 43.93 -1.42 -29.03
CA SER M 24 42.80 -0.56 -29.38
C SER M 24 43.33 0.80 -29.83
N SER M 25 42.70 1.36 -30.86
CA SER M 25 43.15 2.64 -31.42
C SER M 25 42.56 3.83 -30.67
N THR M 26 41.43 3.62 -29.99
CA THR M 26 40.76 4.70 -29.27
C THR M 26 41.39 4.92 -27.90
N GLY M 27 42.09 3.91 -27.40
CA GLY M 27 42.74 4.00 -26.11
C GLY M 27 43.15 2.64 -25.56
N ALA M 28 43.09 2.51 -24.24
CA ALA M 28 43.42 1.25 -23.59
C ALA M 28 42.28 0.26 -23.69
N VAL M 29 42.61 -1.02 -23.82
CA VAL M 29 41.60 -2.07 -23.85
C VAL M 29 41.08 -2.31 -22.44
N THR M 30 39.84 -1.91 -22.19
CA THR M 30 39.24 -2.08 -20.88
C THR M 30 38.28 -3.28 -20.84
N THR M 31 37.78 -3.60 -19.66
CA THR M 31 36.95 -4.80 -19.48
C THR M 31 35.65 -4.76 -20.28
N ILE M 32 35.19 -3.57 -20.63
CA ILE M 32 33.97 -3.41 -21.42
C ILE M 32 34.24 -3.56 -22.91
N ASN M 33 35.46 -3.94 -23.26
CA ASN M 33 35.80 -4.29 -24.63
C ASN M 33 35.64 -5.78 -24.84
N PHE M 34 35.57 -6.52 -23.75
CA PHE M 34 35.33 -7.95 -23.78
C PHE M 34 36.23 -8.62 -24.82
N ALA M 35 37.53 -8.36 -24.72
CA ALA M 35 38.50 -8.90 -25.65
C ALA M 35 38.29 -10.39 -25.93
N ASN M 36 38.04 -10.70 -27.21
CA ASN M 36 37.86 -12.08 -27.64
C ASN M 36 39.05 -12.57 -28.44
N TRP M 37 39.33 -13.86 -28.36
CA TRP M 37 40.39 -14.47 -29.14
C TRP M 37 39.87 -15.67 -29.91
N VAL M 38 40.13 -15.69 -31.21
CA VAL M 38 39.63 -16.74 -32.08
C VAL M 38 40.77 -17.37 -32.86
N GLN M 39 40.73 -18.68 -33.02
CA GLN M 39 41.77 -19.41 -33.73
C GLN M 39 41.29 -19.92 -35.08
N GLU M 40 42.12 -19.77 -36.10
CA GLU M 40 41.80 -20.27 -37.43
C GLU M 40 42.83 -21.25 -37.96
N LYS M 41 42.51 -22.53 -37.88
CA LYS M 41 43.35 -23.57 -38.47
C LYS M 41 43.21 -23.54 -39.99
N PRO M 42 44.16 -24.17 -40.70
CA PRO M 42 44.06 -24.22 -42.16
C PRO M 42 42.76 -24.85 -42.63
N ASP M 43 42.29 -24.43 -43.81
CA ASP M 43 41.03 -24.91 -44.39
C ASP M 43 39.81 -24.26 -43.76
N HIS M 44 39.99 -23.07 -43.17
CA HIS M 44 38.90 -22.28 -42.62
C HIS M 44 38.23 -22.91 -41.40
N LEU M 45 39.03 -23.30 -40.42
CA LEU M 45 38.50 -23.87 -39.19
C LEU M 45 38.60 -22.86 -38.05
N PHE M 46 37.48 -22.23 -37.73
CA PHE M 46 37.44 -21.24 -36.65
C PHE M 46 36.91 -21.84 -35.35
N THR M 47 37.49 -21.41 -34.22
CA THR M 47 36.99 -21.76 -32.90
C THR M 47 37.41 -20.71 -31.88
N GLY M 48 36.55 -20.46 -30.91
CA GLY M 48 36.82 -19.46 -29.89
C GLY M 48 37.75 -19.96 -28.80
N LEU M 49 38.52 -19.06 -28.20
CA LEU M 49 39.39 -19.39 -27.09
C LEU M 49 38.93 -18.69 -25.82
N ILE M 50 39.16 -17.38 -25.76
CA ILE M 50 38.77 -16.57 -24.61
C ILE M 50 37.77 -15.52 -25.06
N GLY M 51 37.22 -14.79 -24.10
CA GLY M 51 36.28 -13.72 -24.39
C GLY M 51 35.46 -13.31 -23.18
N GLY M 52 34.39 -12.56 -23.42
CA GLY M 52 33.51 -12.12 -22.36
C GLY M 52 34.24 -11.42 -21.22
N ILE M 53 33.85 -11.75 -19.99
CA ILE M 53 34.50 -11.20 -18.81
C ILE M 53 35.82 -11.91 -18.54
N ASN M 54 35.74 -13.17 -18.12
CA ASN M 54 36.90 -14.04 -18.13
C ASN M 54 36.48 -15.46 -18.42
N ASN M 55 35.57 -15.58 -19.38
CA ASN M 55 35.06 -16.86 -19.83
C ASN M 55 35.88 -17.45 -20.95
N ARG M 56 35.87 -18.77 -21.05
CA ARG M 56 36.53 -19.43 -22.16
C ARG M 56 35.64 -20.49 -22.78
N ALA M 57 35.88 -20.78 -24.05
CA ALA M 57 35.09 -21.75 -24.78
C ALA M 57 35.28 -23.15 -24.22
N PRO M 58 34.32 -24.04 -24.47
CA PRO M 58 34.43 -25.43 -24.02
C PRO M 58 35.61 -26.13 -24.67
N GLY M 59 36.51 -26.68 -23.86
CA GLY M 59 37.61 -27.48 -24.37
C GLY M 59 38.90 -26.73 -24.62
N VAL M 60 38.85 -25.40 -24.48
CA VAL M 60 40.06 -24.60 -24.66
C VAL M 60 41.13 -25.01 -23.66
N PRO M 61 42.27 -25.51 -24.16
CA PRO M 61 43.39 -26.00 -23.35
C PRO M 61 43.77 -25.02 -22.25
N ALA M 62 44.28 -25.55 -21.13
CA ALA M 62 44.63 -24.74 -19.98
C ALA M 62 45.82 -23.82 -20.25
N ARG M 63 46.61 -24.18 -21.26
CA ARG M 63 47.78 -23.38 -21.62
C ARG M 63 47.40 -22.00 -22.13
N PHE M 64 46.24 -21.90 -22.76
CA PHE M 64 45.71 -20.62 -23.22
C PHE M 64 45.21 -19.80 -22.04
N SER M 65 45.51 -18.51 -22.04
CA SER M 65 45.08 -17.63 -20.96
C SER M 65 45.04 -16.17 -21.40
N GLY M 66 44.07 -15.43 -20.90
CA GLY M 66 43.91 -14.03 -21.28
C GLY M 66 44.27 -13.09 -20.15
N SER M 67 44.63 -11.86 -20.50
CA SER M 67 45.00 -10.86 -19.51
C SER M 67 45.00 -9.48 -20.15
N LEU M 68 45.18 -8.45 -19.32
CA LEU M 68 45.27 -7.08 -19.82
C LEU M 68 46.63 -6.46 -19.51
N ILE M 69 47.68 -7.12 -19.99
CA ILE M 69 49.04 -6.61 -19.82
C ILE M 69 49.19 -5.24 -20.48
N GLY M 70 49.72 -4.28 -19.72
CA GLY M 70 49.86 -2.93 -20.23
C GLY M 70 48.51 -2.30 -20.46
N ASP M 71 48.25 -1.85 -21.68
CA ASP M 71 46.96 -1.25 -22.01
C ASP M 71 46.34 -1.89 -23.25
N LYS M 72 46.73 -3.14 -23.51
CA LYS M 72 46.12 -3.92 -24.57
C LYS M 72 45.81 -5.34 -24.09
N ALA M 73 44.97 -6.04 -24.82
CA ALA M 73 44.59 -7.40 -24.45
C ALA M 73 45.68 -8.39 -24.84
N ALA M 74 45.93 -9.36 -23.98
CA ALA M 74 46.97 -10.36 -24.24
C ALA M 74 46.38 -11.77 -24.35
N LEU M 75 47.07 -12.62 -25.09
CA LEU M 75 46.70 -14.02 -25.21
C LEU M 75 47.96 -14.85 -25.06
N THR M 76 48.13 -15.45 -23.89
CA THR M 76 49.38 -16.13 -23.56
C THR M 76 49.27 -17.65 -23.62
N ILE M 77 50.04 -18.26 -24.51
CA ILE M 77 50.09 -19.71 -24.61
C ILE M 77 51.30 -20.24 -23.84
N THR M 78 51.06 -20.80 -22.67
CA THR M 78 52.13 -21.30 -21.81
C THR M 78 52.42 -22.77 -22.09
N GLY M 79 53.49 -23.03 -22.85
CA GLY M 79 53.83 -24.37 -23.25
C GLY M 79 53.25 -24.69 -24.62
N ALA M 80 53.62 -23.88 -25.60
CA ALA M 80 53.10 -24.01 -26.95
C ALA M 80 53.26 -25.43 -27.50
N GLN M 81 52.29 -25.86 -28.30
CA GLN M 81 52.33 -27.18 -28.92
C GLN M 81 52.40 -27.07 -30.43
N THR M 82 52.68 -28.18 -31.11
CA THR M 82 52.76 -28.20 -32.56
C THR M 82 51.44 -27.78 -33.19
N GLU M 83 50.34 -28.29 -32.65
CA GLU M 83 49.02 -28.00 -33.20
C GLU M 83 48.56 -26.58 -32.93
N ASP M 84 49.29 -25.86 -32.08
CA ASP M 84 48.96 -24.49 -31.75
C ASP M 84 49.28 -23.52 -32.90
N GLU M 85 49.97 -24.02 -33.93
CA GLU M 85 50.33 -23.20 -35.06
C GLU M 85 49.09 -22.86 -35.90
N ALA M 86 48.62 -21.63 -35.78
CA ALA M 86 47.47 -21.18 -36.53
C ALA M 86 47.41 -19.65 -36.59
N ILE M 87 46.31 -19.12 -37.11
CA ILE M 87 46.10 -17.68 -37.15
C ILE M 87 45.14 -17.27 -36.04
N TYR M 88 45.57 -16.32 -35.21
CA TYR M 88 44.77 -15.89 -34.06
C TYR M 88 44.20 -14.49 -34.25
N PHE M 89 42.88 -14.40 -34.36
CA PHE M 89 42.20 -13.11 -34.46
C PHE M 89 41.67 -12.70 -33.10
N CYS M 90 41.87 -11.44 -32.74
CA CYS M 90 41.27 -10.89 -31.52
C CYS M 90 40.26 -9.83 -31.89
N ALA M 91 39.17 -9.76 -31.13
CA ALA M 91 38.10 -8.81 -31.42
C ALA M 91 37.73 -8.02 -30.17
N LEU M 92 37.62 -6.71 -30.34
CA LEU M 92 37.22 -5.84 -29.23
C LEU M 92 35.79 -5.38 -29.43
N TRP M 93 35.07 -5.22 -28.34
CA TRP M 93 33.67 -4.79 -28.38
C TRP M 93 33.56 -3.29 -28.14
N TYR M 94 33.24 -2.55 -29.20
CA TYR M 94 33.10 -1.11 -29.08
C TYR M 94 31.62 -0.69 -29.03
N SER M 95 31.13 -0.45 -27.83
CA SER M 95 29.76 0.02 -27.64
C SER M 95 28.67 -0.98 -28.04
N ASN M 96 28.53 -1.23 -29.33
CA ASN M 96 27.42 -2.06 -29.82
C ASN M 96 27.79 -3.03 -30.94
N HIS M 97 29.08 -3.20 -31.19
CA HIS M 97 29.53 -4.10 -32.26
C HIS M 97 30.95 -4.60 -32.03
N TRP M 98 31.32 -5.65 -32.75
CA TRP M 98 32.65 -6.21 -32.67
C TRP M 98 33.56 -5.67 -33.77
N VAL M 99 34.83 -5.49 -33.45
CA VAL M 99 35.83 -5.14 -34.46
C VAL M 99 36.97 -6.13 -34.36
N PHE M 100 37.31 -6.78 -35.48
CA PHE M 100 38.39 -7.76 -35.48
C PHE M 100 39.72 -7.12 -35.83
N GLY M 101 40.80 -7.83 -35.51
CA GLY M 101 42.14 -7.36 -35.85
C GLY M 101 42.63 -7.98 -37.14
N GLY M 102 43.86 -7.68 -37.52
CA GLY M 102 44.45 -8.22 -38.72
C GLY M 102 44.81 -9.68 -38.56
N GLY M 103 44.87 -10.13 -37.31
CA GLY M 103 45.23 -11.49 -37.00
C GLY M 103 46.74 -11.65 -36.87
N THR M 104 47.15 -12.66 -36.11
CA THR M 104 48.57 -12.95 -35.93
C THR M 104 48.84 -14.39 -36.36
N LYS M 105 49.77 -14.58 -37.28
CA LYS M 105 50.12 -15.92 -37.72
C LYS M 105 51.23 -16.51 -36.83
N LEU M 106 50.81 -17.24 -35.80
CA LEU M 106 51.75 -17.87 -34.89
C LEU M 106 52.33 -19.13 -35.53
N THR M 107 53.65 -19.21 -35.55
CA THR M 107 54.33 -20.36 -36.11
C THR M 107 55.07 -21.15 -35.04
N VAL M 108 54.72 -22.42 -34.91
CA VAL M 108 55.44 -23.32 -34.02
C VAL M 108 56.50 -24.04 -34.85
N LEU M 109 57.73 -23.57 -34.69
CA LEU M 109 58.85 -23.87 -35.59
C LEU M 109 59.08 -25.35 -35.84
N GLY M 110 59.34 -25.69 -37.11
CA GLY M 110 59.56 -27.07 -37.50
C GLY M 110 60.71 -27.24 -38.47
N GLN M 111 61.21 -26.13 -38.99
CA GLN M 111 62.35 -26.15 -39.91
C GLN M 111 63.09 -24.82 -39.86
N PRO M 112 64.36 -24.82 -40.31
CA PRO M 112 65.15 -23.58 -40.30
C PRO M 112 64.50 -22.49 -41.15
N LYS M 113 64.70 -21.24 -40.77
CA LYS M 113 64.10 -20.11 -41.47
C LYS M 113 64.57 -20.02 -42.91
N SER M 114 63.76 -19.43 -43.77
CA SER M 114 64.11 -19.31 -45.19
C SER M 114 63.62 -18.01 -45.79
N SER M 115 64.56 -17.11 -46.11
CA SER M 115 64.21 -15.84 -46.73
C SER M 115 63.60 -16.08 -48.12
N PRO M 116 62.73 -15.16 -48.56
CA PRO M 116 61.94 -15.30 -49.79
C PRO M 116 62.73 -15.03 -51.08
N SER M 117 62.33 -15.71 -52.16
CA SER M 117 62.94 -15.54 -53.47
C SER M 117 62.07 -14.66 -54.37
N VAL M 118 62.45 -13.40 -54.49
CA VAL M 118 61.61 -12.42 -55.18
C VAL M 118 61.97 -12.28 -56.66
N THR M 119 60.94 -12.11 -57.49
CA THR M 119 61.12 -11.89 -58.93
C THR M 119 60.09 -10.87 -59.43
N LEU M 120 60.54 -9.93 -60.26
CA LEU M 120 59.65 -8.94 -60.84
C LEU M 120 59.54 -9.13 -62.35
N PHE M 121 58.32 -9.18 -62.86
CA PHE M 121 58.08 -9.41 -64.28
C PHE M 121 57.46 -8.21 -64.98
N PRO M 122 58.19 -7.64 -65.96
CA PRO M 122 57.65 -6.56 -66.79
C PRO M 122 56.48 -7.06 -67.62
N PRO M 123 55.57 -6.15 -67.99
CA PRO M 123 54.40 -6.51 -68.81
C PRO M 123 54.80 -7.13 -70.13
N SER M 124 54.10 -8.19 -70.53
CA SER M 124 54.34 -8.81 -71.82
C SER M 124 53.87 -7.90 -72.95
N SER M 125 54.60 -7.93 -74.07
CA SER M 125 54.23 -7.13 -75.23
C SER M 125 52.84 -7.53 -75.73
N GLU M 126 52.57 -8.84 -75.70
CA GLU M 126 51.26 -9.35 -76.12
C GLU M 126 50.13 -8.68 -75.34
N GLU M 127 50.38 -8.39 -74.07
CA GLU M 127 49.39 -7.74 -73.20
C GLU M 127 49.34 -6.23 -73.40
N LEU M 128 50.50 -5.61 -73.56
CA LEU M 128 50.57 -4.18 -73.81
C LEU M 128 49.77 -3.80 -75.06
N GLU M 129 49.61 -4.78 -75.96
CA GLU M 129 48.83 -4.60 -77.18
C GLU M 129 47.38 -4.27 -76.83
N THR M 130 46.88 -4.86 -75.76
CA THR M 130 45.50 -4.67 -75.33
C THR M 130 45.35 -3.44 -74.43
N ASN M 131 46.32 -2.55 -74.51
CA ASN M 131 46.29 -1.29 -73.76
C ASN M 131 46.35 -1.47 -72.24
N LYS M 132 46.51 -2.71 -71.79
CA LYS M 132 46.64 -2.98 -70.36
C LYS M 132 48.09 -3.38 -70.04
N ALA M 133 48.50 -3.15 -68.80
CA ALA M 133 49.85 -3.50 -68.37
C ALA M 133 49.87 -4.02 -66.93
N THR M 134 50.27 -5.27 -66.76
CA THR M 134 50.27 -5.90 -65.44
C THR M 134 51.66 -6.36 -64.98
N LEU M 135 52.17 -5.72 -63.93
CA LEU M 135 53.43 -6.12 -63.31
C LEU M 135 53.19 -7.31 -62.38
N VAL M 136 53.98 -8.37 -62.54
CA VAL M 136 53.83 -9.56 -61.72
C VAL M 136 55.05 -9.80 -60.84
N CYS M 137 54.82 -9.83 -59.53
CA CYS M 137 55.88 -10.10 -58.58
C CYS M 137 55.63 -11.45 -57.91
N THR M 138 56.62 -12.33 -57.96
CA THR M 138 56.46 -13.65 -57.37
C THR M 138 57.44 -13.87 -56.22
N ILE M 139 56.92 -14.37 -55.10
CA ILE M 139 57.72 -14.66 -53.92
C ILE M 139 57.59 -16.14 -53.60
N THR M 140 58.70 -16.85 -53.52
CA THR M 140 58.66 -18.28 -53.25
C THR M 140 59.67 -18.71 -52.20
N ASP M 141 59.49 -19.93 -51.70
CA ASP M 141 60.41 -20.53 -50.75
C ASP M 141 60.73 -19.62 -49.57
N PHE M 142 59.71 -19.21 -48.83
CA PHE M 142 59.93 -18.43 -47.61
C PHE M 142 59.27 -19.06 -46.37
N TYR M 143 59.85 -18.80 -45.21
CA TYR M 143 59.42 -19.39 -43.95
C TYR M 143 59.97 -18.60 -42.77
N PRO M 144 59.12 -18.28 -41.78
CA PRO M 144 57.69 -18.61 -41.72
C PRO M 144 56.90 -17.95 -42.85
N GLY M 145 55.72 -18.47 -43.16
CA GLY M 145 54.95 -18.00 -44.31
C GLY M 145 54.24 -16.68 -44.12
N VAL M 146 55.00 -15.63 -43.78
CA VAL M 146 54.43 -14.31 -43.59
C VAL M 146 55.33 -13.24 -44.20
N VAL M 147 54.84 -12.59 -45.24
CA VAL M 147 55.59 -11.54 -45.93
C VAL M 147 54.76 -10.26 -46.07
N THR M 148 55.39 -9.20 -46.56
CA THR M 148 54.71 -7.92 -46.77
C THR M 148 55.18 -7.24 -48.04
N VAL M 149 54.34 -7.29 -49.07
CA VAL M 149 54.67 -6.71 -50.37
C VAL M 149 54.33 -5.22 -50.44
N ASP M 150 55.30 -4.41 -50.86
CA ASP M 150 55.10 -2.98 -51.03
C ASP M 150 55.62 -2.52 -52.39
N TRP M 151 54.75 -1.87 -53.16
CA TRP M 151 55.15 -1.35 -54.47
C TRP M 151 55.48 0.14 -54.40
N LYS M 152 56.30 0.59 -55.34
CA LYS M 152 56.68 2.00 -55.43
C LYS M 152 56.98 2.42 -56.87
N VAL M 153 56.11 3.24 -57.44
CA VAL M 153 56.31 3.78 -58.79
C VAL M 153 57.10 5.09 -58.73
N ASP M 154 58.22 5.14 -59.46
CA ASP M 154 59.08 6.32 -59.49
C ASP M 154 59.34 6.92 -58.10
N GLY M 155 59.86 6.08 -57.21
CA GLY M 155 60.22 6.52 -55.87
C GLY M 155 59.04 6.59 -54.93
N THR M 156 57.88 7.00 -55.44
CA THR M 156 56.67 7.10 -54.63
C THR M 156 56.00 5.74 -54.47
N PRO M 157 55.58 5.41 -53.23
CA PRO M 157 54.87 4.15 -52.95
C PRO M 157 53.44 4.16 -53.49
N VAL M 158 52.97 3.01 -53.97
CA VAL M 158 51.63 2.90 -54.55
C VAL M 158 50.59 2.48 -53.51
N THR M 159 49.40 3.05 -53.59
CA THR M 159 48.32 2.72 -52.66
C THR M 159 47.23 1.88 -53.32
N GLN M 160 47.03 2.08 -54.62
CA GLN M 160 45.98 1.38 -55.34
C GLN M 160 46.50 0.71 -56.60
N GLY M 161 45.80 -0.32 -57.05
CA GLY M 161 46.20 -1.05 -58.25
C GLY M 161 47.01 -2.29 -57.94
N MET M 162 47.25 -2.51 -56.65
CA MET M 162 48.05 -3.66 -56.21
C MET M 162 47.17 -4.75 -55.61
N GLU M 163 47.53 -6.00 -55.86
CA GLU M 163 46.83 -7.15 -55.31
C GLU M 163 47.84 -8.22 -54.90
N THR M 164 47.84 -8.58 -53.62
CA THR M 164 48.77 -9.58 -53.12
C THR M 164 48.03 -10.81 -52.59
N THR M 165 48.35 -11.98 -53.14
CA THR M 165 47.73 -13.23 -52.74
C THR M 165 48.22 -13.68 -51.36
N GLN M 166 47.37 -14.38 -50.63
CA GLN M 166 47.71 -14.86 -49.30
C GLN M 166 48.76 -15.95 -49.37
N PRO M 167 49.71 -15.95 -48.41
CA PRO M 167 50.75 -16.97 -48.34
C PRO M 167 50.23 -18.38 -48.60
N SER M 168 50.60 -18.95 -49.73
CA SER M 168 50.22 -20.30 -50.10
C SER M 168 51.33 -21.28 -49.74
N LYS M 169 50.95 -22.38 -49.09
CA LYS M 169 51.91 -23.37 -48.61
C LYS M 169 52.38 -24.29 -49.74
N GLN M 170 53.67 -24.59 -49.77
CA GLN M 170 54.27 -25.39 -50.82
C GLN M 170 54.39 -26.87 -50.44
N SER M 171 54.74 -27.70 -51.42
CA SER M 171 54.91 -29.13 -51.21
C SER M 171 56.08 -29.42 -50.26
N ASN M 172 57.00 -28.47 -50.16
CA ASN M 172 58.17 -28.61 -49.29
C ASN M 172 58.06 -27.80 -48.00
N ASN M 173 56.84 -27.64 -47.50
CA ASN M 173 56.58 -26.97 -46.23
C ASN M 173 57.10 -25.54 -46.10
N LYS M 174 57.36 -24.91 -47.24
CA LYS M 174 57.69 -23.49 -47.28
C LYS M 174 56.53 -22.77 -47.97
N TYR M 175 56.57 -21.44 -48.01
CA TYR M 175 55.43 -20.68 -48.53
C TYR M 175 55.74 -19.86 -49.77
N MET M 176 54.71 -19.57 -50.55
CA MET M 176 54.82 -18.78 -51.76
C MET M 176 53.69 -17.74 -51.83
N ALA M 177 53.89 -16.69 -52.62
CA ALA M 177 52.89 -15.63 -52.77
C ALA M 177 53.12 -14.83 -54.04
N SER M 178 52.03 -14.36 -54.65
CA SER M 178 52.14 -13.50 -55.82
C SER M 178 51.50 -12.14 -55.56
N SER M 179 51.88 -11.15 -56.36
CA SER M 179 51.40 -9.79 -56.18
C SER M 179 51.41 -9.03 -57.51
N TYR M 180 50.26 -8.51 -57.90
CA TYR M 180 50.14 -7.83 -59.19
C TYR M 180 49.84 -6.34 -59.05
N LEU M 181 50.70 -5.50 -59.60
CA LEU M 181 50.39 -4.09 -59.78
C LEU M 181 49.81 -3.90 -61.17
N THR M 182 48.59 -3.37 -61.24
CA THR M 182 47.91 -3.21 -62.53
C THR M 182 47.94 -1.77 -63.00
N LEU M 183 48.23 -1.58 -64.29
CA LEU M 183 48.28 -0.25 -64.89
C LEU M 183 47.80 -0.31 -66.34
N THR M 184 47.72 0.85 -66.97
CA THR M 184 47.39 0.91 -68.40
C THR M 184 48.67 1.00 -69.22
N ALA M 185 48.64 0.43 -70.42
CA ALA M 185 49.79 0.46 -71.31
C ALA M 185 50.26 1.90 -71.53
N ARG M 186 49.30 2.82 -71.61
CA ARG M 186 49.62 4.23 -71.78
C ARG M 186 50.28 4.81 -70.52
N ALA M 187 49.92 4.27 -69.36
CA ALA M 187 50.49 4.72 -68.09
C ALA M 187 51.72 3.90 -67.69
N TRP M 188 51.91 2.78 -68.39
CA TRP M 188 53.09 1.93 -68.17
C TRP M 188 54.29 2.53 -68.89
N GLU M 189 54.02 3.22 -70.00
CA GLU M 189 55.07 3.90 -70.74
C GLU M 189 55.33 5.30 -70.19
N ARG M 190 54.40 5.77 -69.34
CA ARG M 190 54.50 7.10 -68.76
C ARG M 190 55.57 7.14 -67.66
N HIS M 191 55.94 5.96 -67.16
CA HIS M 191 56.93 5.85 -66.10
C HIS M 191 58.03 4.82 -66.43
N SER M 192 59.26 5.11 -66.01
CA SER M 192 60.39 4.23 -66.30
C SER M 192 60.91 3.50 -65.07
N SER M 193 60.23 3.64 -63.93
CA SER M 193 60.66 3.00 -62.68
C SER M 193 59.52 2.24 -61.98
N TYR M 194 59.87 1.14 -61.31
CA TYR M 194 58.92 0.30 -60.60
C TYR M 194 59.62 -0.57 -59.56
N SER M 195 59.04 -0.66 -58.36
CA SER M 195 59.65 -1.42 -57.27
C SER M 195 58.68 -2.42 -56.62
N CYS M 196 59.18 -3.61 -56.30
CA CYS M 196 58.41 -4.63 -55.61
C CYS M 196 59.20 -5.16 -54.42
N GLN M 197 59.22 -4.39 -53.34
CA GLN M 197 60.01 -4.76 -52.17
C GLN M 197 59.23 -5.62 -51.16
N VAL M 198 59.74 -6.82 -50.90
CA VAL M 198 59.09 -7.81 -50.05
C VAL M 198 59.80 -7.98 -48.71
N THR M 199 59.12 -7.60 -47.63
CA THR M 199 59.67 -7.76 -46.29
C THR M 199 59.25 -9.12 -45.72
N HIS M 200 60.19 -9.83 -45.10
CA HIS M 200 59.89 -11.14 -44.53
C HIS M 200 60.61 -11.41 -43.21
N GLU M 201 59.86 -11.40 -42.12
CA GLU M 201 60.42 -11.72 -40.80
C GLU M 201 61.61 -10.84 -40.48
N GLY M 202 61.45 -9.53 -40.67
CA GLY M 202 62.57 -8.60 -40.56
C GLY M 202 63.33 -8.55 -41.87
N HIS M 203 64.11 -7.48 -42.07
CA HIS M 203 64.83 -7.27 -43.32
C HIS M 203 63.88 -7.02 -44.48
N THR M 204 64.44 -6.68 -45.64
CA THR M 204 63.63 -6.43 -46.82
C THR M 204 64.39 -6.71 -48.11
N VAL M 205 63.74 -7.41 -49.03
CA VAL M 205 64.32 -7.66 -50.35
C VAL M 205 63.58 -6.83 -51.39
N GLU M 206 64.32 -6.18 -52.28
CA GLU M 206 63.70 -5.34 -53.30
C GLU M 206 64.11 -5.76 -54.72
N LYS M 207 63.14 -5.77 -55.63
CA LYS M 207 63.43 -6.02 -57.04
C LYS M 207 62.86 -4.89 -57.88
N SER M 208 63.74 -4.04 -58.38
CA SER M 208 63.33 -2.86 -59.14
C SER M 208 63.07 -3.21 -60.61
N LEU M 209 62.79 -2.20 -61.43
CA LEU M 209 62.52 -2.42 -62.85
C LEU M 209 62.69 -1.11 -63.64
N SER M 210 63.24 -1.23 -64.85
CA SER M 210 63.41 -0.08 -65.73
C SER M 210 63.41 -0.51 -67.20
N GLN N 1 -41.38 37.09 -5.96
CA GLN N 1 -40.44 36.17 -6.60
C GLN N 1 -41.18 35.13 -7.46
N ALA N 2 -40.96 33.85 -7.15
CA ALA N 2 -41.61 32.77 -7.88
C ALA N 2 -43.06 32.59 -7.40
N VAL N 3 -43.98 32.51 -8.35
CA VAL N 3 -45.40 32.39 -8.02
C VAL N 3 -46.03 31.15 -8.64
N VAL N 4 -46.78 30.40 -7.84
CA VAL N 4 -47.50 29.24 -8.33
C VAL N 4 -48.95 29.61 -8.62
N THR N 5 -49.45 29.16 -9.77
CA THR N 5 -50.79 29.54 -10.24
C THR N 5 -51.70 28.33 -10.45
N GLN N 6 -52.94 28.44 -9.98
CA GLN N 6 -53.93 27.39 -10.19
C GLN N 6 -55.27 27.97 -10.65
N GLU N 7 -56.12 27.11 -11.21
CA GLU N 7 -57.48 27.52 -11.55
C GLU N 7 -58.21 27.94 -10.29
N SER N 8 -58.88 29.09 -10.35
CA SER N 8 -59.63 29.58 -9.19
C SER N 8 -60.58 28.50 -8.70
N ALA N 9 -61.30 27.88 -9.63
CA ALA N 9 -62.23 26.81 -9.30
C ALA N 9 -62.59 25.98 -10.52
N LEU N 10 -63.06 24.77 -10.29
CA LEU N 10 -63.50 23.88 -11.37
C LEU N 10 -64.76 23.13 -10.97
N THR N 11 -65.43 22.57 -11.97
CA THR N 11 -66.67 21.83 -11.74
C THR N 11 -66.64 20.47 -12.45
N THR N 12 -67.31 19.49 -11.88
CA THR N 12 -67.39 18.16 -12.48
C THR N 12 -68.49 17.33 -11.82
N SER N 13 -69.03 16.38 -12.57
CA SER N 13 -70.07 15.50 -12.05
C SER N 13 -69.48 14.17 -11.58
N PRO N 14 -70.18 13.51 -10.64
CA PRO N 14 -69.74 12.21 -10.13
C PRO N 14 -69.52 11.20 -11.25
N GLY N 15 -68.30 10.67 -11.35
CA GLY N 15 -67.98 9.68 -12.35
C GLY N 15 -67.07 10.21 -13.45
N GLU N 16 -67.14 11.52 -13.69
CA GLU N 16 -66.36 12.14 -14.75
C GLU N 16 -64.87 12.24 -14.42
N THR N 17 -64.10 12.79 -15.34
CA THR N 17 -62.66 12.95 -15.17
C THR N 17 -62.26 14.43 -15.26
N VAL N 18 -61.78 14.97 -14.13
CA VAL N 18 -61.36 16.36 -14.07
C VAL N 18 -59.84 16.45 -13.86
N THR N 19 -59.25 17.54 -14.32
CA THR N 19 -57.81 17.74 -14.18
C THR N 19 -57.45 19.14 -13.69
N LEU N 20 -56.77 19.20 -12.56
CA LEU N 20 -56.27 20.46 -12.02
C LEU N 20 -54.84 20.66 -12.49
N THR N 21 -54.44 21.92 -12.66
CA THR N 21 -53.09 22.20 -13.13
C THR N 21 -52.35 23.16 -12.20
N CYS N 22 -51.03 23.05 -12.19
CA CYS N 22 -50.16 23.84 -11.31
C CYS N 22 -49.06 24.49 -12.14
N ARG N 23 -49.12 25.81 -12.27
CA ARG N 23 -48.19 26.52 -13.16
C ARG N 23 -47.06 27.24 -12.42
N SER N 24 -45.85 27.10 -12.96
CA SER N 24 -44.68 27.80 -12.41
C SER N 24 -44.47 29.09 -13.18
N SER N 25 -44.09 30.15 -12.46
CA SER N 25 -43.90 31.46 -13.07
C SER N 25 -42.50 31.61 -13.66
N THR N 26 -41.55 30.84 -13.15
CA THR N 26 -40.17 30.92 -13.62
C THR N 26 -39.95 30.14 -14.91
N GLY N 27 -40.84 29.19 -15.18
CA GLY N 27 -40.75 28.38 -16.38
C GLY N 27 -41.60 27.13 -16.29
N ALA N 28 -41.12 26.06 -16.91
CA ALA N 28 -41.84 24.79 -16.90
C ALA N 28 -41.61 24.06 -15.57
N VAL N 29 -42.64 23.36 -15.11
CA VAL N 29 -42.53 22.56 -13.90
C VAL N 29 -41.75 21.28 -14.20
N THR N 30 -40.51 21.21 -13.70
CA THR N 30 -39.67 20.05 -13.92
C THR N 30 -39.65 19.11 -12.71
N THR N 31 -39.02 17.96 -12.86
CA THR N 31 -39.03 16.93 -11.82
C THR N 31 -38.38 17.39 -10.52
N ILE N 32 -37.49 18.38 -10.59
CA ILE N 32 -36.85 18.90 -9.40
C ILE N 32 -37.70 19.95 -8.68
N ASN N 33 -38.94 20.10 -9.15
CA ASN N 33 -39.91 20.92 -8.45
C ASN N 33 -40.74 20.07 -7.50
N PHE N 34 -40.68 18.76 -7.71
CA PHE N 34 -41.34 17.81 -6.83
C PHE N 34 -42.78 18.23 -6.54
N ALA N 35 -43.53 18.50 -7.61
CA ALA N 35 -44.91 18.97 -7.50
C ALA N 35 -45.71 18.17 -6.48
N ASN N 36 -46.21 18.87 -5.46
CA ASN N 36 -47.03 18.27 -4.43
C ASN N 36 -48.50 18.69 -4.56
N TRP N 37 -49.40 17.79 -4.18
CA TRP N 37 -50.82 18.09 -4.19
C TRP N 37 -51.43 17.79 -2.82
N VAL N 38 -52.12 18.78 -2.26
CA VAL N 38 -52.70 18.67 -0.93
C VAL N 38 -54.20 18.99 -0.98
N GLN N 39 -54.98 18.22 -0.23
CA GLN N 39 -56.43 18.37 -0.20
C GLN N 39 -56.89 18.98 1.11
N GLU N 40 -57.81 19.95 1.04
CA GLU N 40 -58.38 20.56 2.24
C GLU N 40 -59.89 20.42 2.29
N LYS N 41 -60.37 19.47 3.09
CA LYS N 41 -61.79 19.33 3.35
C LYS N 41 -62.27 20.46 4.25
N PRO N 42 -63.59 20.68 4.31
CA PRO N 42 -64.13 21.72 5.20
C PRO N 42 -63.71 21.48 6.65
N ASP N 43 -63.60 22.57 7.41
CA ASP N 43 -63.20 22.52 8.82
C ASP N 43 -61.69 22.33 9.00
N HIS N 44 -60.94 22.71 7.97
CA HIS N 44 -59.47 22.70 8.03
C HIS N 44 -58.87 21.29 8.12
N LEU N 45 -59.30 20.39 7.23
CA LEU N 45 -58.77 19.05 7.18
C LEU N 45 -57.80 18.88 6.00
N PHE N 46 -56.51 18.93 6.28
CA PHE N 46 -55.50 18.79 5.24
C PHE N 46 -54.94 17.36 5.17
N THR N 47 -54.68 16.89 3.95
CA THR N 47 -54.00 15.62 3.73
C THR N 47 -53.30 15.62 2.38
N GLY N 48 -52.15 14.96 2.31
CA GLY N 48 -51.39 14.90 1.07
C GLY N 48 -51.91 13.86 0.10
N LEU N 49 -51.73 14.14 -1.19
CA LEU N 49 -52.11 13.20 -2.24
C LEU N 49 -50.88 12.66 -2.96
N ILE N 50 -50.27 13.51 -3.78
CA ILE N 50 -49.09 13.15 -4.55
C ILE N 50 -47.93 14.05 -4.13
N GLY N 51 -46.74 13.75 -4.63
CA GLY N 51 -45.57 14.56 -4.35
C GLY N 51 -44.27 13.83 -4.66
N GLY N 52 -43.16 14.37 -4.16
CA GLY N 52 -41.86 13.77 -4.34
C GLY N 52 -41.54 13.49 -5.80
N ILE N 53 -40.98 12.31 -6.06
CA ILE N 53 -40.66 11.88 -7.42
C ILE N 53 -41.92 11.39 -8.12
N ASN N 54 -42.42 10.23 -7.70
CA ASN N 54 -43.75 9.81 -8.08
C ASN N 54 -44.38 9.02 -6.92
N ASN N 55 -44.17 9.54 -5.72
CA ASN N 55 -44.71 8.96 -4.50
C ASN N 55 -46.07 9.51 -4.16
N ARG N 56 -46.85 8.70 -3.46
CA ARG N 56 -48.15 9.17 -2.99
C ARG N 56 -48.35 8.82 -1.53
N ALA N 57 -49.20 9.60 -0.86
CA ALA N 57 -49.46 9.40 0.56
C ALA N 57 -50.19 8.08 0.80
N PRO N 58 -50.10 7.54 2.03
CA PRO N 58 -50.78 6.30 2.37
C PRO N 58 -52.29 6.46 2.27
N GLY N 59 -52.94 5.62 1.47
CA GLY N 59 -54.38 5.60 1.39
C GLY N 59 -54.99 6.44 0.27
N VAL N 60 -54.15 7.21 -0.41
CA VAL N 60 -54.62 8.04 -1.52
C VAL N 60 -55.24 7.16 -2.60
N PRO N 61 -56.54 7.34 -2.85
CA PRO N 61 -57.31 6.56 -3.82
C PRO N 61 -56.60 6.43 -5.17
N ALA N 62 -56.83 5.32 -5.87
CA ALA N 62 -56.17 5.06 -7.14
C ALA N 62 -56.61 6.03 -8.23
N ARG N 63 -57.79 6.62 -8.06
CA ARG N 63 -58.32 7.55 -9.04
C ARG N 63 -57.45 8.81 -9.17
N PHE N 64 -56.80 9.19 -8.07
CA PHE N 64 -55.87 10.32 -8.09
C PHE N 64 -54.57 9.93 -8.79
N SER N 65 -54.06 10.82 -9.62
CA SER N 65 -52.81 10.56 -10.34
C SER N 65 -52.14 11.85 -10.77
N GLY N 66 -50.81 11.85 -10.76
CA GLY N 66 -50.05 13.02 -11.11
C GLY N 66 -49.30 12.86 -12.42
N SER N 67 -49.01 13.97 -13.07
CA SER N 67 -48.31 13.96 -14.35
C SER N 67 -47.77 15.35 -14.67
N LEU N 68 -47.00 15.43 -15.74
CA LEU N 68 -46.47 16.72 -16.19
C LEU N 68 -46.97 17.07 -17.59
N ILE N 69 -48.29 17.12 -17.73
CA ILE N 69 -48.92 17.50 -19.00
C ILE N 69 -48.49 18.92 -19.39
N GLY N 70 -48.04 19.06 -20.63
CA GLY N 70 -47.56 20.35 -21.10
C GLY N 70 -46.30 20.76 -20.35
N ASP N 71 -46.35 21.93 -19.73
CA ASP N 71 -45.21 22.42 -18.96
C ASP N 71 -45.61 22.83 -17.55
N LYS N 72 -46.70 22.24 -17.06
CA LYS N 72 -47.12 22.43 -15.68
C LYS N 72 -47.53 21.10 -15.06
N ALA N 73 -47.61 21.06 -13.74
CA ALA N 73 -47.97 19.83 -13.03
C ALA N 73 -49.46 19.61 -13.08
N ALA N 74 -49.87 18.36 -13.25
CA ALA N 74 -51.28 18.03 -13.34
C ALA N 74 -51.72 17.10 -12.20
N LEU N 75 -53.00 17.17 -11.85
CA LEU N 75 -53.58 16.30 -10.85
C LEU N 75 -54.90 15.79 -11.39
N THR N 76 -54.92 14.55 -11.86
CA THR N 76 -56.08 14.01 -12.56
C THR N 76 -56.88 13.02 -11.72
N ILE N 77 -58.14 13.37 -11.46
CA ILE N 77 -59.05 12.50 -10.74
C ILE N 77 -59.92 11.73 -11.73
N THR N 78 -59.61 10.47 -11.94
CA THR N 78 -60.33 9.63 -12.90
C THR N 78 -61.49 8.91 -12.23
N GLY N 79 -62.70 9.43 -12.41
CA GLY N 79 -63.88 8.87 -11.78
C GLY N 79 -64.18 9.60 -10.48
N ALA N 80 -64.37 10.91 -10.59
CA ALA N 80 -64.59 11.76 -9.41
C ALA N 80 -65.73 11.25 -8.54
N GLN N 81 -65.59 11.43 -7.24
CA GLN N 81 -66.62 11.02 -6.28
C GLN N 81 -67.19 12.22 -5.55
N THR N 82 -68.29 12.01 -4.84
CA THR N 82 -68.93 13.08 -4.08
C THR N 82 -67.98 13.65 -3.03
N GLU N 83 -67.27 12.78 -2.33
CA GLU N 83 -66.36 13.21 -1.27
C GLU N 83 -65.11 13.91 -1.80
N ASP N 84 -64.91 13.84 -3.11
CA ASP N 84 -63.74 14.47 -3.72
C ASP N 84 -63.87 16.00 -3.78
N GLU N 85 -65.05 16.50 -3.45
CA GLU N 85 -65.28 17.95 -3.46
C GLU N 85 -64.53 18.62 -2.33
N ALA N 86 -63.45 19.30 -2.67
CA ALA N 86 -62.64 20.01 -1.68
C ALA N 86 -61.76 21.06 -2.35
N ILE N 87 -60.85 21.65 -1.57
CA ILE N 87 -59.89 22.60 -2.11
C ILE N 87 -58.53 21.93 -2.27
N TYR N 88 -57.97 22.00 -3.48
CA TYR N 88 -56.70 21.34 -3.76
C TYR N 88 -55.57 22.34 -3.95
N PHE N 89 -54.61 22.30 -3.04
CA PHE N 89 -53.41 23.14 -3.14
C PHE N 89 -52.26 22.34 -3.72
N CYS N 90 -51.53 22.93 -4.66
CA CYS N 90 -50.33 22.32 -5.20
C CYS N 90 -49.13 23.17 -4.81
N ALA N 91 -48.02 22.51 -4.51
CA ALA N 91 -46.82 23.20 -4.09
C ALA N 91 -45.61 22.77 -4.91
N LEU N 92 -44.84 23.75 -5.37
CA LEU N 92 -43.64 23.47 -6.12
C LEU N 92 -42.42 23.75 -5.26
N TRP N 93 -41.38 22.95 -5.45
CA TRP N 93 -40.14 23.11 -4.69
C TRP N 93 -39.12 23.91 -5.48
N TYR N 94 -38.85 25.12 -5.04
CA TYR N 94 -37.87 25.98 -5.70
C TYR N 94 -36.57 26.03 -4.92
N SER N 95 -35.60 25.23 -5.35
CA SER N 95 -34.26 25.24 -4.77
C SER N 95 -34.21 24.73 -3.31
N ASN N 96 -34.75 25.51 -2.38
CA ASN N 96 -34.62 25.17 -0.97
C ASN N 96 -35.88 25.41 -0.13
N HIS N 97 -37.01 25.65 -0.79
CA HIS N 97 -38.26 25.88 -0.08
C HIS N 97 -39.48 25.58 -0.93
N TRP N 98 -40.63 25.46 -0.28
CA TRP N 98 -41.89 25.19 -0.97
C TRP N 98 -42.65 26.48 -1.23
N VAL N 99 -43.35 26.53 -2.36
CA VAL N 99 -44.26 27.62 -2.66
C VAL N 99 -45.62 27.04 -3.02
N PHE N 100 -46.64 27.48 -2.31
CA PHE N 100 -47.99 26.98 -2.57
C PHE N 100 -48.73 27.82 -3.60
N GLY N 101 -49.79 27.26 -4.17
CA GLY N 101 -50.63 27.98 -5.11
C GLY N 101 -51.84 28.58 -4.43
N GLY N 102 -52.69 29.22 -5.22
CA GLY N 102 -53.90 29.82 -4.69
C GLY N 102 -54.93 28.78 -4.32
N GLY N 103 -54.74 27.57 -4.83
CA GLY N 103 -55.66 26.48 -4.59
C GLY N 103 -56.79 26.46 -5.61
N THR N 104 -57.37 25.28 -5.82
CA THR N 104 -58.49 25.14 -6.74
C THR N 104 -59.67 24.54 -5.98
N LYS N 105 -60.81 25.22 -6.04
CA LYS N 105 -62.01 24.69 -5.38
C LYS N 105 -62.79 23.79 -6.33
N LEU N 106 -62.50 22.50 -6.27
CA LEU N 106 -63.19 21.52 -7.09
C LEU N 106 -64.58 21.23 -6.53
N THR N 107 -65.59 21.36 -7.39
CA THR N 107 -66.97 21.11 -6.98
C THR N 107 -67.54 19.88 -7.70
N VAL N 108 -67.97 18.90 -6.92
CA VAL N 108 -68.65 17.74 -7.47
C VAL N 108 -70.16 17.92 -7.34
N LEU N 109 -70.85 18.01 -8.48
CA LEU N 109 -72.31 18.12 -8.50
C LEU N 109 -72.94 17.06 -7.59
N GLY N 110 -73.77 17.50 -6.64
CA GLY N 110 -74.37 16.59 -5.68
C GLY N 110 -75.83 16.85 -5.36
N GLN N 111 -76.25 18.10 -5.54
CA GLN N 111 -77.63 18.51 -5.25
C GLN N 111 -78.14 19.54 -6.25
N PRO N 112 -79.43 19.43 -6.65
CA PRO N 112 -80.07 20.40 -7.55
C PRO N 112 -79.89 21.84 -7.05
N LYS N 113 -79.93 22.80 -7.97
CA LYS N 113 -79.80 24.22 -7.61
C LYS N 113 -80.94 24.67 -6.72
N SER N 114 -80.68 25.69 -5.91
CA SER N 114 -81.69 26.21 -4.99
C SER N 114 -81.67 27.73 -4.92
N SER N 115 -82.86 28.33 -4.80
CA SER N 115 -82.99 29.79 -4.71
C SER N 115 -82.75 30.29 -3.28
N PRO N 116 -82.05 31.44 -3.18
CA PRO N 116 -81.64 32.03 -1.88
C PRO N 116 -82.82 32.63 -1.11
N SER N 117 -83.08 32.10 0.08
CA SER N 117 -84.13 32.63 0.94
C SER N 117 -83.60 33.81 1.76
N VAL N 118 -83.98 35.02 1.36
CA VAL N 118 -83.47 36.23 1.99
C VAL N 118 -84.49 36.85 2.95
N THR N 119 -83.98 37.49 4.00
CA THR N 119 -84.83 38.22 4.93
C THR N 119 -84.07 39.42 5.49
N LEU N 120 -84.62 40.61 5.24
CA LEU N 120 -84.01 41.85 5.73
C LEU N 120 -84.66 42.30 7.04
N PHE N 121 -83.83 42.72 8.00
CA PHE N 121 -84.34 43.23 9.27
C PHE N 121 -83.95 44.70 9.47
N PRO N 122 -84.83 45.46 10.13
CA PRO N 122 -84.55 46.87 10.47
C PRO N 122 -83.64 46.97 11.69
N PRO N 123 -82.93 48.09 11.82
CA PRO N 123 -82.05 48.30 12.98
C PRO N 123 -82.83 48.31 14.30
N CYS N 137 -79.08 41.35 6.61
CA CYS N 137 -79.58 40.71 5.40
C CYS N 137 -79.15 39.24 5.32
N THR N 138 -79.97 38.37 5.89
CA THR N 138 -79.66 36.93 5.93
C THR N 138 -80.07 36.23 4.63
N ILE N 139 -79.29 35.22 4.26
CA ILE N 139 -79.55 34.41 3.06
C ILE N 139 -79.40 32.93 3.39
N THR N 140 -80.47 32.16 3.18
CA THR N 140 -80.45 30.74 3.53
C THR N 140 -81.00 29.86 2.41
N ASP N 141 -80.80 28.55 2.56
CA ASP N 141 -81.32 27.54 1.62
C ASP N 141 -81.01 27.85 0.16
N PHE N 142 -79.73 27.92 -0.17
CA PHE N 142 -79.32 28.13 -1.55
C PHE N 142 -78.18 27.17 -1.93
N TYR N 143 -78.01 26.98 -3.24
CA TYR N 143 -77.03 26.03 -3.76
C TYR N 143 -76.80 26.28 -5.26
N PRO N 144 -75.51 26.32 -5.67
CA PRO N 144 -74.34 26.19 -4.79
C PRO N 144 -74.12 27.41 -3.89
N GLN N 166 -69.15 34.76 4.65
CA GLN N 166 -68.82 33.74 3.67
C GLN N 166 -69.71 32.50 3.81
N PRO N 167 -70.33 32.08 2.70
CA PRO N 167 -71.26 30.93 2.69
C PRO N 167 -70.65 29.68 3.31
N SER N 168 -71.32 29.14 4.32
CA SER N 168 -70.89 27.91 4.98
C SER N 168 -71.92 26.81 4.77
N LYS N 169 -71.46 25.64 4.35
CA LYS N 169 -72.35 24.51 4.11
C LYS N 169 -73.09 24.13 5.38
N GLN N 170 -74.41 23.93 5.27
CA GLN N 170 -75.21 23.58 6.43
C GLN N 170 -75.27 22.05 6.61
N SER N 171 -75.83 21.62 7.74
CA SER N 171 -76.03 20.20 7.99
C SER N 171 -76.96 19.66 6.91
N ASN N 172 -77.95 20.47 6.54
CA ASN N 172 -78.84 20.19 5.42
C ASN N 172 -78.09 20.17 4.09
N ASN N 173 -76.89 20.76 4.10
CA ASN N 173 -75.98 20.83 2.95
C ASN N 173 -76.09 22.11 2.11
N LYS N 174 -76.87 23.07 2.61
CA LYS N 174 -77.09 24.35 1.91
C LYS N 174 -76.23 25.48 2.47
N TYR N 175 -75.52 26.18 1.59
CA TYR N 175 -74.68 27.31 2.00
C TYR N 175 -75.51 28.43 2.65
N MET N 176 -74.93 29.11 3.62
CA MET N 176 -75.60 30.23 4.30
C MET N 176 -74.81 31.53 4.16
N ALA N 177 -75.50 32.60 3.76
CA ALA N 177 -74.86 33.90 3.58
C ALA N 177 -75.43 34.94 4.54
N SER N 178 -74.54 35.63 5.26
CA SER N 178 -74.95 36.67 6.20
C SER N 178 -74.44 38.05 5.78
N SER N 179 -75.34 39.03 5.78
CA SER N 179 -75.00 40.40 5.40
C SER N 179 -75.65 41.42 6.33
N LEU N 183 -73.98 51.75 9.47
CA LEU N 183 -74.55 53.09 9.43
C LEU N 183 -74.64 53.73 10.83
N THR N 184 -75.12 54.97 10.87
CA THR N 184 -75.23 55.71 12.12
C THR N 184 -76.66 56.23 12.36
N ALA N 185 -76.89 56.77 13.55
CA ALA N 185 -78.20 57.33 13.90
C ALA N 185 -78.56 58.51 13.00
N GLN O 1 46.86 23.38 14.79
CA GLN O 1 45.41 23.39 14.90
C GLN O 1 44.94 23.20 16.35
N ALA O 2 44.15 22.17 16.59
CA ALA O 2 43.66 21.87 17.93
C ALA O 2 44.73 21.18 18.76
N VAL O 3 44.96 21.67 19.98
CA VAL O 3 46.00 21.13 20.84
C VAL O 3 45.44 20.66 22.18
N VAL O 4 45.84 19.46 22.59
CA VAL O 4 45.44 18.92 23.89
C VAL O 4 46.55 19.16 24.91
N THR O 5 46.17 19.61 26.10
CA THR O 5 47.13 20.01 27.13
C THR O 5 46.95 19.22 28.42
N GLN O 6 48.06 18.75 28.99
CA GLN O 6 48.02 18.04 30.26
C GLN O 6 49.12 18.55 31.20
N GLU O 7 48.97 18.26 32.48
CA GLU O 7 50.02 18.56 33.46
C GLU O 7 51.28 17.80 33.08
N SER O 8 52.42 18.49 33.10
CA SER O 8 53.69 17.86 32.75
C SER O 8 53.90 16.63 33.63
N ALA O 9 53.65 16.78 34.92
CA ALA O 9 53.77 15.68 35.86
C ALA O 9 53.03 15.97 37.16
N LEU O 10 52.72 14.91 37.89
CA LEU O 10 52.08 15.04 39.20
C LEU O 10 52.64 14.05 40.21
N THR O 11 52.39 14.31 41.49
CA THR O 11 52.89 13.46 42.55
C THR O 11 51.76 13.10 43.53
N THR O 12 51.87 11.91 44.13
CA THR O 12 50.88 11.45 45.10
C THR O 12 51.40 10.25 45.88
N SER O 13 50.91 10.09 47.10
CA SER O 13 51.30 8.95 47.94
C SER O 13 50.28 7.81 47.84
N PRO O 14 50.74 6.57 48.11
CA PRO O 14 49.85 5.41 48.08
C PRO O 14 48.65 5.59 48.99
N GLY O 15 47.45 5.50 48.42
CA GLY O 15 46.23 5.63 49.20
C GLY O 15 45.50 6.93 48.94
N GLU O 16 46.23 7.97 48.54
CA GLU O 16 45.63 9.28 48.31
C GLU O 16 44.79 9.34 47.02
N THR O 17 44.23 10.51 46.76
CA THR O 17 43.40 10.72 45.58
C THR O 17 43.98 11.82 44.69
N VAL O 18 44.41 11.43 43.49
CA VAL O 18 44.99 12.37 42.54
C VAL O 18 44.08 12.52 41.33
N THR O 19 44.14 13.69 40.68
CA THR O 19 43.31 13.94 39.50
C THR O 19 44.11 14.56 38.34
N LEU O 20 44.13 13.88 37.21
CA LEU O 20 44.75 14.40 36.00
C LEU O 20 43.70 15.11 35.17
N THR O 21 44.10 16.13 34.42
CA THR O 21 43.15 16.88 33.61
C THR O 21 43.59 16.95 32.14
N CYS O 22 42.62 17.08 31.26
CA CYS O 22 42.84 17.10 29.81
C CYS O 22 42.13 18.31 29.22
N ARG O 23 42.91 19.29 28.75
CA ARG O 23 42.35 20.55 28.27
C ARG O 23 42.28 20.65 26.75
N SER O 24 41.15 21.15 26.25
CA SER O 24 40.98 21.40 24.82
C SER O 24 41.31 22.86 24.51
N SER O 25 41.98 23.09 23.39
CA SER O 25 42.39 24.44 23.00
C SER O 25 41.28 25.20 22.28
N THR O 26 40.36 24.47 21.67
CA THR O 26 39.26 25.08 20.92
C THR O 26 38.13 25.53 21.83
N GLY O 27 38.07 24.96 23.03
CA GLY O 27 37.04 25.32 24.00
C GLY O 27 36.92 24.30 25.10
N ALA O 28 35.68 24.11 25.58
CA ALA O 28 35.42 23.13 26.63
C ALA O 28 35.36 21.72 26.07
N VAL O 29 35.82 20.75 26.85
CA VAL O 29 35.75 19.35 26.45
C VAL O 29 34.31 18.85 26.63
N THR O 30 33.63 18.63 25.52
CA THR O 30 32.24 18.15 25.56
C THR O 30 32.15 16.66 25.28
N THR O 31 30.95 16.10 25.43
CA THR O 31 30.76 14.66 25.33
C THR O 31 31.11 14.10 23.95
N ILE O 32 31.06 14.96 22.93
CA ILE O 32 31.40 14.55 21.57
C ILE O 32 32.90 14.58 21.32
N ASN O 33 33.67 14.82 22.38
CA ASN O 33 35.12 14.71 22.30
C ASN O 33 35.55 13.32 22.74
N PHE O 34 34.64 12.61 23.39
CA PHE O 34 34.87 11.22 23.80
C PHE O 34 36.24 11.06 24.45
N ALA O 35 36.50 11.92 25.45
CA ALA O 35 37.77 11.92 26.15
C ALA O 35 38.25 10.51 26.51
N ASN O 36 39.42 10.15 25.98
CA ASN O 36 40.03 8.87 26.26
C ASN O 36 41.24 9.01 27.19
N TRP O 37 41.48 7.99 28.00
CA TRP O 37 42.66 7.97 28.86
C TRP O 37 43.44 6.68 28.67
N VAL O 38 44.73 6.83 28.41
CA VAL O 38 45.59 5.69 28.14
C VAL O 38 46.80 5.68 29.07
N GLN O 39 47.18 4.50 29.54
CA GLN O 39 48.29 4.37 30.48
C GLN O 39 49.50 3.73 29.80
N GLU O 40 50.68 4.28 30.06
CA GLU O 40 51.92 3.71 29.52
C GLU O 40 52.91 3.35 30.62
N LYS O 41 52.98 2.06 30.94
CA LYS O 41 53.99 1.55 31.86
C LYS O 41 55.35 1.55 31.19
N PRO O 42 56.43 1.45 31.99
CA PRO O 42 57.77 1.41 31.42
C PRO O 42 57.93 0.25 30.42
N ASP O 43 58.81 0.43 29.44
CA ASP O 43 59.05 -0.57 28.39
C ASP O 43 57.96 -0.57 27.32
N HIS O 44 57.26 0.56 27.19
CA HIS O 44 56.26 0.73 26.13
C HIS O 44 55.03 -0.18 26.27
N LEU O 45 54.45 -0.18 27.47
CA LEU O 45 53.23 -0.96 27.73
C LEU O 45 52.00 -0.05 27.78
N PHE O 46 51.24 -0.02 26.69
CA PHE O 46 50.04 0.80 26.61
C PHE O 46 48.78 0.00 26.90
N THR O 47 47.82 0.62 27.59
CA THR O 47 46.50 0.04 27.81
C THR O 47 45.49 1.14 28.06
N GLY O 48 44.26 0.94 27.59
CA GLY O 48 43.21 1.92 27.77
C GLY O 48 42.57 1.87 29.14
N LEU O 49 42.08 3.02 29.59
CA LEU O 49 41.37 3.10 30.86
C LEU O 49 39.91 3.47 30.64
N ILE O 50 39.68 4.73 30.29
CA ILE O 50 38.34 5.24 30.04
C ILE O 50 38.25 5.71 28.59
N GLY O 51 37.04 6.08 28.17
CA GLY O 51 36.82 6.59 26.83
C GLY O 51 35.36 6.53 26.41
N GLY O 52 35.12 6.70 25.11
CA GLY O 52 33.78 6.64 24.57
C GLY O 52 32.81 7.57 25.29
N ILE O 53 31.61 7.06 25.55
CA ILE O 53 30.60 7.83 26.27
C ILE O 53 30.89 7.81 27.76
N ASN O 54 30.71 6.65 28.39
CA ASN O 54 31.22 6.44 29.73
C ASN O 54 31.64 4.99 29.89
N ASN O 55 32.28 4.47 28.83
CA ASN O 55 32.78 3.11 28.81
C ASN O 55 34.19 3.00 29.33
N ARG O 56 34.54 1.84 29.86
CA ARG O 56 35.90 1.60 30.30
C ARG O 56 36.41 0.26 29.78
N ALA O 57 37.73 0.15 29.63
CA ALA O 57 38.35 -1.06 29.12
C ALA O 57 38.15 -2.22 30.10
N PRO O 58 38.26 -3.45 29.59
CA PRO O 58 38.13 -4.65 30.43
C PRO O 58 39.24 -4.71 31.48
N GLY O 59 38.85 -4.78 32.75
CA GLY O 59 39.81 -4.96 33.83
C GLY O 59 40.28 -3.68 34.50
N VAL O 60 39.91 -2.54 33.94
CA VAL O 60 40.28 -1.25 34.52
C VAL O 60 39.75 -1.15 35.94
N PRO O 61 40.67 -1.05 36.93
CA PRO O 61 40.34 -0.97 38.36
C PRO O 61 39.24 0.04 38.65
N ALA O 62 38.46 -0.23 39.69
CA ALA O 62 37.34 0.64 40.05
C ALA O 62 37.79 2.01 40.54
N ARG O 63 39.04 2.08 41.00
CA ARG O 63 39.58 3.34 41.50
C ARG O 63 39.68 4.41 40.40
N PHE O 64 39.89 3.97 39.17
CA PHE O 64 39.91 4.87 38.03
C PHE O 64 38.50 5.32 37.67
N SER O 65 38.36 6.60 37.37
CA SER O 65 37.05 7.15 37.02
C SER O 65 37.19 8.43 36.22
N GLY O 66 36.28 8.62 35.26
CA GLY O 66 36.31 9.79 34.41
C GLY O 66 35.18 10.76 34.71
N SER O 67 35.39 12.02 34.36
CA SER O 67 34.39 13.06 34.59
C SER O 67 34.73 14.30 33.77
N LEU O 68 33.82 15.27 33.78
CA LEU O 68 34.05 16.53 33.08
C LEU O 68 34.06 17.70 34.05
N ILE O 69 34.94 17.63 35.04
CA ILE O 69 35.11 18.71 36.01
C ILE O 69 35.51 20.00 35.31
N GLY O 70 34.79 21.08 35.60
CA GLY O 70 35.05 22.35 34.96
C GLY O 70 34.73 22.29 33.48
N ASP O 71 35.71 22.59 32.65
CA ASP O 71 35.51 22.54 31.21
C ASP O 71 36.60 21.71 30.53
N LYS O 72 37.19 20.79 31.29
CA LYS O 72 38.14 19.84 30.73
C LYS O 72 37.86 18.44 31.26
N ALA O 73 38.42 17.43 30.59
CA ALA O 73 38.22 16.04 31.00
C ALA O 73 39.10 15.69 32.18
N ALA O 74 38.56 14.93 33.12
CA ALA O 74 39.31 14.54 34.31
C ALA O 74 39.51 13.04 34.39
N LEU O 75 40.56 12.62 35.06
CA LEU O 75 40.84 11.21 35.30
C LEU O 75 41.24 11.07 36.76
N THR O 76 40.30 10.58 37.58
CA THR O 76 40.51 10.55 39.03
C THR O 76 40.81 9.15 39.56
N ILE O 77 42.00 9.00 40.14
CA ILE O 77 42.39 7.74 40.77
C ILE O 77 42.15 7.82 42.27
N THR O 78 41.07 7.19 42.73
CA THR O 78 40.69 7.22 44.14
C THR O 78 41.33 6.06 44.91
N GLY O 79 42.40 6.36 45.64
CA GLY O 79 43.14 5.34 46.36
C GLY O 79 44.30 4.82 45.53
N ALA O 80 45.18 5.74 45.13
CA ALA O 80 46.30 5.40 44.26
C ALA O 80 47.14 4.25 44.81
N GLN O 81 47.67 3.44 43.91
CA GLN O 81 48.50 2.30 44.28
C GLN O 81 49.91 2.48 43.75
N THR O 82 50.83 1.64 44.22
CA THR O 82 52.22 1.70 43.78
C THR O 82 52.33 1.46 42.27
N GLU O 83 51.59 0.49 41.76
CA GLU O 83 51.64 0.14 40.34
C GLU O 83 50.97 1.18 39.46
N ASP O 84 50.27 2.13 40.06
CA ASP O 84 49.60 3.19 39.30
C ASP O 84 50.59 4.22 38.76
N GLU O 85 51.85 4.12 39.18
CA GLU O 85 52.87 5.05 38.71
C GLU O 85 53.21 4.79 37.25
N ALA O 86 52.73 5.66 36.37
CA ALA O 86 52.99 5.54 34.94
C ALA O 86 52.74 6.86 34.22
N ILE O 87 52.77 6.82 32.90
CA ILE O 87 52.48 8.00 32.09
C ILE O 87 51.07 7.89 31.52
N TYR O 88 50.25 8.91 31.77
CA TYR O 88 48.86 8.89 31.33
C TYR O 88 48.60 9.87 30.20
N PHE O 89 48.27 9.33 29.03
CA PHE O 89 47.91 10.16 27.88
C PHE O 89 46.40 10.23 27.75
N CYS O 90 45.88 11.43 27.50
CA CYS O 90 44.46 11.61 27.21
C CYS O 90 44.31 12.08 25.77
N ALA O 91 43.25 11.60 25.12
CA ALA O 91 43.01 11.93 23.73
C ALA O 91 41.59 12.43 23.53
N LEU O 92 41.46 13.55 22.82
CA LEU O 92 40.15 14.10 22.51
C LEU O 92 39.82 13.85 21.04
N TRP O 93 38.53 13.63 20.77
CA TRP O 93 38.07 13.37 19.42
C TRP O 93 37.53 14.63 18.77
N TYR O 94 38.26 15.16 17.81
CA TYR O 94 37.84 16.37 17.11
C TYR O 94 37.28 16.05 15.73
N SER O 95 35.95 15.99 15.64
CA SER O 95 35.26 15.77 14.37
C SER O 95 35.49 14.38 13.76
N ASN O 96 36.70 14.13 13.27
CA ASN O 96 36.97 12.89 12.54
C ASN O 96 38.32 12.23 12.86
N HIS O 97 38.97 12.71 13.91
CA HIS O 97 40.27 12.15 14.29
C HIS O 97 40.59 12.36 15.76
N TRP O 98 41.58 11.62 16.26
CA TRP O 98 42.02 11.74 17.64
C TRP O 98 43.23 12.67 17.76
N VAL O 99 43.28 13.42 18.85
CA VAL O 99 44.44 14.23 19.18
C VAL O 99 44.90 13.89 20.59
N PHE O 100 46.16 13.50 20.73
CA PHE O 100 46.69 13.14 22.04
C PHE O 100 47.30 14.34 22.76
N GLY O 101 47.47 14.21 24.07
CA GLY O 101 48.10 15.24 24.87
C GLY O 101 49.58 14.96 25.07
N GLY O 102 50.25 15.82 25.83
CA GLY O 102 51.66 15.65 26.12
C GLY O 102 51.88 14.52 27.10
N GLY O 103 50.82 14.12 27.79
CA GLY O 103 50.91 13.07 28.79
C GLY O 103 51.26 13.63 30.14
N THR O 104 50.87 12.91 31.19
CA THR O 104 51.20 13.30 32.56
C THR O 104 51.96 12.17 33.23
N LYS O 105 53.13 12.47 33.77
CA LYS O 105 53.91 11.46 34.48
C LYS O 105 53.53 11.44 35.96
N LEU O 106 52.58 10.57 36.30
CA LEU O 106 52.13 10.40 37.67
C LEU O 106 53.14 9.59 38.47
N THR O 107 53.58 10.14 39.59
CA THR O 107 54.54 9.46 40.45
C THR O 107 53.91 9.08 41.78
N VAL O 108 53.92 7.78 42.09
CA VAL O 108 53.48 7.30 43.38
C VAL O 108 54.72 7.13 44.27
N LEU O 109 54.87 8.04 45.24
CA LEU O 109 56.09 8.13 46.05
C LEU O 109 56.55 6.83 46.70
N GLY O 110 57.86 6.67 46.81
CA GLY O 110 58.47 5.49 47.41
C GLY O 110 59.75 5.81 48.15
N GLN O 111 60.48 6.81 47.63
CA GLN O 111 61.72 7.26 48.25
C GLN O 111 61.65 8.75 48.56
N PRO O 112 62.24 9.16 49.69
CA PRO O 112 62.34 10.60 50.00
C PRO O 112 62.84 11.39 48.80
N LYS O 113 62.35 12.61 48.67
CA LYS O 113 62.69 13.48 47.54
C LYS O 113 64.19 13.83 47.53
N SER O 114 64.68 14.30 46.38
CA SER O 114 66.09 14.61 46.21
C SER O 114 66.31 15.76 45.24
N SER O 115 67.06 16.77 45.68
CA SER O 115 67.40 17.90 44.83
C SER O 115 68.38 17.47 43.73
N PRO O 116 68.23 18.06 42.51
CA PRO O 116 69.08 17.72 41.37
C PRO O 116 70.48 18.33 41.45
N SER O 117 71.51 17.47 41.35
CA SER O 117 72.90 17.93 41.32
C SER O 117 73.30 18.36 39.90
N VAL O 118 73.37 19.66 39.69
CA VAL O 118 73.67 20.22 38.37
C VAL O 118 75.14 20.59 38.23
N THR O 119 75.66 20.48 37.01
CA THR O 119 77.02 20.89 36.70
C THR O 119 77.09 21.31 35.23
N LEU O 120 77.50 22.56 34.99
CA LEU O 120 77.55 23.11 33.64
C LEU O 120 78.96 23.05 33.05
N PHE O 121 79.13 22.27 31.98
CA PHE O 121 80.43 22.16 31.32
C PHE O 121 80.48 23.06 30.09
N PRO O 122 81.58 23.80 29.92
CA PRO O 122 81.78 24.65 28.75
C PRO O 122 82.32 23.82 27.58
N PRO O 123 82.23 24.35 26.36
CA PRO O 123 82.75 23.65 25.18
C PRO O 123 84.27 23.57 25.17
N SER O 124 84.80 22.37 24.99
CA SER O 124 86.24 22.15 24.95
C SER O 124 86.89 22.82 23.73
N SER O 125 88.22 22.81 23.70
CA SER O 125 88.95 23.46 22.62
C SER O 125 88.87 22.69 21.30
N GLU O 126 88.63 21.38 21.40
CA GLU O 126 88.56 20.52 20.21
C GLU O 126 87.29 20.80 19.40
N GLU O 127 86.25 21.27 20.10
CA GLU O 127 85.00 21.63 19.45
C GLU O 127 85.11 22.99 18.76
N LEU O 128 85.55 23.99 19.51
CA LEU O 128 85.73 25.34 18.97
C LEU O 128 86.61 25.29 17.72
N GLU O 129 87.47 24.28 17.66
CA GLU O 129 88.34 24.06 16.52
C GLU O 129 87.54 23.55 15.31
N THR O 130 86.62 22.63 15.58
CA THR O 130 85.74 22.08 14.54
C THR O 130 84.73 23.13 14.08
N ASN O 131 84.71 24.26 14.78
CA ASN O 131 83.85 25.39 14.46
C ASN O 131 82.43 25.21 15.02
N LYS O 132 82.26 24.16 15.83
CA LYS O 132 80.96 23.87 16.45
C LYS O 132 81.10 23.66 17.96
N ALA O 133 80.60 24.63 18.74
CA ALA O 133 80.67 24.57 20.21
C ALA O 133 79.44 23.91 20.83
N THR O 134 79.67 23.00 21.77
CA THR O 134 78.58 22.32 22.46
C THR O 134 78.64 22.51 23.98
N LEU O 135 77.49 22.82 24.58
CA LEU O 135 77.39 22.91 26.02
C LEU O 135 76.69 21.68 26.58
N VAL O 136 77.18 21.17 27.71
CA VAL O 136 76.59 20.01 28.35
C VAL O 136 76.25 20.33 29.81
N CYS O 137 74.97 20.24 30.14
CA CYS O 137 74.52 20.49 31.50
C CYS O 137 74.03 19.19 32.13
N THR O 138 74.94 18.45 32.77
CA THR O 138 74.61 17.13 33.31
C THR O 138 73.85 17.21 34.64
N ILE O 139 72.76 16.44 34.74
CA ILE O 139 71.94 16.40 35.95
C ILE O 139 71.93 14.99 36.54
N THR O 140 72.42 14.86 37.77
CA THR O 140 72.51 13.57 38.43
C THR O 140 71.77 13.57 39.77
N ASP O 141 71.29 12.40 40.18
CA ASP O 141 70.69 12.23 41.50
C ASP O 141 69.49 13.14 41.76
N PHE O 142 68.31 12.68 41.35
CA PHE O 142 67.07 13.40 41.63
C PHE O 142 65.85 12.48 41.60
N TYR O 143 64.82 12.87 42.33
CA TYR O 143 63.59 12.08 42.45
C TYR O 143 62.45 13.00 42.88
N PRO O 144 61.27 12.86 42.23
CA PRO O 144 60.98 11.91 41.14
C PRO O 144 61.64 12.33 39.82
N GLY O 145 61.63 11.42 38.84
CA GLY O 145 62.29 11.65 37.57
C GLY O 145 61.61 12.66 36.67
N VAL O 146 61.46 13.89 37.17
CA VAL O 146 60.89 14.98 36.39
C VAL O 146 61.63 16.29 36.64
N VAL O 147 62.52 16.64 35.70
CA VAL O 147 63.22 17.91 35.73
C VAL O 147 62.85 18.74 34.52
N THR O 148 63.13 20.04 34.56
CA THR O 148 62.86 20.93 33.44
C THR O 148 64.03 21.87 33.16
N VAL O 149 64.84 21.53 32.15
CA VAL O 149 66.03 22.30 31.82
C VAL O 149 65.71 23.59 31.07
N ASP O 150 66.34 24.67 31.50
CA ASP O 150 66.12 25.99 30.92
C ASP O 150 67.45 26.73 30.82
N TRP O 151 67.84 27.07 29.60
CA TRP O 151 69.10 27.78 29.36
C TRP O 151 68.92 29.29 29.38
N GLY O 161 67.88 25.46 19.73
CA GLY O 161 69.28 25.10 19.77
C GLY O 161 69.63 24.16 20.90
N MET O 162 68.68 23.99 21.83
CA MET O 162 68.88 23.09 22.97
C MET O 162 68.24 21.72 22.72
N GLU O 163 68.61 20.76 23.55
CA GLU O 163 68.11 19.38 23.41
C GLU O 163 68.39 18.55 24.65
N THR O 164 67.40 18.44 25.53
CA THR O 164 67.55 17.69 26.78
C THR O 164 67.05 16.24 26.63
N THR O 165 67.72 15.31 27.29
CA THR O 165 67.37 13.90 27.19
C THR O 165 66.19 13.55 28.08
N GLN O 166 65.77 12.29 28.03
CA GLN O 166 64.65 11.82 28.83
C GLN O 166 65.11 11.21 30.16
N PRO O 167 64.45 11.60 31.26
CA PRO O 167 64.73 11.10 32.61
C PRO O 167 64.91 9.57 32.67
N SER O 168 65.98 9.13 33.33
CA SER O 168 66.28 7.70 33.45
C SER O 168 66.91 7.38 34.82
N LYS O 169 66.35 6.37 35.49
CA LYS O 169 66.80 5.99 36.82
C LYS O 169 68.27 5.56 36.86
N GLN O 170 68.85 5.54 38.06
CA GLN O 170 70.26 5.19 38.23
C GLN O 170 70.42 3.88 38.99
N SER O 171 71.54 3.77 39.71
CA SER O 171 71.84 2.58 40.52
C SER O 171 71.25 2.76 41.91
N ASN O 172 70.96 4.00 42.26
CA ASN O 172 70.41 4.33 43.57
C ASN O 172 68.95 4.80 43.47
N ASN O 173 68.33 4.55 42.32
CA ASN O 173 66.92 4.87 42.09
C ASN O 173 66.59 6.37 42.06
N LYS O 174 67.59 7.19 41.73
CA LYS O 174 67.38 8.62 41.54
C LYS O 174 67.65 8.99 40.08
N TYR O 175 66.58 9.14 39.31
CA TYR O 175 66.67 9.44 37.88
C TYR O 175 67.74 10.50 37.55
N MET O 176 68.30 10.40 36.34
CA MET O 176 69.31 11.34 35.88
C MET O 176 69.02 11.76 34.44
N ALA O 177 69.76 12.74 33.94
CA ALA O 177 69.57 13.24 32.59
C ALA O 177 70.70 14.18 32.14
N SER O 178 70.73 14.48 30.84
CA SER O 178 71.74 15.37 30.27
C SER O 178 71.12 16.38 29.30
N SER O 179 71.60 17.62 29.36
CA SER O 179 71.10 18.67 28.47
C SER O 179 72.19 19.18 27.55
N TYR O 180 71.84 19.46 26.30
CA TYR O 180 72.81 19.86 25.29
C TYR O 180 72.37 21.14 24.56
N LEU O 181 73.09 22.22 24.83
CA LEU O 181 72.89 23.48 24.11
C LEU O 181 73.91 23.61 22.98
N THR O 182 73.44 23.52 21.74
CA THR O 182 74.32 23.55 20.58
C THR O 182 74.44 24.96 19.99
N LEU O 183 75.68 25.36 19.69
CA LEU O 183 75.96 26.67 19.11
C LEU O 183 76.95 26.56 17.95
N THR O 184 77.51 27.70 17.57
CA THR O 184 78.60 27.74 16.60
C THR O 184 79.83 28.40 17.25
N ALA O 185 81.01 28.11 16.70
CA ALA O 185 82.26 28.62 17.26
C ALA O 185 82.27 30.14 17.35
N ARG O 186 81.70 30.80 16.34
CA ARG O 186 81.64 32.26 16.31
C ARG O 186 80.63 32.84 17.31
N ALA O 187 79.49 32.16 17.45
CA ALA O 187 78.49 32.53 18.45
C ALA O 187 79.10 32.46 19.84
N TRP O 188 79.72 31.32 20.14
CA TRP O 188 80.48 31.13 21.38
C TRP O 188 81.35 32.34 21.70
N GLU O 189 82.14 32.76 20.72
CA GLU O 189 83.02 33.92 20.87
C GLU O 189 82.21 35.22 20.85
N TYR O 194 76.75 32.65 29.70
CA TYR O 194 76.02 31.40 29.64
C TYR O 194 75.64 30.92 31.04
N SER O 195 74.55 30.16 31.13
CA SER O 195 74.12 29.55 32.38
C SER O 195 73.00 28.53 32.17
N CYS O 196 73.04 27.44 32.94
CA CYS O 196 72.03 26.40 32.88
C CYS O 196 71.30 26.31 34.22
N GLN O 197 69.97 26.47 34.20
CA GLN O 197 69.17 26.34 35.41
C GLN O 197 68.15 25.20 35.32
N VAL O 198 68.12 24.37 36.37
CA VAL O 198 67.20 23.24 36.46
C VAL O 198 66.14 23.48 37.53
N THR O 199 64.88 23.54 37.11
CA THR O 199 63.77 23.71 38.05
C THR O 199 63.14 22.34 38.38
N HIS O 200 63.31 21.92 39.63
CA HIS O 200 62.88 20.60 40.06
C HIS O 200 61.93 20.62 41.25
N GLU O 201 60.63 20.60 40.97
CA GLU O 201 59.59 20.44 42.00
C GLU O 201 59.83 21.37 43.20
N GLY O 202 60.12 22.64 42.92
CA GLY O 202 60.38 23.61 43.97
C GLY O 202 61.50 24.58 43.63
N HIS O 203 62.57 24.55 44.43
CA HIS O 203 63.71 25.43 44.23
C HIS O 203 64.28 25.28 42.82
N THR O 204 65.09 26.26 42.41
CA THR O 204 65.71 26.23 41.09
C THR O 204 67.23 26.34 41.18
N VAL O 205 67.91 25.23 40.87
CA VAL O 205 69.38 25.19 40.87
C VAL O 205 69.96 25.77 39.57
N GLU O 206 70.74 26.83 39.71
CA GLU O 206 71.31 27.52 38.54
C GLU O 206 72.82 27.69 38.64
N LYS O 207 73.50 27.57 37.50
CA LYS O 207 74.95 27.73 37.44
C LYS O 207 75.43 28.37 36.14
N SER O 208 76.48 29.20 36.25
CA SER O 208 76.98 29.97 35.11
C SER O 208 78.45 29.68 34.79
#